data_2W9L
#
_entry.id   2W9L
#
_cell.length_a   221.150
_cell.length_b   221.150
_cell.length_c   391.600
_cell.angle_alpha   90.00
_cell.angle_beta   90.00
_cell.angle_gamma   90.00
#
_symmetry.space_group_name_H-M   'I 4 2 2'
#
loop_
_entity.id
_entity.type
_entity.pdbx_description
1 polymer 'COXSACKIEVIRUS AND ADENOVIRUS RECEPTOR'
2 polymer 'FIBRE PROTEIN'
3 branched 'N-acetyl-alpha-neuraminic acid-(2-3)-beta-D-galactopyranose'
4 branched 'N-acetyl-alpha-neuraminic acid-(2-3)-beta-D-gulopyranose'
5 water water
#
loop_
_entity_poly.entity_id
_entity_poly.type
_entity_poly.pdbx_seq_one_letter_code
_entity_poly.pdbx_strand_id
1 'polypeptide(L)'
;FARSLSITTPEEMIEKAKGETAYLPCKFTLSPEDQGPLDIEWLISPADNQKVDQVIILYSGDKIYDDYYPDLKGRVHFTS
NDLKSGDASINVTNLQLSDIGTYQCKVKKAPGVANKKIHLVVLV
;
A,B,G,J,K,O,P,T,V,X,Y,Z
2 'polypeptide(L)'
;MRGSHHHHHHGSPPAAPITLWTGPGPSINGFINDTPVIRCFICLTRDSNLVTVNASFVGEGGYRIVSPTQSQFSLIMEFD
QFGQLMSTGNINSTTTWGEKPWGNNTVQPRPSHTWKLCMPNREVYSTPAATISRCGLDSIAVDGAPSRSIDCMLIINKPK
GVATYTLTFRFLNFNRLSGGTLFKTDVLTFTYVGENQ
;
C,D,E,F,H,I,L,M,N,Q,R,S
#
loop_
_chem_comp.id
_chem_comp.type
_chem_comp.name
_chem_comp.formula
GAL D-saccharide, beta linking beta-D-galactopyranose 'C6 H12 O6'
GL0 D-saccharide, beta linking beta-D-gulopyranose 'C6 H12 O6'
SIA D-saccharide, alpha linking 'N-acetyl-alpha-neuraminic acid' 'C11 H19 N O9'
#
# COMPACT_ATOMS: atom_id res chain seq x y z
N SER A 4 30.70 45.57 32.17
CA SER A 4 29.40 46.19 32.57
C SER A 4 28.95 45.68 33.94
N LEU A 5 27.64 45.65 34.19
CA LEU A 5 27.06 45.07 35.41
C LEU A 5 27.10 43.54 35.34
N SER A 6 27.64 42.90 36.39
CA SER A 6 27.73 41.44 36.46
C SER A 6 27.78 40.93 37.90
N ILE A 7 27.56 39.64 38.09
CA ILE A 7 27.49 39.06 39.43
C ILE A 7 28.57 37.97 39.65
N THR A 8 29.24 38.03 40.79
CA THR A 8 30.21 37.00 41.16
C THR A 8 29.56 35.62 41.25
N THR A 9 30.09 34.68 40.46
CA THR A 9 29.58 33.32 40.39
C THR A 9 28.11 33.28 39.97
N PRO A 10 27.85 33.34 38.66
CA PRO A 10 26.46 33.46 38.20
C PRO A 10 25.63 32.17 38.32
N GLU A 11 26.26 31.03 38.64
CA GLU A 11 25.53 29.79 38.93
C GLU A 11 26.10 29.07 40.14
N GLU A 12 25.22 28.45 40.93
CA GLU A 12 25.60 27.81 42.19
C GLU A 12 24.60 26.74 42.59
N MET A 13 25.01 25.86 43.50
CA MET A 13 24.08 24.97 44.22
C MET A 13 24.39 25.03 45.70
N ILE A 14 23.36 24.94 46.54
CA ILE A 14 23.50 25.11 47.98
C ILE A 14 22.70 24.04 48.74
N GLU A 15 23.40 23.35 49.64
CA GLU A 15 22.83 22.25 50.41
C GLU A 15 22.59 22.69 51.85
N LYS A 16 21.35 22.56 52.31
CA LYS A 16 20.98 22.94 53.68
C LYS A 16 19.93 21.97 54.24
N ALA A 17 19.92 21.79 55.57
CA ALA A 17 18.95 20.92 56.23
C ALA A 17 17.75 21.73 56.74
N LYS A 18 16.64 21.05 56.99
CA LYS A 18 15.41 21.69 57.52
C LYS A 18 15.72 22.58 58.72
N GLY A 19 15.04 23.71 58.81
CA GLY A 19 15.17 24.61 59.97
C GLY A 19 16.26 25.68 59.86
N GLU A 20 17.40 25.31 59.28
CA GLU A 20 18.50 26.26 59.10
C GLU A 20 18.06 27.43 58.23
N THR A 21 18.80 28.52 58.30
CA THR A 21 18.60 29.65 57.40
C THR A 21 19.66 29.56 56.28
N ALA A 22 19.24 29.85 55.05
CA ALA A 22 20.11 29.71 53.86
C ALA A 22 20.52 31.07 53.31
N TYR A 23 21.84 31.28 53.20
CA TYR A 23 22.39 32.52 52.65
C TYR A 23 22.62 32.37 51.15
N LEU A 24 21.94 33.19 50.34
CA LEU A 24 22.03 33.11 48.87
C LEU A 24 22.71 34.37 48.31
N PRO A 25 24.02 34.28 48.00
CA PRO A 25 24.78 35.47 47.59
C PRO A 25 24.34 36.06 46.26
N CYS A 26 24.38 37.38 46.16
CA CYS A 26 24.23 38.07 44.88
C CYS A 26 25.05 39.36 44.92
N LYS A 27 26.35 39.19 45.07
CA LYS A 27 27.27 40.32 45.10
C LYS A 27 27.53 40.73 43.64
N PHE A 28 27.38 42.02 43.33
CA PHE A 28 27.51 42.53 41.95
C PHE A 28 28.41 43.77 41.80
N THR A 29 28.94 43.93 40.59
CA THR A 29 29.77 45.08 40.20
C THR A 29 29.01 45.99 39.24
N LEU A 30 29.10 47.29 39.46
CA LEU A 30 28.52 48.27 38.55
C LEU A 30 29.62 48.76 37.65
N SER A 31 29.23 49.53 36.62
CA SER A 31 30.15 50.25 35.74
C SER A 31 29.72 51.73 35.69
N PRO A 32 30.64 52.63 35.31
CA PRO A 32 30.27 54.06 35.32
C PRO A 32 29.11 54.37 34.38
N GLU A 33 29.03 53.63 33.28
CA GLU A 33 27.93 53.70 32.30
C GLU A 33 26.53 53.47 32.88
N ASP A 34 26.45 52.77 34.01
CA ASP A 34 25.19 52.30 34.57
C ASP A 34 24.48 53.39 35.39
N GLN A 35 23.84 54.35 34.71
CA GLN A 35 23.25 55.54 35.35
C GLN A 35 21.73 55.48 35.57
N GLY A 36 21.09 54.38 35.20
CA GLY A 36 19.67 54.19 35.52
C GLY A 36 19.46 53.95 37.01
N PRO A 37 18.22 53.66 37.41
CA PRO A 37 17.93 53.33 38.80
C PRO A 37 18.24 51.86 39.12
N LEU A 38 18.61 51.60 40.36
CA LEU A 38 18.87 50.25 40.81
C LEU A 38 17.54 49.51 40.90
N ASP A 39 17.54 48.27 40.42
CA ASP A 39 16.29 47.56 40.18
C ASP A 39 16.49 46.03 40.27
N ILE A 40 16.43 45.53 41.52
CA ILE A 40 16.67 44.12 41.85
C ILE A 40 15.36 43.37 42.09
N GLU A 41 15.30 42.12 41.66
CA GLU A 41 14.27 41.19 42.17
C GLU A 41 14.77 39.75 42.32
N TRP A 42 14.30 39.08 43.36
CA TRP A 42 14.51 37.64 43.48
C TRP A 42 13.24 36.90 43.07
N LEU A 43 13.41 35.79 42.36
CA LEU A 43 12.30 34.98 41.89
C LEU A 43 12.57 33.56 42.32
N ILE A 44 11.55 32.70 42.18
CA ILE A 44 11.67 31.28 42.52
C ILE A 44 11.03 30.39 41.46
N SER A 45 11.79 29.40 40.99
CA SER A 45 11.23 28.31 40.21
C SER A 45 11.14 27.05 41.09
N PRO A 46 10.00 26.85 41.79
CA PRO A 46 9.92 25.68 42.63
C PRO A 46 9.80 24.41 41.80
N ALA A 47 10.44 23.34 42.27
CA ALA A 47 10.21 21.99 41.77
C ALA A 47 8.88 21.45 42.34
N ASP A 48 8.32 22.17 43.31
CA ASP A 48 7.00 21.88 43.89
C ASP A 48 5.91 21.84 42.80
N ASN A 49 5.72 22.95 42.09
CA ASN A 49 4.67 23.06 41.05
C ASN A 49 5.27 23.04 39.64
N GLN A 50 4.39 23.17 38.64
CA GLN A 50 4.83 23.59 37.29
C GLN A 50 5.35 25.02 37.32
N LYS A 51 4.74 25.86 38.16
CA LYS A 51 5.04 27.30 38.26
C LYS A 51 6.53 27.62 38.20
N VAL A 52 6.87 28.58 37.34
CA VAL A 52 8.25 28.97 37.07
C VAL A 52 8.35 30.48 37.26
N ASP A 53 9.35 30.93 38.01
CA ASP A 53 9.68 32.36 38.12
C ASP A 53 8.60 33.21 38.82
N GLN A 54 8.28 32.88 40.06
CA GLN A 54 7.40 33.74 40.87
C GLN A 54 8.24 34.66 41.76
N VAL A 55 8.01 35.98 41.68
CA VAL A 55 8.68 36.96 42.55
C VAL A 55 8.59 36.56 44.01
N ILE A 56 9.66 36.83 44.76
CA ILE A 56 9.64 36.62 46.20
C ILE A 56 9.95 37.90 46.97
N ILE A 57 10.94 38.67 46.52
CA ILE A 57 11.27 39.94 47.14
C ILE A 57 11.79 40.92 46.10
N LEU A 58 11.58 42.20 46.35
CA LEU A 58 11.87 43.29 45.39
C LEU A 58 12.70 44.39 46.03
N TYR A 59 13.40 45.15 45.19
CA TYR A 59 14.03 46.39 45.62
C TYR A 59 14.04 47.41 44.50
N SER A 60 13.23 48.46 44.66
CA SER A 60 13.27 49.59 43.75
C SER A 60 12.90 50.88 44.48
N GLY A 61 13.37 52.00 43.94
CA GLY A 61 13.23 53.29 44.59
C GLY A 61 13.77 53.28 46.00
N ASP A 62 14.90 52.62 46.22
CA ASP A 62 15.48 52.50 47.56
C ASP A 62 14.42 52.09 48.60
N LYS A 63 13.70 51.03 48.30
CA LYS A 63 12.57 50.59 49.11
C LYS A 63 12.37 49.09 48.88
N ILE A 64 12.15 48.34 49.97
CA ILE A 64 12.03 46.87 49.91
C ILE A 64 10.57 46.47 49.91
N TYR A 65 10.16 45.70 48.91
CA TYR A 65 8.82 45.11 48.84
C TYR A 65 8.94 43.59 48.88
N ASP A 66 8.31 42.94 49.86
CA ASP A 66 8.60 41.52 50.18
C ASP A 66 7.40 40.58 50.30
N ASP A 67 6.18 41.13 50.31
CA ASP A 67 4.96 40.38 50.66
C ASP A 67 4.50 39.36 49.58
N TYR A 68 5.29 39.15 48.51
CA TYR A 68 4.75 38.62 47.24
C TYR A 68 4.53 37.12 47.13
N TYR A 69 5.31 36.31 47.85
CA TYR A 69 5.16 34.86 47.77
C TYR A 69 4.58 34.30 49.08
N PRO A 70 3.36 33.72 49.02
CA PRO A 70 2.70 33.21 50.22
C PRO A 70 3.59 32.37 51.11
N ASP A 71 4.09 31.25 50.59
CA ASP A 71 4.82 30.25 51.39
C ASP A 71 6.03 30.83 52.13
N LEU A 72 6.64 31.88 51.58
CA LEU A 72 7.84 32.46 52.16
C LEU A 72 7.58 33.74 52.97
N LYS A 73 6.32 34.08 53.23
CA LYS A 73 6.02 35.33 53.96
C LYS A 73 6.73 35.38 55.32
N GLY A 74 7.35 36.50 55.62
CA GLY A 74 8.02 36.71 56.90
C GLY A 74 9.29 35.90 57.10
N ARG A 75 9.75 35.21 56.05
CA ARG A 75 10.92 34.33 56.16
C ARG A 75 12.04 34.63 55.16
N VAL A 76 11.83 35.64 54.31
CA VAL A 76 12.83 36.07 53.32
C VAL A 76 13.17 37.54 53.55
N HIS A 77 14.46 37.85 53.55
CA HIS A 77 14.89 39.24 53.72
C HIS A 77 16.30 39.46 53.17
N PHE A 78 16.61 40.72 52.87
CA PHE A 78 17.93 41.12 52.37
C PHE A 78 18.91 41.17 53.52
N THR A 79 20.13 40.67 53.30
CA THR A 79 21.13 40.63 54.36
C THR A 79 21.87 41.96 54.55
N SER A 80 22.15 42.69 53.47
CA SER A 80 23.04 43.85 53.54
C SER A 80 22.36 45.12 54.05
N ASN A 81 23.09 45.91 54.84
CA ASN A 81 22.60 47.20 55.37
C ASN A 81 22.87 48.35 54.39
N ASP A 82 23.75 48.12 53.43
CA ASP A 82 23.84 48.99 52.26
C ASP A 82 23.81 48.12 50.99
N LEU A 83 22.62 48.00 50.42
CA LEU A 83 22.39 47.14 49.27
C LEU A 83 22.88 47.79 47.97
N LYS A 84 22.77 49.10 47.87
CA LYS A 84 23.22 49.84 46.68
C LYS A 84 24.77 49.85 46.54
N SER A 85 25.48 49.41 47.58
CA SER A 85 26.93 49.16 47.48
C SER A 85 27.31 48.08 46.46
N GLY A 86 26.40 47.13 46.21
CA GLY A 86 26.70 45.95 45.38
C GLY A 86 26.37 44.59 45.99
N ASP A 87 25.70 44.57 47.14
CA ASP A 87 25.34 43.33 47.83
C ASP A 87 23.82 43.23 47.92
N ALA A 88 23.25 42.40 47.05
CA ALA A 88 21.82 42.15 47.05
C ALA A 88 21.53 40.75 47.54
N SER A 89 22.37 40.24 48.42
CA SER A 89 22.18 38.90 48.96
C SER A 89 20.97 38.88 49.89
N ILE A 90 20.19 37.81 49.82
CA ILE A 90 19.08 37.56 50.74
C ILE A 90 19.34 36.28 51.52
N ASN A 91 18.74 36.14 52.70
CA ASN A 91 18.65 34.83 53.32
C ASN A 91 17.20 34.46 53.63
N VAL A 92 16.91 33.17 53.50
CA VAL A 92 15.57 32.65 53.69
C VAL A 92 15.57 31.70 54.89
N THR A 93 15.01 32.19 55.98
CA THR A 93 15.19 31.56 57.29
C THR A 93 14.17 30.47 57.49
N ASN A 94 14.47 29.53 58.39
CA ASN A 94 13.54 28.47 58.79
C ASN A 94 13.16 27.55 57.62
N LEU A 95 14.18 27.08 56.88
CA LEU A 95 13.98 26.29 55.66
C LEU A 95 12.98 25.16 55.83
N GLN A 96 12.32 24.79 54.75
CA GLN A 96 11.56 23.55 54.72
C GLN A 96 11.54 22.96 53.30
N LEU A 97 11.13 21.70 53.20
CA LEU A 97 11.30 20.91 51.97
C LEU A 97 10.57 21.49 50.75
N SER A 98 9.54 22.29 50.98
CA SER A 98 8.82 22.97 49.90
C SER A 98 9.60 24.16 49.30
N ASP A 99 10.73 24.52 49.93
CA ASP A 99 11.62 25.58 49.41
C ASP A 99 12.61 25.05 48.36
N ILE A 100 12.57 23.75 48.06
CA ILE A 100 13.47 23.12 47.07
C ILE A 100 13.15 23.64 45.65
N GLY A 101 14.09 24.38 45.07
CA GLY A 101 13.91 24.94 43.72
C GLY A 101 15.05 25.84 43.25
N THR A 102 14.84 26.51 42.12
CA THR A 102 15.86 27.40 41.54
C THR A 102 15.56 28.88 41.78
N TYR A 103 16.33 29.49 42.68
CA TYR A 103 16.20 30.90 43.04
C TYR A 103 17.04 31.76 42.13
N GLN A 104 16.48 32.87 41.63
CA GLN A 104 17.15 33.72 40.67
C GLN A 104 17.20 35.19 41.10
N CYS A 105 18.35 35.81 40.92
CA CYS A 105 18.58 37.20 41.30
C CYS A 105 18.81 38.02 40.05
N LYS A 106 17.81 38.81 39.62
CA LYS A 106 18.00 39.77 38.53
C LYS A 106 18.37 41.12 39.11
N VAL A 107 19.37 41.75 38.50
CA VAL A 107 19.89 43.06 38.92
C VAL A 107 20.00 43.95 37.70
N LYS A 108 19.18 45.01 37.69
CA LYS A 108 19.23 46.00 36.61
C LYS A 108 19.76 47.32 37.15
N LYS A 109 20.56 47.98 36.33
CA LYS A 109 20.89 49.39 36.56
C LYS A 109 21.26 49.94 35.20
N ALA A 110 20.22 50.32 34.46
CA ALA A 110 20.36 50.67 33.05
C ALA A 110 21.67 51.40 32.75
N PRO A 111 22.36 51.01 31.66
CA PRO A 111 22.11 49.85 30.78
C PRO A 111 22.56 48.49 31.35
N GLY A 112 23.10 48.48 32.57
CA GLY A 112 23.58 47.26 33.19
C GLY A 112 22.47 46.26 33.47
N VAL A 113 22.78 44.99 33.28
CA VAL A 113 21.82 43.91 33.48
C VAL A 113 22.55 42.58 33.61
N ALA A 114 22.22 41.82 34.65
CA ALA A 114 22.83 40.51 34.89
C ALA A 114 21.97 39.67 35.81
N ASN A 115 22.18 38.35 35.81
CA ASN A 115 21.51 37.52 36.81
C ASN A 115 22.17 36.18 37.17
N LYS A 116 21.82 35.69 38.35
CA LYS A 116 22.45 34.51 38.94
C LYS A 116 21.35 33.49 39.28
N LYS A 117 21.59 32.22 38.96
CA LYS A 117 20.70 31.13 39.36
C LYS A 117 21.35 30.37 40.52
N ILE A 118 20.53 29.95 41.49
CA ILE A 118 20.99 29.08 42.58
C ILE A 118 19.94 28.00 42.82
N HIS A 119 20.36 26.74 42.90
CA HIS A 119 19.43 25.64 43.19
C HIS A 119 19.65 25.25 44.65
N LEU A 120 18.58 25.16 45.44
CA LEU A 120 18.70 24.87 46.88
C LEU A 120 18.35 23.43 47.24
N LEU B 5 -2.36 -46.90 -6.61
CA LEU B 5 -1.94 -46.24 -7.85
C LEU B 5 -0.44 -46.40 -8.07
N SER B 6 -0.07 -47.26 -9.03
CA SER B 6 1.35 -47.56 -9.30
C SER B 6 1.65 -47.80 -10.79
N ILE B 7 2.84 -47.34 -11.18
CA ILE B 7 3.29 -47.30 -12.58
C ILE B 7 4.16 -48.51 -12.91
N THR B 8 4.07 -48.98 -14.15
CA THR B 8 4.84 -50.14 -14.59
C THR B 8 6.23 -49.70 -15.08
N THR B 9 7.25 -50.40 -14.59
CA THR B 9 8.65 -50.04 -14.82
C THR B 9 8.91 -48.60 -14.35
N PRO B 10 9.09 -48.41 -13.03
CA PRO B 10 9.29 -47.06 -12.50
C PRO B 10 10.60 -46.36 -12.93
N GLU B 11 11.53 -47.05 -13.58
CA GLU B 11 12.68 -46.39 -14.19
C GLU B 11 13.22 -47.09 -15.44
N GLU B 12 13.79 -46.31 -16.36
CA GLU B 12 14.24 -46.79 -17.67
C GLU B 12 15.31 -45.90 -18.31
N MET B 13 15.90 -46.42 -19.40
CA MET B 13 16.80 -45.69 -20.29
C MET B 13 16.39 -45.79 -21.76
N ILE B 14 16.66 -44.73 -22.51
CA ILE B 14 16.30 -44.66 -23.92
C ILE B 14 17.37 -43.85 -24.65
N GLU B 15 17.86 -44.39 -25.77
CA GLU B 15 18.88 -43.73 -26.56
C GLU B 15 18.32 -43.33 -27.91
N LYS B 16 18.46 -42.05 -28.27
CA LYS B 16 18.03 -41.57 -29.59
C LYS B 16 19.09 -40.67 -30.25
N ALA B 17 18.79 -40.24 -31.48
CA ALA B 17 19.64 -39.30 -32.23
C ALA B 17 18.99 -37.91 -32.29
N LYS B 18 19.78 -36.90 -32.68
CA LYS B 18 19.23 -35.55 -32.84
C LYS B 18 18.34 -35.61 -34.08
N GLY B 19 17.21 -34.97 -34.02
CA GLY B 19 16.31 -35.03 -35.11
C GLY B 19 15.36 -36.17 -34.84
N GLU B 20 14.10 -35.85 -34.97
CA GLU B 20 13.16 -36.91 -34.81
C GLU B 20 12.47 -36.88 -33.44
N THR B 21 11.49 -37.76 -33.23
CA THR B 21 10.68 -37.95 -31.99
C THR B 21 11.16 -39.23 -31.13
N ALA B 22 10.71 -39.57 -29.88
CA ALA B 22 11.12 -40.81 -29.11
C ALA B 22 9.88 -41.29 -28.35
N TYR B 23 9.87 -42.48 -27.76
CA TYR B 23 8.62 -42.94 -27.07
C TYR B 23 8.81 -43.22 -25.57
N LEU B 24 8.25 -42.34 -24.72
CA LEU B 24 8.38 -42.47 -23.27
C LEU B 24 7.13 -43.12 -22.65
N PRO B 25 7.24 -44.39 -22.21
CA PRO B 25 6.07 -45.07 -21.64
C PRO B 25 5.72 -44.65 -20.22
N CYS B 26 4.45 -44.74 -19.88
CA CYS B 26 4.00 -44.47 -18.51
C CYS B 26 2.62 -45.11 -18.31
N LYS B 27 2.61 -46.44 -18.30
CA LYS B 27 1.39 -47.20 -18.04
C LYS B 27 1.18 -47.21 -16.53
N PHE B 28 -0.05 -46.89 -16.10
CA PHE B 28 -0.40 -46.93 -14.67
C PHE B 28 -1.66 -47.75 -14.41
N THR B 29 -1.68 -48.36 -13.23
CA THR B 29 -2.84 -49.07 -12.73
C THR B 29 -3.44 -48.31 -11.57
N LEU B 30 -4.76 -48.25 -11.54
CA LEU B 30 -5.49 -47.62 -10.46
C LEU B 30 -5.93 -48.67 -9.45
N SER B 31 -6.60 -48.23 -8.40
CA SER B 31 -7.24 -49.14 -7.45
C SER B 31 -8.58 -48.56 -7.07
N PRO B 32 -9.53 -49.42 -6.68
CA PRO B 32 -10.88 -48.92 -6.45
C PRO B 32 -10.97 -47.72 -5.51
N GLU B 33 -10.04 -47.59 -4.56
CA GLU B 33 -10.08 -46.48 -3.60
C GLU B 33 -9.54 -45.14 -4.15
N ASP B 34 -8.98 -45.14 -5.36
CA ASP B 34 -8.50 -43.91 -6.00
C ASP B 34 -9.63 -43.14 -6.70
N GLN B 35 -10.29 -42.27 -5.93
CA GLN B 35 -11.49 -41.59 -6.40
C GLN B 35 -11.27 -40.17 -6.95
N GLY B 36 -10.05 -39.64 -6.92
CA GLY B 36 -9.83 -38.25 -7.31
C GLY B 36 -9.99 -38.02 -8.79
N PRO B 37 -9.84 -36.78 -9.24
CA PRO B 37 -9.79 -36.53 -10.67
C PRO B 37 -8.39 -36.86 -11.14
N LEU B 38 -8.29 -37.46 -12.33
CA LEU B 38 -7.00 -37.86 -12.90
C LEU B 38 -6.17 -36.62 -13.25
N ASP B 39 -4.92 -36.64 -12.79
CA ASP B 39 -4.07 -35.44 -12.76
C ASP B 39 -2.65 -35.82 -13.14
N ILE B 40 -2.33 -35.69 -14.42
CA ILE B 40 -1.05 -36.12 -14.95
C ILE B 40 -0.23 -34.91 -15.37
N GLU B 41 1.07 -34.92 -15.08
CA GLU B 41 1.97 -33.91 -15.60
C GLU B 41 3.32 -34.56 -15.90
N TRP B 42 3.94 -34.15 -17.00
CA TRP B 42 5.31 -34.53 -17.31
C TRP B 42 6.25 -33.36 -17.09
N LEU B 43 7.42 -33.64 -16.51
CA LEU B 43 8.47 -32.63 -16.30
C LEU B 43 9.78 -33.16 -16.86
N ILE B 44 10.59 -32.23 -17.38
CA ILE B 44 11.92 -32.54 -17.88
C ILE B 44 12.94 -31.88 -16.95
N SER B 45 13.98 -32.62 -16.60
CA SER B 45 15.15 -32.07 -15.90
C SER B 45 16.29 -32.07 -16.88
N PRO B 46 16.49 -30.93 -17.59
CA PRO B 46 17.60 -30.89 -18.54
C PRO B 46 18.98 -31.01 -17.88
N ALA B 47 19.90 -31.68 -18.59
CA ALA B 47 21.32 -31.72 -18.21
C ALA B 47 22.07 -30.54 -18.85
N ASP B 48 21.32 -29.71 -19.60
CA ASP B 48 21.88 -28.59 -20.35
C ASP B 48 22.17 -27.36 -19.48
N ASN B 49 21.42 -27.21 -18.38
CA ASN B 49 21.45 -25.99 -17.56
C ASN B 49 21.06 -26.22 -16.09
N GLN B 50 20.98 -25.13 -15.32
CA GLN B 50 20.63 -25.19 -13.90
C GLN B 50 19.23 -25.77 -13.65
N LYS B 51 18.27 -25.34 -14.46
CA LYS B 51 16.84 -25.57 -14.19
C LYS B 51 16.51 -27.06 -14.04
N VAL B 52 15.96 -27.41 -12.88
CA VAL B 52 15.48 -28.77 -12.61
C VAL B 52 13.93 -28.78 -12.59
N ASP B 53 13.35 -29.90 -12.99
CA ASP B 53 11.90 -30.11 -12.93
C ASP B 53 11.11 -29.00 -13.65
N GLN B 54 11.26 -28.90 -14.96
CA GLN B 54 10.50 -27.91 -15.75
C GLN B 54 9.41 -28.60 -16.53
N VAL B 55 8.16 -28.25 -16.23
CA VAL B 55 7.00 -28.89 -16.81
C VAL B 55 7.02 -28.78 -18.32
N ILE B 56 6.50 -29.80 -19.01
CA ILE B 56 6.44 -29.82 -20.45
C ILE B 56 5.01 -30.05 -21.00
N ILE B 57 4.28 -31.01 -20.42
CA ILE B 57 2.88 -31.27 -20.78
C ILE B 57 2.07 -31.75 -19.57
N LEU B 58 0.76 -31.49 -19.57
CA LEU B 58 -0.11 -32.03 -18.51
C LEU B 58 -1.56 -32.38 -18.98
N TYR B 59 -2.28 -33.12 -18.12
CA TYR B 59 -3.64 -33.57 -18.39
C TYR B 59 -4.53 -33.27 -17.17
N SER B 60 -5.48 -32.35 -17.34
CA SER B 60 -6.33 -31.92 -16.23
C SER B 60 -7.74 -31.62 -16.75
N GLY B 61 -8.70 -32.39 -16.25
CA GLY B 61 -10.10 -32.21 -16.63
C GLY B 61 -10.39 -32.60 -18.05
N ASP B 62 -9.72 -33.65 -18.51
CA ASP B 62 -9.87 -34.19 -19.87
C ASP B 62 -9.48 -33.22 -20.99
N LYS B 63 -8.58 -32.29 -20.68
CA LYS B 63 -8.01 -31.40 -21.66
C LYS B 63 -6.51 -31.45 -21.49
N ILE B 64 -5.81 -31.28 -22.61
CA ILE B 64 -4.34 -31.37 -22.66
C ILE B 64 -3.77 -29.97 -22.83
N TYR B 65 -2.76 -29.62 -22.01
CA TYR B 65 -2.05 -28.34 -22.12
C TYR B 65 -0.57 -28.61 -22.30
N ASP B 66 0.01 -28.10 -23.38
CA ASP B 66 1.35 -28.53 -23.81
C ASP B 66 2.27 -27.41 -24.36
N ASP B 67 2.03 -26.18 -23.94
CA ASP B 67 2.75 -25.01 -24.48
C ASP B 67 3.88 -24.50 -23.58
N TYR B 68 4.14 -25.21 -22.47
CA TYR B 68 4.92 -24.67 -21.35
C TYR B 68 6.39 -24.48 -21.63
N TYR B 69 7.08 -25.58 -21.92
CA TYR B 69 8.52 -25.53 -22.17
C TYR B 69 8.84 -25.03 -23.60
N PRO B 70 9.36 -23.79 -23.72
CA PRO B 70 9.55 -23.19 -25.05
C PRO B 70 10.27 -24.09 -26.06
N ASP B 71 11.41 -24.63 -25.66
CA ASP B 71 12.21 -25.53 -26.52
C ASP B 71 11.37 -26.62 -27.17
N LEU B 72 10.41 -27.18 -26.44
CA LEU B 72 9.65 -28.31 -26.95
C LEU B 72 8.39 -27.92 -27.74
N LYS B 73 8.18 -26.63 -27.97
CA LYS B 73 6.89 -26.14 -28.53
C LYS B 73 6.54 -26.75 -29.90
N GLY B 74 5.51 -27.59 -29.90
CA GLY B 74 5.06 -28.28 -31.10
C GLY B 74 5.48 -29.73 -31.11
N ARG B 75 6.46 -30.08 -30.30
CA ARG B 75 7.12 -31.37 -30.45
C ARG B 75 6.56 -32.45 -29.52
N VAL B 76 5.83 -32.05 -28.49
CA VAL B 76 5.35 -32.98 -27.45
C VAL B 76 3.84 -33.26 -27.53
N HIS B 77 3.47 -34.54 -27.53
CA HIS B 77 2.06 -34.94 -27.54
C HIS B 77 1.82 -36.32 -26.93
N PHE B 78 0.64 -36.51 -26.34
CA PHE B 78 0.25 -37.78 -25.71
C PHE B 78 -0.05 -38.87 -26.72
N THR B 79 0.38 -40.09 -26.45
CA THR B 79 0.27 -41.17 -27.44
C THR B 79 -1.12 -41.80 -27.52
N SER B 80 -1.76 -42.00 -26.37
CA SER B 80 -3.02 -42.75 -26.33
C SER B 80 -4.22 -41.88 -26.71
N ASN B 81 -5.01 -42.36 -27.67
CA ASN B 81 -6.36 -41.79 -27.86
C ASN B 81 -7.34 -42.22 -26.75
N ASP B 82 -6.83 -42.89 -25.70
CA ASP B 82 -7.61 -43.18 -24.50
C ASP B 82 -6.74 -43.12 -23.25
N LEU B 83 -6.19 -41.94 -23.01
CA LEU B 83 -5.27 -41.67 -21.89
C LEU B 83 -5.85 -41.96 -20.49
N LYS B 84 -7.14 -41.72 -20.30
CA LYS B 84 -7.79 -41.88 -18.97
C LYS B 84 -7.93 -43.34 -18.54
N SER B 85 -7.61 -44.28 -19.44
CA SER B 85 -7.67 -45.69 -19.12
C SER B 85 -6.33 -46.30 -18.67
N GLY B 86 -5.40 -45.47 -18.18
CA GLY B 86 -4.14 -45.98 -17.62
C GLY B 86 -2.90 -45.92 -18.50
N ASP B 87 -2.83 -44.94 -19.41
CA ASP B 87 -1.68 -44.78 -20.31
C ASP B 87 -1.36 -43.32 -20.59
N ALA B 88 -0.46 -42.76 -19.78
CA ALA B 88 -0.01 -41.38 -19.90
C ALA B 88 1.35 -41.31 -20.57
N SER B 89 1.51 -41.99 -21.69
CA SER B 89 2.79 -42.04 -22.39
C SER B 89 2.85 -40.95 -23.46
N ILE B 90 4.08 -40.55 -23.84
CA ILE B 90 4.25 -39.43 -24.77
C ILE B 90 5.24 -39.69 -25.91
N ASN B 91 5.22 -38.71 -26.82
CA ASN B 91 6.09 -38.70 -27.99
C ASN B 91 6.84 -37.37 -27.98
N VAL B 92 8.15 -37.35 -28.08
CA VAL B 92 8.79 -36.03 -28.15
C VAL B 92 9.18 -35.75 -29.65
N THR B 93 8.75 -34.62 -30.28
CA THR B 93 9.04 -34.34 -31.72
C THR B 93 10.13 -33.30 -32.01
N ASN B 94 10.70 -33.40 -33.25
CA ASN B 94 11.86 -32.58 -33.77
C ASN B 94 13.02 -32.62 -32.72
N LEU B 95 13.72 -33.78 -32.41
CA LEU B 95 14.74 -33.72 -31.30
C LEU B 95 15.78 -32.58 -31.48
N GLN B 96 16.00 -31.87 -30.38
CA GLN B 96 16.90 -30.74 -30.27
C GLN B 96 17.90 -30.95 -29.12
N LEU B 97 19.06 -30.28 -29.19
CA LEU B 97 20.08 -30.36 -28.17
C LEU B 97 19.47 -29.95 -26.85
N SER B 98 18.50 -29.09 -26.95
CA SER B 98 17.91 -28.73 -25.73
C SER B 98 17.19 -30.01 -25.10
N ASP B 99 17.07 -31.25 -25.69
CA ASP B 99 16.27 -32.41 -25.11
C ASP B 99 16.92 -33.28 -24.00
N ILE B 100 18.23 -33.53 -24.08
CA ILE B 100 18.92 -34.43 -23.14
C ILE B 100 18.50 -34.12 -21.70
N GLY B 101 18.15 -35.15 -20.95
CA GLY B 101 17.76 -34.98 -19.55
C GLY B 101 16.94 -36.13 -18.99
N THR B 102 16.38 -35.92 -17.80
CA THR B 102 15.50 -36.89 -17.17
C THR B 102 14.06 -36.49 -17.40
N TYR B 103 13.24 -37.45 -17.79
CA TYR B 103 11.83 -37.18 -17.99
C TYR B 103 11.08 -37.90 -16.87
N GLN B 104 10.01 -37.28 -16.40
CA GLN B 104 9.36 -37.70 -15.18
C GLN B 104 7.87 -37.65 -15.33
N CYS B 105 7.20 -38.69 -14.85
CA CYS B 105 5.77 -38.88 -15.09
C CYS B 105 5.00 -38.97 -13.79
N LYS B 106 4.57 -37.84 -13.22
CA LYS B 106 3.64 -37.84 -12.05
C LYS B 106 2.22 -38.17 -12.52
N VAL B 107 1.63 -39.20 -11.93
CA VAL B 107 0.22 -39.51 -12.09
C VAL B 107 -0.43 -39.45 -10.72
N LYS B 108 -1.47 -38.63 -10.61
CA LYS B 108 -2.21 -38.41 -9.38
C LYS B 108 -3.66 -38.75 -9.66
N LYS B 109 -4.27 -39.56 -8.80
CA LYS B 109 -5.72 -39.74 -8.77
C LYS B 109 -6.08 -40.04 -7.33
N ALA B 110 -6.39 -38.98 -6.58
CA ALA B 110 -6.35 -39.01 -5.10
C ALA B 110 -7.16 -40.16 -4.51
N PRO B 111 -6.65 -40.81 -3.45
CA PRO B 111 -5.37 -40.65 -2.76
C PRO B 111 -4.15 -41.19 -3.50
N GLY B 112 -4.35 -41.87 -4.62
CA GLY B 112 -3.25 -42.43 -5.38
C GLY B 112 -2.25 -41.41 -5.91
N VAL B 113 -0.97 -41.78 -5.89
CA VAL B 113 0.14 -40.99 -6.40
C VAL B 113 1.23 -41.97 -6.77
N ALA B 114 1.93 -41.69 -7.85
CA ALA B 114 3.03 -42.54 -8.29
C ALA B 114 3.75 -41.83 -9.43
N ASN B 115 5.02 -42.15 -9.63
CA ASN B 115 5.77 -41.58 -10.76
C ASN B 115 6.94 -42.42 -11.27
N LYS B 116 7.32 -42.12 -12.51
CA LYS B 116 8.30 -42.86 -13.25
C LYS B 116 9.35 -41.88 -13.72
N LYS B 117 10.60 -42.31 -13.71
CA LYS B 117 11.67 -41.50 -14.27
C LYS B 117 12.21 -42.23 -15.49
N ILE B 118 12.40 -41.48 -16.58
CA ILE B 118 13.00 -42.00 -17.81
C ILE B 118 14.22 -41.17 -18.12
N HIS B 119 15.32 -41.82 -18.45
CA HIS B 119 16.52 -41.09 -18.86
C HIS B 119 16.66 -41.13 -20.38
N LEU B 120 16.63 -39.95 -21.00
CA LEU B 120 16.75 -39.83 -22.45
C LEU B 120 18.05 -39.14 -22.81
N VAL B 121 18.88 -39.84 -23.59
CA VAL B 121 20.14 -39.29 -24.07
C VAL B 121 20.17 -39.33 -25.60
N ALA C 16 -34.17 -62.42 2.17
CA ALA C 16 -32.92 -61.85 1.63
C ALA C 16 -32.90 -61.88 0.09
N PRO C 17 -32.37 -60.83 -0.56
CA PRO C 17 -32.25 -60.77 -2.02
C PRO C 17 -31.02 -61.49 -2.58
N ILE C 18 -30.99 -61.71 -3.89
CA ILE C 18 -29.93 -62.48 -4.51
C ILE C 18 -29.93 -62.23 -6.03
N THR C 19 -28.73 -62.10 -6.59
CA THR C 19 -28.56 -61.87 -8.03
C THR C 19 -27.69 -62.97 -8.64
N LEU C 20 -28.20 -63.64 -9.67
CA LEU C 20 -27.39 -64.51 -10.52
C LEU C 20 -27.12 -63.78 -11.84
N TRP C 21 -25.91 -63.89 -12.37
CA TRP C 21 -25.55 -63.21 -13.63
C TRP C 21 -24.33 -63.78 -14.34
N THR C 22 -24.12 -63.27 -15.56
CA THR C 22 -23.02 -63.64 -16.41
C THR C 22 -21.76 -62.85 -16.08
N GLY C 23 -21.91 -61.79 -15.29
CA GLY C 23 -20.80 -60.89 -15.01
C GLY C 23 -20.71 -59.83 -16.10
N PRO C 24 -19.88 -58.81 -15.87
CA PRO C 24 -19.70 -57.77 -16.86
C PRO C 24 -18.80 -58.32 -17.96
N GLY C 25 -18.83 -57.68 -19.13
CA GLY C 25 -18.05 -58.12 -20.28
C GLY C 25 -18.18 -59.59 -20.55
N PRO C 26 -19.40 -60.05 -20.88
CA PRO C 26 -19.68 -61.48 -20.96
C PRO C 26 -19.00 -62.16 -22.12
N SER C 27 -18.71 -63.45 -21.96
CA SER C 27 -18.17 -64.27 -23.05
C SER C 27 -19.25 -64.51 -24.11
N ILE C 28 -18.84 -64.98 -25.29
CA ILE C 28 -19.79 -65.46 -26.30
C ILE C 28 -20.42 -66.74 -25.78
N ASN C 29 -21.67 -66.66 -25.32
CA ASN C 29 -22.29 -67.72 -24.50
C ASN C 29 -23.69 -68.21 -24.94
N GLY C 30 -24.12 -67.79 -26.14
CA GLY C 30 -25.40 -68.21 -26.71
C GLY C 30 -25.17 -69.01 -27.98
N PHE C 31 -25.64 -70.26 -27.98
CA PHE C 31 -25.38 -71.18 -29.08
C PHE C 31 -26.59 -71.17 -30.01
N ILE C 32 -26.35 -70.90 -31.29
CA ILE C 32 -27.27 -71.27 -32.36
C ILE C 32 -26.52 -72.31 -33.23
N ASN C 33 -27.19 -73.44 -33.50
CA ASN C 33 -26.65 -74.55 -34.31
C ASN C 33 -25.27 -75.04 -33.85
N ASP C 34 -25.16 -75.21 -32.53
CA ASP C 34 -23.94 -75.73 -31.87
C ASP C 34 -22.69 -74.85 -32.02
N THR C 35 -22.87 -73.60 -32.44
CA THR C 35 -21.78 -72.64 -32.51
C THR C 35 -22.15 -71.48 -31.62
N PRO C 36 -21.27 -71.10 -30.70
CA PRO C 36 -21.52 -69.88 -29.93
C PRO C 36 -21.39 -68.66 -30.83
N VAL C 37 -22.46 -67.87 -30.91
CA VAL C 37 -22.51 -66.71 -31.79
C VAL C 37 -23.07 -65.41 -31.18
N ILE C 38 -23.76 -65.48 -30.04
CA ILE C 38 -24.27 -64.28 -29.34
C ILE C 38 -23.62 -64.12 -27.97
N ARG C 39 -23.25 -62.89 -27.70
CA ARG C 39 -22.62 -62.49 -26.46
C ARG C 39 -23.75 -61.96 -25.56
N CYS C 40 -24.16 -62.78 -24.59
CA CYS C 40 -25.33 -62.48 -23.76
C CYS C 40 -24.96 -61.96 -22.37
N PHE C 41 -25.34 -60.72 -22.08
CA PHE C 41 -25.27 -60.22 -20.73
C PHE C 41 -26.63 -60.49 -20.15
N ILE C 42 -26.67 -61.25 -19.05
CA ILE C 42 -27.92 -61.60 -18.40
C ILE C 42 -27.78 -61.48 -16.90
N CYS C 43 -28.75 -60.81 -16.31
CA CYS C 43 -28.72 -60.54 -14.90
C CYS C 43 -30.11 -60.80 -14.30
N LEU C 44 -30.19 -61.75 -13.38
CA LEU C 44 -31.45 -62.08 -12.73
C LEU C 44 -31.41 -61.63 -11.26
N THR C 45 -32.06 -60.51 -10.96
CA THR C 45 -32.04 -59.97 -9.60
C THR C 45 -33.37 -60.22 -8.88
N ARG C 46 -33.30 -60.98 -7.79
CA ARG C 46 -34.45 -61.25 -6.94
C ARG C 46 -34.40 -60.31 -5.76
N ASP C 47 -35.47 -59.53 -5.58
CA ASP C 47 -35.62 -58.71 -4.39
C ASP C 47 -36.64 -59.38 -3.46
N SER C 48 -37.60 -58.64 -2.91
CA SER C 48 -38.47 -59.24 -1.89
C SER C 48 -39.30 -60.36 -2.50
N ASN C 49 -39.86 -60.14 -3.69
CA ASN C 49 -40.81 -61.07 -4.28
C ASN C 49 -40.65 -61.31 -5.77
N LEU C 50 -40.35 -60.26 -6.55
CA LEU C 50 -40.23 -60.36 -8.00
C LEU C 50 -38.78 -60.54 -8.40
N VAL C 51 -38.56 -61.17 -9.54
CA VAL C 51 -37.23 -61.21 -10.15
C VAL C 51 -37.25 -60.27 -11.35
N THR C 52 -36.23 -59.44 -11.48
CA THR C 52 -36.10 -58.57 -12.63
C THR C 52 -35.03 -59.14 -13.52
N VAL C 53 -35.38 -59.40 -14.77
CA VAL C 53 -34.42 -59.81 -15.77
C VAL C 53 -33.91 -58.54 -16.41
N ASN C 54 -32.59 -58.33 -16.35
CA ASN C 54 -31.97 -57.23 -17.06
C ASN C 54 -30.94 -57.86 -17.99
N ALA C 55 -31.11 -57.66 -19.29
CA ALA C 55 -30.31 -58.38 -20.27
C ALA C 55 -30.03 -57.58 -21.50
N SER C 56 -28.90 -57.85 -22.15
CA SER C 56 -28.55 -57.23 -23.42
C SER C 56 -27.68 -58.19 -24.21
N PHE C 57 -27.66 -58.03 -25.52
CA PHE C 57 -27.06 -59.02 -26.41
C PHE C 57 -26.23 -58.36 -27.51
N VAL C 58 -25.10 -58.98 -27.83
CA VAL C 58 -24.24 -58.52 -28.91
C VAL C 58 -23.87 -59.69 -29.79
N GLY C 59 -24.22 -59.62 -31.07
CA GLY C 59 -23.90 -60.68 -32.01
C GLY C 59 -22.45 -60.65 -32.48
N GLU C 60 -21.92 -61.83 -32.76
CA GLU C 60 -20.54 -61.96 -33.18
C GLU C 60 -20.46 -62.91 -34.37
N GLY C 61 -19.35 -62.82 -35.10
CA GLY C 61 -19.13 -63.63 -36.29
C GLY C 61 -20.17 -63.35 -37.35
N GLY C 62 -20.82 -64.40 -37.83
CA GLY C 62 -21.90 -64.25 -38.81
C GLY C 62 -23.12 -63.52 -38.27
N TYR C 63 -23.24 -63.47 -36.95
CA TYR C 63 -24.33 -62.73 -36.30
C TYR C 63 -23.92 -61.31 -35.85
N ARG C 64 -22.77 -60.79 -36.30
CA ARG C 64 -22.40 -59.40 -35.98
C ARG C 64 -23.37 -58.41 -36.63
N ILE C 65 -23.67 -58.63 -37.90
CA ILE C 65 -24.70 -57.90 -38.62
C ILE C 65 -25.83 -58.85 -38.96
N VAL C 66 -27.06 -58.43 -38.65
CA VAL C 66 -28.25 -59.17 -39.04
C VAL C 66 -29.04 -58.37 -40.07
N SER C 67 -29.66 -59.07 -41.02
CA SER C 67 -30.44 -58.43 -42.07
C SER C 67 -31.92 -58.71 -41.86
N PRO C 68 -32.82 -58.03 -42.60
CA PRO C 68 -34.25 -58.27 -42.45
C PRO C 68 -34.71 -59.68 -42.79
N THR C 69 -33.92 -60.43 -43.57
CA THR C 69 -34.26 -61.81 -43.90
C THR C 69 -33.77 -62.83 -42.84
N GLN C 70 -33.14 -62.34 -41.78
CA GLN C 70 -32.69 -63.19 -40.68
C GLN C 70 -33.86 -63.99 -40.12
N SER C 71 -33.69 -65.30 -39.98
CA SER C 71 -34.77 -66.12 -39.42
C SER C 71 -34.71 -66.06 -37.88
N GLN C 72 -35.88 -66.12 -37.25
CA GLN C 72 -36.02 -65.99 -35.79
C GLN C 72 -35.36 -67.13 -35.05
N PHE C 73 -35.05 -66.90 -33.78
CA PHE C 73 -34.39 -67.92 -32.97
C PHE C 73 -34.59 -67.74 -31.46
N SER C 74 -34.44 -68.84 -30.73
CA SER C 74 -34.60 -68.89 -29.29
C SER C 74 -33.28 -69.21 -28.60
N LEU C 75 -32.97 -68.44 -27.57
CA LEU C 75 -31.87 -68.79 -26.67
C LEU C 75 -32.49 -69.22 -25.34
N ILE C 76 -32.47 -70.54 -25.08
CA ILE C 76 -33.09 -71.11 -23.88
C ILE C 76 -32.07 -71.32 -22.77
N MET C 77 -32.37 -70.81 -21.57
CA MET C 77 -31.64 -71.18 -20.35
C MET C 77 -32.44 -72.27 -19.67
N GLU C 78 -31.79 -73.39 -19.38
CA GLU C 78 -32.43 -74.47 -18.64
C GLU C 78 -31.85 -74.57 -17.24
N PHE C 79 -32.73 -74.57 -16.25
CA PHE C 79 -32.35 -74.69 -14.83
C PHE C 79 -32.94 -75.93 -14.19
N ASP C 80 -32.18 -76.54 -13.27
CA ASP C 80 -32.69 -77.64 -12.47
C ASP C 80 -33.58 -77.15 -11.29
N GLN C 81 -34.10 -78.09 -10.50
CA GLN C 81 -35.04 -77.75 -9.43
C GLN C 81 -34.46 -76.89 -8.32
N PHE C 82 -33.14 -76.79 -8.27
CA PHE C 82 -32.48 -76.01 -7.24
C PHE C 82 -31.95 -74.69 -7.76
N GLY C 83 -32.34 -74.30 -8.97
CA GLY C 83 -31.90 -73.03 -9.56
C GLY C 83 -30.49 -73.03 -10.15
N GLN C 84 -29.93 -74.22 -10.33
CA GLN C 84 -28.63 -74.33 -10.95
C GLN C 84 -28.80 -74.43 -12.47
N LEU C 85 -28.08 -73.57 -13.21
CA LEU C 85 -28.11 -73.58 -14.67
C LEU C 85 -27.54 -74.90 -15.18
N MET C 86 -28.26 -75.53 -16.08
CA MET C 86 -27.86 -76.82 -16.65
C MET C 86 -26.98 -76.63 -17.92
N SER C 87 -26.39 -77.74 -18.37
CA SER C 87 -25.46 -77.70 -19.49
C SER C 87 -26.16 -77.75 -20.84
N THR C 88 -27.46 -78.00 -20.86
CA THR C 88 -28.14 -78.39 -22.09
C THR C 88 -28.79 -77.26 -22.90
N GLY C 89 -29.00 -76.09 -22.32
CA GLY C 89 -29.66 -74.98 -23.04
C GLY C 89 -28.73 -74.28 -24.02
N ASN C 90 -29.25 -73.29 -24.74
CA ASN C 90 -28.44 -72.46 -25.65
C ASN C 90 -27.47 -71.57 -24.86
N ILE C 91 -27.89 -71.18 -23.66
CA ILE C 91 -27.04 -70.52 -22.70
C ILE C 91 -26.92 -71.52 -21.56
N ASN C 92 -25.70 -71.87 -21.18
CA ASN C 92 -25.53 -72.99 -20.27
C ASN C 92 -24.31 -72.94 -19.37
N SER C 93 -24.20 -73.93 -18.49
CA SER C 93 -23.19 -73.95 -17.46
C SER C 93 -21.75 -74.06 -17.98
N THR C 94 -21.55 -74.29 -19.28
CA THR C 94 -20.18 -74.27 -19.84
C THR C 94 -19.59 -72.86 -19.92
N THR C 95 -20.38 -71.80 -19.72
CA THR C 95 -19.81 -70.45 -19.66
C THR C 95 -20.03 -69.81 -18.29
N THR C 96 -19.29 -68.71 -18.05
CA THR C 96 -19.28 -68.04 -16.76
C THR C 96 -20.66 -67.60 -16.35
N TRP C 97 -21.09 -68.12 -15.20
CA TRP C 97 -22.40 -67.83 -14.64
C TRP C 97 -22.38 -68.08 -13.14
N GLY C 98 -23.03 -67.21 -12.38
CA GLY C 98 -23.09 -67.38 -10.94
C GLY C 98 -23.62 -66.18 -10.17
N GLU C 99 -23.34 -66.16 -8.87
CA GLU C 99 -23.89 -65.13 -8.00
C GLU C 99 -23.02 -63.87 -7.99
N LYS C 100 -23.69 -62.71 -7.98
CA LYS C 100 -23.01 -61.42 -7.78
C LYS C 100 -23.08 -61.02 -6.31
N PRO C 101 -21.92 -60.97 -5.66
CA PRO C 101 -21.97 -60.45 -4.28
C PRO C 101 -22.32 -58.98 -4.28
N TRP C 102 -23.08 -58.52 -3.30
CA TRP C 102 -23.24 -57.09 -3.09
C TRP C 102 -21.86 -56.52 -2.81
N GLY C 103 -21.47 -55.48 -3.54
CA GLY C 103 -20.21 -54.77 -3.30
C GLY C 103 -19.13 -54.98 -4.35
N ASN C 104 -19.26 -55.97 -5.22
CA ASN C 104 -18.28 -56.15 -6.28
C ASN C 104 -18.87 -56.79 -7.53
N ASN C 105 -18.06 -56.91 -8.58
CA ASN C 105 -18.51 -57.44 -9.87
C ASN C 105 -18.00 -58.86 -10.17
N THR C 106 -17.67 -59.62 -9.14
CA THR C 106 -17.25 -61.00 -9.36
C THR C 106 -18.44 -61.90 -9.73
N VAL C 107 -18.14 -63.10 -10.19
CA VAL C 107 -19.16 -64.11 -10.44
C VAL C 107 -18.81 -65.32 -9.59
N GLN C 108 -19.65 -65.63 -8.61
CA GLN C 108 -19.39 -66.73 -7.68
C GLN C 108 -20.12 -67.98 -8.14
N PRO C 109 -19.37 -69.01 -8.56
CA PRO C 109 -19.98 -70.19 -9.15
C PRO C 109 -20.50 -71.20 -8.14
N ARG C 110 -20.08 -71.11 -6.88
CA ARG C 110 -20.44 -72.07 -5.86
C ARG C 110 -21.93 -71.97 -5.58
N PRO C 111 -22.70 -73.04 -5.86
CA PRO C 111 -24.15 -72.92 -5.75
C PRO C 111 -24.63 -72.80 -4.31
N SER C 112 -25.80 -72.18 -4.14
CA SER C 112 -26.44 -72.01 -2.85
C SER C 112 -27.93 -72.29 -2.96
N HIS C 113 -28.54 -72.69 -1.85
CA HIS C 113 -29.99 -72.93 -1.83
C HIS C 113 -30.78 -71.65 -2.17
N THR C 114 -30.19 -70.49 -1.91
CA THR C 114 -30.84 -69.22 -2.25
C THR C 114 -31.03 -68.98 -3.75
N TRP C 115 -30.28 -69.70 -4.57
CA TRP C 115 -30.35 -69.56 -6.04
C TRP C 115 -31.74 -69.85 -6.59
N LYS C 116 -32.45 -70.76 -5.93
CA LYS C 116 -33.81 -71.10 -6.31
C LYS C 116 -34.74 -69.89 -6.34
N LEU C 117 -34.44 -68.89 -5.49
CA LEU C 117 -35.25 -67.68 -5.41
C LEU C 117 -35.27 -66.86 -6.70
N CYS C 118 -34.30 -67.06 -7.59
CA CYS C 118 -34.28 -66.37 -8.88
C CYS C 118 -35.10 -67.10 -9.95
N MET C 119 -35.60 -68.28 -9.63
CA MET C 119 -36.39 -69.06 -10.58
C MET C 119 -37.85 -68.58 -10.64
N PRO C 120 -38.50 -68.72 -11.81
CA PRO C 120 -39.92 -68.40 -11.95
C PRO C 120 -40.83 -69.36 -11.19
N ASN C 121 -41.52 -68.82 -10.17
CA ASN C 121 -42.46 -69.55 -9.31
C ASN C 121 -43.27 -70.57 -10.09
N ARG C 122 -43.05 -71.85 -9.80
CA ARG C 122 -43.59 -72.91 -10.65
C ARG C 122 -45.09 -73.12 -10.51
N GLU C 123 -45.66 -72.60 -9.42
CA GLU C 123 -47.11 -72.63 -9.26
C GLU C 123 -47.76 -71.48 -10.00
N VAL C 124 -47.17 -70.29 -9.91
CA VAL C 124 -47.66 -69.15 -10.69
C VAL C 124 -47.59 -69.46 -12.16
N TYR C 125 -46.42 -69.96 -12.59
CA TYR C 125 -46.13 -70.23 -14.00
C TYR C 125 -46.21 -71.73 -14.27
N SER C 126 -47.30 -72.36 -13.86
CA SER C 126 -47.50 -73.78 -14.10
C SER C 126 -47.84 -74.08 -15.57
N THR C 127 -48.22 -73.05 -16.32
CA THR C 127 -48.17 -73.12 -17.78
C THR C 127 -47.41 -71.89 -18.26
N PRO C 128 -46.80 -71.98 -19.45
CA PRO C 128 -45.85 -70.94 -19.86
C PRO C 128 -46.47 -69.56 -20.01
N ALA C 129 -45.74 -68.53 -19.56
CA ALA C 129 -46.12 -67.13 -19.67
C ALA C 129 -45.13 -66.46 -20.58
N ALA C 130 -45.49 -65.32 -21.16
CA ALA C 130 -44.58 -64.65 -22.11
C ALA C 130 -44.71 -63.14 -22.04
N THR C 131 -43.63 -62.42 -22.33
CA THR C 131 -43.68 -60.97 -22.56
C THR C 131 -42.92 -60.64 -23.83
N ILE C 132 -43.61 -60.03 -24.80
CA ILE C 132 -42.94 -59.59 -26.03
C ILE C 132 -42.68 -58.09 -25.99
N SER C 133 -41.41 -57.74 -25.84
CA SER C 133 -40.97 -56.34 -25.87
C SER C 133 -40.34 -55.96 -27.18
N ARG C 134 -40.48 -54.68 -27.50
CA ARG C 134 -39.64 -54.01 -28.47
C ARG C 134 -38.17 -54.17 -28.09
N CYS C 135 -37.31 -54.28 -29.09
CA CYS C 135 -35.88 -54.47 -28.86
C CYS C 135 -35.08 -53.71 -29.91
N GLY C 136 -34.67 -52.49 -29.55
CA GLY C 136 -33.87 -51.65 -30.43
C GLY C 136 -32.53 -52.29 -30.71
N LEU C 137 -32.02 -52.09 -31.92
CA LEU C 137 -30.68 -52.53 -32.31
C LEU C 137 -29.84 -51.31 -32.65
N ASP C 138 -28.58 -51.32 -32.20
CA ASP C 138 -27.63 -50.26 -32.48
C ASP C 138 -28.24 -48.85 -32.30
N SER C 139 -29.04 -48.71 -31.24
CA SER C 139 -29.93 -47.56 -31.07
C SER C 139 -29.23 -46.21 -30.94
N ILE C 140 -28.08 -46.15 -30.28
CA ILE C 140 -27.34 -44.88 -30.17
C ILE C 140 -26.84 -44.45 -31.56
N ALA C 141 -26.18 -45.36 -32.28
CA ALA C 141 -25.61 -45.05 -33.61
C ALA C 141 -26.68 -44.68 -34.67
N VAL C 142 -27.80 -45.38 -34.69
CA VAL C 142 -28.87 -45.10 -35.67
C VAL C 142 -29.85 -44.05 -35.14
N ASP C 143 -29.55 -43.52 -33.95
CA ASP C 143 -30.38 -42.51 -33.29
C ASP C 143 -31.83 -42.92 -33.17
N GLY C 144 -32.04 -44.19 -32.80
CA GLY C 144 -33.38 -44.71 -32.51
C GLY C 144 -34.35 -44.68 -33.68
N ALA C 145 -33.81 -44.76 -34.90
CA ALA C 145 -34.65 -44.83 -36.09
C ALA C 145 -35.70 -45.91 -35.90
N PRO C 146 -36.97 -45.62 -36.26
CA PRO C 146 -38.09 -46.55 -35.96
C PRO C 146 -37.93 -47.96 -36.57
N SER C 147 -37.35 -48.03 -37.77
CA SER C 147 -37.18 -49.27 -38.50
C SER C 147 -35.86 -49.99 -38.17
N ARG C 148 -35.31 -49.75 -36.99
CA ARG C 148 -34.10 -50.42 -36.52
C ARG C 148 -34.37 -51.18 -35.22
N SER C 149 -35.63 -51.52 -34.98
CA SER C 149 -36.03 -52.34 -33.85
C SER C 149 -36.54 -53.68 -34.34
N ILE C 150 -36.17 -54.72 -33.62
CA ILE C 150 -36.82 -56.03 -33.75
C ILE C 150 -37.63 -56.25 -32.48
N ASP C 151 -38.07 -57.49 -32.25
CA ASP C 151 -38.75 -57.85 -31.00
C ASP C 151 -38.01 -58.94 -30.28
N CYS C 152 -38.01 -58.87 -28.96
CA CYS C 152 -37.50 -59.94 -28.09
C CYS C 152 -38.60 -60.34 -27.14
N MET C 153 -38.92 -61.63 -27.13
CA MET C 153 -39.99 -62.16 -26.30
C MET C 153 -39.36 -63.10 -25.26
N LEU C 154 -39.58 -62.81 -23.99
CA LEU C 154 -39.20 -63.71 -22.90
C LEU C 154 -40.31 -64.74 -22.75
N ILE C 155 -39.94 -66.02 -22.72
CA ILE C 155 -40.91 -67.08 -22.41
C ILE C 155 -40.53 -67.73 -21.08
N ILE C 156 -41.43 -67.67 -20.13
CA ILE C 156 -41.21 -68.19 -18.79
C ILE C 156 -41.75 -69.62 -18.71
N ASN C 157 -40.89 -70.56 -18.32
CA ASN C 157 -41.25 -71.96 -18.10
C ASN C 157 -41.90 -72.70 -19.27
N LYS C 158 -41.43 -72.47 -20.48
CA LYS C 158 -41.82 -73.37 -21.55
C LYS C 158 -41.01 -74.66 -21.33
N PRO C 159 -41.70 -75.81 -21.28
CA PRO C 159 -40.98 -77.06 -21.03
C PRO C 159 -39.91 -77.32 -22.04
N LYS C 160 -38.77 -77.84 -21.60
CA LYS C 160 -37.69 -78.22 -22.49
C LYS C 160 -36.84 -79.28 -21.81
N GLY C 161 -36.78 -80.46 -22.43
CA GLY C 161 -36.02 -81.57 -21.89
C GLY C 161 -36.43 -81.92 -20.47
N VAL C 162 -35.44 -82.05 -19.59
CA VAL C 162 -35.68 -82.39 -18.19
C VAL C 162 -35.50 -81.18 -17.28
N ALA C 163 -35.55 -79.97 -17.84
CA ALA C 163 -35.40 -78.75 -17.03
C ALA C 163 -36.63 -78.57 -16.15
N THR C 164 -36.45 -78.00 -14.97
CA THR C 164 -37.58 -77.68 -14.11
C THR C 164 -38.04 -76.25 -14.34
N TYR C 165 -37.08 -75.34 -14.52
CA TYR C 165 -37.38 -73.96 -14.87
C TYR C 165 -36.69 -73.62 -16.20
N THR C 166 -37.34 -72.79 -17.02
CA THR C 166 -36.70 -72.29 -18.25
C THR C 166 -36.95 -70.80 -18.41
N LEU C 167 -35.96 -70.11 -18.99
CA LEU C 167 -36.15 -68.75 -19.47
C LEU C 167 -35.68 -68.75 -20.93
N THR C 168 -36.51 -68.22 -21.82
CA THR C 168 -36.21 -68.19 -23.24
C THR C 168 -36.24 -66.78 -23.75
N PHE C 169 -35.11 -66.34 -24.31
CA PHE C 169 -35.06 -65.09 -25.05
C PHE C 169 -35.26 -65.46 -26.53
N ARG C 170 -36.40 -65.06 -27.09
CA ARG C 170 -36.72 -65.38 -28.46
C ARG C 170 -36.74 -64.10 -29.28
N PHE C 171 -35.90 -64.06 -30.33
CA PHE C 171 -35.76 -62.86 -31.14
C PHE C 171 -36.54 -63.02 -32.40
N LEU C 172 -37.39 -62.04 -32.68
CA LEU C 172 -38.42 -62.16 -33.70
C LEU C 172 -38.57 -60.93 -34.58
N ASN C 173 -39.22 -61.13 -35.70
CA ASN C 173 -39.64 -60.01 -36.55
C ASN C 173 -38.48 -59.16 -37.05
N PHE C 174 -37.44 -59.82 -37.53
CA PHE C 174 -36.30 -59.12 -38.14
C PHE C 174 -36.70 -58.39 -39.41
N ASN C 175 -37.75 -58.87 -40.07
CA ASN C 175 -38.28 -58.23 -41.26
C ASN C 175 -38.82 -56.79 -41.04
N ARG C 176 -38.91 -56.35 -39.78
CA ARG C 176 -39.10 -54.90 -39.47
C ARG C 176 -37.94 -54.03 -39.88
N LEU C 177 -36.73 -54.62 -39.95
CA LEU C 177 -35.52 -53.85 -40.21
C LEU C 177 -35.52 -53.31 -41.64
N SER C 178 -35.14 -52.03 -41.78
CA SER C 178 -35.02 -51.37 -43.08
C SER C 178 -33.80 -51.88 -43.87
N GLY C 179 -32.83 -52.44 -43.17
CA GLY C 179 -31.65 -52.99 -43.80
C GLY C 179 -30.73 -53.67 -42.80
N GLY C 180 -29.53 -54.02 -43.27
CA GLY C 180 -28.55 -54.68 -42.41
C GLY C 180 -28.22 -53.83 -41.22
N THR C 181 -28.26 -54.42 -40.03
CA THR C 181 -28.08 -53.68 -38.79
C THR C 181 -27.15 -54.43 -37.84
N LEU C 182 -26.31 -53.66 -37.16
CA LEU C 182 -25.41 -54.22 -36.17
C LEU C 182 -26.24 -54.82 -35.06
N PHE C 183 -26.02 -56.10 -34.75
CA PHE C 183 -26.84 -56.79 -33.79
C PHE C 183 -26.36 -56.51 -32.39
N LYS C 184 -26.64 -55.28 -31.97
CA LYS C 184 -26.20 -54.76 -30.69
C LYS C 184 -27.46 -54.26 -29.96
N THR C 185 -28.06 -55.12 -29.15
CA THR C 185 -29.39 -54.85 -28.61
C THR C 185 -29.39 -53.81 -27.51
N ASP C 186 -30.55 -53.21 -27.29
CA ASP C 186 -30.77 -52.38 -26.14
C ASP C 186 -30.71 -53.22 -24.87
N VAL C 187 -30.70 -52.54 -23.72
CA VAL C 187 -30.86 -53.21 -22.44
C VAL C 187 -32.36 -53.50 -22.28
N LEU C 188 -32.69 -54.77 -22.13
CA LEU C 188 -34.06 -55.20 -22.01
C LEU C 188 -34.37 -55.54 -20.56
N THR C 189 -35.61 -55.28 -20.15
CA THR C 189 -36.05 -55.54 -18.79
C THR C 189 -37.34 -56.31 -18.79
N PHE C 190 -37.36 -57.44 -18.09
CA PHE C 190 -38.60 -58.16 -17.84
C PHE C 190 -38.78 -58.39 -16.33
N THR C 191 -39.93 -58.93 -15.94
CA THR C 191 -40.28 -59.15 -14.53
C THR C 191 -41.13 -60.41 -14.38
N TYR C 192 -40.82 -61.24 -13.39
CA TYR C 192 -41.70 -62.35 -13.05
C TYR C 192 -41.68 -62.67 -11.55
N VAL C 193 -42.68 -63.39 -11.08
CA VAL C 193 -42.75 -63.72 -9.64
C VAL C 193 -41.75 -64.81 -9.30
N GLY C 194 -40.94 -64.59 -8.29
CA GLY C 194 -39.89 -65.53 -7.94
C GLY C 194 -40.39 -66.75 -7.18
N GLU C 195 -39.58 -67.81 -7.22
CA GLU C 195 -39.94 -69.05 -6.53
C GLU C 195 -39.79 -68.92 -5.02
N ASN C 196 -40.56 -69.69 -4.28
CA ASN C 196 -40.44 -69.71 -2.83
C ASN C 196 -39.33 -70.64 -2.36
N GLN C 197 -38.62 -70.23 -1.32
CA GLN C 197 -37.55 -71.05 -0.78
C GLN C 197 -38.05 -72.46 -0.42
N ALA D 16 -14.47 -31.62 16.59
CA ALA D 16 -13.33 -32.26 15.89
C ALA D 16 -12.78 -31.37 14.80
N PRO D 17 -11.45 -31.38 14.62
CA PRO D 17 -10.78 -30.57 13.60
C PRO D 17 -10.71 -31.31 12.26
N ILE D 18 -10.34 -30.57 11.21
CA ILE D 18 -10.34 -31.10 9.85
C ILE D 18 -9.55 -30.19 8.92
N THR D 19 -8.75 -30.81 8.04
CA THR D 19 -7.93 -30.08 7.08
C THR D 19 -8.25 -30.51 5.65
N LEU D 20 -8.61 -29.54 4.79
CA LEU D 20 -8.70 -29.77 3.34
C LEU D 20 -7.47 -29.14 2.67
N TRP D 21 -6.89 -29.83 1.70
CA TRP D 21 -5.68 -29.32 1.05
C TRP D 21 -5.42 -29.90 -0.34
N THR D 22 -4.43 -29.32 -1.01
CA THR D 22 -3.99 -29.72 -2.35
C THR D 22 -2.98 -30.85 -2.30
N GLY D 23 -2.49 -31.17 -1.11
CA GLY D 23 -1.42 -32.15 -0.97
C GLY D 23 -0.07 -31.48 -1.14
N PRO D 24 1.01 -32.21 -0.84
CA PRO D 24 2.35 -31.67 -1.05
C PRO D 24 2.68 -31.80 -2.51
N GLY D 25 3.66 -31.06 -3.00
CA GLY D 25 4.03 -31.08 -4.43
C GLY D 25 2.83 -30.90 -5.36
N PRO D 26 2.15 -29.76 -5.26
CA PRO D 26 0.86 -29.57 -5.93
C PRO D 26 1.00 -29.47 -7.43
N SER D 27 -0.05 -29.89 -8.14
CA SER D 27 -0.12 -29.76 -9.59
C SER D 27 -0.31 -28.29 -9.97
N ILE D 28 -0.08 -27.99 -11.24
CA ILE D 28 -0.41 -26.67 -11.78
C ILE D 28 -1.94 -26.58 -11.81
N ASN D 29 -2.52 -25.92 -10.82
CA ASN D 29 -3.98 -26.01 -10.58
C ASN D 29 -4.70 -24.67 -10.51
N GLY D 30 -3.98 -23.59 -10.82
CA GLY D 30 -4.53 -22.25 -10.86
C GLY D 30 -4.65 -21.77 -12.29
N PHE D 31 -5.85 -21.40 -12.69
CA PHE D 31 -6.15 -21.02 -14.06
C PHE D 31 -6.26 -19.50 -14.17
N ILE D 32 -5.59 -18.96 -15.17
CA ILE D 32 -5.87 -17.61 -15.65
C ILE D 32 -6.17 -17.78 -17.14
N ASN D 33 -7.30 -17.25 -17.59
CA ASN D 33 -7.65 -17.31 -18.99
C ASN D 33 -7.64 -18.74 -19.55
N ASP D 34 -8.18 -19.67 -18.77
CA ASP D 34 -8.38 -21.07 -19.19
C ASP D 34 -7.09 -21.86 -19.54
N THR D 35 -5.95 -21.42 -18.98
CA THR D 35 -4.68 -22.13 -19.04
C THR D 35 -4.15 -22.26 -17.60
N PRO D 36 -3.77 -23.48 -17.15
CA PRO D 36 -3.20 -23.59 -15.81
C PRO D 36 -1.81 -22.94 -15.80
N VAL D 37 -1.63 -21.89 -15.02
CA VAL D 37 -0.35 -21.18 -15.01
C VAL D 37 0.29 -21.07 -13.63
N ILE D 38 -0.50 -21.23 -12.58
CA ILE D 38 0.06 -21.14 -11.22
C ILE D 38 -0.05 -22.48 -10.51
N ARG D 39 1.04 -22.86 -9.84
CA ARG D 39 0.99 -24.09 -9.02
C ARG D 39 0.74 -23.70 -7.55
N CYS D 40 -0.50 -23.94 -7.11
CA CYS D 40 -1.01 -23.44 -5.84
C CYS D 40 -0.99 -24.54 -4.78
N PHE D 41 -0.21 -24.31 -3.71
CA PHE D 41 -0.29 -25.12 -2.51
C PHE D 41 -1.27 -24.42 -1.61
N ILE D 42 -2.36 -25.07 -1.27
CA ILE D 42 -3.37 -24.47 -0.41
C ILE D 42 -3.81 -25.46 0.63
N CYS D 43 -3.82 -25.00 1.88
CA CYS D 43 -4.14 -25.83 2.99
C CYS D 43 -5.09 -25.07 3.92
N LEU D 44 -6.30 -25.62 4.11
CA LEU D 44 -7.31 -25.03 4.99
C LEU D 44 -7.46 -25.90 6.22
N THR D 45 -6.92 -25.44 7.35
CA THR D 45 -7.01 -26.20 8.60
C THR D 45 -7.99 -25.57 9.58
N ARG D 46 -9.03 -26.33 9.92
CA ARG D 46 -10.03 -25.93 10.92
C ARG D 46 -9.71 -26.60 12.24
N ASP D 47 -9.52 -25.80 13.27
CA ASP D 47 -9.36 -26.35 14.62
C ASP D 47 -10.65 -26.09 15.39
N SER D 48 -10.59 -25.56 16.61
CA SER D 48 -11.83 -25.49 17.41
C SER D 48 -12.87 -24.53 16.79
N ASN D 49 -12.41 -23.37 16.33
CA ASN D 49 -13.31 -22.34 15.83
C ASN D 49 -12.84 -21.66 14.53
N LEU D 50 -11.55 -21.34 14.45
CA LEU D 50 -11.02 -20.62 13.30
C LEU D 50 -10.48 -21.58 12.24
N VAL D 51 -10.47 -21.10 10.99
CA VAL D 51 -9.80 -21.79 9.90
C VAL D 51 -8.52 -21.01 9.62
N THR D 52 -7.39 -21.70 9.52
CA THR D 52 -6.14 -21.08 9.10
C THR D 52 -5.89 -21.46 7.64
N VAL D 53 -5.75 -20.44 6.80
CA VAL D 53 -5.35 -20.63 5.42
C VAL D 53 -3.83 -20.56 5.42
N ASN D 54 -3.19 -21.64 4.97
CA ASN D 54 -1.75 -21.67 4.75
C ASN D 54 -1.53 -21.96 3.28
N ALA D 55 -0.94 -21.03 2.55
CA ALA D 55 -0.82 -21.20 1.11
C ALA D 55 0.47 -20.62 0.56
N SER D 56 0.91 -21.17 -0.55
CA SER D 56 2.05 -20.65 -1.31
C SER D 56 1.85 -20.95 -2.79
N PHE D 57 2.51 -20.17 -3.64
CA PHE D 57 2.27 -20.22 -5.07
C PHE D 57 3.58 -20.20 -5.84
N VAL D 58 3.64 -20.97 -6.92
CA VAL D 58 4.79 -20.98 -7.84
C VAL D 58 4.27 -20.85 -9.27
N GLY D 59 4.73 -19.82 -9.97
CA GLY D 59 4.33 -19.59 -11.35
C GLY D 59 5.06 -20.50 -12.34
N GLU D 60 4.36 -20.86 -13.42
CA GLU D 60 4.94 -21.72 -14.44
C GLU D 60 4.65 -21.16 -15.81
N GLY D 61 5.40 -21.62 -16.80
CA GLY D 61 5.24 -21.16 -18.17
C GLY D 61 5.53 -19.68 -18.27
N GLY D 62 4.61 -18.94 -18.87
CA GLY D 62 4.72 -17.49 -18.99
C GLY D 62 4.68 -16.77 -17.65
N TYR D 63 4.14 -17.44 -16.63
CA TYR D 63 4.10 -16.91 -15.28
C TYR D 63 5.26 -17.37 -14.37
N ARG D 64 6.29 -18.00 -14.94
CA ARG D 64 7.47 -18.38 -14.16
C ARG D 64 8.19 -17.14 -13.63
N ILE D 65 8.40 -16.16 -14.51
CA ILE D 65 8.90 -14.84 -14.11
C ILE D 65 7.79 -13.82 -14.35
N VAL D 66 7.56 -12.95 -13.36
CA VAL D 66 6.65 -11.81 -13.54
C VAL D 66 7.47 -10.54 -13.49
N SER D 67 7.01 -9.53 -14.22
CA SER D 67 7.67 -8.25 -14.27
C SER D 67 6.79 -7.20 -13.59
N PRO D 68 7.35 -6.00 -13.32
CA PRO D 68 6.58 -4.92 -12.68
C PRO D 68 5.31 -4.48 -13.43
N THR D 69 5.26 -4.70 -14.75
CA THR D 69 4.09 -4.33 -15.55
C THR D 69 3.04 -5.46 -15.59
N GLN D 70 3.26 -6.56 -14.86
CA GLN D 70 2.27 -7.64 -14.79
C GLN D 70 0.95 -7.11 -14.24
N SER D 71 -0.14 -7.42 -14.91
CA SER D 71 -1.45 -6.93 -14.46
C SER D 71 -1.97 -7.88 -13.39
N GLN D 72 -2.70 -7.31 -12.43
CA GLN D 72 -3.23 -8.03 -11.28
C GLN D 72 -4.20 -9.13 -11.68
N PHE D 73 -4.41 -10.10 -10.79
CA PHE D 73 -5.36 -11.17 -11.04
C PHE D 73 -5.88 -11.87 -9.80
N SER D 74 -7.04 -12.52 -9.94
CA SER D 74 -7.71 -13.25 -8.87
C SER D 74 -7.74 -14.76 -9.16
N LEU D 75 -7.38 -15.58 -8.18
CA LEU D 75 -7.61 -17.01 -8.23
C LEU D 75 -8.74 -17.32 -7.26
N ILE D 76 -9.92 -17.62 -7.78
CA ILE D 76 -11.10 -17.84 -6.96
C ILE D 76 -11.35 -19.33 -6.77
N MET D 77 -11.51 -19.76 -5.52
CA MET D 77 -12.02 -21.09 -5.18
C MET D 77 -13.51 -20.95 -4.90
N GLU D 78 -14.32 -21.73 -5.61
CA GLU D 78 -15.77 -21.75 -5.40
C GLU D 78 -16.17 -23.03 -4.72
N PHE D 79 -16.88 -22.90 -3.60
CA PHE D 79 -17.39 -24.06 -2.86
C PHE D 79 -18.91 -24.05 -2.80
N ASP D 80 -19.50 -25.25 -2.83
CA ASP D 80 -20.93 -25.43 -2.62
C ASP D 80 -21.29 -25.31 -1.14
N GLN D 81 -22.59 -25.44 -0.85
CA GLN D 81 -23.11 -25.28 0.50
C GLN D 81 -22.64 -26.34 1.50
N PHE D 82 -22.08 -27.44 1.01
CA PHE D 82 -21.59 -28.51 1.86
C PHE D 82 -20.06 -28.55 1.96
N GLY D 83 -19.41 -27.50 1.49
CA GLY D 83 -17.94 -27.41 1.54
C GLY D 83 -17.18 -28.19 0.47
N GLN D 84 -17.87 -28.64 -0.56
CA GLN D 84 -17.20 -29.33 -1.65
C GLN D 84 -16.75 -28.31 -2.71
N LEU D 85 -15.49 -28.39 -3.10
CA LEU D 85 -14.94 -27.51 -4.13
C LEU D 85 -15.63 -27.76 -5.46
N MET D 86 -16.08 -26.68 -6.09
CA MET D 86 -16.80 -26.76 -7.35
C MET D 86 -15.83 -26.74 -8.52
N SER D 87 -16.35 -27.05 -9.72
CA SER D 87 -15.54 -27.12 -10.94
C SER D 87 -15.32 -25.77 -11.63
N THR D 88 -16.02 -24.73 -11.20
CA THR D 88 -16.06 -23.48 -11.97
C THR D 88 -15.03 -22.40 -11.60
N GLY D 89 -14.37 -22.50 -10.45
CA GLY D 89 -13.38 -21.47 -10.06
C GLY D 89 -12.05 -21.59 -10.79
N ASN D 90 -11.17 -20.63 -10.55
CA ASN D 90 -9.81 -20.67 -11.10
C ASN D 90 -9.03 -21.84 -10.53
N ILE D 91 -9.32 -22.16 -9.27
CA ILE D 91 -8.84 -23.38 -8.65
C ILE D 91 -10.08 -24.23 -8.42
N ASN D 92 -10.08 -25.46 -8.91
CA ASN D 92 -11.32 -26.22 -8.96
C ASN D 92 -11.16 -27.72 -8.88
N SER D 93 -12.29 -28.41 -8.83
CA SER D 93 -12.34 -29.86 -8.57
C SER D 93 -11.68 -30.73 -9.64
N THR D 94 -11.28 -30.14 -10.76
CA THR D 94 -10.57 -30.89 -11.78
C THR D 94 -9.10 -31.20 -11.38
N THR D 95 -8.59 -30.60 -10.30
CA THR D 95 -7.27 -30.99 -9.80
C THR D 95 -7.35 -31.56 -8.39
N THR D 96 -6.24 -32.19 -7.97
CA THR D 96 -6.15 -32.91 -6.71
C THR D 96 -6.47 -32.03 -5.51
N TRP D 97 -7.53 -32.38 -4.79
CA TRP D 97 -8.00 -31.63 -3.64
C TRP D 97 -8.76 -32.55 -2.73
N GLY D 98 -8.57 -32.41 -1.42
CA GLY D 98 -9.29 -33.27 -0.47
C GLY D 98 -8.80 -33.18 0.97
N GLU D 99 -9.21 -34.14 1.79
CA GLU D 99 -8.92 -34.11 3.23
C GLU D 99 -7.54 -34.70 3.50
N LYS D 100 -6.81 -34.08 4.43
CA LYS D 100 -5.55 -34.66 4.93
C LYS D 100 -5.83 -35.43 6.21
N PRO D 101 -5.63 -36.75 6.18
CA PRO D 101 -5.75 -37.47 7.43
C PRO D 101 -4.63 -37.10 8.37
N TRP D 102 -4.93 -37.03 9.66
CA TRP D 102 -3.89 -36.91 10.68
C TRP D 102 -2.99 -38.13 10.52
N GLY D 103 -1.69 -37.93 10.38
CA GLY D 103 -0.77 -39.07 10.33
C GLY D 103 -0.11 -39.36 8.99
N ASN D 104 -0.64 -38.80 7.90
CA ASN D 104 0.01 -38.96 6.60
C ASN D 104 -0.24 -37.79 5.65
N ASN D 105 0.39 -37.83 4.48
CA ASN D 105 0.29 -36.74 3.52
C ASN D 105 -0.60 -37.06 2.32
N THR D 106 -1.51 -38.01 2.48
CA THR D 106 -2.44 -38.33 1.40
C THR D 106 -3.45 -37.22 1.20
N VAL D 107 -4.18 -37.27 0.09
CA VAL D 107 -5.31 -36.40 -0.17
C VAL D 107 -6.54 -37.27 -0.38
N GLN D 108 -7.50 -37.17 0.54
CA GLN D 108 -8.69 -38.02 0.52
C GLN D 108 -9.85 -37.28 -0.14
N PRO D 109 -10.25 -37.73 -1.34
CA PRO D 109 -11.25 -36.99 -2.14
C PRO D 109 -12.69 -37.24 -1.72
N ARG D 110 -12.92 -38.31 -0.97
CA ARG D 110 -14.27 -38.71 -0.63
C ARG D 110 -14.90 -37.70 0.34
N PRO D 111 -15.96 -37.01 -0.09
CA PRO D 111 -16.47 -35.88 0.70
C PRO D 111 -17.08 -36.32 2.02
N SER D 112 -17.08 -35.42 2.99
CA SER D 112 -17.68 -35.67 4.28
C SER D 112 -18.40 -34.42 4.76
N HIS D 113 -19.41 -34.63 5.62
CA HIS D 113 -20.16 -33.52 6.18
C HIS D 113 -19.25 -32.56 6.97
N THR D 114 -18.15 -33.07 7.52
CA THR D 114 -17.19 -32.24 8.28
C THR D 114 -16.50 -31.19 7.41
N TRP D 115 -16.51 -31.37 6.10
CA TRP D 115 -15.83 -30.45 5.18
C TRP D 115 -16.38 -29.03 5.27
N LYS D 116 -17.66 -28.93 5.57
CA LYS D 116 -18.33 -27.63 5.77
C LYS D 116 -17.63 -26.79 6.84
N LEU D 117 -17.04 -27.44 7.84
CA LEU D 117 -16.35 -26.70 8.91
C LEU D 117 -15.14 -25.89 8.46
N CYS D 118 -14.60 -26.15 7.26
CA CYS D 118 -13.50 -25.35 6.72
C CYS D 118 -13.99 -24.11 5.95
N MET D 119 -15.29 -23.99 5.75
CA MET D 119 -15.84 -22.84 5.01
C MET D 119 -15.93 -21.61 5.90
N PRO D 120 -15.87 -20.42 5.31
CA PRO D 120 -16.06 -19.19 6.06
C PRO D 120 -17.51 -18.96 6.49
N ASN D 121 -17.72 -18.98 7.81
CA ASN D 121 -19.01 -18.73 8.46
C ASN D 121 -19.91 -17.72 7.75
N ARG D 122 -21.00 -18.19 7.17
CA ARG D 122 -21.76 -17.34 6.25
C ARG D 122 -22.55 -16.24 6.96
N GLU D 123 -22.78 -16.39 8.25
CA GLU D 123 -23.43 -15.32 9.00
C GLU D 123 -22.40 -14.26 9.40
N VAL D 124 -21.20 -14.69 9.82
CA VAL D 124 -20.12 -13.75 10.15
C VAL D 124 -19.74 -13.00 8.88
N TYR D 125 -19.57 -13.72 7.78
CA TYR D 125 -19.17 -13.12 6.53
C TYR D 125 -20.34 -13.01 5.56
N SER D 126 -21.44 -12.43 6.01
CA SER D 126 -22.62 -12.25 5.15
C SER D 126 -22.41 -11.13 4.12
N THR D 127 -21.38 -10.32 4.30
CA THR D 127 -20.88 -9.48 3.23
C THR D 127 -19.37 -9.73 3.19
N PRO D 128 -18.75 -9.48 2.03
CA PRO D 128 -17.37 -9.92 1.87
C PRO D 128 -16.38 -9.23 2.82
N ALA D 129 -15.41 -10.01 3.31
CA ALA D 129 -14.33 -9.52 4.17
C ALA D 129 -13.03 -9.72 3.42
N ALA D 130 -11.97 -9.02 3.82
CA ALA D 130 -10.68 -9.11 3.12
C ALA D 130 -9.49 -8.92 4.03
N THR D 131 -8.37 -9.57 3.68
CA THR D 131 -7.08 -9.29 4.30
C THR D 131 -6.00 -9.14 3.24
N ILE D 132 -5.37 -7.97 3.19
CA ILE D 132 -4.31 -7.72 2.24
C ILE D 132 -2.99 -7.81 2.97
N SER D 133 -2.24 -8.88 2.68
CA SER D 133 -0.92 -9.11 3.23
C SER D 133 0.18 -8.86 2.21
N ARG D 134 1.33 -8.44 2.73
CA ARG D 134 2.58 -8.49 1.97
C ARG D 134 2.84 -9.91 1.49
N CYS D 135 3.47 -10.02 0.33
CA CYS D 135 3.74 -11.31 -0.28
C CYS D 135 5.10 -11.30 -0.95
N GLY D 136 6.12 -11.77 -0.24
CA GLY D 136 7.47 -11.81 -0.77
C GLY D 136 7.55 -12.76 -1.96
N LEU D 137 8.40 -12.41 -2.92
CA LEU D 137 8.69 -13.28 -4.05
C LEU D 137 10.18 -13.63 -4.05
N ASP D 138 10.47 -14.92 -4.32
CA ASP D 138 11.84 -15.45 -4.38
C ASP D 138 12.69 -14.96 -3.17
N SER D 139 12.08 -14.96 -1.98
CA SER D 139 12.63 -14.25 -0.83
C SER D 139 14.00 -14.76 -0.34
N ILE D 140 14.22 -16.07 -0.39
CA ILE D 140 15.51 -16.63 0.02
C ILE D 140 16.60 -16.18 -0.96
N ALA D 141 16.35 -16.33 -2.26
CA ALA D 141 17.34 -15.98 -3.30
C ALA D 141 17.71 -14.49 -3.36
N VAL D 142 16.70 -13.62 -3.23
CA VAL D 142 16.91 -12.16 -3.24
C VAL D 142 17.23 -11.61 -1.85
N ASP D 143 17.35 -12.50 -0.85
CA ASP D 143 17.62 -12.18 0.56
C ASP D 143 16.67 -11.09 1.11
N GLY D 144 15.39 -11.23 0.79
CA GLY D 144 14.35 -10.37 1.33
C GLY D 144 14.46 -8.91 0.94
N ALA D 145 15.07 -8.61 -0.21
CA ALA D 145 15.17 -7.24 -0.70
C ALA D 145 13.77 -6.62 -0.69
N PRO D 146 13.65 -5.40 -0.14
CA PRO D 146 12.31 -4.78 0.04
C PRO D 146 11.47 -4.63 -1.24
N SER D 147 12.12 -4.35 -2.38
CA SER D 147 11.43 -4.13 -3.65
C SER D 147 11.22 -5.45 -4.44
N ARG D 148 11.13 -6.57 -3.72
CA ARG D 148 10.84 -7.87 -4.31
C ARG D 148 9.58 -8.49 -3.71
N SER D 149 8.74 -7.65 -3.11
CA SER D 149 7.48 -8.06 -2.56
C SER D 149 6.32 -7.47 -3.36
N ILE D 150 5.30 -8.29 -3.60
CA ILE D 150 4.03 -7.82 -4.11
C ILE D 150 3.02 -7.90 -2.95
N ASP D 151 1.74 -7.77 -3.26
CA ASP D 151 0.67 -7.98 -2.26
C ASP D 151 -0.25 -9.11 -2.68
N CYS D 152 -0.70 -9.87 -1.68
CA CYS D 152 -1.72 -10.89 -1.87
C CYS D 152 -2.87 -10.61 -0.92
N MET D 153 -4.07 -10.49 -1.48
CA MET D 153 -5.25 -10.18 -0.71
C MET D 153 -6.19 -11.36 -0.76
N LEU D 154 -6.56 -11.87 0.42
CA LEU D 154 -7.59 -12.89 0.53
C LEU D 154 -8.93 -12.18 0.59
N ILE D 155 -9.87 -12.61 -0.24
CA ILE D 155 -11.24 -12.12 -0.15
C ILE D 155 -12.15 -13.27 0.26
N ILE D 156 -12.84 -13.08 1.37
CA ILE D 156 -13.70 -14.09 1.94
C ILE D 156 -15.14 -13.82 1.51
N ASN D 157 -15.77 -14.81 0.88
CA ASN D 157 -17.17 -14.74 0.43
C ASN D 157 -17.56 -13.58 -0.47
N LYS D 158 -16.71 -13.24 -1.43
CA LYS D 158 -17.18 -12.39 -2.51
C LYS D 158 -18.06 -13.26 -3.42
N PRO D 159 -19.29 -12.80 -3.70
CA PRO D 159 -20.19 -13.63 -4.52
C PRO D 159 -19.59 -13.95 -5.89
N LYS D 160 -19.81 -15.17 -6.35
CA LYS D 160 -19.37 -15.61 -7.65
C LYS D 160 -20.26 -16.75 -8.13
N GLY D 161 -20.94 -16.54 -9.24
CA GLY D 161 -21.76 -17.59 -9.83
C GLY D 161 -22.78 -18.11 -8.85
N VAL D 162 -22.89 -19.43 -8.78
CA VAL D 162 -23.81 -20.08 -7.82
C VAL D 162 -23.07 -20.65 -6.61
N ALA D 163 -21.87 -20.17 -6.34
CA ALA D 163 -21.10 -20.65 -5.20
C ALA D 163 -21.73 -20.13 -3.92
N THR D 164 -21.66 -20.93 -2.86
CA THR D 164 -22.15 -20.55 -1.54
C THR D 164 -21.04 -19.91 -0.74
N TYR D 165 -19.86 -20.48 -0.81
CA TYR D 165 -18.68 -19.90 -0.17
C TYR D 165 -17.60 -19.69 -1.23
N THR D 166 -16.82 -18.62 -1.08
CA THR D 166 -15.68 -18.37 -1.95
C THR D 166 -14.46 -17.96 -1.16
N LEU D 167 -13.29 -18.35 -1.65
CA LEU D 167 -12.01 -17.81 -1.19
C LEU D 167 -11.26 -17.32 -2.43
N THR D 168 -10.78 -16.08 -2.38
CA THR D 168 -10.07 -15.49 -3.49
C THR D 168 -8.68 -15.07 -3.09
N PHE D 169 -7.67 -15.60 -3.79
CA PHE D 169 -6.31 -15.08 -3.68
C PHE D 169 -6.09 -14.08 -4.82
N ARG D 170 -5.98 -12.81 -4.48
CA ARG D 170 -5.84 -11.77 -5.48
C ARG D 170 -4.47 -11.15 -5.37
N PHE D 171 -3.71 -11.24 -6.45
CA PHE D 171 -2.31 -10.80 -6.45
C PHE D 171 -2.23 -9.40 -7.08
N LEU D 172 -1.65 -8.46 -6.34
CA LEU D 172 -1.76 -7.03 -6.65
C LEU D 172 -0.44 -6.31 -6.54
N ASN D 173 -0.39 -5.12 -7.13
CA ASN D 173 0.70 -4.19 -6.96
C ASN D 173 2.05 -4.75 -7.38
N PHE D 174 2.08 -5.38 -8.55
CA PHE D 174 3.33 -5.87 -9.14
C PHE D 174 4.29 -4.74 -9.44
N ASN D 175 3.75 -3.54 -9.66
CA ASN D 175 4.57 -2.35 -9.90
C ASN D 175 5.50 -1.94 -8.75
N ARG D 176 5.36 -2.59 -7.59
CA ARG D 176 6.37 -2.46 -6.54
C ARG D 176 7.69 -3.11 -6.87
N LEU D 177 7.69 -4.08 -7.78
CA LEU D 177 8.90 -4.83 -8.10
C LEU D 177 9.92 -3.93 -8.78
N SER D 178 11.18 -4.08 -8.38
CA SER D 178 12.28 -3.37 -9.02
C SER D 178 12.62 -3.93 -10.39
N GLY D 179 12.23 -5.16 -10.67
CA GLY D 179 12.45 -5.78 -11.97
C GLY D 179 11.84 -7.17 -12.09
N GLY D 180 12.19 -7.88 -13.15
CA GLY D 180 11.68 -9.22 -13.35
C GLY D 180 12.06 -10.11 -12.18
N THR D 181 11.09 -10.84 -11.64
CA THR D 181 11.28 -11.66 -10.44
C THR D 181 10.62 -13.01 -10.57
N LEU D 182 11.32 -14.04 -10.09
CA LEU D 182 10.81 -15.40 -10.10
C LEU D 182 9.54 -15.42 -9.28
N PHE D 183 8.42 -15.90 -9.85
CA PHE D 183 7.15 -15.86 -9.14
C PHE D 183 7.02 -17.04 -8.20
N LYS D 184 7.79 -16.98 -7.12
CA LYS D 184 7.85 -18.05 -6.13
C LYS D 184 7.52 -17.41 -4.82
N THR D 185 6.25 -17.48 -4.42
CA THR D 185 5.79 -16.71 -3.28
C THR D 185 6.26 -17.27 -1.96
N ASP D 186 6.22 -16.41 -0.94
CA ASP D 186 6.35 -16.82 0.44
C ASP D 186 5.18 -17.71 0.85
N VAL D 187 5.32 -18.32 2.02
CA VAL D 187 4.22 -19.01 2.65
C VAL D 187 3.33 -17.93 3.26
N LEU D 188 2.08 -17.87 2.82
CA LEU D 188 1.11 -16.88 3.32
C LEU D 188 0.19 -17.50 4.34
N THR D 189 -0.22 -16.73 5.34
CA THR D 189 -1.16 -17.20 6.37
C THR D 189 -2.30 -16.24 6.57
N PHE D 190 -3.53 -16.72 6.43
CA PHE D 190 -4.72 -15.94 6.81
C PHE D 190 -5.57 -16.71 7.81
N THR D 191 -6.60 -16.05 8.33
CA THR D 191 -7.46 -16.62 9.35
C THR D 191 -8.90 -16.10 9.18
N TYR D 192 -9.88 -16.99 9.29
CA TYR D 192 -11.30 -16.59 9.35
C TYR D 192 -12.11 -17.52 10.24
N VAL D 193 -13.30 -17.06 10.65
CA VAL D 193 -14.16 -17.87 11.52
C VAL D 193 -14.83 -18.94 10.71
N GLY D 194 -14.75 -20.18 11.17
CA GLY D 194 -15.28 -21.32 10.43
C GLY D 194 -16.77 -21.46 10.54
N GLU D 195 -17.37 -22.16 9.58
CA GLU D 195 -18.80 -22.37 9.54
C GLU D 195 -19.21 -23.37 10.60
N ASN D 196 -20.44 -23.26 11.08
CA ASN D 196 -20.97 -24.22 12.05
C ASN D 196 -21.53 -25.45 11.36
N GLN D 197 -21.34 -26.62 11.98
CA GLN D 197 -21.86 -27.87 11.40
C GLN D 197 -23.35 -27.75 11.09
N ALA E 16 -9.06 -28.50 27.00
CA ALA E 16 -10.25 -28.11 26.17
C ALA E 16 -10.13 -26.66 25.64
N PRO E 17 -10.55 -26.43 24.39
CA PRO E 17 -10.49 -25.08 23.79
C PRO E 17 -11.69 -24.24 24.16
N ILE E 18 -11.61 -22.95 23.87
CA ILE E 18 -12.68 -22.02 24.22
C ILE E 18 -12.54 -20.72 23.44
N THR E 19 -13.68 -20.19 22.98
CA THR E 19 -13.73 -18.91 22.24
C THR E 19 -14.62 -17.86 22.94
N LEU E 20 -14.07 -16.69 23.23
CA LEU E 20 -14.87 -15.55 23.65
C LEU E 20 -14.98 -14.59 22.46
N TRP E 21 -16.15 -14.00 22.25
CA TRP E 21 -16.35 -13.09 21.13
C TRP E 21 -17.51 -12.12 21.30
N THR E 22 -17.59 -11.20 20.35
CA THR E 22 -18.65 -10.22 20.26
C THR E 22 -19.89 -10.77 19.59
N GLY E 23 -19.76 -11.89 18.90
CA GLY E 23 -20.82 -12.41 18.06
C GLY E 23 -20.72 -11.81 16.67
N PRO E 24 -21.48 -12.36 15.71
CA PRO E 24 -21.53 -11.78 14.38
C PRO E 24 -22.35 -10.50 14.41
N GLY E 25 -22.18 -9.66 13.39
CA GLY E 25 -22.92 -8.40 13.30
C GLY E 25 -22.86 -7.60 14.59
N PRO E 26 -21.64 -7.20 14.99
CA PRO E 26 -21.45 -6.63 16.32
C PRO E 26 -22.08 -5.27 16.42
N SER E 27 -22.44 -4.90 17.65
CA SER E 27 -22.96 -3.55 17.93
C SER E 27 -21.82 -2.54 17.89
N ILE E 28 -22.17 -1.26 17.85
CA ILE E 28 -21.20 -0.17 17.99
C ILE E 28 -20.70 -0.26 19.43
N ASN E 29 -19.55 -0.89 19.61
CA ASN E 29 -19.14 -1.33 20.93
C ASN E 29 -17.82 -0.70 21.38
N GLY E 30 -17.30 0.21 20.57
CA GLY E 30 -16.01 0.83 20.81
C GLY E 30 -16.12 2.32 21.07
N PHE E 31 -15.80 2.73 22.28
CA PHE E 31 -15.95 4.12 22.72
C PHE E 31 -14.64 4.89 22.55
N ILE E 32 -14.77 6.11 22.01
CA ILE E 32 -13.74 7.16 22.08
C ILE E 32 -14.41 8.45 22.59
N ASN E 33 -13.79 9.10 23.57
CA ASN E 33 -14.39 10.26 24.25
C ASN E 33 -15.83 9.99 24.69
N ASP E 34 -16.04 8.87 25.37
CA ASP E 34 -17.36 8.49 25.92
C ASP E 34 -18.52 8.50 24.92
N THR E 35 -18.20 8.29 23.64
CA THR E 35 -19.21 8.14 22.58
C THR E 35 -18.91 6.84 21.85
N PRO E 36 -19.93 5.97 21.65
CA PRO E 36 -19.75 4.81 20.79
C PRO E 36 -19.55 5.25 19.36
N VAL E 37 -18.54 4.71 18.70
CA VAL E 37 -18.23 5.13 17.33
C VAL E 37 -17.68 4.02 16.44
N ILE E 38 -16.96 3.04 16.99
CA ILE E 38 -16.40 1.94 16.20
C ILE E 38 -17.16 0.66 16.47
N ARG E 39 -17.48 -0.05 15.39
CA ARG E 39 -18.12 -1.36 15.44
C ARG E 39 -17.01 -2.40 15.43
N CYS E 40 -16.74 -3.01 16.58
CA CYS E 40 -15.64 -3.95 16.70
C CYS E 40 -16.12 -5.38 16.68
N PHE E 41 -15.67 -6.14 15.70
CA PHE E 41 -15.82 -7.59 15.73
C PHE E 41 -14.54 -8.15 16.34
N ILE E 42 -14.67 -8.84 17.45
CA ILE E 42 -13.50 -9.37 18.13
C ILE E 42 -13.75 -10.81 18.54
N CYS E 43 -12.80 -11.66 18.21
CA CYS E 43 -12.92 -13.07 18.50
C CYS E 43 -11.61 -13.59 19.09
N LEU E 44 -11.67 -14.10 20.31
CA LEU E 44 -10.50 -14.65 20.96
C LEU E 44 -10.64 -16.19 21.09
N THR E 45 -9.90 -16.92 20.26
CA THR E 45 -10.00 -18.37 20.24
C THR E 45 -8.78 -18.99 20.85
N ARG E 46 -8.97 -19.73 21.94
CA ARG E 46 -7.90 -20.45 22.60
C ARG E 46 -8.00 -21.92 22.19
N ASP E 47 -6.93 -22.45 21.62
CA ASP E 47 -6.85 -23.87 21.32
C ASP E 47 -5.94 -24.54 22.35
N SER E 48 -4.96 -25.36 21.96
CA SER E 48 -4.21 -26.12 22.96
C SER E 48 -3.38 -25.22 23.86
N ASN E 49 -2.71 -24.22 23.27
CA ASN E 49 -1.78 -23.37 24.00
C ASN E 49 -1.87 -21.89 23.63
N LEU E 50 -2.02 -21.57 22.35
CA LEU E 50 -2.04 -20.17 21.90
C LEU E 50 -3.45 -19.65 21.78
N VAL E 51 -3.61 -18.34 21.93
CA VAL E 51 -4.89 -17.66 21.64
C VAL E 51 -4.71 -16.93 20.33
N THR E 52 -5.66 -17.09 19.42
CA THR E 52 -5.66 -16.31 18.19
C THR E 52 -6.68 -15.23 18.31
N VAL E 53 -6.25 -14.00 18.13
CA VAL E 53 -7.14 -12.85 18.05
C VAL E 53 -7.50 -12.67 16.60
N ASN E 54 -8.78 -12.76 16.29
CA ASN E 54 -9.28 -12.50 14.95
C ASN E 54 -10.25 -11.35 15.07
N ALA E 55 -9.96 -10.22 14.42
CA ALA E 55 -10.72 -8.98 14.66
C ALA E 55 -10.84 -8.12 13.41
N SER E 56 -11.92 -7.37 13.34
CA SER E 56 -12.16 -6.40 12.27
C SER E 56 -13.01 -5.26 12.82
N PHE E 57 -12.90 -4.11 12.17
CA PHE E 57 -13.53 -2.89 12.69
C PHE E 57 -14.20 -2.09 11.58
N VAL E 58 -15.33 -1.49 11.94
CA VAL E 58 -16.05 -0.62 11.04
C VAL E 58 -16.44 0.67 11.76
N GLY E 59 -15.99 1.79 11.23
CA GLY E 59 -16.29 3.09 11.83
C GLY E 59 -17.70 3.55 11.54
N GLU E 60 -18.28 4.29 12.49
CA GLU E 60 -19.62 4.85 12.36
C GLU E 60 -19.63 6.31 12.74
N GLY E 61 -20.69 7.01 12.32
CA GLY E 61 -20.84 8.42 12.63
C GLY E 61 -19.69 9.22 12.05
N GLY E 62 -19.06 10.02 12.89
CA GLY E 62 -17.89 10.81 12.49
C GLY E 62 -16.69 9.97 12.10
N TYR E 63 -16.68 8.72 12.55
CA TYR E 63 -15.62 7.78 12.22
C TYR E 63 -15.94 6.88 11.03
N ARG E 64 -17.01 7.15 10.29
CA ARG E 64 -17.32 6.34 9.11
C ARG E 64 -16.25 6.53 8.05
N ILE E 65 -15.87 7.78 7.81
CA ILE E 65 -14.74 8.10 6.95
C ILE E 65 -13.65 8.71 7.82
N VAL E 66 -12.43 8.22 7.66
CA VAL E 66 -11.24 8.78 8.30
C VAL E 66 -10.32 9.42 7.26
N SER E 67 -9.68 10.52 7.63
CA SER E 67 -8.78 11.24 6.72
C SER E 67 -7.33 11.09 7.21
N PRO E 68 -6.35 11.44 6.35
CA PRO E 68 -4.96 11.29 6.73
C PRO E 68 -4.53 12.09 7.96
N THR E 69 -5.28 13.14 8.32
CA THR E 69 -4.99 13.91 9.53
C THR E 69 -5.64 13.33 10.79
N GLN E 70 -6.34 12.20 10.65
CA GLN E 70 -6.94 11.53 11.81
C GLN E 70 -5.87 11.25 12.86
N SER E 71 -6.13 11.61 14.11
CA SER E 71 -5.18 11.35 15.16
C SER E 71 -5.34 9.91 15.63
N GLN E 72 -4.23 9.31 16.04
CA GLN E 72 -4.20 7.92 16.47
C GLN E 72 -5.00 7.68 17.74
N PHE E 73 -5.42 6.44 17.98
CA PHE E 73 -6.19 6.10 19.18
C PHE E 73 -6.12 4.62 19.59
N SER E 74 -6.39 4.37 20.86
CA SER E 74 -6.37 3.02 21.44
C SER E 74 -7.77 2.56 21.88
N LEU E 75 -8.12 1.34 21.52
CA LEU E 75 -9.30 0.69 22.06
C LEU E 75 -8.82 -0.41 23.02
N ILE E 76 -8.96 -0.16 24.32
CA ILE E 76 -8.45 -1.08 25.33
C ILE E 76 -9.57 -1.94 25.85
N MET E 77 -9.37 -3.26 25.83
CA MET E 77 -10.23 -4.21 26.57
C MET E 77 -9.56 -4.49 27.92
N GLU E 78 -10.30 -4.31 29.01
CA GLU E 78 -9.78 -4.61 30.35
C GLU E 78 -10.48 -5.83 30.89
N PHE E 79 -9.69 -6.80 31.34
CA PHE E 79 -10.21 -8.02 31.95
C PHE E 79 -9.76 -8.19 33.40
N ASP E 80 -10.63 -8.78 34.21
CA ASP E 80 -10.26 -9.13 35.57
C ASP E 80 -9.41 -10.42 35.62
N GLN E 81 -9.04 -10.82 36.84
CA GLN E 81 -8.16 -11.97 37.03
C GLN E 81 -8.78 -13.33 36.61
N PHE E 82 -10.10 -13.35 36.39
CA PHE E 82 -10.80 -14.56 35.97
C PHE E 82 -11.20 -14.56 34.51
N GLY E 83 -10.68 -13.59 33.75
CA GLY E 83 -10.98 -13.49 32.32
C GLY E 83 -12.33 -12.88 31.98
N GLN E 84 -12.96 -12.23 32.93
CA GLN E 84 -14.23 -11.56 32.67
C GLN E 84 -13.95 -10.11 32.24
N LEU E 85 -14.55 -9.72 31.12
CA LEU E 85 -14.40 -8.36 30.59
C LEU E 85 -15.00 -7.35 31.56
N MET E 86 -14.22 -6.32 31.89
CA MET E 86 -14.64 -5.29 32.81
C MET E 86 -15.40 -4.17 32.11
N SER E 87 -16.05 -3.31 32.90
CA SER E 87 -16.87 -2.23 32.39
C SER E 87 -16.07 -1.00 31.97
N THR E 88 -14.78 -0.95 32.32
CA THR E 88 -14.03 0.32 32.28
C THR E 88 -13.24 0.61 30.98
N GLY E 89 -13.03 -0.39 30.16
CA GLY E 89 -12.27 -0.20 28.91
C GLY E 89 -13.05 0.48 27.80
N ASN E 90 -12.36 0.77 26.69
CA ASN E 90 -13.02 1.33 25.50
C ASN E 90 -14.01 0.36 24.90
N ILE E 91 -13.67 -0.92 25.01
CA ILE E 91 -14.58 -2.02 24.68
C ILE E 91 -14.85 -2.72 26.01
N ASN E 92 -16.12 -2.88 26.37
CA ASN E 92 -16.45 -3.24 27.73
C ASN E 92 -17.73 -4.07 27.91
N SER E 93 -17.98 -4.50 29.14
CA SER E 93 -19.08 -5.39 29.45
C SER E 93 -20.47 -4.78 29.23
N THR E 94 -20.56 -3.49 28.93
CA THR E 94 -21.86 -2.91 28.57
C THR E 94 -22.36 -3.35 27.18
N THR E 95 -21.50 -3.96 26.37
CA THR E 95 -21.94 -4.50 25.08
C THR E 95 -21.88 -6.02 25.03
N THR E 96 -22.55 -6.59 24.03
CA THR E 96 -22.65 -8.04 23.88
C THR E 96 -21.27 -8.68 23.75
N TRP E 97 -20.96 -9.56 24.70
CA TRP E 97 -19.68 -10.25 24.76
C TRP E 97 -19.86 -11.54 25.52
N GLY E 98 -19.21 -12.60 25.06
CA GLY E 98 -19.32 -13.88 25.73
C GLY E 98 -18.74 -15.06 24.97
N GLU E 99 -19.12 -16.27 25.39
CA GLU E 99 -18.56 -17.50 24.83
C GLU E 99 -19.34 -17.94 23.59
N LYS E 100 -18.62 -18.42 22.59
CA LYS E 100 -19.24 -19.03 21.41
C LYS E 100 -19.25 -20.52 21.61
N PRO E 101 -20.45 -21.12 21.73
CA PRO E 101 -20.49 -22.57 21.72
C PRO E 101 -20.08 -23.12 20.36
N TRP E 102 -19.36 -24.24 20.36
CA TRP E 102 -19.14 -24.98 19.13
C TRP E 102 -20.50 -25.38 18.59
N GLY E 103 -20.75 -25.08 17.32
CA GLY E 103 -21.98 -25.48 16.69
C GLY E 103 -22.99 -24.40 16.40
N ASN E 104 -22.85 -23.22 17.00
CA ASN E 104 -23.74 -22.11 16.66
C ASN E 104 -23.08 -20.73 16.85
N ASN E 105 -23.82 -19.69 16.50
CA ASN E 105 -23.28 -18.34 16.55
C ASN E 105 -23.87 -17.51 17.70
N THR E 106 -24.33 -18.16 18.76
CA THR E 106 -24.84 -17.45 19.93
C THR E 106 -23.69 -16.84 20.71
N VAL E 107 -24.01 -15.93 21.62
CA VAL E 107 -23.02 -15.36 22.56
C VAL E 107 -23.50 -15.67 23.97
N GLN E 108 -22.76 -16.51 24.67
CA GLN E 108 -23.16 -16.96 26.00
C GLN E 108 -22.45 -16.12 27.07
N PRO E 109 -23.24 -15.33 27.84
CA PRO E 109 -22.68 -14.34 28.73
C PRO E 109 -22.33 -14.90 30.09
N ARG E 110 -22.87 -16.06 30.44
CA ARG E 110 -22.64 -16.64 31.76
C ARG E 110 -21.18 -17.08 31.91
N PRO E 111 -20.44 -16.43 32.83
CA PRO E 111 -19.01 -16.66 32.91
C PRO E 111 -18.63 -18.06 33.37
N SER E 112 -17.44 -18.50 32.99
CA SER E 112 -16.94 -19.79 33.36
C SER E 112 -15.46 -19.65 33.71
N HIS E 113 -14.97 -20.57 34.54
CA HIS E 113 -13.55 -20.64 34.88
C HIS E 113 -12.65 -20.83 33.66
N THR E 114 -13.18 -21.47 32.61
CA THR E 114 -12.43 -21.67 31.35
C THR E 114 -12.10 -20.36 30.61
N TRP E 115 -12.82 -19.28 30.92
CA TRP E 115 -12.61 -17.99 30.25
C TRP E 115 -11.21 -17.43 30.46
N LYS E 116 -10.61 -17.75 31.62
CA LYS E 116 -9.24 -17.36 31.91
C LYS E 116 -8.26 -17.84 30.84
N LEU E 117 -8.55 -18.97 30.21
CA LEU E 117 -7.67 -19.53 29.18
C LEU E 117 -7.51 -18.66 27.94
N CYS E 118 -8.41 -17.70 27.74
CA CYS E 118 -8.28 -16.77 26.62
C CYS E 118 -7.41 -15.55 26.98
N MET E 119 -7.01 -15.42 28.23
CA MET E 119 -6.20 -14.28 28.63
C MET E 119 -4.72 -14.50 28.30
N PRO E 120 -3.98 -13.41 28.08
CA PRO E 120 -2.54 -13.48 27.85
C PRO E 120 -1.75 -13.87 29.10
N ASN E 121 -1.12 -15.03 29.03
CA ASN E 121 -0.30 -15.58 30.11
C ASN E 121 0.50 -14.53 30.87
N ARG E 122 0.17 -14.30 32.14
CA ARG E 122 0.74 -13.16 32.85
C ARG E 122 2.21 -13.34 33.24
N GLU E 123 2.70 -14.58 33.21
CA GLU E 123 4.13 -14.81 33.42
C GLU E 123 4.89 -14.56 32.13
N VAL E 124 4.37 -15.06 31.02
CA VAL E 124 5.00 -14.82 29.72
C VAL E 124 5.00 -13.31 29.43
N TYR E 125 3.86 -12.65 29.65
CA TYR E 125 3.70 -11.23 29.37
C TYR E 125 3.69 -10.43 30.68
N SER E 126 4.73 -10.64 31.49
CA SER E 126 4.87 -9.89 32.74
C SER E 126 5.27 -8.42 32.50
N THR E 127 5.78 -8.13 31.31
CA THR E 127 5.92 -6.75 30.86
C THR E 127 5.28 -6.71 29.48
N PRO E 128 4.76 -5.54 29.07
CA PRO E 128 3.92 -5.50 27.87
C PRO E 128 4.64 -5.92 26.58
N ALA E 129 3.92 -6.67 25.72
CA ALA E 129 4.41 -7.11 24.44
C ALA E 129 3.52 -6.48 23.38
N ALA E 130 3.99 -6.41 22.14
CA ALA E 130 3.25 -5.77 21.06
C ALA E 130 3.46 -6.39 19.71
N THR E 131 2.45 -6.31 18.86
CA THR E 131 2.62 -6.63 17.43
C THR E 131 1.97 -5.55 16.57
N ILE E 132 2.79 -4.91 15.74
CA ILE E 132 2.27 -3.91 14.82
C ILE E 132 2.10 -4.51 13.42
N SER E 133 0.84 -4.70 13.02
CA SER E 133 0.52 -5.17 11.66
C SER E 133 0.01 -4.06 10.77
N ARG E 134 0.23 -4.25 9.48
CA ARG E 134 -0.49 -3.52 8.44
C ARG E 134 -1.98 -3.77 8.59
N CYS E 135 -2.76 -2.75 8.25
CA CYS E 135 -4.19 -2.81 8.40
C CYS E 135 -4.87 -2.09 7.24
N GLY E 136 -5.23 -2.84 6.21
CA GLY E 136 -5.88 -2.29 5.04
C GLY E 136 -7.25 -1.72 5.38
N LEU E 137 -7.60 -0.63 4.69
CA LEU E 137 -8.93 -0.03 4.83
C LEU E 137 -9.67 -0.12 3.50
N ASP E 138 -10.95 -0.46 3.56
CA ASP E 138 -11.83 -0.59 2.38
C ASP E 138 -11.14 -1.33 1.23
N SER E 139 -10.44 -2.40 1.57
CA SER E 139 -9.49 -3.01 0.66
C SER E 139 -10.09 -3.60 -0.62
N ILE E 140 -11.30 -4.17 -0.53
CA ILE E 140 -11.95 -4.70 -1.73
C ILE E 140 -12.29 -3.56 -2.70
N ALA E 141 -12.94 -2.51 -2.19
CA ALA E 141 -13.38 -1.37 -2.99
C ALA E 141 -12.23 -0.61 -3.64
N VAL E 142 -11.15 -0.38 -2.89
CA VAL E 142 -10.00 0.37 -3.41
C VAL E 142 -8.99 -0.56 -4.11
N ASP E 143 -9.36 -1.83 -4.23
CA ASP E 143 -8.52 -2.88 -4.82
C ASP E 143 -7.11 -2.95 -4.24
N GLY E 144 -7.03 -2.83 -2.92
CA GLY E 144 -5.77 -2.96 -2.22
C GLY E 144 -4.70 -1.95 -2.62
N ALA E 145 -5.12 -0.75 -3.02
CA ALA E 145 -4.17 0.33 -3.32
C ALA E 145 -3.22 0.52 -2.12
N PRO E 146 -1.91 0.67 -2.38
CA PRO E 146 -0.91 0.67 -1.31
C PRO E 146 -1.09 1.79 -0.26
N SER E 147 -1.56 2.95 -0.72
CA SER E 147 -1.74 4.12 0.15
C SER E 147 -3.12 4.17 0.81
N ARG E 148 -3.75 3.00 0.97
CA ARG E 148 -5.04 2.88 1.66
C ARG E 148 -4.93 1.94 2.86
N SER E 149 -3.72 1.78 3.38
CA SER E 149 -3.48 1.01 4.59
C SER E 149 -3.01 1.91 5.69
N ILE E 150 -3.51 1.65 6.89
CA ILE E 150 -2.99 2.24 8.11
C ILE E 150 -2.31 1.10 8.86
N ASP E 151 -1.94 1.34 10.12
CA ASP E 151 -1.35 0.29 10.96
C ASP E 151 -2.22 0.08 12.18
N CYS E 152 -2.30 -1.17 12.61
CA CYS E 152 -2.98 -1.51 13.85
C CYS E 152 -2.02 -2.33 14.69
N MET E 153 -1.80 -1.90 15.92
CA MET E 153 -0.86 -2.55 16.82
C MET E 153 -1.63 -3.10 18.00
N LEU E 154 -1.48 -4.40 18.23
CA LEU E 154 -1.99 -5.04 19.44
C LEU E 154 -0.98 -4.85 20.56
N ILE E 155 -1.42 -4.40 21.71
CA ILE E 155 -0.56 -4.34 22.88
C ILE E 155 -1.11 -5.30 23.92
N ILE E 156 -0.28 -6.25 24.33
CA ILE E 156 -0.64 -7.31 25.26
C ILE E 156 -0.20 -6.89 26.66
N ASN E 157 -1.16 -6.83 27.61
CA ASN E 157 -0.90 -6.53 29.02
C ASN E 157 -0.20 -5.21 29.33
N LYS E 158 -0.54 -4.14 28.63
CA LYS E 158 -0.14 -2.82 29.10
C LYS E 158 -1.04 -2.49 30.30
N PRO E 159 -0.42 -2.11 31.43
CA PRO E 159 -1.24 -1.86 32.62
C PRO E 159 -2.25 -0.76 32.38
N LYS E 160 -3.43 -0.94 32.94
CA LYS E 160 -4.48 0.08 32.89
C LYS E 160 -5.45 -0.12 34.07
N GLY E 161 -5.56 0.90 34.90
CA GLY E 161 -6.46 0.86 36.03
C GLY E 161 -6.18 -0.34 36.91
N VAL E 162 -7.24 -1.05 37.28
CA VAL E 162 -7.14 -2.23 38.14
C VAL E 162 -7.29 -3.52 37.34
N ALA E 163 -7.14 -3.46 36.02
CA ALA E 163 -7.27 -4.64 35.17
C ALA E 163 -6.09 -5.57 35.42
N THR E 164 -6.33 -6.87 35.32
CA THR E 164 -5.28 -7.87 35.46
C THR E 164 -4.71 -8.21 34.08
N TYR E 165 -5.57 -8.32 33.09
CA TYR E 165 -5.15 -8.51 31.72
C TYR E 165 -5.70 -7.39 30.84
N THR E 166 -4.95 -6.99 29.82
CA THR E 166 -5.45 -6.02 28.85
C THR E 166 -5.08 -6.39 27.42
N LEU E 167 -5.97 -6.05 26.50
CA LEU E 167 -5.70 -6.16 25.08
C LEU E 167 -6.04 -4.83 24.46
N THR E 168 -5.09 -4.24 23.74
CA THR E 168 -5.29 -2.92 23.15
C THR E 168 -5.12 -2.97 21.65
N PHE E 169 -6.15 -2.55 20.92
CA PHE E 169 -6.03 -2.29 19.48
C PHE E 169 -5.75 -0.83 19.30
N ARG E 170 -4.53 -0.50 18.88
CA ARG E 170 -4.13 0.88 18.71
C ARG E 170 -3.95 1.16 17.22
N PHE E 171 -4.70 2.14 16.71
CA PHE E 171 -4.71 2.47 15.29
C PHE E 171 -3.81 3.66 15.04
N LEU E 172 -2.86 3.50 14.12
CA LEU E 172 -1.75 4.44 13.97
C LEU E 172 -1.44 4.75 12.52
N ASN E 173 -0.71 5.84 12.34
CA ASN E 173 -0.16 6.23 11.05
C ASN E 173 -1.22 6.44 9.97
N PHE E 174 -2.27 7.18 10.32
CA PHE E 174 -3.30 7.53 9.34
C PHE E 174 -2.74 8.37 8.22
N ASN E 175 -1.67 9.11 8.51
CA ASN E 175 -1.02 9.96 7.50
C ASN E 175 -0.38 9.18 6.33
N ARG E 176 -0.40 7.86 6.38
CA ARG E 176 -0.13 7.03 5.20
C ARG E 176 -1.21 7.13 4.12
N LEU E 177 -2.42 7.47 4.53
CA LEU E 177 -3.54 7.47 3.62
C LEU E 177 -3.42 8.59 2.58
N SER E 178 -3.70 8.26 1.33
CA SER E 178 -3.65 9.23 0.23
C SER E 178 -4.81 10.21 0.31
N GLY E 179 -5.88 9.82 1.00
CA GLY E 179 -7.04 10.69 1.17
C GLY E 179 -8.10 10.07 2.04
N GLY E 180 -9.26 10.71 2.09
CA GLY E 180 -10.37 10.24 2.91
C GLY E 180 -10.71 8.80 2.53
N THR E 181 -10.83 7.94 3.52
CA THR E 181 -11.05 6.52 3.27
C THR E 181 -12.08 5.95 4.24
N LEU E 182 -12.96 5.11 3.70
CA LEU E 182 -13.99 4.44 4.50
C LEU E 182 -13.30 3.60 5.55
N PHE E 183 -13.63 3.80 6.82
CA PHE E 183 -12.93 3.12 7.89
C PHE E 183 -13.48 1.73 8.09
N LYS E 184 -13.17 0.87 7.14
CA LYS E 184 -13.69 -0.49 7.07
C LYS E 184 -12.48 -1.39 6.98
N THR E 185 -11.99 -1.85 8.14
CA THR E 185 -10.69 -2.52 8.22
C THR E 185 -10.75 -3.93 7.65
N ASP E 186 -9.57 -4.43 7.30
CA ASP E 186 -9.38 -5.83 7.00
C ASP E 186 -9.64 -6.71 8.23
N VAL E 187 -9.68 -8.01 8.00
CA VAL E 187 -9.65 -8.97 9.10
C VAL E 187 -8.20 -9.06 9.59
N LEU E 188 -7.99 -8.73 10.84
CA LEU E 188 -6.66 -8.76 11.44
C LEU E 188 -6.49 -10.00 12.30
N THR E 189 -5.28 -10.55 12.32
CA THR E 189 -4.98 -11.75 13.10
C THR E 189 -3.70 -11.58 13.94
N PHE E 190 -3.82 -11.76 15.24
CA PHE E 190 -2.67 -11.79 16.13
C PHE E 190 -2.65 -13.09 16.94
N THR E 191 -1.57 -13.29 17.68
CA THR E 191 -1.35 -14.55 18.39
C THR E 191 -0.58 -14.28 19.66
N TYR E 192 -1.01 -14.88 20.77
CA TYR E 192 -0.25 -14.82 22.02
C TYR E 192 -0.44 -16.08 22.88
N VAL E 193 0.46 -16.31 23.82
CA VAL E 193 0.40 -17.52 24.66
C VAL E 193 -0.68 -17.37 25.72
N GLY E 194 -1.55 -18.35 25.81
CA GLY E 194 -2.70 -18.28 26.70
C GLY E 194 -2.34 -18.53 28.15
N GLU E 195 -3.21 -18.07 29.05
CA GLU E 195 -3.00 -18.25 30.48
C GLU E 195 -3.29 -19.68 30.91
N ASN E 196 -2.60 -20.14 31.95
CA ASN E 196 -2.82 -21.48 32.45
C ASN E 196 -4.01 -21.49 33.41
N GLN E 197 -4.81 -22.55 33.36
CA GLN E 197 -5.98 -22.70 34.23
C GLN E 197 -5.63 -22.51 35.71
N ALA F 16 -3.29 -35.65 18.92
CA ALA F 16 -3.06 -34.84 20.15
C ALA F 16 -2.08 -33.71 19.83
N PRO F 17 -2.24 -32.56 20.51
CA PRO F 17 -1.41 -31.37 20.28
C PRO F 17 -0.19 -31.37 21.18
N ILE F 18 0.75 -30.50 20.90
CA ILE F 18 2.02 -30.48 21.62
C ILE F 18 2.74 -29.15 21.37
N THR F 19 3.34 -28.60 22.42
CA THR F 19 4.06 -27.34 22.36
C THR F 19 5.50 -27.51 22.86
N LEU F 20 6.46 -27.13 22.04
CA LEU F 20 7.86 -27.01 22.47
C LEU F 20 8.19 -25.54 22.63
N TRP F 21 8.93 -25.18 23.67
CA TRP F 21 9.28 -23.77 23.88
C TRP F 21 10.49 -23.54 24.78
N THR F 22 10.90 -22.27 24.82
CA THR F 22 12.02 -21.81 25.68
C THR F 22 11.59 -21.59 27.11
N GLY F 23 10.28 -21.51 27.36
CA GLY F 23 9.74 -21.12 28.66
C GLY F 23 9.61 -19.61 28.71
N PRO F 24 8.96 -19.09 29.76
CA PRO F 24 8.85 -17.64 29.93
C PRO F 24 10.18 -17.12 30.43
N GLY F 25 10.41 -15.81 30.32
CA GLY F 25 11.66 -15.21 30.79
C GLY F 25 12.87 -15.97 30.28
N PRO F 26 13.03 -16.06 28.95
CA PRO F 26 14.08 -16.90 28.40
C PRO F 26 15.47 -16.38 28.70
N SER F 27 16.43 -17.30 28.71
CA SER F 27 17.85 -16.99 28.84
C SER F 27 18.39 -16.38 27.56
N ILE F 28 19.55 -15.74 27.65
CA ILE F 28 20.24 -15.28 26.46
C ILE F 28 20.69 -16.52 25.72
N ASN F 29 19.92 -16.93 24.73
CA ASN F 29 20.06 -18.25 24.12
C ASN F 29 20.33 -18.20 22.62
N GLY F 30 20.64 -17.02 22.07
CA GLY F 30 20.85 -16.86 20.62
C GLY F 30 22.25 -16.37 20.31
N PHE F 31 23.10 -17.25 19.80
CA PHE F 31 24.48 -16.88 19.52
C PHE F 31 24.71 -16.32 18.11
N ILE F 32 25.41 -15.20 18.05
CA ILE F 32 26.11 -14.73 16.86
C ILE F 32 27.60 -14.77 17.25
N ASN F 33 28.42 -15.43 16.44
CA ASN F 33 29.87 -15.47 16.65
C ASN F 33 30.30 -16.06 17.98
N ASP F 34 29.63 -17.11 18.42
CA ASP F 34 30.02 -17.80 19.66
C ASP F 34 29.85 -16.96 20.97
N THR F 35 29.04 -15.91 20.90
CA THR F 35 28.68 -15.12 22.09
C THR F 35 27.16 -15.05 22.20
N PRO F 36 26.60 -15.44 23.35
CA PRO F 36 25.16 -15.25 23.49
C PRO F 36 24.85 -13.78 23.52
N VAL F 37 23.95 -13.35 22.65
CA VAL F 37 23.66 -11.92 22.51
C VAL F 37 22.18 -11.60 22.33
N ILE F 38 21.40 -12.57 21.87
CA ILE F 38 19.97 -12.35 21.74
C ILE F 38 19.21 -13.27 22.67
N ARG F 39 18.20 -12.69 23.33
CA ARG F 39 17.34 -13.38 24.26
C ARG F 39 16.10 -13.80 23.50
N CYS F 40 16.02 -15.05 23.11
CA CYS F 40 14.96 -15.53 22.19
C CYS F 40 13.84 -16.21 22.92
N PHE F 41 12.63 -15.67 22.85
CA PHE F 41 11.47 -16.38 23.28
C PHE F 41 10.87 -17.08 22.07
N ILE F 42 10.81 -18.40 22.11
CA ILE F 42 10.35 -19.17 20.97
C ILE F 42 9.39 -20.24 21.43
N CYS F 43 8.26 -20.31 20.76
CA CYS F 43 7.21 -21.24 21.15
C CYS F 43 6.65 -21.86 19.88
N LEU F 44 6.77 -23.18 19.77
CA LEU F 44 6.28 -23.94 18.61
C LEU F 44 5.07 -24.78 19.02
N THR F 45 3.86 -24.32 18.69
CA THR F 45 2.65 -25.01 19.10
C THR F 45 2.05 -25.76 17.92
N ARG F 46 1.93 -27.07 18.06
CA ARG F 46 1.28 -27.92 17.07
C ARG F 46 -0.13 -28.21 17.56
N ASP F 47 -1.12 -27.91 16.72
CA ASP F 47 -2.49 -28.33 17.01
C ASP F 47 -2.84 -29.51 16.07
N SER F 48 -3.95 -29.47 15.36
CA SER F 48 -4.39 -30.64 14.58
C SER F 48 -3.43 -30.93 13.43
N ASN F 49 -3.03 -29.89 12.70
CA ASN F 49 -2.22 -30.07 11.52
C ASN F 49 -1.10 -29.04 11.33
N LEU F 50 -1.35 -27.78 11.67
CA LEU F 50 -0.35 -26.73 11.48
C LEU F 50 0.43 -26.50 12.75
N VAL F 51 1.65 -25.98 12.60
CA VAL F 51 2.44 -25.51 13.73
C VAL F 51 2.42 -24.00 13.67
N THR F 52 2.15 -23.35 14.80
CA THR F 52 2.28 -21.90 14.87
C THR F 52 3.55 -21.56 15.58
N VAL F 53 4.40 -20.79 14.92
CA VAL F 53 5.58 -20.23 15.57
C VAL F 53 5.18 -18.90 16.18
N ASN F 54 5.35 -18.77 17.49
CA ASN F 54 5.14 -17.51 18.17
C ASN F 54 6.47 -17.18 18.83
N ALA F 55 7.06 -16.06 18.44
CA ALA F 55 8.41 -15.73 18.93
C ALA F 55 8.62 -14.25 19.14
N SER F 56 9.55 -13.92 20.03
CA SER F 56 9.96 -12.52 20.23
C SER F 56 11.40 -12.50 20.69
N PHE F 57 12.07 -11.39 20.47
CA PHE F 57 13.51 -11.31 20.69
C PHE F 57 13.90 -10.03 21.42
N VAL F 58 14.88 -10.14 22.32
CA VAL F 58 15.42 -8.98 22.99
C VAL F 58 16.94 -9.05 22.95
N GLY F 59 17.57 -8.03 22.37
CA GLY F 59 19.01 -7.99 22.26
C GLY F 59 19.67 -7.61 23.58
N GLU F 60 20.87 -8.13 23.81
CA GLU F 60 21.64 -7.85 25.02
C GLU F 60 23.09 -7.52 24.66
N GLY F 61 23.80 -6.88 25.60
CA GLY F 61 25.19 -6.49 25.40
C GLY F 61 25.30 -5.53 24.24
N GLY F 62 26.17 -5.84 23.29
CA GLY F 62 26.36 -5.01 22.10
C GLY F 62 25.15 -4.97 21.18
N TYR F 63 24.28 -5.97 21.33
CA TYR F 63 23.01 -6.04 20.61
C TYR F 63 21.81 -5.44 21.37
N ARG F 64 22.03 -4.73 22.47
CA ARG F 64 20.88 -4.10 23.16
C ARG F 64 20.29 -3.00 22.29
N ILE F 65 21.15 -2.18 21.70
CA ILE F 65 20.77 -1.19 20.71
C ILE F 65 21.37 -1.60 19.36
N VAL F 66 20.54 -1.58 18.33
CA VAL F 66 21.00 -1.78 16.96
C VAL F 66 20.85 -0.49 16.18
N SER F 67 21.77 -0.24 15.27
CA SER F 67 21.71 0.97 14.44
C SER F 67 21.39 0.57 12.98
N PRO F 68 20.97 1.54 12.15
CA PRO F 68 20.66 1.25 10.76
C PRO F 68 21.78 0.56 9.95
N THR F 69 23.03 0.70 10.38
CA THR F 69 24.15 0.08 9.69
C THR F 69 24.40 -1.36 10.16
N GLN F 70 23.57 -1.85 11.10
CA GLN F 70 23.69 -3.23 11.58
C GLN F 70 23.57 -4.22 10.44
N SER F 71 24.53 -5.14 10.34
CA SER F 71 24.51 -6.10 9.25
C SER F 71 23.57 -7.23 9.63
N GLN F 72 22.89 -7.78 8.62
CA GLN F 72 21.87 -8.81 8.80
C GLN F 72 22.44 -10.11 9.36
N PHE F 73 21.58 -10.92 9.97
CA PHE F 73 22.02 -12.22 10.55
C PHE F 73 20.92 -13.26 10.67
N SER F 74 21.34 -14.52 10.74
CA SER F 74 20.44 -15.66 10.90
C SER F 74 20.64 -16.35 12.23
N LEU F 75 19.54 -16.62 12.93
CA LEU F 75 19.56 -17.49 14.10
C LEU F 75 18.90 -18.82 13.70
N ILE F 76 19.72 -19.86 13.50
CA ILE F 76 19.25 -21.17 13.03
C ILE F 76 19.03 -22.13 14.19
N MET F 77 17.84 -22.73 14.23
CA MET F 77 17.58 -23.87 15.11
C MET F 77 17.71 -25.14 14.27
N GLU F 78 18.56 -26.06 14.71
CA GLU F 78 18.80 -27.33 14.03
C GLU F 78 18.20 -28.46 14.84
N PHE F 79 17.33 -29.25 14.21
CA PHE F 79 16.66 -30.38 14.84
C PHE F 79 17.01 -31.69 14.15
N ASP F 80 17.14 -32.75 14.94
CA ASP F 80 17.34 -34.10 14.41
C ASP F 80 16.03 -34.69 13.88
N GLN F 81 16.10 -35.91 13.36
CA GLN F 81 14.94 -36.51 12.71
C GLN F 81 13.78 -36.82 13.65
N PHE F 82 14.03 -36.80 14.97
CA PHE F 82 13.00 -37.09 15.96
C PHE F 82 12.47 -35.82 16.67
N GLY F 83 12.81 -34.65 16.14
CA GLY F 83 12.35 -33.37 16.68
C GLY F 83 13.12 -32.86 17.89
N GLN F 84 14.27 -33.45 18.18
CA GLN F 84 15.10 -32.99 19.31
C GLN F 84 16.05 -31.91 18.83
N LEU F 85 16.05 -30.78 19.53
CA LEU F 85 16.92 -29.65 19.21
C LEU F 85 18.39 -30.05 19.39
N MET F 86 19.19 -29.80 18.37
CA MET F 86 20.61 -30.19 18.37
C MET F 86 21.47 -29.10 19.03
N SER F 87 22.73 -29.46 19.27
CA SER F 87 23.66 -28.56 19.92
C SER F 87 24.30 -27.54 18.98
N THR F 88 24.14 -27.73 17.68
CA THR F 88 25.00 -27.04 16.71
C THR F 88 24.47 -25.70 16.18
N GLY F 89 23.18 -25.43 16.33
CA GLY F 89 22.61 -24.19 15.79
C GLY F 89 22.92 -22.96 16.63
N ASN F 90 22.50 -21.78 16.13
CA ASN F 90 22.62 -20.53 16.86
C ASN F 90 21.78 -20.53 18.10
N ILE F 91 20.64 -21.21 18.03
CA ILE F 91 19.82 -21.49 19.18
C ILE F 91 19.90 -23.00 19.31
N ASN F 92 20.26 -23.50 20.50
CA ASN F 92 20.63 -24.90 20.63
C ASN F 92 20.37 -25.51 22.00
N SER F 93 20.61 -26.82 22.10
CA SER F 93 20.28 -27.61 23.29
C SER F 93 21.06 -27.24 24.53
N THR F 94 22.08 -26.40 24.42
CA THR F 94 22.79 -25.93 25.61
C THR F 94 21.98 -24.93 26.45
N THR F 95 20.85 -24.43 25.95
CA THR F 95 19.95 -23.58 26.74
C THR F 95 18.58 -24.25 27.01
N THR F 96 17.84 -23.71 27.96
CA THR F 96 16.57 -24.25 28.39
C THR F 96 15.58 -24.34 27.22
N TRP F 97 15.16 -25.57 26.91
CA TRP F 97 14.26 -25.86 25.79
C TRP F 97 13.51 -27.14 26.06
N GLY F 98 12.22 -27.18 25.76
CA GLY F 98 11.44 -28.40 25.97
C GLY F 98 9.94 -28.25 25.84
N GLU F 99 9.22 -29.24 26.36
CA GLU F 99 7.77 -29.29 26.21
C GLU F 99 7.05 -28.48 27.29
N LYS F 100 6.00 -27.77 26.89
CA LYS F 100 5.12 -27.07 27.81
C LYS F 100 3.93 -27.95 28.13
N PRO F 101 3.84 -28.44 29.37
CA PRO F 101 2.60 -29.11 29.72
C PRO F 101 1.40 -28.14 29.68
N TRP F 102 0.24 -28.64 29.26
CA TRP F 102 -0.97 -27.89 29.42
C TRP F 102 -1.20 -27.72 30.92
N GLY F 103 -1.42 -26.50 31.36
CA GLY F 103 -1.71 -26.26 32.77
C GLY F 103 -0.64 -25.51 33.57
N ASN F 104 0.58 -25.46 33.06
CA ASN F 104 1.62 -24.69 33.75
C ASN F 104 2.71 -24.18 32.79
N ASN F 105 3.66 -23.43 33.34
CA ASN F 105 4.72 -22.77 32.56
C ASN F 105 6.07 -23.47 32.67
N THR F 106 6.09 -24.74 33.04
CA THR F 106 7.36 -25.47 33.15
C THR F 106 7.90 -25.78 31.77
N VAL F 107 9.18 -26.16 31.72
CA VAL F 107 9.83 -26.61 30.50
C VAL F 107 10.29 -28.04 30.76
N GLN F 108 9.69 -28.99 30.05
CA GLN F 108 9.99 -30.39 30.27
C GLN F 108 11.02 -30.87 29.23
N PRO F 109 12.24 -31.18 29.67
CA PRO F 109 13.34 -31.54 28.78
C PRO F 109 13.33 -32.99 28.28
N ARG F 110 12.58 -33.85 28.95
CA ARG F 110 12.58 -35.27 28.61
C ARG F 110 11.90 -35.48 27.25
N PRO F 111 12.66 -35.93 26.25
CA PRO F 111 12.11 -36.02 24.90
C PRO F 111 10.99 -37.04 24.77
N SER F 112 10.12 -36.82 23.79
CA SER F 112 9.05 -37.76 23.45
C SER F 112 8.91 -37.87 21.93
N HIS F 113 8.35 -38.98 21.49
CA HIS F 113 8.10 -39.18 20.07
C HIS F 113 7.16 -38.12 19.49
N THR F 114 6.29 -37.55 20.34
CA THR F 114 5.36 -36.49 19.91
C THR F 114 6.06 -35.20 19.48
N TRP F 115 7.31 -35.04 19.89
CA TRP F 115 8.07 -33.83 19.57
C TRP F 115 8.25 -33.64 18.07
N LYS F 116 8.30 -34.77 17.33
CA LYS F 116 8.39 -34.72 15.87
C LYS F 116 7.25 -33.94 15.23
N LEU F 117 6.10 -33.94 15.88
CA LEU F 117 4.91 -33.24 15.36
C LEU F 117 5.08 -31.71 15.24
N CYS F 118 6.05 -31.12 15.95
CA CYS F 118 6.33 -29.70 15.83
C CYS F 118 7.27 -29.35 14.66
N MET F 119 7.83 -30.36 14.00
CA MET F 119 8.79 -30.12 12.94
C MET F 119 8.06 -29.85 11.63
N PRO F 120 8.66 -29.06 10.74
CA PRO F 120 8.13 -28.82 9.41
C PRO F 120 8.11 -30.04 8.47
N ASN F 121 6.90 -30.47 8.13
CA ASN F 121 6.66 -31.62 7.25
C ASN F 121 7.67 -31.73 6.11
N ARG F 122 8.51 -32.75 6.15
CA ARG F 122 9.67 -32.80 5.26
C ARG F 122 9.27 -33.09 3.81
N GLU F 123 8.09 -33.65 3.59
CA GLU F 123 7.60 -33.84 2.23
C GLU F 123 7.02 -32.52 1.68
N VAL F 124 6.25 -31.81 2.50
CA VAL F 124 5.73 -30.49 2.09
C VAL F 124 6.89 -29.53 1.83
N TYR F 125 7.85 -29.50 2.76
CA TYR F 125 8.99 -28.59 2.67
C TYR F 125 10.26 -29.36 2.26
N SER F 126 10.16 -30.09 1.15
CA SER F 126 11.29 -30.83 0.61
C SER F 126 12.31 -29.90 -0.07
N THR F 127 11.92 -28.67 -0.36
CA THR F 127 12.87 -27.60 -0.68
C THR F 127 12.47 -26.42 0.19
N PRO F 128 13.45 -25.55 0.54
CA PRO F 128 13.17 -24.55 1.58
C PRO F 128 12.03 -23.58 1.23
N ALA F 129 11.22 -23.25 2.24
CA ALA F 129 10.15 -22.27 2.13
C ALA F 129 10.48 -21.10 3.04
N ALA F 130 9.85 -19.95 2.81
CA ALA F 130 10.16 -18.76 3.59
C ALA F 130 8.95 -17.85 3.81
N THR F 131 8.94 -17.13 4.92
CA THR F 131 8.00 -16.03 5.08
C THR F 131 8.71 -14.82 5.66
N ILE F 132 8.65 -13.71 4.90
CA ILE F 132 9.28 -12.46 5.32
C ILE F 132 8.20 -11.53 5.89
N SER F 133 8.20 -11.37 7.21
CA SER F 133 7.28 -10.47 7.89
C SER F 133 7.98 -9.19 8.35
N ARG F 134 7.19 -8.12 8.40
CA ARG F 134 7.55 -6.92 9.16
C ARG F 134 7.84 -7.30 10.61
N CYS F 135 8.73 -6.55 11.24
CA CYS F 135 9.13 -6.81 12.61
C CYS F 135 9.41 -5.50 13.32
N GLY F 136 8.41 -5.00 14.03
CA GLY F 136 8.56 -3.76 14.77
C GLY F 136 9.56 -3.90 15.89
N LEU F 137 10.31 -2.82 16.15
CA LEU F 137 11.26 -2.75 17.25
C LEU F 137 10.84 -1.66 18.22
N ASP F 138 10.89 -1.97 19.51
CA ASP F 138 10.51 -1.07 20.60
C ASP F 138 9.18 -0.34 20.30
N SER F 139 8.21 -1.11 19.82
CA SER F 139 7.02 -0.53 19.22
C SER F 139 6.13 0.28 20.17
N ILE F 140 6.01 -0.16 21.43
CA ILE F 140 5.21 0.58 22.42
C ILE F 140 5.86 1.93 22.68
N ALA F 141 7.16 1.92 22.97
CA ALA F 141 7.91 3.14 23.31
C ALA F 141 7.96 4.17 22.17
N VAL F 142 8.17 3.70 20.94
CA VAL F 142 8.28 4.58 19.79
C VAL F 142 6.92 4.84 19.16
N ASP F 143 5.88 4.30 19.80
CA ASP F 143 4.49 4.44 19.31
C ASP F 143 4.32 4.01 17.87
N GLY F 144 4.95 2.90 17.51
CA GLY F 144 4.80 2.30 16.19
C GLY F 144 5.21 3.19 15.04
N ALA F 145 6.15 4.10 15.28
CA ALA F 145 6.69 4.95 14.20
C ALA F 145 7.12 4.05 13.03
N PRO F 146 6.77 4.46 11.79
CA PRO F 146 6.97 3.59 10.60
C PRO F 146 8.43 3.23 10.31
N SER F 147 9.35 4.14 10.63
CA SER F 147 10.77 3.89 10.41
C SER F 147 11.48 3.24 11.62
N ARG F 148 10.73 2.48 12.42
CA ARG F 148 11.29 1.73 13.54
C ARG F 148 11.00 0.24 13.39
N SER F 149 10.74 -0.19 12.16
CA SER F 149 10.53 -1.60 11.84
C SER F 149 11.68 -2.11 11.01
N ILE F 150 12.12 -3.32 11.30
CA ILE F 150 12.99 -4.07 10.40
C ILE F 150 12.16 -5.22 9.83
N ASP F 151 12.83 -6.19 9.22
CA ASP F 151 12.16 -7.38 8.73
C ASP F 151 12.74 -8.63 9.38
N CYS F 152 11.87 -9.59 9.65
CA CYS F 152 12.31 -10.90 10.09
C CYS F 152 11.71 -11.94 9.14
N MET F 153 12.57 -12.80 8.62
CA MET F 153 12.16 -13.83 7.68
C MET F 153 12.42 -15.20 8.29
N LEU F 154 11.36 -16.00 8.37
CA LEU F 154 11.46 -17.39 8.80
C LEU F 154 11.81 -18.19 7.59
N ILE F 155 12.85 -19.01 7.68
CA ILE F 155 13.17 -19.97 6.59
C ILE F 155 12.97 -21.38 7.12
N ILE F 156 12.11 -22.12 6.43
CA ILE F 156 11.75 -23.47 6.83
C ILE F 156 12.58 -24.46 6.04
N ASN F 157 13.29 -25.35 6.74
CA ASN F 157 14.09 -26.42 6.15
C ASN F 157 15.16 -26.01 5.13
N LYS F 158 15.88 -24.93 5.39
CA LYS F 158 17.10 -24.69 4.64
C LYS F 158 18.15 -25.62 5.21
N PRO F 159 18.84 -26.40 4.32
CA PRO F 159 19.79 -27.39 4.81
C PRO F 159 20.91 -26.76 5.61
N LYS F 160 21.31 -27.40 6.70
CA LYS F 160 22.43 -26.94 7.49
C LYS F 160 23.05 -28.13 8.21
N GLY F 161 24.33 -28.39 7.94
CA GLY F 161 25.07 -29.47 8.57
C GLY F 161 24.34 -30.79 8.40
N VAL F 162 24.20 -31.54 9.49
CA VAL F 162 23.53 -32.84 9.47
C VAL F 162 22.11 -32.77 10.05
N ALA F 163 21.54 -31.56 10.16
CA ALA F 163 20.20 -31.41 10.71
C ALA F 163 19.16 -31.94 9.71
N THR F 164 18.07 -32.48 10.23
CA THR F 164 17.00 -33.01 9.38
C THR F 164 15.94 -31.94 9.17
N TYR F 165 15.66 -31.17 10.22
CA TYR F 165 14.75 -30.03 10.12
C TYR F 165 15.47 -28.79 10.60
N THR F 166 15.19 -27.65 9.99
CA THR F 166 15.73 -26.38 10.48
C THR F 166 14.67 -25.28 10.47
N LEU F 167 14.79 -24.37 11.44
CA LEU F 167 14.03 -23.14 11.44
C LEU F 167 15.02 -22.01 11.61
N THR F 168 14.92 -21.01 10.73
CA THR F 168 15.83 -19.89 10.72
C THR F 168 15.10 -18.58 10.88
N PHE F 169 15.44 -17.84 11.93
CA PHE F 169 14.97 -16.46 12.07
C PHE F 169 16.05 -15.54 11.55
N ARG F 170 15.80 -14.92 10.41
CA ARG F 170 16.79 -14.09 9.74
C ARG F 170 16.34 -12.64 9.80
N PHE F 171 17.16 -11.82 10.43
CA PHE F 171 16.81 -10.42 10.63
C PHE F 171 17.48 -9.55 9.58
N LEU F 172 16.68 -8.74 8.90
CA LEU F 172 17.07 -8.09 7.65
C LEU F 172 16.63 -6.64 7.57
N ASN F 173 17.30 -5.90 6.70
CA ASN F 173 16.89 -4.56 6.32
C ASN F 173 16.91 -3.58 7.50
N PHE F 174 17.99 -3.61 8.28
CA PHE F 174 18.17 -2.69 9.40
C PHE F 174 18.28 -1.24 8.90
N ASN F 175 18.70 -1.07 7.66
CA ASN F 175 18.78 0.26 7.04
C ASN F 175 17.46 1.00 6.92
N ARG F 176 16.34 0.32 7.15
CA ARG F 176 15.05 0.99 7.28
C ARG F 176 14.96 1.88 8.49
N LEU F 177 15.76 1.62 9.51
CA LEU F 177 15.66 2.33 10.77
C LEU F 177 16.14 3.78 10.62
N SER F 178 15.39 4.71 11.20
CA SER F 178 15.74 6.13 11.16
C SER F 178 16.91 6.45 12.07
N GLY F 179 17.18 5.58 13.03
CA GLY F 179 18.31 5.76 13.94
C GLY F 179 18.47 4.58 14.90
N GLY F 180 19.35 4.76 15.89
CA GLY F 180 19.60 3.72 16.88
C GLY F 180 18.32 3.35 17.60
N THR F 181 18.04 2.05 17.68
CA THR F 181 16.78 1.57 18.24
C THR F 181 17.01 0.39 19.18
N LEU F 182 16.29 0.40 20.29
CA LEU F 182 16.36 -0.68 21.25
C LEU F 182 15.87 -1.96 20.56
N PHE F 183 16.70 -3.02 20.56
CA PHE F 183 16.37 -4.24 19.81
C PHE F 183 15.44 -5.11 20.61
N LYS F 184 14.19 -4.66 20.69
CA LYS F 184 13.15 -5.28 21.48
C LYS F 184 12.00 -5.57 20.53
N THR F 185 12.01 -6.75 19.90
CA THR F 185 11.09 -7.01 18.77
C THR F 185 9.67 -7.16 19.22
N ASP F 186 8.76 -7.01 18.26
CA ASP F 186 7.36 -7.43 18.43
C ASP F 186 7.26 -8.93 18.65
N VAL F 187 6.04 -9.36 18.97
CA VAL F 187 5.70 -10.77 18.94
C VAL F 187 5.46 -11.13 17.47
N LEU F 188 6.25 -12.06 16.95
CA LEU F 188 6.11 -12.52 15.58
C LEU F 188 5.36 -13.84 15.52
N THR F 189 4.55 -14.00 14.47
CA THR F 189 3.78 -15.23 14.27
C THR F 189 3.94 -15.75 12.87
N PHE F 190 4.39 -17.01 12.76
CA PHE F 190 4.42 -17.71 11.48
C PHE F 190 3.64 -19.02 11.60
N THR F 191 3.46 -19.71 10.46
CA THR F 191 2.71 -20.96 10.35
C THR F 191 3.33 -21.88 9.32
N TYR F 192 3.43 -23.16 9.65
CA TYR F 192 3.81 -24.18 8.65
C TYR F 192 3.12 -25.52 8.92
N VAL F 193 3.07 -26.37 7.91
CA VAL F 193 2.43 -27.67 8.05
C VAL F 193 3.34 -28.62 8.85
N GLY F 194 2.79 -29.24 9.88
CA GLY F 194 3.55 -30.08 10.78
C GLY F 194 3.89 -31.43 10.18
N GLU F 195 4.90 -32.08 10.74
CA GLU F 195 5.32 -33.39 10.29
C GLU F 195 4.34 -34.46 10.78
N ASN F 196 4.25 -35.57 10.05
CA ASN F 196 3.39 -36.69 10.48
C ASN F 196 4.13 -37.58 11.46
N GLN F 197 3.39 -38.10 12.43
CA GLN F 197 3.97 -39.02 13.41
C GLN F 197 4.68 -40.17 12.71
N ALA G 2 1.32 90.81 3.76
CA ALA G 2 2.72 90.74 4.26
C ALA G 2 3.28 89.29 4.18
N ARG G 3 4.23 88.92 5.06
CA ARG G 3 5.01 87.66 4.97
C ARG G 3 4.24 86.32 5.20
N SER G 4 3.13 86.34 5.94
CA SER G 4 2.24 85.15 6.09
C SER G 4 0.81 85.55 6.46
N LEU G 5 -0.04 84.53 6.70
CA LEU G 5 -1.45 84.78 7.05
C LEU G 5 -1.56 85.26 8.48
N SER G 6 -2.28 86.37 8.66
CA SER G 6 -2.39 87.02 9.96
C SER G 6 -3.61 87.93 10.03
N ILE G 7 -4.05 88.24 11.26
CA ILE G 7 -5.22 89.07 11.51
C ILE G 7 -4.79 90.34 12.22
N THR G 8 -5.56 91.41 12.04
CA THR G 8 -5.26 92.70 12.63
C THR G 8 -6.00 92.85 13.96
N THR G 9 -5.25 93.29 14.98
CA THR G 9 -5.67 93.32 16.39
C THR G 9 -6.30 91.97 16.81
N PRO G 10 -5.44 90.98 17.11
CA PRO G 10 -5.93 89.63 17.45
C PRO G 10 -6.57 89.44 18.86
N GLU G 11 -6.69 90.50 19.66
CA GLU G 11 -7.38 90.42 20.96
C GLU G 11 -8.05 91.77 21.25
N GLU G 12 -9.23 91.75 21.85
CA GLU G 12 -10.08 92.94 21.88
C GLU G 12 -11.33 92.68 22.74
N MET G 13 -11.72 93.66 23.56
CA MET G 13 -13.04 93.66 24.21
C MET G 13 -14.00 94.45 23.34
N ILE G 14 -15.28 94.32 23.61
CA ILE G 14 -16.33 95.10 22.95
C ILE G 14 -17.49 95.15 23.90
N GLU G 15 -17.93 96.35 24.25
CA GLU G 15 -19.15 96.54 25.04
C GLU G 15 -20.24 97.20 24.21
N LYS G 16 -21.41 96.57 24.18
CA LYS G 16 -22.62 97.15 23.59
C LYS G 16 -23.76 96.94 24.56
N ALA G 17 -24.82 97.71 24.39
CA ALA G 17 -26.05 97.51 25.19
C ALA G 17 -26.95 96.48 24.52
N LYS G 18 -27.90 95.96 25.28
CA LYS G 18 -28.88 94.98 24.80
C LYS G 18 -29.76 95.58 23.69
N GLY G 19 -29.84 94.89 22.56
CA GLY G 19 -30.64 95.35 21.42
C GLY G 19 -29.83 95.97 20.30
N GLU G 20 -28.70 96.57 20.63
CA GLU G 20 -27.79 97.06 19.60
C GLU G 20 -27.12 95.87 18.94
N THR G 21 -26.51 96.12 17.79
CA THR G 21 -25.77 95.08 17.10
C THR G 21 -24.26 95.24 17.42
N ALA G 22 -23.53 94.15 17.43
CA ALA G 22 -22.09 94.17 17.68
C ALA G 22 -21.33 93.87 16.38
N TYR G 23 -20.41 94.74 15.99
CA TYR G 23 -19.60 94.48 14.81
C TYR G 23 -18.27 93.86 15.24
N LEU G 24 -18.05 92.60 14.89
CA LEU G 24 -16.87 91.85 15.32
C LEU G 24 -15.82 91.76 14.21
N PRO G 25 -14.82 92.63 14.25
CA PRO G 25 -13.92 92.66 13.10
C PRO G 25 -12.93 91.50 13.05
N CYS G 26 -12.71 90.95 11.86
CA CYS G 26 -11.69 89.91 11.67
C CYS G 26 -11.04 90.11 10.31
N LYS G 27 -10.14 91.07 10.22
CA LYS G 27 -9.49 91.38 8.96
C LYS G 27 -8.10 90.79 8.89
N PHE G 28 -7.77 90.19 7.74
CA PHE G 28 -6.60 89.36 7.63
C PHE G 28 -5.86 89.54 6.30
N THR G 29 -4.56 89.30 6.31
CA THR G 29 -3.73 89.45 5.13
C THR G 29 -3.19 88.12 4.73
N LEU G 30 -3.13 87.88 3.43
CA LEU G 30 -2.54 86.66 2.91
C LEU G 30 -1.16 86.96 2.41
N SER G 31 -0.39 85.90 2.19
CA SER G 31 0.88 85.98 1.49
C SER G 31 0.77 85.11 0.25
N PRO G 32 1.62 85.37 -0.74
CA PRO G 32 1.57 84.61 -1.97
C PRO G 32 1.54 83.10 -1.75
N GLU G 33 2.27 82.63 -0.75
CA GLU G 33 2.44 81.19 -0.52
C GLU G 33 1.20 80.49 0.06
N ASP G 34 0.24 81.26 0.55
CA ASP G 34 -1.01 80.72 1.08
C ASP G 34 -1.91 80.27 -0.07
N GLN G 35 -1.61 79.09 -0.60
CA GLN G 35 -2.22 78.60 -1.83
C GLN G 35 -3.39 77.65 -1.59
N GLY G 36 -3.71 77.38 -0.33
CA GLY G 36 -4.81 76.46 0.02
C GLY G 36 -6.20 77.09 -0.10
N PRO G 37 -7.25 76.28 0.09
CA PRO G 37 -8.62 76.79 0.13
C PRO G 37 -8.90 77.69 1.32
N LEU G 38 -9.59 78.81 1.09
CA LEU G 38 -9.91 79.75 2.16
C LEU G 38 -10.97 79.14 3.05
N ASP G 39 -10.73 79.16 4.35
CA ASP G 39 -11.42 78.29 5.28
C ASP G 39 -11.62 79.06 6.59
N ILE G 40 -12.71 79.85 6.66
CA ILE G 40 -13.03 80.66 7.83
C ILE G 40 -14.01 79.93 8.74
N GLU G 41 -13.82 80.07 10.05
CA GLU G 41 -14.93 79.80 10.98
C GLU G 41 -14.93 80.71 12.23
N TRP G 42 -16.14 81.06 12.69
CA TRP G 42 -16.34 81.77 13.97
C TRP G 42 -16.86 80.82 15.02
N LEU G 43 -16.34 80.92 16.23
CA LEU G 43 -16.78 80.08 17.34
C LEU G 43 -17.14 80.93 18.57
N ILE G 44 -17.97 80.38 19.45
CA ILE G 44 -18.38 81.07 20.69
C ILE G 44 -18.18 80.17 21.91
N SER G 45 -17.42 80.67 22.89
CA SER G 45 -17.42 80.10 24.24
C SER G 45 -18.34 80.96 25.09
N PRO G 46 -19.60 80.54 25.28
CA PRO G 46 -20.48 81.39 26.07
C PRO G 46 -20.06 81.32 27.53
N ALA G 47 -20.23 82.44 28.24
CA ALA G 47 -19.95 82.50 29.67
C ALA G 47 -21.03 81.75 30.44
N ASP G 48 -22.28 81.89 29.98
CA ASP G 48 -23.47 81.43 30.71
C ASP G 48 -23.45 79.94 31.09
N ASN G 49 -22.86 79.11 30.25
CA ASN G 49 -22.81 77.67 30.53
C ASN G 49 -21.42 77.07 30.31
N GLN G 50 -21.27 75.81 30.73
CA GLN G 50 -20.00 75.09 30.70
C GLN G 50 -19.34 75.10 29.32
N LYS G 51 -20.09 74.63 28.31
CA LYS G 51 -19.51 74.37 26.98
C LYS G 51 -18.69 75.53 26.37
N VAL G 52 -17.68 75.15 25.58
CA VAL G 52 -16.63 76.03 25.09
C VAL G 52 -16.33 75.69 23.64
N ASP G 53 -16.20 76.72 22.79
CA ASP G 53 -15.89 76.57 21.36
C ASP G 53 -17.00 75.91 20.51
N GLN G 54 -18.19 76.51 20.53
CA GLN G 54 -19.30 76.09 19.69
C GLN G 54 -19.31 76.93 18.41
N VAL G 55 -19.57 76.29 17.27
CA VAL G 55 -19.51 76.95 15.96
C VAL G 55 -20.73 77.79 15.78
N ILE G 56 -20.58 78.99 15.24
CA ILE G 56 -21.74 79.80 14.89
C ILE G 56 -21.85 80.01 13.37
N ILE G 57 -20.72 80.26 12.71
CA ILE G 57 -20.72 80.51 11.26
C ILE G 57 -19.44 79.99 10.57
N LEU G 58 -19.60 79.61 9.30
CA LEU G 58 -18.57 78.98 8.48
C LEU G 58 -18.54 79.60 7.11
N TYR G 59 -17.35 79.84 6.57
CA TYR G 59 -17.22 80.12 5.16
C TYR G 59 -16.30 79.08 4.53
N SER G 60 -16.82 78.31 3.58
CA SER G 60 -16.03 77.27 2.93
C SER G 60 -16.56 76.92 1.55
N GLY G 61 -15.62 76.72 0.62
CA GLY G 61 -15.93 76.42 -0.78
C GLY G 61 -16.85 77.44 -1.44
N ASP G 62 -16.65 78.71 -1.10
CA ASP G 62 -17.45 79.80 -1.67
C ASP G 62 -18.89 79.83 -1.20
N LYS G 63 -19.20 79.12 -0.11
CA LYS G 63 -20.55 79.12 0.48
C LYS G 63 -20.49 79.38 1.97
N ILE G 64 -21.56 79.98 2.48
CA ILE G 64 -21.69 80.29 3.91
C ILE G 64 -22.68 79.31 4.54
N TYR G 65 -22.22 78.57 5.55
CA TYR G 65 -23.10 77.75 6.36
C TYR G 65 -23.26 78.43 7.74
N ASP G 66 -24.51 78.76 8.11
CA ASP G 66 -24.77 79.61 9.30
C ASP G 66 -25.83 79.07 10.26
N ASP G 67 -26.06 77.76 10.24
CA ASP G 67 -27.18 77.15 10.96
C ASP G 67 -26.84 76.81 12.42
N TYR G 68 -25.54 76.76 12.76
CA TYR G 68 -25.03 75.82 13.79
C TYR G 68 -25.39 76.05 15.25
N TYR G 69 -25.37 77.31 15.70
CA TYR G 69 -25.67 77.65 17.10
C TYR G 69 -27.12 78.12 17.22
N PRO G 70 -28.00 77.30 17.81
CA PRO G 70 -29.42 77.68 17.87
C PRO G 70 -29.68 79.08 18.41
N ASP G 71 -29.07 79.42 19.54
CA ASP G 71 -29.40 80.70 20.17
C ASP G 71 -29.20 81.89 19.24
N LEU G 72 -28.18 81.86 18.38
CA LEU G 72 -27.84 82.99 17.50
C LEU G 72 -28.57 82.96 16.16
N LYS G 73 -29.46 82.00 15.95
CA LYS G 73 -30.14 81.80 14.67
C LYS G 73 -30.54 83.12 14.05
N GLY G 74 -30.10 83.39 12.83
CA GLY G 74 -30.59 84.53 12.06
C GLY G 74 -30.07 85.90 12.45
N ARG G 75 -29.16 85.95 13.43
CA ARG G 75 -28.63 87.23 13.93
C ARG G 75 -27.14 87.45 13.57
N VAL G 76 -26.45 86.40 13.14
CA VAL G 76 -25.05 86.48 12.73
C VAL G 76 -24.95 86.53 11.21
N HIS G 77 -24.15 87.46 10.72
CA HIS G 77 -23.95 87.66 9.29
C HIS G 77 -22.56 88.20 9.05
N PHE G 78 -21.88 87.67 8.03
CA PHE G 78 -20.66 88.28 7.53
C PHE G 78 -21.03 89.66 7.00
N THR G 79 -20.13 90.61 7.14
CA THR G 79 -20.44 92.02 6.88
C THR G 79 -19.89 92.55 5.55
N SER G 80 -18.97 91.82 4.93
CA SER G 80 -18.28 92.30 3.74
C SER G 80 -18.44 91.32 2.60
N ASN G 81 -19.11 91.75 1.53
CA ASN G 81 -19.28 90.88 0.37
C ASN G 81 -17.97 90.71 -0.44
N ASP G 82 -16.86 91.29 0.06
CA ASP G 82 -15.54 90.99 -0.48
C ASP G 82 -14.73 90.23 0.58
N LEU G 83 -15.25 89.05 0.91
CA LEU G 83 -14.68 88.24 1.98
C LEU G 83 -13.32 87.63 1.60
N LYS G 84 -13.20 87.14 0.38
CA LYS G 84 -11.95 86.49 -0.08
C LYS G 84 -10.73 87.40 -0.12
N SER G 85 -10.93 88.72 -0.04
CA SER G 85 -9.82 89.68 -0.11
C SER G 85 -9.20 90.02 1.24
N GLY G 86 -9.83 89.56 2.32
CA GLY G 86 -9.26 89.70 3.66
C GLY G 86 -10.17 90.23 4.76
N ASP G 87 -11.45 89.88 4.72
CA ASP G 87 -12.41 90.38 5.71
C ASP G 87 -13.45 89.36 6.20
N ALA G 88 -13.12 88.72 7.32
CA ALA G 88 -13.98 87.75 8.00
C ALA G 88 -14.92 88.38 9.06
N SER G 89 -15.13 89.70 9.01
CA SER G 89 -15.93 90.38 10.04
C SER G 89 -17.40 89.93 10.03
N ILE G 90 -17.97 89.81 11.23
CA ILE G 90 -19.40 89.46 11.38
C ILE G 90 -20.18 90.49 12.19
N ASN G 91 -21.50 90.44 12.06
CA ASN G 91 -22.42 91.21 12.88
C ASN G 91 -23.24 90.30 13.76
N VAL G 92 -23.38 90.65 15.03
CA VAL G 92 -24.39 90.00 15.85
C VAL G 92 -25.44 91.06 16.13
N THR G 93 -26.65 90.88 15.59
CA THR G 93 -27.70 91.88 15.74
C THR G 93 -28.59 91.55 16.92
N ASN G 94 -29.29 92.58 17.41
CA ASN G 94 -30.22 92.45 18.52
C ASN G 94 -29.62 91.71 19.70
N LEU G 95 -28.51 92.24 20.21
CA LEU G 95 -27.76 91.58 21.25
C LEU G 95 -28.64 91.17 22.43
N GLN G 96 -28.42 89.95 22.89
CA GLN G 96 -29.08 89.40 24.07
C GLN G 96 -28.13 89.48 25.26
N LEU G 97 -28.65 89.31 26.47
CA LEU G 97 -27.77 89.19 27.61
C LEU G 97 -26.99 87.88 27.51
N SER G 98 -27.62 86.85 26.95
CA SER G 98 -27.01 85.53 26.86
C SER G 98 -25.95 85.44 25.74
N ASP G 99 -25.72 86.56 25.04
CA ASP G 99 -24.64 86.65 24.05
C ASP G 99 -23.27 86.92 24.68
N ILE G 100 -23.23 87.27 25.97
CA ILE G 100 -21.97 87.40 26.69
C ILE G 100 -21.10 86.16 26.45
N GLY G 101 -19.84 86.38 26.07
CA GLY G 101 -18.90 85.27 25.87
C GLY G 101 -17.72 85.66 25.02
N THR G 102 -16.77 84.76 24.83
CA THR G 102 -15.61 85.02 23.99
C THR G 102 -15.83 84.46 22.60
N TYR G 103 -15.85 85.34 21.61
CA TYR G 103 -16.08 84.96 20.22
C TYR G 103 -14.74 84.86 19.52
N GLN G 104 -14.52 83.77 18.80
CA GLN G 104 -13.23 83.48 18.15
C GLN G 104 -13.33 83.34 16.64
N CYS G 105 -12.40 83.97 15.94
CA CYS G 105 -12.33 83.93 14.47
C CYS G 105 -11.11 83.14 14.00
N LYS G 106 -11.31 82.01 13.33
CA LYS G 106 -10.20 81.17 12.85
C LYS G 106 -10.18 81.23 11.32
N VAL G 107 -9.07 81.69 10.76
CA VAL G 107 -8.90 81.87 9.30
C VAL G 107 -7.79 80.96 8.82
N LYS G 108 -8.08 80.11 7.82
CA LYS G 108 -7.11 79.15 7.28
C LYS G 108 -7.01 79.23 5.75
N LYS G 109 -5.79 79.37 5.25
CA LYS G 109 -5.53 79.21 3.82
C LYS G 109 -4.12 78.71 3.69
N ALA G 110 -4.01 77.38 3.70
CA ALA G 110 -2.77 76.64 3.92
C ALA G 110 -1.61 77.12 3.09
N PRO G 111 -0.41 77.17 3.69
CA PRO G 111 -0.09 76.80 5.08
C PRO G 111 -0.51 77.81 6.16
N GLY G 112 -1.21 78.86 5.78
CA GLY G 112 -1.63 79.91 6.71
C GLY G 112 -2.67 79.50 7.73
N VAL G 113 -2.51 80.02 8.95
CA VAL G 113 -3.54 79.92 9.99
C VAL G 113 -3.40 81.15 10.83
N ALA G 114 -4.52 81.75 11.21
CA ALA G 114 -4.53 82.84 12.17
C ALA G 114 -5.83 82.78 12.94
N ASN G 115 -5.81 83.33 14.15
CA ASN G 115 -7.03 83.43 14.91
C ASN G 115 -7.03 84.65 15.83
N LYS G 116 -8.23 85.07 16.20
CA LYS G 116 -8.43 86.28 17.00
C LYS G 116 -9.62 86.03 17.91
N LYS G 117 -9.54 86.53 19.14
CA LYS G 117 -10.61 86.36 20.11
C LYS G 117 -11.19 87.72 20.49
N ILE G 118 -12.50 87.79 20.58
CA ILE G 118 -13.17 89.01 21.03
C ILE G 118 -14.04 88.66 22.23
N HIS G 119 -13.69 89.20 23.40
CA HIS G 119 -14.51 89.06 24.59
C HIS G 119 -15.61 90.11 24.45
N LEU G 120 -16.86 89.68 24.28
CA LEU G 120 -17.98 90.59 24.10
C LEU G 120 -18.86 90.67 25.36
N VAL G 121 -19.18 91.90 25.78
CA VAL G 121 -20.01 92.13 26.97
C VAL G 121 -21.27 92.92 26.58
N VAL G 122 -22.37 92.65 27.27
CA VAL G 122 -23.67 93.27 26.96
C VAL G 122 -24.35 93.83 28.21
N LEU G 123 -24.61 95.13 28.18
CA LEU G 123 -25.11 95.88 29.33
C LEU G 123 -26.62 96.11 29.29
N VAL G 124 -27.13 96.79 30.31
CA VAL G 124 -28.46 97.42 30.28
C VAL G 124 -28.37 98.81 30.92
N ALA H 16 -39.59 -51.90 5.35
CA ALA H 16 -39.92 -53.32 5.02
C ALA H 16 -40.79 -53.41 3.77
N PRO H 17 -40.55 -54.42 2.91
CA PRO H 17 -41.33 -54.63 1.68
C PRO H 17 -42.64 -55.38 1.92
N ILE H 18 -43.52 -55.38 0.93
CA ILE H 18 -44.82 -56.02 1.07
C ILE H 18 -45.45 -56.22 -0.31
N THR H 19 -46.10 -57.36 -0.49
CA THR H 19 -46.73 -57.74 -1.76
C THR H 19 -48.20 -58.06 -1.55
N LEU H 20 -49.09 -57.37 -2.27
CA LEU H 20 -50.51 -57.74 -2.34
C LEU H 20 -50.79 -58.40 -3.67
N TRP H 21 -51.59 -59.45 -3.68
CA TRP H 21 -51.85 -60.16 -4.93
C TRP H 21 -53.11 -61.01 -4.92
N THR H 22 -53.45 -61.52 -6.11
CA THR H 22 -54.60 -62.41 -6.32
C THR H 22 -54.29 -63.86 -5.98
N GLY H 23 -53.01 -64.18 -5.85
CA GLY H 23 -52.57 -65.56 -5.71
C GLY H 23 -52.34 -66.17 -7.08
N PRO H 24 -51.79 -67.39 -7.13
CA PRO H 24 -51.61 -68.08 -8.39
C PRO H 24 -52.95 -68.65 -8.78
N GLY H 25 -53.07 -69.04 -10.05
CA GLY H 25 -54.31 -69.63 -10.56
C GLY H 25 -55.51 -68.83 -10.11
N PRO H 26 -55.58 -67.54 -10.52
CA PRO H 26 -56.61 -66.62 -10.03
C PRO H 26 -57.99 -66.97 -10.55
N SER H 27 -59.00 -66.60 -9.76
CA SER H 27 -60.39 -66.79 -10.10
C SER H 27 -60.82 -65.78 -11.16
N ILE H 28 -61.94 -66.04 -11.83
CA ILE H 28 -62.49 -65.06 -12.76
C ILE H 28 -62.92 -63.89 -11.88
N ASN H 29 -62.07 -62.87 -11.83
CA ASN H 29 -62.21 -61.79 -10.86
C ASN H 29 -62.33 -60.39 -11.48
N GLY H 30 -62.56 -60.32 -12.80
CA GLY H 30 -62.72 -59.06 -13.53
C GLY H 30 -64.09 -58.93 -14.17
N PHE H 31 -64.89 -57.98 -13.66
CA PHE H 31 -66.27 -57.78 -14.08
C PHE H 31 -66.39 -56.73 -15.20
N ILE H 32 -67.06 -57.10 -16.30
CA ILE H 32 -67.61 -56.14 -17.27
C ILE H 32 -69.10 -56.42 -17.28
N ASN H 33 -69.90 -55.44 -16.86
CA ASN H 33 -71.35 -55.60 -16.75
C ASN H 33 -71.80 -56.67 -15.74
N ASP H 34 -71.44 -56.48 -14.48
CA ASP H 34 -72.00 -57.29 -13.39
C ASP H 34 -71.84 -58.82 -13.57
N THR H 35 -70.87 -59.24 -14.39
CA THR H 35 -70.52 -60.65 -14.61
C THR H 35 -69.01 -60.78 -14.62
N PRO H 36 -68.45 -61.69 -13.81
CA PRO H 36 -67.02 -61.95 -13.94
C PRO H 36 -66.71 -62.61 -15.27
N VAL H 37 -65.73 -62.07 -16.01
CA VAL H 37 -65.40 -62.59 -17.34
C VAL H 37 -63.91 -62.60 -17.66
N ILE H 38 -63.13 -61.74 -17.02
CA ILE H 38 -61.66 -61.79 -17.19
C ILE H 38 -61.01 -62.38 -15.95
N ARG H 39 -60.07 -63.28 -16.18
CA ARG H 39 -59.32 -63.92 -15.12
C ARG H 39 -58.03 -63.13 -14.91
N CYS H 40 -57.99 -62.29 -13.87
CA CYS H 40 -56.87 -61.34 -13.68
C CYS H 40 -55.86 -61.81 -12.66
N PHE H 41 -54.63 -62.04 -13.11
CA PHE H 41 -53.53 -62.23 -12.17
C PHE H 41 -52.92 -60.87 -11.94
N ILE H 42 -52.94 -60.41 -10.69
CA ILE H 42 -52.42 -59.10 -10.36
C ILE H 42 -51.55 -59.22 -9.13
N CYS H 43 -50.38 -58.64 -9.22
CA CYS H 43 -49.41 -58.68 -8.13
C CYS H 43 -48.81 -57.29 -7.95
N LEU H 44 -49.01 -56.71 -6.78
CA LEU H 44 -48.43 -55.41 -6.45
C LEU H 44 -47.30 -55.60 -5.44
N THR H 45 -46.06 -55.48 -5.88
CA THR H 45 -44.94 -55.66 -4.97
C THR H 45 -44.29 -54.33 -4.68
N ARG H 46 -44.26 -53.96 -3.40
CA ARG H 46 -43.58 -52.77 -2.92
C ARG H 46 -42.24 -53.18 -2.32
N ASP H 47 -41.15 -52.62 -2.83
CA ASP H 47 -39.84 -52.81 -2.24
C ASP H 47 -39.46 -51.50 -1.49
N SER H 48 -38.26 -50.93 -1.68
CA SER H 48 -37.86 -49.81 -0.82
C SER H 48 -38.75 -48.57 -1.06
N ASN H 49 -39.00 -48.24 -2.32
CA ASN H 49 -39.73 -47.03 -2.67
C ASN H 49 -40.78 -47.19 -3.78
N LEU H 50 -40.47 -47.96 -4.82
CA LEU H 50 -41.40 -48.14 -5.94
C LEU H 50 -42.28 -49.37 -5.74
N VAL H 51 -43.46 -49.35 -6.37
CA VAL H 51 -44.33 -50.51 -6.45
C VAL H 51 -44.24 -51.04 -7.87
N THR H 52 -44.00 -52.33 -8.03
CA THR H 52 -44.02 -52.94 -9.36
C THR H 52 -45.34 -53.66 -9.52
N VAL H 53 -46.09 -53.29 -10.56
CA VAL H 53 -47.31 -54.01 -10.93
C VAL H 53 -46.89 -55.11 -11.92
N ASN H 54 -47.15 -56.35 -11.56
CA ASN H 54 -46.91 -57.48 -12.48
C ASN H 54 -48.26 -58.13 -12.65
N ALA H 55 -48.76 -58.15 -13.87
CA ALA H 55 -50.13 -58.60 -14.10
C ALA H 55 -50.27 -59.30 -15.45
N SER H 56 -51.24 -60.21 -15.53
CA SER H 56 -51.58 -60.90 -16.78
C SER H 56 -53.05 -61.27 -16.72
N PHE H 57 -53.65 -61.44 -17.88
CA PHE H 57 -55.10 -61.58 -18.00
C PHE H 57 -55.48 -62.69 -18.96
N VAL H 58 -56.53 -63.42 -18.61
CA VAL H 58 -57.05 -64.46 -19.48
C VAL H 58 -58.57 -64.32 -19.57
N GLY H 59 -59.08 -64.14 -20.78
CA GLY H 59 -60.52 -64.00 -20.99
C GLY H 59 -61.27 -65.32 -20.92
N GLU H 60 -62.50 -65.26 -20.43
CA GLU H 60 -63.37 -66.44 -20.33
C GLU H 60 -64.76 -66.15 -20.86
N GLY H 61 -65.48 -67.21 -21.19
CA GLY H 61 -66.82 -67.09 -21.75
C GLY H 61 -66.76 -66.36 -23.08
N GLY H 62 -67.60 -65.33 -23.22
CA GLY H 62 -67.63 -64.50 -24.42
C GLY H 62 -66.34 -63.74 -24.67
N TYR H 63 -65.56 -63.58 -23.61
CA TYR H 63 -64.25 -62.92 -23.71
C TYR H 63 -63.06 -63.90 -23.89
N ARG H 64 -63.32 -65.18 -24.16
CA ARG H 64 -62.21 -66.11 -24.42
C ARG H 64 -61.49 -65.77 -25.71
N ILE H 65 -62.26 -65.49 -26.76
CA ILE H 65 -61.72 -64.98 -28.01
C ILE H 65 -62.23 -63.55 -28.17
N VAL H 66 -61.33 -62.63 -28.50
CA VAL H 66 -61.69 -61.25 -28.85
C VAL H 66 -61.38 -61.01 -30.32
N SER H 67 -62.19 -60.18 -30.96
CA SER H 67 -62.02 -59.86 -32.36
C SER H 67 -61.58 -58.41 -32.49
N PRO H 68 -61.14 -57.99 -33.69
CA PRO H 68 -60.71 -56.62 -33.92
C PRO H 68 -61.78 -55.56 -33.66
N THR H 69 -63.05 -55.96 -33.73
CA THR H 69 -64.18 -55.07 -33.46
C THR H 69 -64.50 -54.92 -31.97
N GLN H 70 -63.76 -55.63 -31.12
CA GLN H 70 -63.99 -55.56 -29.67
C GLN H 70 -63.85 -54.14 -29.16
N SER H 71 -64.85 -53.67 -28.43
CA SER H 71 -64.79 -52.30 -27.95
C SER H 71 -63.93 -52.26 -26.68
N GLN H 72 -63.20 -51.17 -26.50
CA GLN H 72 -62.27 -51.00 -25.40
C GLN H 72 -62.96 -51.04 -24.05
N PHE H 73 -62.21 -51.33 -22.98
CA PHE H 73 -62.78 -51.34 -21.61
C PHE H 73 -61.74 -51.17 -20.49
N SER H 74 -62.23 -50.74 -19.33
CA SER H 74 -61.40 -50.52 -18.15
C SER H 74 -61.76 -51.51 -17.04
N LEU H 75 -60.73 -52.08 -16.42
CA LEU H 75 -60.90 -52.82 -15.17
C LEU H 75 -60.30 -51.94 -14.06
N ILE H 76 -61.17 -51.34 -13.24
CA ILE H 76 -60.72 -50.46 -12.16
C ILE H 76 -60.66 -51.21 -10.80
N MET H 77 -59.51 -51.13 -10.14
CA MET H 77 -59.37 -51.52 -8.74
C MET H 77 -59.54 -50.25 -7.90
N GLU H 78 -60.50 -50.27 -6.97
CA GLU H 78 -60.70 -49.15 -6.05
C GLU H 78 -60.23 -49.53 -4.65
N PHE H 79 -59.34 -48.71 -4.08
CA PHE H 79 -58.80 -48.94 -2.74
C PHE H 79 -59.15 -47.79 -1.82
N ASP H 80 -59.43 -48.11 -0.54
CA ASP H 80 -59.66 -47.08 0.47
C ASP H 80 -58.34 -46.44 0.95
N GLN H 81 -58.44 -45.50 1.88
CA GLN H 81 -57.27 -44.74 2.32
C GLN H 81 -56.21 -45.58 3.05
N PHE H 82 -56.58 -46.80 3.49
CA PHE H 82 -55.66 -47.69 4.19
C PHE H 82 -55.13 -48.83 3.31
N GLY H 83 -55.31 -48.72 2.00
CA GLY H 83 -54.83 -49.74 1.06
C GLY H 83 -55.70 -51.00 0.95
N GLN H 84 -56.90 -50.97 1.51
CA GLN H 84 -57.79 -52.13 1.44
C GLN H 84 -58.65 -52.06 0.19
N LEU H 85 -58.62 -53.11 -0.62
CA LEU H 85 -59.40 -53.16 -1.85
C LEU H 85 -60.88 -53.13 -1.54
N MET H 86 -61.61 -52.22 -2.19
CA MET H 86 -63.04 -52.02 -1.93
C MET H 86 -63.90 -52.98 -2.78
N SER H 87 -65.18 -53.02 -2.48
CA SER H 87 -66.10 -53.93 -3.16
C SER H 87 -66.64 -53.38 -4.48
N THR H 88 -66.36 -52.13 -4.79
CA THR H 88 -67.06 -51.41 -5.86
C THR H 88 -66.41 -51.43 -7.25
N GLY H 89 -65.13 -51.75 -7.35
CA GLY H 89 -64.44 -51.73 -8.64
C GLY H 89 -64.73 -52.94 -9.49
N ASN H 90 -64.20 -52.96 -10.72
CA ASN H 90 -64.34 -54.11 -11.63
C ASN H 90 -63.62 -55.31 -11.08
N ILE H 91 -62.51 -55.04 -10.40
CA ILE H 91 -61.79 -56.03 -9.62
C ILE H 91 -61.97 -55.60 -8.18
N ASN H 92 -62.48 -56.49 -7.33
CA ASN H 92 -62.92 -56.06 -6.00
C ASN H 92 -62.83 -57.13 -4.91
N SER H 93 -63.15 -56.73 -3.67
CA SER H 93 -62.95 -57.57 -2.50
C SER H 93 -63.80 -58.82 -2.47
N THR H 94 -64.75 -58.95 -3.37
CA THR H 94 -65.55 -60.16 -3.53
C THR H 94 -64.76 -61.38 -3.98
N THR H 95 -63.57 -61.18 -4.54
CA THR H 95 -62.73 -62.31 -4.92
C THR H 95 -61.40 -62.33 -4.16
N THR H 96 -60.71 -63.45 -4.24
CA THR H 96 -59.50 -63.71 -3.47
C THR H 96 -58.46 -62.64 -3.72
N TRP H 97 -58.07 -61.94 -2.67
CA TRP H 97 -57.08 -60.86 -2.75
C TRP H 97 -56.44 -60.70 -1.37
N GLY H 98 -55.13 -60.47 -1.32
CA GLY H 98 -54.45 -60.29 -0.03
C GLY H 98 -52.94 -60.31 -0.09
N GLU H 99 -52.31 -60.45 1.08
CA GLU H 99 -50.86 -60.37 1.19
C GLU H 99 -50.23 -61.73 0.87
N LYS H 100 -49.12 -61.69 0.14
CA LYS H 100 -48.27 -62.86 -0.10
C LYS H 100 -47.14 -62.87 0.94
N PRO H 101 -47.15 -63.87 1.84
CA PRO H 101 -46.01 -63.99 2.72
C PRO H 101 -44.77 -64.40 1.93
N TRP H 102 -43.61 -63.87 2.32
CA TRP H 102 -42.34 -64.36 1.81
C TRP H 102 -42.23 -65.82 2.19
N GLY H 103 -42.00 -66.69 1.22
CA GLY H 103 -41.81 -68.10 1.51
C GLY H 103 -42.91 -69.06 1.07
N ASN H 104 -44.08 -68.54 0.73
CA ASN H 104 -45.15 -69.40 0.20
C ASN H 104 -46.09 -68.66 -0.74
N ASN H 105 -47.03 -69.41 -1.32
CA ASN H 105 -47.98 -68.87 -2.31
C ASN H 105 -49.40 -68.65 -1.76
N THR H 106 -49.54 -68.50 -0.43
CA THR H 106 -50.86 -68.24 0.15
C THR H 106 -51.31 -66.82 -0.13
N VAL H 107 -52.58 -66.55 0.12
CA VAL H 107 -53.14 -65.21 0.06
C VAL H 107 -53.70 -64.89 1.43
N GLN H 108 -53.11 -63.92 2.12
CA GLN H 108 -53.51 -63.57 3.47
C GLN H 108 -54.46 -62.37 3.46
N PRO H 109 -55.73 -62.60 3.82
CA PRO H 109 -56.75 -61.57 3.71
C PRO H 109 -56.82 -60.59 4.88
N ARG H 110 -56.21 -60.94 5.99
CA ARG H 110 -56.23 -60.10 7.18
C ARG H 110 -55.44 -58.80 6.92
N PRO H 111 -56.12 -57.64 6.89
CA PRO H 111 -55.46 -56.38 6.53
C PRO H 111 -54.41 -55.93 7.52
N SER H 112 -53.45 -55.16 7.03
CA SER H 112 -52.38 -54.60 7.85
C SER H 112 -52.12 -53.16 7.46
N HIS H 113 -51.59 -52.38 8.39
CA HIS H 113 -51.22 -50.99 8.09
C HIS H 113 -50.20 -50.90 6.95
N THR H 114 -49.38 -51.94 6.81
CA THR H 114 -48.37 -52.01 5.76
C THR H 114 -48.94 -52.02 4.34
N TRP H 115 -50.21 -52.40 4.20
CA TRP H 115 -50.85 -52.51 2.88
C TRP H 115 -50.88 -51.15 2.15
N LYS H 116 -50.95 -50.07 2.90
CA LYS H 116 -50.92 -48.72 2.33
C LYS H 116 -49.68 -48.47 1.48
N LEU H 117 -48.58 -49.14 1.81
CA LEU H 117 -47.34 -48.97 1.07
C LEU H 117 -47.43 -49.42 -0.39
N CYS H 118 -48.41 -50.24 -0.74
CA CYS H 118 -48.59 -50.67 -2.13
C CYS H 118 -49.40 -49.67 -2.95
N MET H 119 -49.93 -48.64 -2.31
CA MET H 119 -50.79 -47.67 -3.00
C MET H 119 -49.96 -46.60 -3.67
N PRO H 120 -50.45 -46.04 -4.80
CA PRO H 120 -49.75 -44.96 -5.47
C PRO H 120 -49.74 -43.64 -4.69
N ASN H 121 -48.55 -43.23 -4.29
CA ASN H 121 -48.30 -42.00 -3.55
C ASN H 121 -49.23 -40.86 -3.96
N ARG H 122 -50.13 -40.45 -3.07
CA ARG H 122 -51.19 -39.53 -3.45
C ARG H 122 -50.68 -38.09 -3.68
N GLU H 123 -49.52 -37.75 -3.14
CA GLU H 123 -48.96 -36.44 -3.43
C GLU H 123 -48.22 -36.46 -4.78
N VAL H 124 -47.50 -37.53 -5.07
CA VAL H 124 -46.88 -37.68 -6.38
C VAL H 124 -47.95 -37.73 -7.46
N TYR H 125 -48.96 -38.55 -7.24
CA TYR H 125 -50.03 -38.73 -8.21
C TYR H 125 -51.29 -37.98 -7.75
N SER H 126 -51.13 -36.69 -7.48
CA SER H 126 -52.25 -35.84 -7.11
C SER H 126 -53.19 -35.55 -8.28
N THR H 127 -52.70 -35.74 -9.50
CA THR H 127 -53.56 -35.81 -10.67
C THR H 127 -53.17 -37.10 -11.40
N PRO H 128 -54.10 -37.66 -12.20
CA PRO H 128 -53.85 -39.01 -12.71
C PRO H 128 -52.65 -39.11 -13.65
N ALA H 129 -51.90 -40.20 -13.52
CA ALA H 129 -50.77 -40.51 -14.39
C ALA H 129 -51.09 -41.79 -15.16
N ALA H 130 -50.39 -42.03 -16.26
CA ALA H 130 -50.71 -43.18 -17.11
C ALA H 130 -49.49 -43.78 -17.77
N THR H 131 -49.54 -45.09 -18.02
CA THR H 131 -48.56 -45.72 -18.90
C THR H 131 -49.25 -46.63 -19.88
N ILE H 132 -49.06 -46.36 -21.16
CA ILE H 132 -49.63 -47.20 -22.21
C ILE H 132 -48.56 -48.13 -22.79
N SER H 133 -48.67 -49.41 -22.46
CA SER H 133 -47.77 -50.44 -22.99
C SER H 133 -48.42 -51.31 -24.05
N ARG H 134 -47.58 -51.80 -24.96
CA ARG H 134 -47.95 -52.89 -25.86
C ARG H 134 -48.34 -54.10 -25.02
N CYS H 135 -49.28 -54.87 -25.55
CA CYS H 135 -49.82 -56.00 -24.84
C CYS H 135 -50.06 -57.15 -25.80
N GLY H 136 -49.11 -58.06 -25.89
CA GLY H 136 -49.25 -59.22 -26.77
C GLY H 136 -50.37 -60.13 -26.33
N LEU H 137 -51.06 -60.73 -27.30
CA LEU H 137 -52.09 -61.74 -27.03
C LEU H 137 -51.67 -63.07 -27.63
N ASP H 138 -51.87 -64.15 -26.87
CA ASP H 138 -51.52 -65.49 -27.28
C ASP H 138 -50.13 -65.57 -27.95
N SER H 139 -49.16 -64.88 -27.36
CA SER H 139 -47.88 -64.63 -28.01
C SER H 139 -47.04 -65.87 -28.33
N ILE H 140 -47.07 -66.88 -27.46
CA ILE H 140 -46.34 -68.13 -27.72
C ILE H 140 -46.92 -68.82 -28.94
N ALA H 141 -48.23 -69.02 -28.94
CA ALA H 141 -48.92 -69.76 -30.01
C ALA H 141 -48.84 -69.07 -31.39
N VAL H 142 -48.98 -67.74 -31.40
CA VAL H 142 -48.91 -66.98 -32.65
C VAL H 142 -47.48 -66.55 -32.98
N ASP H 143 -46.53 -66.99 -32.15
CA ASP H 143 -45.12 -66.70 -32.32
C ASP H 143 -44.83 -65.21 -32.46
N GLY H 144 -45.52 -64.43 -31.62
CA GLY H 144 -45.29 -63.00 -31.53
C GLY H 144 -45.54 -62.23 -32.81
N ALA H 145 -46.45 -62.73 -33.65
CA ALA H 145 -46.87 -62.03 -34.86
C ALA H 145 -47.22 -60.59 -34.50
N PRO H 146 -46.71 -59.60 -35.28
CA PRO H 146 -46.89 -58.19 -34.93
C PRO H 146 -48.34 -57.71 -34.84
N SER H 147 -49.23 -58.28 -35.65
CA SER H 147 -50.63 -57.89 -35.62
C SER H 147 -51.48 -58.72 -34.65
N ARG H 148 -50.87 -59.22 -33.58
CA ARG H 148 -51.59 -59.93 -32.52
C ARG H 148 -51.37 -59.27 -31.17
N SER H 149 -51.01 -57.99 -31.20
CA SER H 149 -50.86 -57.17 -29.99
C SER H 149 -51.96 -56.13 -29.93
N ILE H 150 -52.50 -55.94 -28.73
CA ILE H 150 -53.33 -54.79 -28.43
C ILE H 150 -52.51 -53.87 -27.51
N ASP H 151 -53.17 -52.88 -26.90
CA ASP H 151 -52.53 -52.02 -25.92
C ASP H 151 -53.25 -52.15 -24.59
N CYS H 152 -52.46 -52.09 -23.52
CA CYS H 152 -52.99 -52.00 -22.16
C CYS H 152 -52.39 -50.77 -21.53
N MET H 153 -53.25 -49.91 -20.96
CA MET H 153 -52.81 -48.68 -20.32
C MET H 153 -53.18 -48.74 -18.86
N LEU H 154 -52.18 -48.55 -18.00
CA LEU H 154 -52.38 -48.42 -16.57
C LEU H 154 -52.66 -46.97 -16.30
N ILE H 155 -53.74 -46.70 -15.57
CA ILE H 155 -54.05 -45.35 -15.10
C ILE H 155 -53.96 -45.32 -13.60
N ILE H 156 -53.09 -44.45 -13.10
CA ILE H 156 -52.82 -44.32 -11.66
C ILE H 156 -53.66 -43.19 -11.11
N ASN H 157 -54.49 -43.49 -10.10
CA ASN H 157 -55.29 -42.50 -9.40
C ASN H 157 -56.22 -41.64 -10.25
N LYS H 158 -56.90 -42.24 -11.20
CA LYS H 158 -58.03 -41.57 -11.81
C LYS H 158 -59.16 -41.66 -10.78
N PRO H 159 -59.80 -40.54 -10.45
CA PRO H 159 -60.88 -40.57 -9.47
C PRO H 159 -62.02 -41.51 -9.87
N LYS H 160 -62.57 -42.20 -8.88
CA LYS H 160 -63.73 -43.06 -9.09
C LYS H 160 -64.48 -43.21 -7.78
N GLY H 161 -65.74 -42.79 -7.76
CA GLY H 161 -66.58 -42.94 -6.58
C GLY H 161 -65.92 -42.34 -5.36
N VAL H 162 -65.91 -43.09 -4.27
CA VAL H 162 -65.32 -42.63 -3.01
C VAL H 162 -63.94 -43.29 -2.75
N ALA H 163 -63.31 -43.84 -3.78
CA ALA H 163 -62.01 -44.48 -3.61
C ALA H 163 -60.94 -43.42 -3.38
N THR H 164 -59.93 -43.75 -2.59
CA THR H 164 -58.80 -42.84 -2.35
C THR H 164 -57.69 -43.12 -3.34
N TYR H 165 -57.45 -44.39 -3.62
CA TYR H 165 -56.49 -44.79 -4.64
C TYR H 165 -57.15 -45.67 -5.67
N THR H 166 -56.76 -45.53 -6.93
CA THR H 166 -57.26 -46.41 -7.98
C THR H 166 -56.14 -46.89 -8.89
N LEU H 167 -56.30 -48.11 -9.39
CA LEU H 167 -55.47 -48.60 -10.49
C LEU H 167 -56.39 -49.15 -11.56
N THR H 168 -56.17 -48.70 -12.80
CA THR H 168 -57.03 -49.04 -13.90
C THR H 168 -56.24 -49.72 -15.02
N PHE H 169 -56.60 -50.96 -15.34
CA PHE H 169 -56.07 -51.60 -16.52
C PHE H 169 -57.07 -51.38 -17.62
N ARG H 170 -56.70 -50.59 -18.61
CA ARG H 170 -57.59 -50.24 -19.71
C ARG H 170 -57.07 -50.84 -20.99
N PHE H 171 -57.88 -51.69 -21.62
CA PHE H 171 -57.47 -52.41 -22.81
C PHE H 171 -58.01 -51.73 -24.05
N LEU H 172 -57.11 -51.42 -24.99
CA LEU H 172 -57.40 -50.50 -26.08
C LEU H 172 -56.87 -50.99 -27.41
N ASN H 173 -57.41 -50.41 -28.48
CA ASN H 173 -56.89 -50.60 -29.83
C ASN H 173 -56.94 -52.05 -30.31
N PHE H 174 -58.06 -52.70 -30.07
CA PHE H 174 -58.30 -54.07 -30.54
C PHE H 174 -58.29 -54.15 -32.06
N ASN H 175 -58.61 -53.05 -32.72
CA ASN H 175 -58.56 -52.98 -34.18
C ASN H 175 -57.15 -53.13 -34.79
N ARG H 176 -56.12 -53.19 -33.97
CA ARG H 176 -54.81 -53.65 -34.45
C ARG H 176 -54.75 -55.12 -34.83
N LEU H 177 -55.68 -55.92 -34.27
CA LEU H 177 -55.67 -57.36 -34.47
C LEU H 177 -56.04 -57.72 -35.90
N SER H 178 -55.27 -58.63 -36.51
CA SER H 178 -55.51 -59.11 -37.86
C SER H 178 -56.75 -60.02 -37.93
N GLY H 179 -57.17 -60.56 -36.79
CA GLY H 179 -58.39 -61.36 -36.69
C GLY H 179 -58.68 -61.82 -35.27
N GLY H 180 -59.60 -62.75 -35.13
CA GLY H 180 -59.98 -63.27 -33.82
C GLY H 180 -58.78 -63.89 -33.14
N THR H 181 -58.58 -63.53 -31.88
CA THR H 181 -57.40 -63.92 -31.12
C THR H 181 -57.77 -64.33 -29.70
N LEU H 182 -57.15 -65.40 -29.24
CA LEU H 182 -57.35 -65.89 -27.89
C LEU H 182 -56.90 -64.82 -26.91
N PHE H 183 -57.78 -64.38 -26.03
CA PHE H 183 -57.49 -63.24 -25.15
C PHE H 183 -56.65 -63.68 -23.94
N LYS H 184 -55.42 -64.02 -24.23
CA LYS H 184 -54.49 -64.58 -23.26
C LYS H 184 -53.25 -63.66 -23.27
N THR H 185 -53.27 -62.65 -22.42
CA THR H 185 -52.29 -61.58 -22.52
C THR H 185 -50.91 -62.00 -22.05
N ASP H 186 -49.92 -61.25 -22.48
CA ASP H 186 -48.56 -61.34 -21.95
C ASP H 186 -48.55 -60.95 -20.48
N VAL H 187 -47.41 -61.17 -19.83
CA VAL H 187 -47.14 -60.63 -18.50
C VAL H 187 -46.76 -59.17 -18.68
N LEU H 188 -47.55 -58.28 -18.09
CA LEU H 188 -47.33 -56.84 -18.17
C LEU H 188 -46.67 -56.33 -16.90
N THR H 189 -45.79 -55.35 -17.05
CA THR H 189 -45.08 -54.76 -15.94
C THR H 189 -45.16 -53.25 -15.95
N PHE H 190 -45.64 -52.66 -14.86
CA PHE H 190 -45.61 -51.22 -14.70
C PHE H 190 -44.89 -50.88 -13.39
N THR H 191 -44.72 -49.57 -13.15
CA THR H 191 -44.03 -49.05 -11.97
C THR H 191 -44.59 -47.70 -11.54
N TYR H 192 -44.75 -47.51 -10.22
CA TYR H 192 -45.12 -46.19 -9.68
C TYR H 192 -44.55 -45.98 -8.27
N VAL H 193 -44.49 -44.74 -7.83
CA VAL H 193 -43.94 -44.41 -6.53
C VAL H 193 -44.96 -44.79 -5.46
N GLY H 194 -44.52 -45.54 -4.45
CA GLY H 194 -45.41 -46.02 -3.42
C GLY H 194 -45.76 -44.95 -2.39
N GLU H 195 -46.85 -45.16 -1.67
CA GLU H 195 -47.30 -44.23 -0.66
C GLU H 195 -46.44 -44.34 0.58
N ASN H 196 -46.35 -43.26 1.34
CA ASN H 196 -45.61 -43.29 2.61
C ASN H 196 -46.46 -43.83 3.73
N GLN H 197 -45.86 -44.59 4.63
CA GLN H 197 -46.60 -45.10 5.80
C GLN H 197 -47.29 -43.95 6.56
N ALA I 16 -28.18 -51.78 1.86
CA ALA I 16 -29.34 -50.85 2.07
C ALA I 16 -29.75 -50.15 0.77
N PRO I 17 -31.05 -49.93 0.59
CA PRO I 17 -31.57 -49.23 -0.59
C PRO I 17 -31.51 -47.71 -0.46
N ILE I 18 -31.74 -47.01 -1.56
CA ILE I 18 -31.68 -45.56 -1.60
C ILE I 18 -32.36 -45.00 -2.85
N THR I 19 -33.06 -43.89 -2.67
CA THR I 19 -33.79 -43.22 -3.75
C THR I 19 -33.36 -41.76 -3.87
N LEU I 20 -32.87 -41.38 -5.06
CA LEU I 20 -32.63 -39.97 -5.39
C LEU I 20 -33.75 -39.51 -6.31
N TRP I 21 -34.27 -38.31 -6.10
CA TRP I 21 -35.36 -37.81 -6.93
C TRP I 21 -35.54 -36.29 -6.95
N THR I 22 -36.43 -35.85 -7.83
CA THR I 22 -36.80 -34.46 -8.01
C THR I 22 -37.85 -34.02 -6.99
N GLY I 23 -38.47 -34.99 -6.33
CA GLY I 23 -39.61 -34.72 -5.48
C GLY I 23 -40.91 -34.65 -6.29
N PRO I 24 -42.06 -34.64 -5.59
CA PRO I 24 -43.31 -34.48 -6.28
C PRO I 24 -43.48 -33.05 -6.76
N GLY I 25 -44.36 -32.83 -7.73
CA GLY I 25 -44.61 -31.50 -8.30
C GLY I 25 -43.34 -30.79 -8.68
N PRO I 26 -42.59 -31.38 -9.61
CA PRO I 26 -41.24 -30.89 -9.92
C PRO I 26 -41.23 -29.53 -10.58
N SER I 27 -40.14 -28.79 -10.38
CA SER I 27 -39.94 -27.50 -11.03
C SER I 27 -39.61 -27.72 -12.50
N ILE I 28 -39.69 -26.64 -13.30
CA ILE I 28 -39.23 -26.71 -14.68
C ILE I 28 -37.72 -26.82 -14.62
N ASN I 29 -37.19 -27.99 -14.96
CA ASN I 29 -35.82 -28.33 -14.64
C ASN I 29 -34.97 -28.87 -15.81
N GLY I 30 -35.55 -28.90 -17.01
CA GLY I 30 -34.86 -29.44 -18.19
C GLY I 30 -34.54 -28.37 -19.23
N PHE I 31 -33.26 -28.09 -19.42
CA PHE I 31 -32.82 -26.97 -20.26
C PHE I 31 -32.69 -27.42 -21.72
N ILE I 32 -33.20 -26.60 -22.63
CA ILE I 32 -32.93 -26.73 -24.06
C ILE I 32 -32.58 -25.36 -24.59
N ASN I 33 -31.32 -25.16 -24.97
CA ASN I 33 -30.81 -23.87 -25.44
C ASN I 33 -30.84 -22.84 -24.33
N ASP I 34 -30.27 -23.22 -23.19
CA ASP I 34 -30.10 -22.34 -22.03
C ASP I 34 -31.41 -21.79 -21.44
N THR I 35 -32.54 -22.40 -21.81
CA THR I 35 -33.85 -22.03 -21.29
C THR I 35 -34.49 -23.28 -20.73
N PRO I 36 -34.86 -23.27 -19.43
CA PRO I 36 -35.56 -24.43 -18.88
C PRO I 36 -36.91 -24.52 -19.56
N VAL I 37 -37.20 -25.64 -20.22
CA VAL I 37 -38.46 -25.78 -20.96
C VAL I 37 -39.29 -27.01 -20.61
N ILE I 38 -38.69 -28.01 -19.98
CA ILE I 38 -39.37 -29.28 -19.63
C ILE I 38 -39.44 -29.48 -18.12
N ARG I 39 -40.60 -29.88 -17.63
CA ARG I 39 -40.80 -30.17 -16.22
C ARG I 39 -40.58 -31.65 -16.03
N CYS I 40 -39.42 -32.03 -15.47
CA CYS I 40 -39.04 -33.44 -15.37
C CYS I 40 -39.27 -34.00 -13.97
N PHE I 41 -40.11 -35.01 -13.85
CA PHE I 41 -40.16 -35.81 -12.62
C PHE I 41 -39.24 -37.01 -12.83
N ILE I 42 -38.21 -37.12 -12.01
CA ILE I 42 -37.24 -38.19 -12.15
C ILE I 42 -36.98 -38.82 -10.81
N CYS I 43 -37.06 -40.14 -10.77
CA CYS I 43 -36.88 -40.87 -9.54
C CYS I 43 -35.97 -42.07 -9.82
N LEU I 44 -34.82 -42.12 -9.15
CA LEU I 44 -33.87 -43.22 -9.30
C LEU I 44 -33.86 -44.04 -8.02
N THR I 45 -34.51 -45.20 -8.03
CA THR I 45 -34.56 -46.05 -6.85
C THR I 45 -33.64 -47.28 -6.99
N ARG I 46 -32.69 -47.37 -6.06
CA ARG I 46 -31.77 -48.48 -5.96
C ARG I 46 -32.22 -49.41 -4.87
N ASP I 47 -32.48 -50.68 -5.23
CA ASP I 47 -32.81 -51.71 -4.27
C ASP I 47 -31.58 -52.61 -4.07
N SER I 48 -31.71 -53.93 -4.08
CA SER I 48 -30.55 -54.76 -3.75
C SER I 48 -29.41 -54.58 -4.76
N ASN I 49 -29.74 -54.59 -6.05
CA ASN I 49 -28.74 -54.57 -7.10
C ASN I 49 -29.04 -53.65 -8.29
N LEU I 50 -30.29 -53.61 -8.73
CA LEU I 50 -30.66 -52.82 -9.89
C LEU I 50 -31.16 -51.45 -9.45
N VAL I 51 -31.04 -50.46 -10.35
CA VAL I 51 -31.65 -49.14 -10.19
C VAL I 51 -32.84 -49.10 -11.13
N THR I 52 -33.99 -48.65 -10.64
CA THR I 52 -35.13 -48.43 -11.50
C THR I 52 -35.25 -46.95 -11.71
N VAL I 53 -35.27 -46.54 -12.96
CA VAL I 53 -35.59 -45.17 -13.32
C VAL I 53 -37.09 -45.10 -13.54
N ASN I 54 -37.76 -44.25 -12.76
CA ASN I 54 -39.19 -43.96 -12.96
C ASN I 54 -39.27 -42.47 -13.23
N ALA I 55 -39.75 -42.10 -14.43
CA ALA I 55 -39.71 -40.70 -14.86
C ALA I 55 -40.90 -40.32 -15.72
N SER I 56 -41.26 -39.05 -15.66
CA SER I 56 -42.30 -38.50 -16.53
C SER I 56 -41.99 -37.02 -16.77
N PHE I 57 -42.53 -36.49 -17.88
CA PHE I 57 -42.17 -35.17 -18.38
C PHE I 57 -43.37 -34.38 -18.82
N VAL I 58 -43.36 -33.09 -18.52
CA VAL I 58 -44.41 -32.19 -18.99
C VAL I 58 -43.76 -30.96 -19.59
N GLY I 59 -44.08 -30.67 -20.86
CA GLY I 59 -43.52 -29.50 -21.55
C GLY I 59 -44.19 -28.21 -21.12
N GLU I 60 -43.42 -27.12 -21.12
CA GLU I 60 -43.95 -25.81 -20.76
C GLU I 60 -43.54 -24.76 -21.79
N GLY I 61 -44.23 -23.63 -21.78
CA GLY I 61 -43.95 -22.55 -22.70
C GLY I 61 -44.12 -23.01 -24.13
N GLY I 62 -43.09 -22.77 -24.95
CA GLY I 62 -43.08 -23.21 -26.34
C GLY I 62 -43.14 -24.71 -26.51
N TYR I 63 -42.75 -25.44 -25.47
CA TYR I 63 -42.79 -26.90 -25.46
C TYR I 63 -44.07 -27.49 -24.83
N ARG I 64 -45.07 -26.66 -24.52
CA ARG I 64 -46.33 -27.21 -23.97
C ARG I 64 -47.02 -28.12 -25.00
N ILE I 65 -47.11 -27.65 -26.25
CA ILE I 65 -47.56 -28.47 -27.36
C ILE I 65 -46.39 -28.70 -28.30
N VAL I 66 -46.18 -29.95 -28.68
CA VAL I 66 -45.18 -30.31 -29.69
C VAL I 66 -45.90 -30.80 -30.94
N SER I 67 -45.31 -30.53 -32.10
CA SER I 67 -45.89 -30.94 -33.37
C SER I 67 -45.01 -32.01 -34.00
N PRO I 68 -45.51 -32.67 -35.05
CA PRO I 68 -44.74 -33.71 -35.72
C PRO I 68 -43.39 -33.26 -36.29
N THR I 69 -43.23 -31.97 -36.59
CA THR I 69 -41.97 -31.44 -37.11
C THR I 69 -40.98 -31.07 -36.00
N GLN I 70 -41.35 -31.33 -34.75
CA GLN I 70 -40.46 -31.08 -33.61
C GLN I 70 -39.14 -31.84 -33.77
N SER I 71 -38.03 -31.13 -33.62
CA SER I 71 -36.72 -31.74 -33.77
C SER I 71 -36.35 -32.44 -32.46
N GLN I 72 -35.69 -33.59 -32.57
CA GLN I 72 -35.37 -34.44 -31.43
C GLN I 72 -34.40 -33.73 -30.48
N PHE I 73 -34.36 -34.15 -29.22
CA PHE I 73 -33.44 -33.56 -28.24
C PHE I 73 -33.07 -34.47 -27.06
N SER I 74 -31.94 -34.17 -26.42
CA SER I 74 -31.43 -34.93 -25.27
C SER I 74 -31.45 -34.09 -24.00
N LEU I 75 -31.94 -34.67 -22.91
CA LEU I 75 -31.78 -34.08 -21.60
C LEU I 75 -30.78 -34.95 -20.83
N ILE I 76 -29.57 -34.43 -20.66
CA ILE I 76 -28.49 -35.19 -20.01
C ILE I 76 -28.37 -34.81 -18.54
N MET I 77 -28.37 -35.82 -17.68
CA MET I 77 -28.00 -35.68 -16.28
C MET I 77 -26.54 -36.07 -16.15
N GLU I 78 -25.72 -35.17 -15.63
CA GLU I 78 -24.30 -35.44 -15.40
C GLU I 78 -24.01 -35.57 -13.91
N PHE I 79 -23.41 -36.69 -13.52
CA PHE I 79 -23.04 -36.99 -12.14
C PHE I 79 -21.54 -37.13 -11.98
N ASP I 80 -21.03 -36.67 -10.84
CA ASP I 80 -19.64 -36.88 -10.47
C ASP I 80 -19.39 -38.31 -9.97
N GLN I 81 -18.15 -38.60 -9.59
CA GLN I 81 -17.76 -39.95 -9.20
C GLN I 81 -18.40 -40.44 -7.90
N PHE I 82 -18.98 -39.53 -7.13
CA PHE I 82 -19.64 -39.87 -5.86
C PHE I 82 -21.16 -39.86 -5.96
N GLY I 83 -21.69 -39.80 -7.17
CA GLY I 83 -23.15 -39.81 -7.37
C GLY I 83 -23.86 -38.48 -7.16
N GLN I 84 -23.09 -37.39 -7.06
CA GLN I 84 -23.68 -36.07 -6.87
C GLN I 84 -23.96 -35.47 -8.25
N LEU I 85 -25.19 -34.98 -8.44
CA LEU I 85 -25.60 -34.34 -9.69
C LEU I 85 -24.83 -33.04 -9.89
N MET I 86 -24.24 -32.90 -11.07
CA MET I 86 -23.40 -31.75 -11.38
C MET I 86 -24.23 -30.60 -11.96
N SER I 87 -23.62 -29.43 -12.07
CA SER I 87 -24.30 -28.23 -12.53
C SER I 87 -24.40 -28.09 -14.05
N THR I 88 -23.72 -28.97 -14.79
CA THR I 88 -23.48 -28.75 -16.20
C THR I 88 -24.49 -29.40 -17.17
N GLY I 89 -25.24 -30.40 -16.72
CA GLY I 89 -26.17 -31.09 -17.63
C GLY I 89 -27.42 -30.28 -17.95
N ASN I 90 -28.27 -30.83 -18.80
CA ASN I 90 -29.59 -30.22 -19.10
C ASN I 90 -30.51 -30.24 -17.88
N ILE I 91 -30.35 -31.29 -17.05
CA ILE I 91 -30.98 -31.36 -15.75
C ILE I 91 -29.81 -31.31 -14.78
N ASN I 92 -29.86 -30.40 -13.82
CA ASN I 92 -28.66 -30.13 -13.03
C ASN I 92 -28.93 -29.62 -11.61
N SER I 93 -27.85 -29.48 -10.85
CA SER I 93 -27.95 -29.19 -9.41
C SER I 93 -28.57 -27.83 -9.09
N THR I 94 -28.80 -26.99 -10.09
CA THR I 94 -29.47 -25.71 -9.83
C THR I 94 -30.97 -25.88 -9.52
N THR I 95 -31.54 -27.06 -9.75
CA THR I 95 -32.93 -27.31 -9.33
C THR I 95 -33.03 -28.39 -8.25
N THR I 96 -34.20 -28.45 -7.62
CA THR I 96 -34.44 -29.33 -6.49
C THR I 96 -34.15 -30.78 -6.86
N TRP I 97 -33.18 -31.37 -6.16
CA TRP I 97 -32.79 -32.77 -6.36
C TRP I 97 -32.17 -33.32 -5.08
N GLY I 98 -32.46 -34.56 -4.76
CA GLY I 98 -31.88 -35.18 -3.57
C GLY I 98 -32.49 -36.50 -3.16
N GLU I 99 -32.24 -36.89 -1.91
CA GLU I 99 -32.66 -38.20 -1.41
C GLU I 99 -34.09 -38.16 -0.85
N LYS I 100 -34.86 -39.21 -1.15
CA LYS I 100 -36.19 -39.37 -0.57
C LYS I 100 -36.09 -40.27 0.66
N PRO I 101 -36.36 -39.71 1.84
CA PRO I 101 -36.42 -40.61 2.99
C PRO I 101 -37.61 -41.54 2.88
N TRP I 102 -37.43 -42.79 3.32
CA TRP I 102 -38.56 -43.71 3.50
C TRP I 102 -39.50 -43.03 4.48
N GLY I 103 -40.77 -42.90 4.13
CA GLY I 103 -41.75 -42.36 5.07
C GLY I 103 -42.29 -40.98 4.78
N ASN I 104 -41.66 -40.22 3.89
CA ASN I 104 -42.21 -38.94 3.48
C ASN I 104 -41.78 -38.54 2.09
N ASN I 105 -42.27 -37.38 1.64
CA ASN I 105 -42.04 -36.89 0.28
C ASN I 105 -41.08 -35.71 0.24
N THR I 106 -40.22 -35.57 1.24
CA THR I 106 -39.22 -34.49 1.21
C THR I 106 -38.11 -34.79 0.18
N VAL I 107 -37.30 -33.78 -0.09
CA VAL I 107 -36.10 -33.94 -0.91
C VAL I 107 -34.93 -33.53 -0.03
N GLN I 108 -34.06 -34.48 0.30
CA GLN I 108 -32.92 -34.20 1.16
C GLN I 108 -31.65 -33.94 0.33
N PRO I 109 -31.13 -32.69 0.37
CA PRO I 109 -30.06 -32.29 -0.51
C PRO I 109 -28.67 -32.65 0.01
N ARG I 110 -28.57 -32.96 1.30
CA ARG I 110 -27.27 -33.25 1.93
C ARG I 110 -26.70 -34.56 1.40
N PRO I 111 -25.56 -34.50 0.68
CA PRO I 111 -25.08 -35.70 0.00
C PRO I 111 -24.67 -36.79 0.96
N SER I 112 -24.70 -38.02 0.48
CA SER I 112 -24.20 -39.18 1.23
C SER I 112 -23.39 -40.11 0.32
N HIS I 113 -22.50 -40.89 0.93
CA HIS I 113 -21.74 -41.88 0.19
C HIS I 113 -22.67 -42.89 -0.47
N THR I 114 -23.85 -43.13 0.13
CA THR I 114 -24.82 -44.08 -0.44
C THR I 114 -25.35 -43.66 -1.81
N TRP I 115 -25.25 -42.38 -2.15
CA TRP I 115 -25.80 -41.88 -3.40
C TRP I 115 -25.14 -42.51 -4.61
N LYS I 116 -23.88 -42.92 -4.46
CA LYS I 116 -23.15 -43.63 -5.49
C LYS I 116 -23.87 -44.89 -5.98
N LEU I 117 -24.60 -45.53 -5.08
CA LEU I 117 -25.34 -46.75 -5.41
C LEU I 117 -26.45 -46.56 -6.45
N CYS I 118 -26.89 -45.32 -6.71
CA CYS I 118 -27.88 -45.06 -7.76
C CYS I 118 -27.26 -44.87 -9.13
N MET I 119 -25.94 -44.82 -9.21
CA MET I 119 -25.27 -44.58 -10.48
C MET I 119 -25.16 -45.88 -11.27
N PRO I 120 -25.10 -45.80 -12.61
CA PRO I 120 -24.87 -46.98 -13.44
C PRO I 120 -23.44 -47.53 -13.35
N ASN I 121 -23.35 -48.76 -12.83
CA ASN I 121 -22.12 -49.53 -12.68
C ASN I 121 -21.14 -49.29 -13.80
N ARG I 122 -20.02 -48.64 -13.50
CA ARG I 122 -19.12 -48.19 -14.54
C ARG I 122 -18.35 -49.32 -15.21
N GLU I 123 -18.25 -50.47 -14.55
CA GLU I 123 -17.61 -51.61 -15.20
C GLU I 123 -18.61 -52.32 -16.13
N VAL I 124 -19.86 -52.49 -15.69
CA VAL I 124 -20.89 -53.06 -16.54
C VAL I 124 -21.10 -52.16 -17.75
N TYR I 125 -21.22 -50.85 -17.51
CA TYR I 125 -21.47 -49.86 -18.58
C TYR I 125 -20.21 -49.09 -18.94
N SER I 126 -19.13 -49.81 -19.18
CA SER I 126 -17.87 -49.21 -19.57
C SER I 126 -17.91 -48.65 -20.99
N THR I 127 -18.88 -49.09 -21.78
CA THR I 127 -19.24 -48.39 -23.01
C THR I 127 -20.76 -48.15 -22.96
N PRO I 128 -21.26 -47.15 -23.68
CA PRO I 128 -22.62 -46.72 -23.44
C PRO I 128 -23.65 -47.78 -23.78
N ALA I 129 -24.70 -47.89 -22.96
CA ALA I 129 -25.84 -48.78 -23.21
C ALA I 129 -27.09 -47.92 -23.40
N ALA I 130 -28.12 -48.49 -24.03
CA ALA I 130 -29.32 -47.74 -24.35
C ALA I 130 -30.58 -48.58 -24.29
N THR I 131 -31.69 -47.95 -23.94
CA THR I 131 -33.02 -48.55 -24.05
C THR I 131 -33.99 -47.57 -24.71
N ILE I 132 -34.52 -47.96 -25.87
CA ILE I 132 -35.48 -47.10 -26.55
C ILE I 132 -36.89 -47.63 -26.33
N SER I 133 -37.66 -46.92 -25.51
CA SER I 133 -39.05 -47.24 -25.23
C SER I 133 -40.03 -46.35 -25.95
N ARG I 134 -41.19 -46.89 -26.25
CA ARG I 134 -42.37 -46.12 -26.60
C ARG I 134 -42.68 -45.13 -25.47
N CYS I 135 -43.20 -43.98 -25.86
CA CYS I 135 -43.49 -42.90 -24.92
C CYS I 135 -44.76 -42.19 -25.34
N GLY I 136 -45.88 -42.61 -24.76
CA GLY I 136 -47.18 -42.00 -25.06
C GLY I 136 -47.22 -40.56 -24.60
N LEU I 137 -47.94 -39.73 -25.35
CA LEU I 137 -48.18 -38.33 -24.97
C LEU I 137 -49.67 -38.12 -24.76
N ASP I 138 -50.02 -37.36 -23.73
CA ASP I 138 -51.40 -37.03 -23.39
C ASP I 138 -52.33 -38.26 -23.48
N SER I 139 -51.85 -39.41 -23.00
CA SER I 139 -52.48 -40.69 -23.28
C SER I 139 -53.89 -40.86 -22.74
N ILE I 140 -54.19 -40.30 -21.57
CA ILE I 140 -55.56 -40.38 -21.03
C ILE I 140 -56.51 -39.61 -21.91
N ALA I 141 -56.16 -38.37 -22.22
CA ALA I 141 -57.04 -37.48 -23.02
C ALA I 141 -57.29 -37.99 -24.44
N VAL I 142 -56.25 -38.49 -25.10
CA VAL I 142 -56.38 -39.01 -26.48
C VAL I 142 -56.79 -40.47 -26.49
N ASP I 143 -57.02 -41.05 -25.32
CA ASP I 143 -57.40 -42.45 -25.13
C ASP I 143 -56.44 -43.42 -25.83
N GLY I 144 -55.15 -43.16 -25.68
CA GLY I 144 -54.13 -44.05 -26.19
C GLY I 144 -54.11 -44.24 -27.68
N ALA I 145 -54.58 -43.25 -28.44
CA ALA I 145 -54.55 -43.33 -29.90
C ALA I 145 -53.13 -43.67 -30.36
N PRO I 146 -52.99 -44.62 -31.31
CA PRO I 146 -51.66 -45.14 -31.67
C PRO I 146 -50.68 -44.07 -32.19
N SER I 147 -51.18 -43.06 -32.89
CA SER I 147 -50.34 -42.05 -33.51
C SER I 147 -50.14 -40.84 -32.59
N ARG I 148 -50.20 -41.09 -31.28
CA ARG I 148 -49.93 -40.06 -30.26
C ARG I 148 -48.78 -40.45 -29.37
N SER I 149 -47.95 -41.38 -29.84
CA SER I 149 -46.76 -41.82 -29.12
C SER I 149 -45.50 -41.36 -29.84
N ILE I 150 -44.53 -40.91 -29.08
CA ILE I 150 -43.18 -40.68 -29.59
C ILE I 150 -42.29 -41.76 -28.98
N ASP I 151 -40.98 -41.61 -29.13
CA ASP I 151 -40.04 -42.51 -28.46
C ASP I 151 -39.15 -41.74 -27.49
N CYS I 152 -38.85 -42.39 -26.38
CA CYS I 152 -37.88 -41.88 -25.44
C CYS I 152 -36.83 -42.95 -25.22
N MET I 153 -35.56 -42.57 -25.41
CA MET I 153 -34.44 -43.49 -25.29
C MET I 153 -33.58 -43.04 -24.12
N LEU I 154 -33.37 -43.96 -23.18
CA LEU I 154 -32.42 -43.73 -22.09
C LEU I 154 -31.04 -44.15 -22.60
N ILE I 155 -30.05 -43.28 -22.45
CA ILE I 155 -28.66 -43.62 -22.76
C ILE I 155 -27.86 -43.62 -21.47
N ILE I 156 -27.27 -44.78 -21.15
CA ILE I 156 -26.54 -44.98 -19.91
C ILE I 156 -25.05 -44.76 -20.19
N ASN I 157 -24.45 -43.84 -19.44
CA ASN I 157 -23.01 -43.56 -19.52
C ASN I 157 -22.43 -43.19 -20.90
N LYS I 158 -23.15 -42.38 -21.67
CA LYS I 158 -22.52 -41.76 -22.82
C LYS I 158 -21.63 -40.66 -22.25
N PRO I 159 -20.37 -40.60 -22.68
CA PRO I 159 -19.46 -39.60 -22.10
C PRO I 159 -19.92 -38.19 -22.41
N LYS I 160 -19.78 -37.30 -21.43
CA LYS I 160 -20.09 -35.88 -21.59
C LYS I 160 -19.24 -35.07 -20.61
N GLY I 161 -18.44 -34.16 -21.15
CA GLY I 161 -17.62 -33.28 -20.33
C GLY I 161 -16.75 -34.07 -19.37
N VAL I 162 -16.73 -33.63 -18.11
CA VAL I 162 -15.94 -34.31 -17.09
C VAL I 162 -16.82 -35.16 -16.17
N ALA I 163 -18.03 -35.52 -16.61
CA ALA I 163 -18.91 -36.32 -15.80
C ALA I 163 -18.39 -37.74 -15.75
N THR I 164 -18.61 -38.41 -14.63
CA THR I 164 -18.22 -39.83 -14.46
C THR I 164 -19.37 -40.76 -14.84
N TYR I 165 -20.58 -40.40 -14.44
CA TYR I 165 -21.78 -41.12 -14.84
C TYR I 165 -22.71 -40.17 -15.56
N THR I 166 -23.44 -40.68 -16.56
CA THR I 166 -24.47 -39.88 -17.23
C THR I 166 -25.74 -40.67 -17.42
N LEU I 167 -26.88 -39.98 -17.36
CA LEU I 167 -28.16 -40.56 -17.78
C LEU I 167 -28.80 -39.58 -18.75
N THR I 168 -29.18 -40.04 -19.93
CA THR I 168 -29.74 -39.20 -20.96
C THR I 168 -31.11 -39.66 -21.36
N PHE I 169 -32.10 -38.77 -21.21
CA PHE I 169 -33.41 -39.00 -21.78
C PHE I 169 -33.42 -38.29 -23.13
N ARG I 170 -33.49 -39.08 -24.20
CA ARG I 170 -33.50 -38.53 -25.55
C ARG I 170 -34.86 -38.79 -26.18
N PHE I 171 -35.52 -37.71 -26.60
CA PHE I 171 -36.87 -37.79 -27.16
C PHE I 171 -36.78 -37.74 -28.66
N LEU I 172 -37.39 -38.73 -29.31
CA LEU I 172 -37.16 -38.98 -30.74
C LEU I 172 -38.42 -39.29 -31.49
N ASN I 173 -38.34 -39.19 -32.81
CA ASN I 173 -39.39 -39.65 -33.70
C ASN I 173 -40.73 -38.98 -33.44
N PHE I 174 -40.70 -37.65 -33.32
CA PHE I 174 -41.91 -36.84 -33.19
C PHE I 174 -42.77 -36.92 -34.45
N ASN I 175 -42.14 -37.19 -35.59
CA ASN I 175 -42.84 -37.40 -36.86
C ASN I 175 -43.85 -38.55 -36.89
N ARG I 176 -43.86 -39.38 -35.84
CA ARG I 176 -44.92 -40.36 -35.61
C ARG I 176 -46.27 -39.73 -35.30
N LEU I 177 -46.25 -38.50 -34.75
CA LEU I 177 -47.47 -37.84 -34.31
C LEU I 177 -48.36 -37.47 -35.48
N SER I 178 -49.65 -37.71 -35.34
CA SER I 178 -50.64 -37.34 -36.35
C SER I 178 -50.87 -35.81 -36.39
N GLY I 179 -50.55 -35.12 -35.31
CA GLY I 179 -50.70 -33.68 -35.25
C GLY I 179 -50.19 -33.11 -33.94
N GLY I 180 -50.46 -31.84 -33.71
CA GLY I 180 -50.03 -31.16 -32.49
C GLY I 180 -50.56 -31.87 -31.26
N THR I 181 -49.68 -32.14 -30.30
CA THR I 181 -50.01 -32.95 -29.14
C THR I 181 -49.45 -32.34 -27.86
N LEU I 182 -50.25 -32.33 -26.81
CA LEU I 182 -49.82 -31.81 -25.52
C LEU I 182 -48.65 -32.66 -25.05
N PHE I 183 -47.53 -32.04 -24.73
CA PHE I 183 -46.32 -32.77 -24.39
C PHE I 183 -46.35 -33.19 -22.94
N LYS I 184 -47.22 -34.15 -22.67
CA LYS I 184 -47.46 -34.66 -21.33
C LYS I 184 -47.21 -36.14 -21.39
N THR I 185 -45.98 -36.56 -21.07
CA THR I 185 -45.57 -37.95 -21.30
C THR I 185 -46.17 -38.92 -20.31
N ASP I 186 -46.19 -40.18 -20.70
CA ASP I 186 -46.49 -41.28 -19.79
C ASP I 186 -45.42 -41.38 -18.70
N VAL I 187 -45.69 -42.24 -17.71
CA VAL I 187 -44.66 -42.63 -16.75
C VAL I 187 -43.78 -43.66 -17.45
N LEU I 188 -42.51 -43.35 -17.57
CA LEU I 188 -41.55 -44.25 -18.21
C LEU I 188 -40.75 -45.01 -17.16
N THR I 189 -40.40 -46.25 -17.47
CA THR I 189 -39.61 -47.09 -16.56
C THR I 189 -38.44 -47.71 -17.28
N PHE I 190 -37.23 -47.48 -16.76
CA PHE I 190 -36.05 -48.20 -17.23
C PHE I 190 -35.34 -48.86 -16.06
N THR I 191 -34.33 -49.67 -16.37
CA THR I 191 -33.60 -50.47 -15.37
C THR I 191 -32.11 -50.59 -15.76
N TYR I 192 -31.22 -50.42 -14.79
CA TYR I 192 -29.81 -50.71 -15.01
C TYR I 192 -29.12 -51.22 -13.72
N VAL I 193 -27.96 -51.85 -13.91
CA VAL I 193 -27.20 -52.39 -12.77
C VAL I 193 -26.54 -51.25 -12.04
N GLY I 194 -26.72 -51.21 -10.72
CA GLY I 194 -26.20 -50.11 -9.93
C GLY I 194 -24.72 -50.26 -9.63
N GLU I 195 -24.10 -49.16 -9.27
CA GLU I 195 -22.67 -49.16 -8.94
C GLU I 195 -22.43 -49.77 -7.58
N ASN I 196 -21.25 -50.33 -7.37
CA ASN I 196 -20.89 -50.90 -6.07
C ASN I 196 -20.36 -49.82 -5.13
N GLN I 197 -20.67 -49.94 -3.85
CA GLN I 197 -20.15 -48.99 -2.85
C GLN I 197 -18.64 -48.84 -3.00
N ALA J 2 -62.43 -78.17 10.61
CA ALA J 2 -61.16 -78.96 10.64
C ALA J 2 -59.96 -78.02 10.65
N ARG J 3 -58.75 -78.59 10.69
CA ARG J 3 -57.50 -77.82 10.80
C ARG J 3 -57.22 -76.87 9.63
N SER J 4 -57.47 -77.34 8.40
CA SER J 4 -57.29 -76.48 7.21
C SER J 4 -58.46 -76.64 6.24
N LEU J 5 -58.44 -75.84 5.16
CA LEU J 5 -59.44 -75.98 4.09
C LEU J 5 -59.10 -77.19 3.20
N SER J 6 -59.99 -78.18 3.16
CA SER J 6 -59.81 -79.33 2.27
C SER J 6 -61.14 -79.92 1.84
N ILE J 7 -61.09 -80.80 0.84
CA ILE J 7 -62.27 -81.41 0.22
C ILE J 7 -62.24 -82.91 0.48
N THR J 8 -63.39 -83.52 0.77
CA THR J 8 -63.42 -84.97 1.05
C THR J 8 -63.28 -85.71 -0.28
N THR J 9 -62.44 -86.74 -0.28
CA THR J 9 -62.10 -87.50 -1.48
C THR J 9 -61.60 -86.60 -2.63
N PRO J 10 -60.34 -86.15 -2.54
CA PRO J 10 -59.70 -85.32 -3.58
C PRO J 10 -59.82 -85.81 -5.04
N GLU J 11 -59.89 -87.12 -5.27
CA GLU J 11 -59.98 -87.65 -6.64
C GLU J 11 -60.95 -88.85 -6.74
N GLU J 12 -61.66 -88.94 -7.87
CA GLU J 12 -62.64 -89.99 -8.09
C GLU J 12 -62.72 -90.34 -9.57
N MET J 13 -63.34 -91.48 -9.88
CA MET J 13 -63.90 -91.72 -11.21
C MET J 13 -65.38 -91.90 -11.02
N ILE J 14 -66.16 -91.47 -11.99
CA ILE J 14 -67.59 -91.72 -12.00
C ILE J 14 -68.03 -92.19 -13.39
N GLU J 15 -68.59 -93.40 -13.46
CA GLU J 15 -69.19 -93.92 -14.69
C GLU J 15 -70.70 -93.71 -14.63
N LYS J 16 -71.26 -93.17 -15.71
CA LYS J 16 -72.72 -92.96 -15.81
C LYS J 16 -73.27 -93.30 -17.21
N ALA J 17 -74.57 -93.49 -17.30
CA ALA J 17 -75.20 -93.76 -18.58
C ALA J 17 -75.50 -92.45 -19.32
N LYS J 18 -75.51 -92.51 -20.66
CA LYS J 18 -76.00 -91.40 -21.51
C LYS J 18 -77.44 -91.08 -21.11
N GLY J 19 -77.73 -89.82 -20.84
CA GLY J 19 -79.07 -89.41 -20.44
C GLY J 19 -79.22 -89.22 -18.94
N GLU J 20 -78.65 -90.15 -18.15
CA GLU J 20 -78.73 -90.07 -16.68
C GLU J 20 -78.00 -88.79 -16.24
N THR J 21 -78.37 -88.26 -15.07
CA THR J 21 -77.75 -87.03 -14.56
C THR J 21 -76.71 -87.38 -13.50
N ALA J 22 -75.49 -86.89 -13.71
CA ALA J 22 -74.35 -87.23 -12.87
C ALA J 22 -74.38 -86.39 -11.60
N TYR J 23 -74.06 -86.98 -10.45
CA TYR J 23 -73.85 -86.22 -9.22
C TYR J 23 -72.34 -86.13 -8.96
N LEU J 24 -71.80 -84.90 -8.97
CA LEU J 24 -70.37 -84.67 -8.79
C LEU J 24 -70.10 -84.04 -7.41
N PRO J 25 -69.58 -84.83 -6.45
CA PRO J 25 -69.47 -84.31 -5.08
C PRO J 25 -68.28 -83.38 -4.84
N CYS J 26 -68.54 -82.24 -4.20
CA CYS J 26 -67.48 -81.38 -3.68
C CYS J 26 -67.87 -80.92 -2.26
N LYS J 27 -67.53 -81.73 -1.26
CA LYS J 27 -67.80 -81.40 0.14
C LYS J 27 -66.52 -80.91 0.82
N PHE J 28 -66.57 -79.70 1.39
CA PHE J 28 -65.34 -79.06 1.89
C PHE J 28 -65.45 -78.60 3.33
N THR J 29 -64.31 -78.54 4.01
CA THR J 29 -64.24 -78.17 5.41
C THR J 29 -63.48 -76.87 5.58
N LEU J 30 -64.10 -75.88 6.24
CA LEU J 30 -63.46 -74.60 6.51
C LEU J 30 -62.65 -74.63 7.81
N SER J 31 -61.79 -73.63 8.00
CA SER J 31 -61.08 -73.44 9.28
C SER J 31 -61.23 -71.99 9.76
N PRO J 32 -61.05 -71.76 11.08
CA PRO J 32 -61.21 -70.40 11.64
C PRO J 32 -60.39 -69.30 10.93
N GLU J 33 -59.16 -69.61 10.53
CA GLU J 33 -58.33 -68.64 9.79
C GLU J 33 -58.84 -68.24 8.39
N ASP J 34 -59.74 -69.04 7.79
CA ASP J 34 -60.21 -68.80 6.42
C ASP J 34 -61.20 -67.64 6.34
N GLN J 35 -60.67 -66.43 6.55
CA GLN J 35 -61.44 -65.20 6.70
C GLN J 35 -61.80 -64.50 5.38
N GLY J 36 -61.24 -64.96 4.27
CA GLY J 36 -61.50 -64.33 2.96
C GLY J 36 -62.87 -64.66 2.42
N PRO J 37 -63.24 -64.09 1.27
CA PRO J 37 -64.52 -64.44 0.66
C PRO J 37 -64.53 -65.87 0.10
N LEU J 38 -65.64 -66.58 0.26
CA LEU J 38 -65.80 -67.90 -0.35
C LEU J 38 -65.91 -67.75 -1.86
N ASP J 39 -65.06 -68.51 -2.55
CA ASP J 39 -64.79 -68.32 -3.96
C ASP J 39 -64.63 -69.71 -4.59
N ILE J 40 -65.69 -70.19 -5.23
CA ILE J 40 -65.75 -71.55 -5.75
C ILE J 40 -65.79 -71.51 -7.26
N GLU J 41 -65.15 -72.48 -7.90
CA GLU J 41 -65.36 -72.67 -9.32
C GLU J 41 -65.13 -74.11 -9.74
N TRP J 42 -65.87 -74.51 -10.79
CA TRP J 42 -65.77 -75.83 -11.41
C TRP J 42 -65.19 -75.66 -12.80
N LEU J 43 -64.25 -76.51 -13.18
CA LEU J 43 -63.66 -76.49 -14.53
C LEU J 43 -63.89 -77.81 -15.23
N ILE J 44 -63.59 -77.86 -16.52
CA ILE J 44 -63.75 -79.09 -17.28
C ILE J 44 -62.66 -79.16 -18.36
N SER J 45 -61.89 -80.26 -18.34
CA SER J 45 -60.93 -80.58 -19.40
C SER J 45 -61.50 -81.70 -20.26
N PRO J 46 -62.22 -81.34 -21.35
CA PRO J 46 -62.85 -82.36 -22.20
C PRO J 46 -61.86 -83.23 -22.98
N ALA J 47 -62.30 -84.45 -23.29
CA ALA J 47 -61.51 -85.44 -24.02
C ALA J 47 -61.64 -85.29 -25.55
N ASP J 48 -62.67 -84.56 -26.00
CA ASP J 48 -62.90 -84.32 -27.43
C ASP J 48 -61.80 -83.51 -28.09
N ASN J 49 -61.28 -82.53 -27.34
CA ASN J 49 -60.48 -81.47 -27.95
C ASN J 49 -59.33 -80.99 -27.09
N GLN J 50 -58.51 -80.18 -27.74
CA GLN J 50 -57.41 -79.45 -27.13
C GLN J 50 -57.84 -78.85 -25.78
N LYS J 51 -58.87 -77.99 -25.81
CA LYS J 51 -59.29 -77.15 -24.65
C LYS J 51 -59.16 -77.82 -23.29
N VAL J 52 -58.42 -77.16 -22.40
CA VAL J 52 -58.18 -77.62 -21.03
C VAL J 52 -58.62 -76.54 -20.04
N ASP J 53 -59.15 -76.95 -18.89
CA ASP J 53 -59.45 -76.02 -17.78
C ASP J 53 -60.34 -74.86 -18.18
N GLN J 54 -61.57 -75.18 -18.60
CA GLN J 54 -62.55 -74.18 -18.94
C GLN J 54 -63.59 -74.12 -17.84
N VAL J 55 -63.80 -72.93 -17.30
CA VAL J 55 -64.80 -72.74 -16.27
C VAL J 55 -66.16 -73.16 -16.83
N ILE J 56 -66.96 -73.81 -15.99
CA ILE J 56 -68.31 -74.14 -16.38
C ILE J 56 -69.34 -73.46 -15.46
N ILE J 57 -69.09 -73.44 -14.15
CA ILE J 57 -69.99 -72.76 -13.20
C ILE J 57 -69.20 -72.20 -12.03
N LEU J 58 -69.62 -71.05 -11.51
CA LEU J 58 -68.92 -70.48 -10.37
C LEU J 58 -69.81 -69.78 -9.34
N TYR J 59 -69.29 -69.70 -8.11
CA TYR J 59 -69.98 -69.06 -6.99
C TYR J 59 -69.02 -68.03 -6.39
N SER J 60 -69.40 -66.76 -6.46
CA SER J 60 -68.61 -65.66 -5.92
C SER J 60 -69.58 -64.59 -5.41
N GLY J 61 -69.23 -63.93 -4.31
CA GLY J 61 -70.08 -62.92 -3.66
C GLY J 61 -71.50 -63.39 -3.40
N ASP J 62 -71.65 -64.63 -2.95
CA ASP J 62 -72.99 -65.25 -2.76
C ASP J 62 -73.91 -65.17 -3.98
N LYS J 63 -73.34 -65.36 -5.17
CA LYS J 63 -74.12 -65.41 -6.39
C LYS J 63 -73.53 -66.47 -7.28
N ILE J 64 -74.40 -67.05 -8.09
CA ILE J 64 -74.06 -68.12 -9.01
C ILE J 64 -74.01 -67.54 -10.40
N TYR J 65 -72.97 -67.90 -11.15
CA TYR J 65 -72.81 -67.50 -12.54
C TYR J 65 -72.60 -68.76 -13.36
N ASP J 66 -73.46 -69.00 -14.34
CA ASP J 66 -73.51 -70.30 -15.04
C ASP J 66 -73.36 -70.28 -16.57
N ASP J 67 -73.27 -69.09 -17.18
CA ASP J 67 -73.24 -68.98 -18.65
C ASP J 67 -71.82 -68.81 -19.21
N TYR J 68 -70.98 -69.84 -19.05
CA TYR J 68 -69.59 -69.80 -19.57
C TYR J 68 -69.27 -70.83 -20.65
N TYR J 69 -69.72 -72.07 -20.44
CA TYR J 69 -69.41 -73.19 -21.32
C TYR J 69 -70.66 -73.58 -22.12
N PRO J 70 -70.72 -73.16 -23.40
CA PRO J 70 -71.92 -73.42 -24.19
C PRO J 70 -72.52 -74.81 -24.02
N ASP J 71 -71.71 -75.85 -24.15
CA ASP J 71 -72.24 -77.23 -24.09
C ASP J 71 -72.90 -77.61 -22.78
N LEU J 72 -72.70 -76.85 -21.71
CA LEU J 72 -73.35 -77.18 -20.44
C LEU J 72 -74.43 -76.17 -20.06
N LYS J 73 -74.76 -75.25 -20.97
CA LYS J 73 -75.81 -74.27 -20.74
C LYS J 73 -77.08 -75.02 -20.42
N GLY J 74 -77.63 -74.71 -19.25
CA GLY J 74 -78.88 -75.30 -18.80
C GLY J 74 -78.71 -76.64 -18.11
N ARG J 75 -77.55 -77.26 -18.21
CA ARG J 75 -77.41 -78.64 -17.70
C ARG J 75 -76.57 -78.76 -16.42
N VAL J 76 -76.18 -77.63 -15.83
CA VAL J 76 -75.34 -77.61 -14.63
C VAL J 76 -75.94 -76.71 -13.57
N HIS J 77 -76.04 -77.23 -12.36
CA HIS J 77 -76.48 -76.47 -11.21
C HIS J 77 -75.85 -77.01 -9.94
N PHE J 78 -75.68 -76.14 -8.96
CA PHE J 78 -75.22 -76.58 -7.65
C PHE J 78 -76.39 -77.26 -7.00
N THR J 79 -76.12 -78.21 -6.11
CA THR J 79 -77.18 -79.00 -5.48
C THR J 79 -77.57 -78.45 -4.12
N SER J 80 -76.62 -78.20 -3.23
CA SER J 80 -76.99 -77.79 -1.88
C SER J 80 -77.60 -76.40 -1.87
N ASN J 81 -78.65 -76.24 -1.07
CA ASN J 81 -79.23 -74.94 -0.78
C ASN J 81 -78.36 -74.16 0.21
N ASP J 82 -77.49 -74.88 0.95
CA ASP J 82 -76.64 -74.28 1.99
C ASP J 82 -75.19 -74.48 1.55
N LEU J 83 -74.93 -74.11 0.30
CA LEU J 83 -73.61 -74.27 -0.35
C LEU J 83 -72.46 -73.64 0.42
N LYS J 84 -72.65 -72.42 0.89
CA LYS J 84 -71.63 -71.74 1.71
C LYS J 84 -71.31 -72.51 3.00
N SER J 85 -72.21 -73.41 3.41
CA SER J 85 -72.00 -74.20 4.61
C SER J 85 -71.10 -75.44 4.40
N GLY J 86 -70.54 -75.60 3.20
CA GLY J 86 -69.54 -76.63 2.94
C GLY J 86 -69.83 -77.62 1.82
N ASP J 87 -70.88 -77.40 1.03
CA ASP J 87 -71.25 -78.34 -0.05
C ASP J 87 -71.26 -77.71 -1.43
N ALA J 88 -70.14 -77.83 -2.13
CA ALA J 88 -69.96 -77.26 -3.46
C ALA J 88 -70.43 -78.17 -4.59
N SER J 89 -71.06 -79.29 -4.25
CA SER J 89 -71.39 -80.31 -5.27
C SER J 89 -72.32 -79.79 -6.37
N ILE J 90 -72.14 -80.30 -7.59
CA ILE J 90 -73.01 -79.97 -8.73
C ILE J 90 -73.66 -81.22 -9.37
N ASN J 91 -74.72 -80.96 -10.14
CA ASN J 91 -75.31 -81.96 -11.03
C ASN J 91 -74.95 -81.62 -12.47
N VAL J 92 -74.87 -82.64 -13.32
CA VAL J 92 -74.72 -82.43 -14.76
C VAL J 92 -75.83 -83.23 -15.45
N THR J 93 -76.93 -82.54 -15.79
CA THR J 93 -78.14 -83.21 -16.28
C THR J 93 -78.03 -83.65 -17.72
N ASN J 94 -78.81 -84.66 -18.07
CA ASN J 94 -78.95 -85.10 -19.44
C ASN J 94 -77.58 -85.32 -20.13
N LEU J 95 -76.76 -86.20 -19.55
CA LEU J 95 -75.36 -86.35 -19.98
C LEU J 95 -75.20 -86.74 -21.45
N GLN J 96 -74.22 -86.13 -22.11
CA GLN J 96 -73.88 -86.44 -23.50
C GLN J 96 -72.56 -87.23 -23.53
N LEU J 97 -72.23 -87.77 -24.71
CA LEU J 97 -70.94 -88.45 -24.91
C LEU J 97 -69.77 -87.46 -24.96
N SER J 98 -70.05 -86.23 -25.41
CA SER J 98 -69.02 -85.19 -25.45
C SER J 98 -68.70 -84.59 -24.07
N ASP J 99 -69.36 -85.06 -23.02
CA ASP J 99 -69.12 -84.57 -21.63
C ASP J 99 -68.05 -85.36 -20.88
N ILE J 100 -67.46 -86.37 -21.53
CA ILE J 100 -66.39 -87.15 -20.93
C ILE J 100 -65.20 -86.23 -20.74
N GLY J 101 -64.53 -86.39 -19.60
CA GLY J 101 -63.37 -85.57 -19.26
C GLY J 101 -63.10 -85.56 -17.77
N THR J 102 -62.14 -84.73 -17.36
CA THR J 102 -61.86 -84.48 -15.95
C THR J 102 -62.54 -83.18 -15.55
N TYR J 103 -63.27 -83.22 -14.45
CA TYR J 103 -64.00 -82.09 -13.91
C TYR J 103 -63.32 -81.66 -12.61
N GLN J 104 -63.14 -80.37 -12.39
CA GLN J 104 -62.28 -79.89 -11.32
C GLN J 104 -62.97 -78.82 -10.49
N CYS J 105 -63.10 -79.08 -9.19
CA CYS J 105 -63.75 -78.16 -8.24
C CYS J 105 -62.69 -77.45 -7.40
N LYS J 106 -62.40 -76.18 -7.70
CA LYS J 106 -61.56 -75.33 -6.84
C LYS J 106 -62.39 -74.56 -5.80
N VAL J 107 -62.05 -74.77 -4.53
CA VAL J 107 -62.67 -74.06 -3.43
C VAL J 107 -61.59 -73.19 -2.78
N LYS J 108 -61.76 -71.88 -2.84
CA LYS J 108 -60.88 -70.93 -2.15
C LYS J 108 -61.65 -70.17 -1.07
N LYS J 109 -61.02 -70.00 0.09
CA LYS J 109 -61.48 -69.09 1.12
C LYS J 109 -60.26 -68.57 1.89
N ALA J 110 -59.62 -67.57 1.33
CA ALA J 110 -58.30 -67.11 1.74
C ALA J 110 -58.05 -67.17 3.27
N PRO J 111 -56.93 -67.79 3.69
CA PRO J 111 -55.87 -68.35 2.87
C PRO J 111 -56.12 -69.78 2.41
N GLY J 112 -57.34 -70.28 2.60
CA GLY J 112 -57.68 -71.64 2.25
C GLY J 112 -57.79 -71.91 0.76
N VAL J 113 -57.38 -73.10 0.35
CA VAL J 113 -57.48 -73.54 -1.05
C VAL J 113 -57.53 -75.04 -1.07
N ALA J 114 -58.27 -75.60 -2.01
CA ALA J 114 -58.24 -77.04 -2.22
C ALA J 114 -58.92 -77.33 -3.54
N ASN J 115 -58.41 -78.31 -4.26
CA ASN J 115 -59.13 -78.79 -5.43
C ASN J 115 -59.33 -80.30 -5.45
N LYS J 116 -60.45 -80.71 -6.04
CA LYS J 116 -60.74 -82.11 -6.30
C LYS J 116 -60.93 -82.29 -7.81
N LYS J 117 -60.42 -83.41 -8.35
CA LYS J 117 -60.60 -83.81 -9.75
C LYS J 117 -61.56 -85.02 -9.89
N ILE J 118 -62.57 -84.91 -10.74
CA ILE J 118 -63.51 -86.03 -11.00
C ILE J 118 -63.41 -86.49 -12.44
N HIS J 119 -63.04 -87.73 -12.66
CA HIS J 119 -62.98 -88.26 -14.03
C HIS J 119 -64.34 -88.85 -14.43
N LEU J 120 -65.04 -88.19 -15.36
CA LEU J 120 -66.35 -88.66 -15.80
C LEU J 120 -66.19 -89.55 -17.03
N VAL J 121 -67.05 -90.55 -17.13
CA VAL J 121 -67.16 -91.41 -18.32
C VAL J 121 -68.64 -91.76 -18.57
N VAL J 122 -69.04 -91.73 -19.85
CA VAL J 122 -70.42 -91.93 -20.27
C VAL J 122 -70.49 -93.03 -21.32
N LEU J 123 -71.52 -93.88 -21.25
CA LEU J 123 -71.59 -95.09 -22.08
C LEU J 123 -73.05 -95.33 -22.55
N VAL J 124 -73.36 -96.56 -22.95
CA VAL J 124 -74.74 -97.01 -23.18
C VAL J 124 -74.85 -98.50 -22.84
N PHE K 1 20.16 -34.19 46.59
CA PHE K 1 18.85 -34.01 45.89
C PHE K 1 17.70 -33.63 46.84
N ALA K 2 16.98 -32.56 46.51
CA ALA K 2 15.73 -32.18 47.19
C ALA K 2 14.50 -32.59 46.36
N ARG K 3 13.31 -32.22 46.82
CA ARG K 3 12.06 -32.53 46.10
C ARG K 3 11.82 -31.66 44.85
N SER K 4 12.46 -30.47 44.79
CA SER K 4 12.52 -29.65 43.57
C SER K 4 13.69 -28.66 43.65
N LEU K 5 14.02 -28.04 42.50
CA LEU K 5 15.13 -27.06 42.44
C LEU K 5 14.80 -25.79 43.22
N SER K 6 15.74 -25.36 44.05
CA SER K 6 15.51 -24.24 44.93
C SER K 6 16.82 -23.64 45.42
N ILE K 7 16.72 -22.45 46.00
CA ILE K 7 17.87 -21.77 46.59
C ILE K 7 17.63 -21.58 48.10
N THR K 8 18.68 -21.73 48.90
CA THR K 8 18.60 -21.43 50.33
C THR K 8 18.66 -19.92 50.51
N THR K 9 17.82 -19.42 51.41
CA THR K 9 17.67 -17.99 51.63
C THR K 9 17.34 -17.27 50.32
N PRO K 10 16.07 -17.28 49.90
CA PRO K 10 15.70 -16.63 48.64
C PRO K 10 15.71 -15.09 48.64
N GLU K 11 15.93 -14.46 49.80
CA GLU K 11 15.98 -13.01 49.86
C GLU K 11 16.82 -12.51 51.04
N GLU K 12 17.80 -11.65 50.75
CA GLU K 12 18.72 -11.14 51.77
C GLU K 12 18.91 -9.64 51.69
N MET K 13 19.55 -9.09 52.72
CA MET K 13 20.07 -7.74 52.70
C MET K 13 21.53 -7.87 53.08
N ILE K 14 22.40 -7.35 52.23
CA ILE K 14 23.83 -7.32 52.52
C ILE K 14 24.21 -5.88 52.62
N GLU K 15 25.05 -5.57 53.60
CA GLU K 15 25.50 -4.20 53.84
C GLU K 15 27.04 -4.17 53.89
N LYS K 16 27.65 -3.29 53.10
CA LYS K 16 29.11 -3.25 52.96
C LYS K 16 29.57 -1.82 52.70
N ALA K 17 30.85 -1.53 52.98
CA ALA K 17 31.41 -0.20 52.74
C ALA K 17 32.22 -0.14 51.43
N LYS K 18 32.49 1.06 50.95
CA LYS K 18 33.24 1.24 49.71
C LYS K 18 34.57 0.51 49.73
N GLY K 19 34.89 -0.18 48.64
CA GLY K 19 36.18 -0.85 48.47
C GLY K 19 36.17 -2.31 48.81
N GLU K 20 35.30 -2.68 49.76
CA GLU K 20 35.14 -4.08 50.16
C GLU K 20 34.52 -4.90 49.03
N THR K 21 34.99 -6.12 48.86
CA THR K 21 34.45 -7.04 47.86
C THR K 21 33.25 -7.76 48.52
N ALA K 22 32.10 -7.82 47.84
CA ALA K 22 30.86 -8.33 48.48
C ALA K 22 30.45 -9.73 47.98
N TYR K 23 30.33 -10.69 48.92
CA TYR K 23 29.95 -12.08 48.61
C TYR K 23 28.44 -12.17 48.50
N LEU K 24 27.93 -12.52 47.32
CA LEU K 24 26.50 -12.64 47.10
C LEU K 24 26.13 -14.12 46.92
N PRO K 25 25.74 -14.78 48.03
CA PRO K 25 25.36 -16.22 48.02
C PRO K 25 24.20 -16.60 47.10
N CYS K 26 24.41 -17.65 46.31
CA CYS K 26 23.33 -18.29 45.52
C CYS K 26 23.61 -19.79 45.45
N LYS K 27 23.39 -20.47 46.56
CA LYS K 27 23.66 -21.90 46.68
C LYS K 27 22.34 -22.64 46.50
N PHE K 28 22.29 -23.57 45.55
CA PHE K 28 21.03 -24.20 45.12
C PHE K 28 20.98 -25.73 45.20
N THR K 29 19.82 -26.29 45.52
CA THR K 29 19.60 -27.75 45.48
C THR K 29 18.99 -28.14 44.16
N LEU K 30 19.42 -29.27 43.62
CA LEU K 30 18.86 -29.85 42.40
C LEU K 30 17.99 -31.04 42.79
N SER K 31 17.11 -31.45 41.88
CA SER K 31 16.29 -32.65 42.06
C SER K 31 16.57 -33.59 40.91
N PRO K 32 16.22 -34.88 41.07
CA PRO K 32 16.55 -35.85 40.04
C PRO K 32 15.81 -35.58 38.73
N GLU K 33 14.61 -35.02 38.83
CA GLU K 33 13.78 -34.67 37.67
C GLU K 33 14.44 -33.64 36.74
N ASP K 34 15.42 -32.89 37.24
CA ASP K 34 16.03 -31.76 36.50
C ASP K 34 17.03 -32.19 35.44
N GLN K 35 16.50 -32.77 34.37
CA GLN K 35 17.32 -33.32 33.29
C GLN K 35 17.97 -32.28 32.35
N GLY K 36 17.49 -31.04 32.38
CA GLY K 36 17.89 -30.04 31.39
C GLY K 36 19.27 -29.45 31.62
N PRO K 37 19.74 -28.57 30.73
CA PRO K 37 21.07 -28.01 30.90
C PRO K 37 21.12 -26.96 32.01
N LEU K 38 22.23 -26.91 32.75
CA LEU K 38 22.40 -25.91 33.79
C LEU K 38 22.54 -24.53 33.14
N ASP K 39 21.66 -23.61 33.53
CA ASP K 39 21.47 -22.38 32.81
C ASP K 39 21.35 -21.23 33.79
N ILE K 40 22.48 -20.73 34.29
CA ILE K 40 22.48 -19.68 35.34
C ILE K 40 22.60 -18.29 34.74
N GLU K 41 21.98 -17.31 35.39
CA GLU K 41 22.28 -15.90 35.08
C GLU K 41 22.04 -14.95 36.29
N TRP K 42 22.89 -13.92 36.40
CA TRP K 42 22.75 -12.85 37.40
C TRP K 42 22.30 -11.56 36.73
N LEU K 43 21.37 -10.86 37.38
CA LEU K 43 20.90 -9.56 36.90
C LEU K 43 20.95 -8.55 38.01
N ILE K 44 21.06 -7.27 37.63
CA ILE K 44 21.10 -6.15 38.56
C ILE K 44 20.01 -5.15 38.16
N SER K 45 19.18 -4.76 39.13
CA SER K 45 18.25 -3.64 38.96
C SER K 45 18.75 -2.47 39.79
N PRO K 46 19.56 -1.58 39.18
CA PRO K 46 20.20 -0.56 40.01
C PRO K 46 19.16 0.40 40.58
N ALA K 47 19.48 0.96 41.75
CA ALA K 47 18.68 2.01 42.36
C ALA K 47 19.08 3.28 41.64
N ASP K 48 20.41 3.47 41.58
CA ASP K 48 21.06 4.60 40.88
C ASP K 48 20.26 5.16 39.68
N ASN K 49 19.93 4.31 38.71
CA ASN K 49 19.12 4.72 37.55
C ASN K 49 17.92 3.79 37.24
N GLN K 50 16.99 4.32 36.45
CA GLN K 50 15.69 3.67 36.16
C GLN K 50 15.78 2.26 35.59
N LYS K 51 16.90 1.92 34.95
CA LYS K 51 17.08 0.62 34.32
C LYS K 51 16.85 -0.53 35.30
N VAL K 52 16.18 -1.58 34.82
CA VAL K 52 15.81 -2.74 35.62
C VAL K 52 16.33 -4.02 34.92
N ASP K 53 16.35 -5.15 35.62
CA ASP K 53 16.70 -6.46 35.00
C ASP K 53 17.93 -6.44 34.06
N GLN K 54 19.01 -5.77 34.44
CA GLN K 54 20.19 -5.70 33.58
C GLN K 54 21.10 -6.87 33.87
N VAL K 55 21.36 -7.70 32.86
CA VAL K 55 22.18 -8.90 33.05
C VAL K 55 23.65 -8.51 33.20
N ILE K 56 24.35 -9.22 34.07
CA ILE K 56 25.77 -8.92 34.36
C ILE K 56 26.73 -10.09 34.09
N ILE K 57 26.33 -11.31 34.42
CA ILE K 57 27.17 -12.49 34.15
C ILE K 57 26.26 -13.71 34.03
N LEU K 58 26.66 -14.67 33.20
CA LEU K 58 25.89 -15.90 33.03
C LEU K 58 26.74 -17.17 32.79
N TYR K 59 26.11 -18.33 33.02
CA TYR K 59 26.74 -19.65 32.88
C TYR K 59 25.77 -20.51 32.08
N SER K 60 26.18 -20.91 30.90
CA SER K 60 25.39 -21.78 30.05
C SER K 60 26.37 -22.58 29.21
N GLY K 61 26.05 -23.83 28.97
CA GLY K 61 26.94 -24.74 28.26
C GLY K 61 28.32 -24.89 28.85
N ASP K 62 28.39 -24.97 30.18
CA ASP K 62 29.66 -25.10 30.92
C ASP K 62 30.69 -24.03 30.57
N LYS K 63 30.23 -22.79 30.37
CA LYS K 63 31.11 -21.65 30.05
C LYS K 63 30.56 -20.35 30.65
N ILE K 64 31.44 -19.56 31.23
CA ILE K 64 31.06 -18.28 31.81
C ILE K 64 31.18 -17.22 30.74
N TYR K 65 30.17 -16.36 30.65
CA TYR K 65 30.25 -15.14 29.87
C TYR K 65 29.93 -13.98 30.80
N ASP K 66 30.79 -12.95 30.83
CA ASP K 66 30.71 -11.89 31.87
C ASP K 66 30.78 -10.46 31.34
N ASP K 67 30.47 -10.31 30.06
CA ASP K 67 30.88 -9.14 29.28
C ASP K 67 29.59 -8.36 28.90
N TYR K 68 28.82 -7.95 29.91
CA TYR K 68 27.44 -7.45 29.63
C TYR K 68 27.04 -6.17 30.35
N TYR K 69 27.55 -5.95 31.56
CA TYR K 69 27.18 -4.80 32.37
C TYR K 69 28.42 -3.93 32.53
N PRO K 70 28.55 -2.90 31.67
CA PRO K 70 29.70 -2.02 31.64
C PRO K 70 30.30 -1.64 33.01
N ASP K 71 29.46 -1.28 33.97
CA ASP K 71 29.94 -0.72 35.25
C ASP K 71 30.51 -1.76 36.20
N LEU K 72 30.23 -3.04 35.94
CA LEU K 72 30.84 -4.13 36.72
C LEU K 72 32.01 -4.78 35.98
N LYS K 73 32.31 -4.30 34.77
CA LYS K 73 33.39 -4.87 33.98
C LYS K 73 34.65 -5.01 34.82
N GLY K 74 35.12 -6.24 34.99
CA GLY K 74 36.39 -6.49 35.66
C GLY K 74 36.25 -6.68 37.15
N ARG K 75 35.02 -6.60 37.67
CA ARG K 75 34.77 -6.69 39.12
C ARG K 75 33.68 -7.70 39.48
N VAL K 76 33.36 -8.63 38.59
CA VAL K 76 32.38 -9.66 38.90
C VAL K 76 32.87 -10.99 38.39
N HIS K 77 32.90 -11.97 39.29
CA HIS K 77 33.20 -13.36 38.89
C HIS K 77 32.49 -14.35 39.79
N PHE K 78 32.27 -15.54 39.25
CA PHE K 78 31.75 -16.64 40.05
C PHE K 78 32.84 -17.10 41.00
N THR K 79 32.47 -17.40 42.23
CA THR K 79 33.45 -17.70 43.28
C THR K 79 33.83 -19.17 43.36
N SER K 80 32.97 -20.05 42.86
CA SER K 80 33.16 -21.49 43.04
C SER K 80 33.81 -22.16 41.85
N ASN K 81 34.82 -22.98 42.14
CA ASN K 81 35.44 -23.84 41.14
C ASN K 81 34.57 -25.07 40.81
N ASP K 82 33.44 -25.24 41.51
CA ASP K 82 32.52 -26.36 41.23
C ASP K 82 31.05 -25.90 41.19
N LEU K 83 30.86 -24.72 40.64
CA LEU K 83 29.55 -24.11 40.40
C LEU K 83 28.43 -25.07 39.99
N LYS K 84 28.73 -26.08 39.18
CA LYS K 84 27.68 -26.97 38.65
C LYS K 84 27.12 -27.95 39.68
N SER K 85 27.83 -28.19 40.76
CA SER K 85 27.30 -29.04 41.82
C SER K 85 26.51 -28.26 42.87
N GLY K 86 26.18 -26.99 42.60
CA GLY K 86 25.24 -26.23 43.46
C GLY K 86 25.58 -24.82 43.94
N ASP K 87 26.75 -24.29 43.58
CA ASP K 87 27.23 -23.00 44.10
C ASP K 87 27.40 -21.90 43.02
N ALA K 88 26.28 -21.26 42.68
CA ALA K 88 26.26 -20.16 41.72
C ALA K 88 26.63 -18.79 42.33
N SER K 89 27.28 -18.77 43.48
CA SER K 89 27.60 -17.50 44.14
C SER K 89 28.60 -16.65 43.36
N ILE K 90 28.58 -15.34 43.58
CA ILE K 90 29.53 -14.45 42.93
C ILE K 90 30.18 -13.46 43.91
N ASN K 91 31.27 -12.87 43.44
CA ASN K 91 31.92 -11.74 44.09
C ASN K 91 31.82 -10.47 43.25
N VAL K 92 31.31 -9.42 43.86
CA VAL K 92 31.42 -8.08 43.31
C VAL K 92 32.58 -7.37 44.03
N THR K 93 33.75 -7.31 43.42
CA THR K 93 34.92 -6.70 44.09
C THR K 93 34.92 -5.19 44.00
N ASN K 94 35.60 -4.55 44.96
CA ASN K 94 35.82 -3.11 44.91
C ASN K 94 34.52 -2.34 44.72
N LEU K 95 33.66 -2.43 45.73
CA LEU K 95 32.30 -1.87 45.66
C LEU K 95 32.28 -0.34 45.57
N GLN K 96 31.20 0.18 44.98
CA GLN K 96 30.97 1.61 44.81
C GLN K 96 29.56 2.02 45.25
N LEU K 97 29.35 3.31 45.50
CA LEU K 97 28.01 3.81 45.80
C LEU K 97 27.06 3.50 44.64
N SER K 98 27.58 3.64 43.42
CA SER K 98 26.94 3.22 42.18
C SER K 98 26.27 1.83 42.24
N ASP K 99 26.87 0.90 43.00
CA ASP K 99 26.44 -0.50 42.99
C ASP K 99 25.26 -0.84 43.89
N ILE K 100 24.76 0.12 44.65
CA ILE K 100 23.54 -0.12 45.43
C ILE K 100 22.40 -0.52 44.48
N GLY K 101 21.63 -1.51 44.88
CA GLY K 101 20.51 -1.99 44.09
C GLY K 101 20.12 -3.41 44.45
N THR K 102 19.18 -3.96 43.68
CA THR K 102 18.74 -5.33 43.87
C THR K 102 19.43 -6.25 42.86
N TYR K 103 20.18 -7.23 43.35
CA TYR K 103 20.79 -8.23 42.50
C TYR K 103 19.88 -9.44 42.48
N GLN K 104 19.93 -10.22 41.40
CA GLN K 104 19.02 -11.36 41.24
C GLN K 104 19.67 -12.58 40.58
N CYS K 105 19.71 -13.69 41.30
CA CYS K 105 20.29 -14.93 40.78
C CYS K 105 19.15 -15.80 40.27
N LYS K 106 19.28 -16.29 39.03
CA LYS K 106 18.27 -17.14 38.41
C LYS K 106 18.91 -18.42 37.88
N VAL K 107 18.68 -19.51 38.62
CA VAL K 107 19.13 -20.85 38.25
C VAL K 107 17.99 -21.62 37.58
N LYS K 108 18.17 -21.98 36.31
CA LYS K 108 17.30 -22.94 35.63
C LYS K 108 18.03 -24.27 35.41
N LYS K 109 17.29 -25.35 35.48
CA LYS K 109 17.75 -26.65 35.00
C LYS K 109 16.49 -27.47 34.74
N ALA K 110 15.86 -27.22 33.60
CA ALA K 110 14.53 -27.72 33.30
C ALA K 110 14.28 -29.12 33.85
N PRO K 111 13.13 -29.33 34.51
CA PRO K 111 12.05 -28.37 34.75
C PRO K 111 12.27 -27.40 35.90
N GLY K 112 13.45 -27.41 36.49
CA GLY K 112 13.73 -26.60 37.66
C GLY K 112 13.95 -25.14 37.36
N VAL K 113 13.28 -24.28 38.14
CA VAL K 113 13.49 -22.85 38.15
C VAL K 113 13.39 -22.33 39.58
N ALA K 114 14.22 -21.32 39.86
CA ALA K 114 14.31 -20.71 41.19
C ALA K 114 15.13 -19.42 41.05
N ASN K 115 14.72 -18.36 41.74
CA ASN K 115 15.55 -17.14 41.81
C ASN K 115 15.71 -16.56 43.19
N LYS K 116 16.88 -15.98 43.43
CA LYS K 116 17.20 -15.29 44.67
C LYS K 116 17.29 -13.81 44.41
N LYS K 117 16.77 -12.99 45.33
CA LYS K 117 17.00 -11.55 45.30
C LYS K 117 17.92 -11.14 46.47
N ILE K 118 18.86 -10.23 46.20
CA ILE K 118 19.73 -9.69 47.24
C ILE K 118 19.76 -8.18 47.13
N HIS K 119 19.34 -7.49 48.20
CA HIS K 119 19.32 -6.03 48.24
C HIS K 119 20.63 -5.57 48.83
N LEU K 120 21.51 -5.07 47.97
CA LEU K 120 22.83 -4.63 48.39
C LEU K 120 22.82 -3.14 48.72
N VAL K 121 23.56 -2.77 49.77
CA VAL K 121 23.77 -1.39 50.16
C VAL K 121 25.25 -1.17 50.41
N VAL K 122 25.73 0.03 50.08
CA VAL K 122 27.13 0.41 50.25
C VAL K 122 27.17 1.73 51.03
N LEU K 123 27.83 1.73 52.19
CA LEU K 123 27.91 2.89 53.07
C LEU K 123 29.06 3.81 52.65
N ALA L 16 45.58 38.80 -2.04
CA ALA L 16 46.52 38.77 -3.19
C ALA L 16 47.13 37.37 -3.47
N PRO L 17 47.23 36.98 -4.74
CA PRO L 17 47.88 35.71 -5.09
C PRO L 17 49.39 35.83 -5.21
N ILE L 18 50.07 34.68 -5.29
CA ILE L 18 51.52 34.63 -5.33
C ILE L 18 52.01 33.26 -5.80
N THR L 19 53.06 33.27 -6.62
CA THR L 19 53.64 32.04 -7.17
C THR L 19 55.13 31.95 -6.84
N LEU L 20 55.53 30.87 -6.17
CA LEU L 20 56.95 30.53 -6.00
C LEU L 20 57.29 29.41 -7.00
N TRP L 21 58.48 29.49 -7.61
CA TRP L 21 58.87 28.47 -8.58
C TRP L 21 60.36 28.39 -8.86
N THR L 22 60.73 27.35 -9.62
CA THR L 22 62.10 27.09 -10.04
C THR L 22 62.48 27.90 -11.28
N GLY L 23 61.48 28.48 -11.95
CA GLY L 23 61.69 29.13 -13.22
C GLY L 23 61.60 28.11 -14.35
N PRO L 24 61.59 28.59 -15.60
CA PRO L 24 61.60 27.70 -16.74
C PRO L 24 63.00 27.14 -16.93
N GLY L 25 63.12 26.04 -17.65
CA GLY L 25 64.42 25.41 -17.90
C GLY L 25 65.21 25.22 -16.63
N PRO L 26 64.70 24.40 -15.70
CA PRO L 26 65.26 24.33 -14.36
C PRO L 26 66.61 23.63 -14.34
N SER L 27 67.45 24.00 -13.38
CA SER L 27 68.75 23.36 -13.16
C SER L 27 68.52 21.96 -12.57
N ILE L 28 69.56 21.12 -12.60
CA ILE L 28 69.50 19.83 -11.92
C ILE L 28 69.54 20.14 -10.43
N ASN L 29 68.40 19.97 -9.78
CA ASN L 29 68.17 20.52 -8.44
C ASN L 29 67.57 19.55 -7.43
N GLY L 30 67.52 18.27 -7.78
CA GLY L 30 67.02 17.22 -6.87
C GLY L 30 68.10 16.21 -6.58
N PHE L 31 68.49 16.13 -5.31
CA PHE L 31 69.56 15.22 -4.87
C PHE L 31 69.01 13.84 -4.46
N ILE L 32 69.74 12.80 -4.88
CA ILE L 32 69.56 11.43 -4.38
C ILE L 32 70.96 10.97 -4.00
N ASN L 33 71.17 10.73 -2.71
CA ASN L 33 72.48 10.32 -2.17
C ASN L 33 73.59 11.38 -2.36
N ASP L 34 73.28 12.64 -2.07
CA ASP L 34 74.26 13.77 -2.17
C ASP L 34 74.79 14.04 -3.58
N THR L 35 73.99 13.78 -4.59
CA THR L 35 74.38 13.99 -5.96
C THR L 35 73.16 14.48 -6.71
N PRO L 36 73.24 15.65 -7.36
CA PRO L 36 72.11 16.13 -8.11
C PRO L 36 71.93 15.30 -9.36
N VAL L 37 70.72 14.78 -9.52
CA VAL L 37 70.42 13.80 -10.56
C VAL L 37 69.00 13.92 -11.12
N ILE L 38 68.14 14.73 -10.50
CA ILE L 38 66.84 15.05 -11.09
C ILE L 38 66.67 16.54 -11.36
N ARG L 39 66.14 16.84 -12.54
CA ARG L 39 65.88 18.19 -12.99
C ARG L 39 64.42 18.50 -12.68
N CYS L 40 64.16 19.25 -11.61
CA CYS L 40 62.79 19.46 -11.10
C CYS L 40 62.23 20.80 -11.51
N PHE L 41 61.15 20.79 -12.27
CA PHE L 41 60.37 22.00 -12.50
C PHE L 41 59.26 22.00 -11.47
N ILE L 42 59.25 22.98 -10.59
CA ILE L 42 58.24 23.04 -9.53
C ILE L 42 57.66 24.43 -9.44
N CYS L 43 56.34 24.49 -9.44
CA CYS L 43 55.63 25.75 -9.43
C CYS L 43 54.52 25.67 -8.41
N LEU L 44 54.59 26.53 -7.39
CA LEU L 44 53.58 26.60 -6.34
C LEU L 44 52.77 27.88 -6.53
N THR L 45 51.55 27.77 -7.04
CA THR L 45 50.71 28.95 -7.26
C THR L 45 49.57 29.02 -6.22
N ARG L 46 49.58 30.10 -5.43
CA ARG L 46 48.50 30.37 -4.45
C ARG L 46 47.57 31.38 -5.05
N ASP L 47 46.28 31.03 -5.12
CA ASP L 47 45.27 31.98 -5.54
C ASP L 47 44.45 32.44 -4.31
N SER L 48 43.12 32.41 -4.33
CA SER L 48 42.37 32.97 -3.20
C SER L 48 42.59 32.15 -1.93
N ASN L 49 42.55 30.83 -2.03
CA ASN L 49 42.63 29.96 -0.85
C ASN L 49 43.53 28.70 -1.02
N LEU L 50 43.48 28.07 -2.18
CA LEU L 50 44.24 26.84 -2.42
C LEU L 50 45.58 27.13 -3.07
N VAL L 51 46.54 26.25 -2.85
CA VAL L 51 47.80 26.26 -3.59
C VAL L 51 47.72 25.15 -4.63
N THR L 52 48.08 25.44 -5.87
CA THR L 52 48.19 24.40 -6.88
C THR L 52 49.67 24.10 -7.11
N VAL L 53 50.03 22.84 -6.91
CA VAL L 53 51.37 22.37 -7.22
C VAL L 53 51.36 21.90 -8.66
N ASN L 54 52.18 22.54 -9.49
CA ASN L 54 52.35 22.07 -10.86
C ASN L 54 53.82 21.76 -11.05
N ALA L 55 54.13 20.50 -11.34
CA ALA L 55 55.52 20.07 -11.36
C ALA L 55 55.77 19.00 -12.39
N SER L 56 57.02 18.93 -12.85
CA SER L 56 57.47 17.90 -13.77
C SER L 56 58.95 17.64 -13.52
N PHE L 57 59.41 16.47 -13.92
CA PHE L 57 60.76 16.02 -13.60
C PHE L 57 61.45 15.39 -14.80
N VAL L 58 62.75 15.63 -14.90
CA VAL L 58 63.58 14.99 -15.91
C VAL L 58 64.85 14.42 -15.26
N GLY L 59 65.08 13.13 -15.40
CA GLY L 59 66.27 12.49 -14.84
C GLY L 59 67.52 12.75 -15.67
N GLU L 60 68.66 12.85 -14.99
CA GLU L 60 69.93 13.06 -15.68
C GLU L 60 70.97 12.09 -15.16
N GLY L 61 72.05 11.94 -15.91
CA GLY L 61 73.14 11.05 -15.53
C GLY L 61 72.67 9.62 -15.43
N GLY L 62 72.94 8.98 -14.28
CA GLY L 62 72.46 7.62 -14.02
C GLY L 62 70.96 7.50 -13.94
N TYR L 63 70.29 8.61 -13.67
CA TYR L 63 68.83 8.65 -13.63
C TYR L 63 68.17 9.11 -14.94
N ARG L 64 68.92 9.19 -16.04
CA ARG L 64 68.32 9.55 -17.32
C ARG L 64 67.34 8.47 -17.78
N ILE L 65 67.75 7.22 -17.66
CA ILE L 65 66.90 6.07 -17.87
C ILE L 65 66.72 5.32 -16.55
N VAL L 66 65.48 5.03 -16.20
CA VAL L 66 65.17 4.19 -15.04
C VAL L 66 64.62 2.85 -15.50
N SER L 67 64.93 1.80 -14.74
CA SER L 67 64.46 0.46 -15.05
C SER L 67 63.42 0.01 -14.02
N PRO L 68 62.70 -1.09 -14.29
CA PRO L 68 61.68 -1.57 -13.34
C PRO L 68 62.23 -1.94 -11.94
N THR L 69 63.52 -2.22 -11.84
CA THR L 69 64.13 -2.53 -10.56
C THR L 69 64.61 -1.29 -9.83
N GLN L 70 64.36 -0.11 -10.36
CA GLN L 70 64.72 1.13 -9.66
C GLN L 70 64.04 1.18 -8.31
N SER L 71 64.80 1.49 -7.26
CA SER L 71 64.23 1.59 -5.92
C SER L 71 63.60 2.97 -5.74
N GLN L 72 62.51 3.01 -4.96
CA GLN L 72 61.76 4.25 -4.77
C GLN L 72 62.58 5.30 -4.03
N PHE L 73 62.16 6.56 -4.16
CA PHE L 73 62.82 7.65 -3.44
C PHE L 73 61.94 8.91 -3.26
N SER L 74 62.35 9.74 -2.29
CA SER L 74 61.68 10.97 -1.93
C SER L 74 62.55 12.16 -2.24
N LEU L 75 61.97 13.18 -2.84
CA LEU L 75 62.59 14.49 -2.95
C LEU L 75 61.82 15.44 -2.04
N ILE L 76 62.43 15.82 -0.91
CA ILE L 76 61.78 16.62 0.11
C ILE L 76 62.19 18.08 -0.01
N MET L 77 61.21 18.96 -0.08
CA MET L 77 61.42 20.39 0.04
C MET L 77 61.12 20.79 1.49
N GLU L 78 62.09 21.42 2.17
CA GLU L 78 61.90 21.88 3.54
C GLU L 78 61.83 23.40 3.58
N PHE L 79 60.78 23.92 4.20
CA PHE L 79 60.58 25.36 4.35
C PHE L 79 60.55 25.75 5.80
N ASP L 80 61.07 26.95 6.09
CA ASP L 80 60.95 27.53 7.43
C ASP L 80 59.55 28.14 7.68
N GLN L 81 59.35 28.70 8.87
CA GLN L 81 58.03 29.20 9.28
C GLN L 81 57.53 30.42 8.50
N PHE L 82 58.42 31.05 7.72
CA PHE L 82 58.07 32.19 6.88
C PHE L 82 57.98 31.85 5.40
N GLY L 83 57.96 30.57 5.06
CA GLY L 83 57.84 30.13 3.67
C GLY L 83 59.13 30.21 2.84
N GLN L 84 60.26 30.39 3.50
CA GLN L 84 61.54 30.41 2.81
C GLN L 84 62.07 28.99 2.71
N LEU L 85 62.43 28.58 1.49
CA LEU L 85 63.02 27.26 1.25
C LEU L 85 64.38 27.14 1.94
N MET L 86 64.54 26.06 2.70
CA MET L 86 65.74 25.83 3.49
C MET L 86 66.81 25.09 2.68
N SER L 87 68.02 25.06 3.22
CA SER L 87 69.16 24.45 2.52
C SER L 87 69.23 22.92 2.68
N THR L 88 68.40 22.36 3.57
CA THR L 88 68.59 20.99 4.03
C THR L 88 67.84 19.90 3.26
N GLY L 89 66.84 20.23 2.46
CA GLY L 89 66.08 19.20 1.73
C GLY L 89 66.78 18.66 0.49
N ASN L 90 66.16 17.68 -0.17
CA ASN L 90 66.67 17.17 -1.46
C ASN L 90 66.58 18.24 -2.57
N ILE L 91 65.57 19.11 -2.46
CA ILE L 91 65.46 20.29 -3.30
C ILE L 91 65.59 21.43 -2.33
N ASN L 92 66.52 22.36 -2.58
CA ASN L 92 66.90 23.30 -1.55
C ASN L 92 67.38 24.65 -2.06
N SER L 93 67.64 25.56 -1.13
CA SER L 93 68.00 26.94 -1.43
C SER L 93 69.29 27.11 -2.22
N THR L 94 70.09 26.06 -2.37
CA THR L 94 71.31 26.17 -3.18
C THR L 94 71.04 26.22 -4.68
N THR L 95 69.80 25.98 -5.11
CA THR L 95 69.40 26.10 -6.52
C THR L 95 68.39 27.24 -6.72
N THR L 96 68.27 27.69 -7.98
CA THR L 96 67.40 28.79 -8.35
C THR L 96 65.95 28.55 -7.91
N TRP L 97 65.43 29.44 -7.06
CA TRP L 97 64.08 29.32 -6.53
C TRP L 97 63.63 30.70 -6.08
N GLY L 98 62.38 31.03 -6.35
CA GLY L 98 61.84 32.32 -5.92
C GLY L 98 60.48 32.65 -6.49
N GLU L 99 60.12 33.92 -6.42
CA GLU L 99 58.79 34.37 -6.82
C GLU L 99 58.73 34.68 -8.31
N LYS L 100 57.62 34.31 -8.96
CA LYS L 100 57.36 34.69 -10.35
C LYS L 100 56.52 35.94 -10.40
N PRO L 101 57.07 37.03 -10.93
CA PRO L 101 56.20 38.18 -11.12
C PRO L 101 55.16 37.91 -12.19
N TRP L 102 53.95 38.41 -11.99
CA TRP L 102 52.96 38.42 -13.05
C TRP L 102 53.57 39.22 -14.18
N GLY L 103 53.61 38.64 -15.38
CA GLY L 103 54.07 39.38 -16.55
C GLY L 103 55.39 38.96 -17.15
N ASN L 104 56.19 38.17 -16.42
CA ASN L 104 57.44 37.66 -16.99
C ASN L 104 57.84 36.35 -16.36
N ASN L 105 58.93 35.76 -16.86
CA ASN L 105 59.41 34.47 -16.40
C ASN L 105 60.67 34.54 -15.53
N THR L 106 60.91 35.69 -14.88
CA THR L 106 62.04 35.80 -13.96
C THR L 106 61.79 35.00 -12.68
N VAL L 107 62.85 34.80 -11.90
CA VAL L 107 62.75 34.20 -10.57
C VAL L 107 63.31 35.22 -9.57
N GLN L 108 62.45 35.72 -8.70
CA GLN L 108 62.84 36.78 -7.78
C GLN L 108 63.15 36.16 -6.41
N PRO L 109 64.43 36.19 -6.00
CA PRO L 109 64.87 35.46 -4.81
C PRO L 109 64.68 36.24 -3.52
N ARG L 110 64.40 37.53 -3.62
CA ARG L 110 64.23 38.36 -2.43
C ARG L 110 62.95 37.96 -1.67
N PRO L 111 63.08 37.45 -0.44
CA PRO L 111 61.92 36.95 0.26
C PRO L 111 60.89 37.99 0.64
N SER L 112 59.63 37.56 0.76
CA SER L 112 58.54 38.43 1.13
C SER L 112 57.65 37.69 2.13
N HIS L 113 56.97 38.44 2.99
CA HIS L 113 56.02 37.86 3.94
C HIS L 113 54.89 37.09 3.21
N THR L 114 54.57 37.50 1.97
CA THR L 114 53.55 36.81 1.17
C THR L 114 53.91 35.35 0.84
N TRP L 115 55.20 35.00 0.90
CA TRP L 115 55.65 33.66 0.54
C TRP L 115 55.00 32.60 1.42
N LYS L 116 54.70 32.96 2.67
CA LYS L 116 54.02 32.05 3.59
C LYS L 116 52.70 31.52 3.02
N LEU L 117 52.04 32.31 2.19
CA LEU L 117 50.75 31.92 1.60
C LEU L 117 50.82 30.70 0.68
N CYS L 118 52.03 30.35 0.21
CA CYS L 118 52.20 29.14 -0.61
C CYS L 118 52.42 27.89 0.24
N MET L 119 52.54 28.03 1.55
CA MET L 119 52.77 26.90 2.42
C MET L 119 51.48 26.16 2.73
N PRO L 120 51.57 24.84 2.99
CA PRO L 120 50.41 24.08 3.43
C PRO L 120 49.95 24.43 4.85
N ASN L 121 48.74 24.99 4.93
CA ASN L 121 48.08 25.38 6.18
C ASN L 121 48.36 24.43 7.36
N ARG L 122 49.10 24.89 8.34
CA ARG L 122 49.60 23.97 9.37
C ARG L 122 48.52 23.47 10.33
N GLU L 123 47.42 24.19 10.42
CA GLU L 123 46.28 23.72 11.22
C GLU L 123 45.47 22.66 10.43
N VAL L 124 45.25 22.88 9.13
CA VAL L 124 44.59 21.89 8.30
C VAL L 124 45.44 20.63 8.23
N TYR L 125 46.73 20.81 7.99
CA TYR L 125 47.65 19.69 7.83
C TYR L 125 48.51 19.52 9.09
N SER L 126 47.86 19.44 10.24
CA SER L 126 48.58 19.26 11.51
C SER L 126 49.14 17.84 11.64
N THR L 127 48.63 16.94 10.83
CA THR L 127 49.25 15.64 10.66
C THR L 127 49.37 15.44 9.15
N PRO L 128 50.36 14.67 8.71
CA PRO L 128 50.64 14.61 7.28
C PRO L 128 49.49 14.11 6.42
N ALA L 129 49.32 14.74 5.25
CA ALA L 129 48.34 14.33 4.25
C ALA L 129 49.10 13.90 3.01
N ALA L 130 48.44 13.16 2.13
CA ALA L 130 49.09 12.62 0.94
C ALA L 130 48.16 12.49 -0.26
N THR L 131 48.72 12.63 -1.46
CA THR L 131 48.00 12.32 -2.69
C THR L 131 48.91 11.50 -3.61
N ILE L 132 48.47 10.30 -3.93
CA ILE L 132 49.23 9.44 -4.84
C ILE L 132 48.58 9.47 -6.22
N SER L 133 49.27 10.12 -7.15
CA SER L 133 48.86 10.18 -8.56
C SER L 133 49.66 9.25 -9.45
N ARG L 134 49.00 8.80 -10.51
CA ARG L 134 49.66 8.25 -11.67
C ARG L 134 50.68 9.25 -12.19
N CYS L 135 51.77 8.74 -12.73
CA CYS L 135 52.83 9.58 -13.28
C CYS L 135 53.43 8.95 -14.53
N GLY L 136 52.93 9.36 -15.69
CA GLY L 136 53.42 8.85 -16.95
C GLY L 136 54.88 9.23 -17.15
N LEU L 137 55.63 8.35 -17.80
CA LEU L 137 57.01 8.60 -18.18
C LEU L 137 57.11 8.56 -19.70
N ASP L 138 57.86 9.51 -20.26
CA ASP L 138 58.09 9.62 -21.71
C ASP L 138 56.79 9.41 -22.53
N SER L 139 55.72 10.02 -22.05
CA SER L 139 54.37 9.70 -22.53
C SER L 139 54.11 9.99 -24.01
N ILE L 140 54.67 11.08 -24.53
CA ILE L 140 54.51 11.39 -25.97
C ILE L 140 55.22 10.34 -26.85
N ALA L 141 56.47 10.04 -26.53
CA ALA L 141 57.27 9.07 -27.29
C ALA L 141 56.70 7.64 -27.26
N VAL L 142 56.29 7.18 -26.09
CA VAL L 142 55.75 5.83 -25.94
C VAL L 142 54.24 5.78 -26.20
N ASP L 143 53.68 6.92 -26.61
CA ASP L 143 52.25 7.09 -26.92
C ASP L 143 51.35 6.57 -25.81
N GLY L 144 51.71 6.92 -24.58
CA GLY L 144 50.89 6.64 -23.42
C GLY L 144 50.66 5.17 -23.12
N ALA L 145 51.59 4.32 -23.54
CA ALA L 145 51.52 2.88 -23.25
C ALA L 145 51.25 2.69 -21.76
N PRO L 146 50.31 1.81 -21.40
CA PRO L 146 49.87 1.66 -20.00
C PRO L 146 50.99 1.29 -19.03
N SER L 147 51.92 0.47 -19.50
CA SER L 147 53.02 -0.03 -18.65
C SER L 147 54.26 0.88 -18.69
N ARG L 148 54.04 2.17 -18.95
CA ARG L 148 55.10 3.17 -18.92
C ARG L 148 54.78 4.26 -17.92
N SER L 149 53.93 3.95 -16.96
CA SER L 149 53.63 4.87 -15.88
C SER L 149 54.14 4.32 -14.56
N ILE L 150 54.69 5.22 -13.75
CA ILE L 150 54.99 4.96 -12.36
C ILE L 150 54.00 5.78 -11.50
N ASP L 151 54.25 5.86 -10.20
CA ASP L 151 53.42 6.65 -9.30
C ASP L 151 54.24 7.73 -8.64
N CYS L 152 53.65 8.91 -8.49
CA CYS L 152 54.25 9.97 -7.71
C CYS L 152 53.28 10.37 -6.63
N MET L 153 53.75 10.40 -5.39
CA MET L 153 52.92 10.74 -4.25
C MET L 153 53.45 12.02 -3.63
N LEU L 154 52.57 13.00 -3.50
CA LEU L 154 52.91 14.21 -2.77
C LEU L 154 52.58 13.95 -1.32
N ILE L 155 53.52 14.25 -0.42
CA ILE L 155 53.25 14.21 1.01
C ILE L 155 53.36 15.63 1.56
N ILE L 156 52.27 16.07 2.18
CA ILE L 156 52.16 17.42 2.72
C ILE L 156 52.47 17.37 4.21
N ASN L 157 53.46 18.15 4.63
CA ASN L 157 53.83 18.29 6.05
C ASN L 157 54.20 17.00 6.79
N LYS L 158 54.95 16.11 6.16
CA LYS L 158 55.61 15.06 6.93
C LYS L 158 56.80 15.72 7.64
N PRO L 159 56.93 15.51 8.97
CA PRO L 159 58.00 16.18 9.69
C PRO L 159 59.35 15.77 9.15
N LYS L 160 60.27 16.73 9.10
CA LYS L 160 61.65 16.47 8.71
C LYS L 160 62.54 17.53 9.33
N GLY L 161 63.49 17.09 10.15
CA GLY L 161 64.45 17.99 10.76
C GLY L 161 63.75 19.11 11.49
N VAL L 162 64.21 20.34 11.28
CA VAL L 162 63.63 21.51 11.93
C VAL L 162 62.72 22.31 11.01
N ALA L 163 62.28 21.70 9.90
CA ALA L 163 61.41 22.39 8.95
C ALA L 163 60.05 22.58 9.58
N THR L 164 59.37 23.66 9.22
CA THR L 164 58.01 23.92 9.70
C THR L 164 56.99 23.42 8.67
N TYR L 165 57.28 23.59 7.39
CA TYR L 165 56.45 23.05 6.31
C TYR L 165 57.30 22.15 5.42
N THR L 166 56.73 21.06 4.92
CA THR L 166 57.42 20.20 3.97
C THR L 166 56.51 19.80 2.83
N LEU L 167 57.10 19.67 1.64
CA LEU L 167 56.44 19.04 0.49
C LEU L 167 57.37 17.96 -0.04
N THR L 168 56.85 16.75 -0.19
CA THR L 168 57.65 15.61 -0.62
C THR L 168 57.10 15.00 -1.89
N PHE L 169 57.92 14.97 -2.94
CA PHE L 169 57.57 14.21 -4.15
C PHE L 169 58.21 12.85 -4.04
N ARG L 170 57.39 11.82 -3.87
CA ARG L 170 57.91 10.49 -3.65
C ARG L 170 57.54 9.62 -4.84
N PHE L 171 58.57 9.08 -5.50
CA PHE L 171 58.38 8.32 -6.72
C PHE L 171 58.40 6.83 -6.39
N LEU L 172 57.36 6.11 -6.81
CA LEU L 172 57.10 4.75 -6.34
C LEU L 172 56.68 3.80 -7.45
N ASN L 173 56.78 2.51 -7.14
CA ASN L 173 56.23 1.47 -8.00
C ASN L 173 56.80 1.48 -9.41
N PHE L 174 58.13 1.57 -9.48
CA PHE L 174 58.85 1.47 -10.75
C PHE L 174 58.67 0.09 -11.39
N ASN L 175 58.42 -0.92 -10.56
CA ASN L 175 58.16 -2.28 -11.08
C ASN L 175 56.92 -2.43 -11.96
N ARG L 176 56.11 -1.38 -12.06
CA ARG L 176 55.07 -1.32 -13.10
C ARG L 176 55.60 -1.21 -14.53
N LEU L 177 56.82 -0.72 -14.68
CA LEU L 177 57.41 -0.47 -15.99
C LEU L 177 57.71 -1.78 -16.70
N SER L 178 57.36 -1.84 -17.97
CA SER L 178 57.64 -3.03 -18.79
C SER L 178 59.12 -3.16 -19.17
N GLY L 179 59.86 -2.06 -19.05
CA GLY L 179 61.28 -2.06 -19.32
C GLY L 179 61.92 -0.71 -19.04
N GLY L 180 63.19 -0.56 -19.45
CA GLY L 180 63.93 0.68 -19.27
C GLY L 180 63.20 1.83 -19.95
N THR L 181 63.01 2.92 -19.23
CA THR L 181 62.22 4.04 -19.70
C THR L 181 62.89 5.37 -19.38
N LEU L 182 62.85 6.28 -20.34
CA LEU L 182 63.41 7.61 -20.18
C LEU L 182 62.65 8.30 -19.04
N PHE L 183 63.37 8.79 -18.03
CA PHE L 183 62.72 9.33 -16.84
C PHE L 183 62.35 10.78 -17.07
N LYS L 184 61.34 10.94 -17.92
CA LYS L 184 60.85 12.25 -18.36
C LYS L 184 59.36 12.30 -18.00
N THR L 185 59.05 12.79 -16.80
CA THR L 185 57.70 12.66 -16.27
C THR L 185 56.71 13.56 -16.97
N ASP L 186 55.43 13.21 -16.82
CA ASP L 186 54.34 14.13 -17.18
C ASP L 186 54.33 15.35 -16.28
N VAL L 187 53.47 16.30 -16.65
CA VAL L 187 53.18 17.44 -15.80
C VAL L 187 52.19 16.93 -14.75
N LEU L 188 52.59 17.00 -13.48
CA LEU L 188 51.75 16.56 -12.35
C LEU L 188 51.08 17.77 -11.72
N THR L 189 49.85 17.60 -11.24
CA THR L 189 49.12 18.65 -10.56
C THR L 189 48.54 18.13 -9.24
N PHE L 190 48.88 18.79 -8.13
CA PHE L 190 48.25 18.55 -6.84
C PHE L 190 47.63 19.85 -6.30
N THR L 191 46.92 19.73 -5.17
CA THR L 191 46.25 20.87 -4.55
C THR L 191 46.22 20.71 -3.05
N TYR L 192 46.47 21.81 -2.33
CA TYR L 192 46.28 21.84 -0.88
C TYR L 192 45.84 23.21 -0.39
N VAL L 193 45.29 23.27 0.83
CA VAL L 193 44.82 24.53 1.40
C VAL L 193 46.02 25.33 1.85
N GLY L 194 46.10 26.57 1.47
CA GLY L 194 47.26 27.40 1.78
C GLY L 194 47.22 27.96 3.19
N GLU L 195 48.39 28.40 3.66
CA GLU L 195 48.51 28.95 5.01
C GLU L 195 47.93 30.37 5.08
N ASN L 196 47.44 30.75 6.26
CA ASN L 196 46.93 32.10 6.47
C ASN L 196 48.07 33.09 6.76
N GLN L 197 47.98 34.30 6.22
CA GLN L 197 48.97 35.34 6.44
C GLN L 197 49.21 35.59 7.92
N ALA M 16 34.63 38.48 -7.40
CA ALA M 16 35.26 38.08 -6.10
C ALA M 16 35.18 36.56 -5.85
N PRO M 17 36.23 35.98 -5.23
CA PRO M 17 36.28 34.56 -4.91
C PRO M 17 35.63 34.27 -3.57
N ILE M 18 35.40 32.99 -3.28
CA ILE M 18 34.73 32.57 -2.06
C ILE M 18 34.93 31.07 -1.81
N THR M 19 35.17 30.72 -0.56
CA THR M 19 35.36 29.33 -0.15
C THR M 19 34.35 28.92 0.91
N LEU M 20 33.63 27.83 0.65
CA LEU M 20 32.82 27.16 1.67
C LEU M 20 33.56 25.89 2.11
N TRP M 21 33.54 25.59 3.41
CA TRP M 21 34.20 24.40 3.91
C TRP M 21 33.71 23.90 5.26
N THR M 22 34.24 22.74 5.64
CA THR M 22 33.99 22.13 6.95
C THR M 22 34.86 22.68 8.08
N GLY M 23 35.91 23.40 7.72
CA GLY M 23 36.93 23.84 8.66
C GLY M 23 37.98 22.76 8.83
N PRO M 24 39.08 23.07 9.52
CA PRO M 24 40.08 22.07 9.82
C PRO M 24 39.57 21.16 10.92
N GLY M 25 40.20 20.00 11.08
CA GLY M 25 39.80 19.04 12.11
C GLY M 25 38.30 18.80 12.12
N PRO M 26 37.76 18.35 10.99
CA PRO M 26 36.31 18.22 10.85
C PRO M 26 35.71 17.19 11.77
N SER M 27 34.45 17.42 12.15
CA SER M 27 33.70 16.47 12.98
C SER M 27 33.30 15.27 12.12
N ILE M 28 32.85 14.20 12.78
CA ILE M 28 32.28 13.04 12.08
C ILE M 28 30.98 13.52 11.46
N ASN M 29 31.06 13.93 10.20
CA ASN M 29 29.99 14.68 9.56
C ASN M 29 29.42 13.93 8.38
N GLY M 30 29.92 12.73 8.14
CA GLY M 30 29.46 11.88 7.05
C GLY M 30 28.59 10.75 7.57
N PHE M 31 27.28 10.84 7.30
CA PHE M 31 26.31 9.83 7.74
C PHE M 31 26.04 8.80 6.64
N ILE M 32 26.03 7.52 7.04
CA ILE M 32 25.49 6.44 6.23
C ILE M 32 24.36 5.77 7.02
N ASN M 33 23.15 5.79 6.45
CA ASN M 33 21.95 5.32 7.17
C ASN M 33 21.84 6.02 8.53
N ASP M 34 21.84 7.34 8.52
CA ASP M 34 21.67 8.13 9.75
C ASP M 34 22.64 7.72 10.88
N THR M 35 23.74 7.06 10.54
CA THR M 35 24.77 6.67 11.49
C THR M 35 26.04 7.45 11.11
N PRO M 36 26.59 8.23 12.04
CA PRO M 36 27.83 8.94 11.71
C PRO M 36 29.02 7.98 11.67
N VAL M 37 29.76 8.00 10.58
CA VAL M 37 30.84 7.05 10.38
C VAL M 37 32.06 7.61 9.68
N ILE M 38 31.89 8.63 8.83
CA ILE M 38 33.01 9.20 8.09
C ILE M 38 33.24 10.64 8.48
N ARG M 39 34.51 10.95 8.66
CA ARG M 39 34.97 12.27 9.03
C ARG M 39 35.41 12.97 7.74
N CYS M 40 34.57 13.85 7.22
CA CYS M 40 34.80 14.45 5.89
C CYS M 40 35.38 15.85 5.97
N PHE M 41 36.58 16.03 5.43
CA PHE M 41 37.09 17.37 5.21
C PHE M 41 36.74 17.77 3.79
N ILE M 42 35.97 18.84 3.64
CA ILE M 42 35.54 19.25 2.33
C ILE M 42 35.69 20.74 2.19
N CYS M 43 36.29 21.15 1.09
CA CYS M 43 36.57 22.54 0.85
C CYS M 43 36.21 22.83 -0.58
N LEU M 44 35.28 23.76 -0.78
CA LEU M 44 34.86 24.20 -2.10
C LEU M 44 35.34 25.63 -2.34
N THR M 45 36.40 25.79 -3.15
CA THR M 45 36.95 27.14 -3.43
C THR M 45 36.61 27.58 -4.83
N ARG M 46 35.91 28.71 -4.91
CA ARG M 46 35.55 29.34 -6.17
C ARG M 46 36.51 30.51 -6.40
N ASP M 47 37.19 30.49 -7.54
CA ASP M 47 38.01 31.62 -7.94
C ASP M 47 37.28 32.39 -9.06
N SER M 48 37.92 32.67 -10.18
CA SER M 48 37.29 33.52 -11.18
C SER M 48 36.09 32.84 -11.81
N ASN M 49 36.25 31.58 -12.19
CA ASN M 49 35.21 30.85 -12.90
C ASN M 49 35.00 29.40 -12.44
N LEU M 50 36.06 28.69 -12.09
CA LEU M 50 35.98 27.29 -11.69
C LEU M 50 35.90 27.16 -10.18
N VAL M 51 35.24 26.10 -9.72
CA VAL M 51 35.25 25.69 -8.32
C VAL M 51 36.20 24.51 -8.21
N THR M 52 37.09 24.55 -7.24
CA THR M 52 37.95 23.41 -6.96
C THR M 52 37.47 22.74 -5.70
N VAL M 53 37.17 21.45 -5.82
CA VAL M 53 36.82 20.63 -4.66
C VAL M 53 38.10 20.04 -4.15
N ASN M 54 38.42 20.34 -2.90
CA ASN M 54 39.58 19.72 -2.24
C ASN M 54 39.03 18.99 -1.03
N ALA M 55 39.19 17.68 -0.98
CA ALA M 55 38.51 16.89 0.06
C ALA M 55 39.33 15.69 0.49
N SER M 56 39.13 15.28 1.73
CA SER M 56 39.74 14.06 2.27
C SER M 56 38.83 13.46 3.34
N PHE M 57 38.96 12.16 3.56
CA PHE M 57 38.05 11.43 4.39
C PHE M 57 38.76 10.48 5.34
N VAL M 58 38.25 10.39 6.57
CA VAL M 58 38.75 9.45 7.58
C VAL M 58 37.59 8.68 8.19
N GLY M 59 37.62 7.37 8.08
CA GLY M 59 36.56 6.54 8.65
C GLY M 59 36.70 6.36 10.15
N GLU M 60 35.57 6.22 10.82
CA GLU M 60 35.54 6.01 12.28
C GLU M 60 34.60 4.90 12.63
N GLY M 61 34.75 4.38 13.85
CA GLY M 61 33.93 3.27 14.33
C GLY M 61 34.11 2.06 13.46
N GLY M 62 33.01 1.48 12.98
CA GLY M 62 33.06 0.32 12.06
C GLY M 62 33.71 0.60 10.72
N TYR M 63 33.76 1.88 10.37
CA TYR M 63 34.41 2.34 9.16
C TYR M 63 35.88 2.80 9.36
N ARG M 64 36.48 2.53 10.51
CA ARG M 64 37.89 2.88 10.68
C ARG M 64 38.78 2.02 9.79
N ILE M 65 38.50 0.73 9.73
CA ILE M 65 39.15 -0.17 8.78
C ILE M 65 38.09 -0.68 7.83
N VAL M 66 38.40 -0.64 6.53
CA VAL M 66 37.53 -1.21 5.49
C VAL M 66 38.24 -2.39 4.86
N SER M 67 37.46 -3.40 4.48
CA SER M 67 38.01 -4.60 3.86
C SER M 67 37.61 -4.67 2.39
N PRO M 68 38.23 -5.58 1.61
CA PRO M 68 37.88 -5.69 0.19
C PRO M 68 36.41 -6.04 -0.11
N THR M 69 35.71 -6.63 0.85
CA THR M 69 34.29 -6.93 0.68
C THR M 69 33.37 -5.76 1.03
N GLN M 70 33.94 -4.62 1.43
CA GLN M 70 33.13 -3.42 1.74
C GLN M 70 32.26 -3.04 0.56
N SER M 71 30.98 -2.82 0.83
CA SER M 71 30.06 -2.42 -0.21
C SER M 71 30.20 -0.94 -0.47
N GLN M 72 30.05 -0.56 -1.75
CA GLN M 72 30.18 0.82 -2.19
C GLN M 72 29.13 1.73 -1.58
N PHE M 73 29.41 3.03 -1.52
CA PHE M 73 28.44 3.97 -0.97
C PHE M 73 28.64 5.42 -1.46
N SER M 74 27.57 6.21 -1.34
CA SER M 74 27.54 7.62 -1.73
C SER M 74 27.36 8.52 -0.52
N LEU M 75 28.16 9.60 -0.45
CA LEU M 75 27.94 10.69 0.49
C LEU M 75 27.46 11.89 -0.30
N ILE M 76 26.16 12.19 -0.23
CA ILE M 76 25.57 13.26 -1.04
C ILE M 76 25.46 14.53 -0.21
N MET M 77 25.95 15.64 -0.77
CA MET M 77 25.69 16.97 -0.25
C MET M 77 24.54 17.56 -1.05
N GLU M 78 23.48 17.98 -0.39
CA GLU M 78 22.32 18.61 -1.04
C GLU M 78 22.29 20.09 -0.70
N PHE M 79 22.25 20.94 -1.74
CA PHE M 79 22.19 22.39 -1.57
C PHE M 79 20.92 22.96 -2.19
N ASP M 80 20.38 24.00 -1.56
CA ASP M 80 19.24 24.73 -2.14
C ASP M 80 19.68 25.66 -3.27
N GLN M 81 18.73 26.39 -3.85
CA GLN M 81 19.01 27.23 -5.00
C GLN M 81 19.92 28.44 -4.72
N PHE M 82 20.14 28.77 -3.45
CA PHE M 82 20.98 29.88 -3.06
C PHE M 82 22.35 29.43 -2.51
N GLY M 83 22.67 28.15 -2.68
CA GLY M 83 23.97 27.61 -2.24
C GLY M 83 24.06 27.24 -0.76
N GLN M 84 22.93 27.22 -0.09
CA GLN M 84 22.91 26.84 1.33
C GLN M 84 22.78 25.33 1.46
N LEU M 85 23.69 24.71 2.21
CA LEU M 85 23.66 23.25 2.44
C LEU M 85 22.39 22.88 3.20
N MET M 86 21.65 21.92 2.67
CA MET M 86 20.40 21.46 3.27
C MET M 86 20.64 20.40 4.38
N SER M 87 19.59 20.10 5.11
CA SER M 87 19.69 19.16 6.23
C SER M 87 19.55 17.69 5.81
N THR M 88 19.21 17.45 4.55
CA THR M 88 18.74 16.14 4.11
C THR M 88 19.83 15.19 3.55
N GLY M 89 20.97 15.71 3.16
CA GLY M 89 22.03 14.87 2.56
C GLY M 89 22.84 14.05 3.57
N ASN M 90 23.71 13.17 3.07
CA ASN M 90 24.61 12.40 3.94
C ASN M 90 25.58 13.30 4.71
N ILE M 91 25.96 14.40 4.06
CA ILE M 91 26.69 15.48 4.71
C ILE M 91 25.75 16.67 4.67
N ASN M 92 25.49 17.27 5.82
CA ASN M 92 24.38 18.19 5.93
C ASN M 92 24.56 19.31 6.97
N SER M 93 23.59 20.22 6.99
CA SER M 93 23.64 21.42 7.82
C SER M 93 23.68 21.19 9.32
N THR M 94 23.44 19.95 9.76
CA THR M 94 23.56 19.63 11.19
C THR M 94 25.01 19.56 11.68
N THR M 95 26.00 19.61 10.78
CA THR M 95 27.38 19.75 11.23
C THR M 95 28.03 21.04 10.73
N THR M 96 29.18 21.36 11.31
CA THR M 96 29.89 22.59 11.03
C THR M 96 30.19 22.75 9.55
N TRP M 97 29.66 23.80 8.98
CA TRP M 97 29.85 24.11 7.57
C TRP M 97 29.63 25.60 7.35
N GLY M 98 30.47 26.21 6.52
CA GLY M 98 30.33 27.65 6.21
C GLY M 98 31.48 28.25 5.43
N GLU M 99 31.55 29.58 5.46
CA GLU M 99 32.54 30.31 4.66
C GLU M 99 33.86 30.43 5.39
N LYS M 100 34.97 30.28 4.66
CA LYS M 100 36.30 30.53 5.19
C LYS M 100 36.72 31.95 4.81
N PRO M 101 36.82 32.83 5.79
CA PRO M 101 37.40 34.13 5.51
C PRO M 101 38.87 34.02 5.09
N TRP M 102 39.28 34.85 4.14
CA TRP M 102 40.70 35.00 3.84
C TRP M 102 41.38 35.46 5.10
N GLY M 103 42.45 34.80 5.51
CA GLY M 103 43.22 35.26 6.66
C GLY M 103 43.11 34.43 7.92
N ASN M 104 42.10 33.56 8.02
CA ASN M 104 41.98 32.66 9.18
C ASN M 104 41.26 31.37 8.86
N ASN M 105 41.22 30.47 9.85
CA ASN M 105 40.63 29.17 9.68
C ASN M 105 39.27 29.03 10.35
N THR M 106 38.55 30.13 10.53
CA THR M 106 37.20 30.06 11.12
C THR M 106 36.20 29.51 10.10
N VAL M 107 35.02 29.13 10.59
CA VAL M 107 33.92 28.71 9.72
C VAL M 107 32.74 29.64 9.97
N GLN M 108 32.40 30.44 8.97
CA GLN M 108 31.34 31.45 9.11
C GLN M 108 30.01 30.91 8.60
N PRO M 109 29.03 30.72 9.51
CA PRO M 109 27.80 30.04 9.14
C PRO M 109 26.74 30.97 8.55
N ARG M 110 26.92 32.28 8.73
CA ARG M 110 25.93 33.25 8.25
C ARG M 110 25.92 33.28 6.72
N PRO M 111 24.79 32.90 6.10
CA PRO M 111 24.78 32.73 4.65
C PRO M 111 24.89 34.05 3.91
N SER M 112 25.40 33.98 2.69
CA SER M 112 25.53 35.14 1.84
C SER M 112 25.12 34.76 0.40
N HIS M 113 24.71 35.75 -0.37
CA HIS M 113 24.37 35.55 -1.78
C HIS M 113 25.57 35.02 -2.58
N THR M 114 26.79 35.35 -2.15
CA THR M 114 28.02 34.87 -2.81
C THR M 114 28.19 33.34 -2.77
N TRP M 115 27.52 32.69 -1.84
CA TRP M 115 27.61 31.24 -1.65
C TRP M 115 27.19 30.47 -2.89
N LYS M 116 26.24 31.03 -3.64
CA LYS M 116 25.79 30.42 -4.88
C LYS M 116 26.94 30.19 -5.86
N LEU M 117 27.96 31.05 -5.80
CA LEU M 117 29.08 30.93 -6.72
C LEU M 117 29.90 29.63 -6.55
N CYS M 118 29.75 28.94 -5.42
CA CYS M 118 30.41 27.65 -5.23
C CYS M 118 29.61 26.47 -5.78
N MET M 119 28.39 26.73 -6.25
CA MET M 119 27.55 25.67 -6.78
C MET M 119 27.91 25.34 -8.23
N PRO M 120 27.67 24.09 -8.65
CA PRO M 120 27.87 23.69 -10.04
C PRO M 120 26.86 24.30 -11.02
N ASN M 121 27.36 25.15 -11.92
CA ASN M 121 26.57 25.83 -12.95
C ASN M 121 25.45 24.96 -13.49
N ARG M 122 24.21 25.34 -13.20
CA ARG M 122 23.09 24.48 -13.53
C ARG M 122 22.82 24.35 -15.02
N GLU M 123 23.26 25.32 -15.81
CA GLU M 123 23.09 25.25 -17.25
C GLU M 123 24.18 24.36 -17.86
N VAL M 124 25.42 24.49 -17.38
CA VAL M 124 26.50 23.61 -17.84
C VAL M 124 26.20 22.15 -17.45
N TYR M 125 25.79 21.96 -16.18
CA TYR M 125 25.50 20.62 -15.66
C TYR M 125 24.00 20.39 -15.57
N SER M 126 23.29 20.61 -16.67
CA SER M 126 21.84 20.39 -16.72
C SER M 126 21.49 18.90 -16.74
N THR M 127 22.47 18.06 -17.05
CA THR M 127 22.39 16.62 -16.78
C THR M 127 23.66 16.25 -16.03
N PRO M 128 23.61 15.20 -15.21
CA PRO M 128 24.72 14.97 -14.29
C PRO M 128 26.05 14.68 -14.98
N ALA M 129 27.12 15.20 -14.41
CA ALA M 129 28.47 14.95 -14.88
C ALA M 129 29.25 14.24 -13.77
N ALA M 130 30.34 13.58 -14.10
CA ALA M 130 31.06 12.79 -13.11
C ALA M 130 32.55 12.76 -13.39
N THR M 131 33.34 12.63 -12.33
CA THR M 131 34.77 12.34 -12.47
C THR M 131 35.14 11.23 -11.53
N ILE M 132 35.67 10.13 -12.08
CA ILE M 132 36.11 9.00 -11.25
C ILE M 132 37.63 9.02 -11.13
N SER M 133 38.11 9.38 -9.94
CA SER M 133 39.54 9.43 -9.68
C SER M 133 39.98 8.29 -8.75
N ARG M 134 41.22 7.87 -8.92
CA ARG M 134 41.91 7.01 -7.98
C ARG M 134 41.89 7.65 -6.59
N CYS M 135 41.86 6.81 -5.56
CA CYS M 135 41.78 7.29 -4.21
C CYS M 135 42.59 6.38 -3.30
N GLY M 136 43.83 6.78 -3.03
CA GLY M 136 44.69 6.01 -2.15
C GLY M 136 44.16 5.99 -0.74
N LEU M 137 44.40 4.88 -0.04
CA LEU M 137 44.07 4.75 1.37
C LEU M 137 45.37 4.49 2.17
N ASP M 138 45.48 5.17 3.31
CA ASP M 138 46.63 5.07 4.22
C ASP M 138 47.97 5.12 3.46
N SER M 139 48.05 6.00 2.48
CA SER M 139 49.12 5.96 1.49
C SER M 139 50.52 6.16 2.05
N ILE M 140 50.68 7.01 3.07
CA ILE M 140 52.02 7.18 3.69
C ILE M 140 52.46 5.87 4.34
N ALA M 141 51.59 5.32 5.19
CA ALA M 141 51.90 4.11 5.96
C ALA M 141 52.21 2.92 5.09
N VAL M 142 51.40 2.71 4.05
CA VAL M 142 51.58 1.53 3.16
C VAL M 142 52.53 1.84 2.01
N ASP M 143 53.11 3.04 2.04
CA ASP M 143 54.08 3.49 1.04
C ASP M 143 53.53 3.39 -0.39
N GLY M 144 52.27 3.78 -0.55
CA GLY M 144 51.65 3.84 -1.87
C GLY M 144 51.55 2.53 -2.61
N ALA M 145 51.49 1.42 -1.87
CA ALA M 145 51.32 0.09 -2.47
C ALA M 145 50.16 0.15 -3.45
N PRO M 146 50.33 -0.45 -4.65
CA PRO M 146 49.31 -0.29 -5.71
C PRO M 146 47.92 -0.86 -5.33
N SER M 147 47.91 -1.94 -4.56
CA SER M 147 46.66 -2.59 -4.18
C SER M 147 46.06 -2.04 -2.88
N ARG M 148 46.35 -0.77 -2.59
CA ARG M 148 45.81 -0.08 -1.43
C ARG M 148 45.05 1.18 -1.84
N SER M 149 44.64 1.21 -3.11
CA SER M 149 43.81 2.28 -3.66
C SER M 149 42.41 1.78 -3.94
N ILE M 150 41.41 2.60 -3.63
CA ILE M 150 40.08 2.39 -4.14
C ILE M 150 39.78 3.52 -5.15
N ASP M 151 38.52 3.69 -5.54
CA ASP M 151 38.14 4.79 -6.39
C ASP M 151 37.11 5.68 -5.70
N CYS M 152 37.21 6.98 -5.95
CA CYS M 152 36.22 7.94 -5.51
C CYS M 152 35.73 8.69 -6.71
N MET M 153 34.41 8.72 -6.90
CA MET M 153 33.82 9.39 -8.05
C MET M 153 32.97 10.53 -7.52
N LEU M 154 33.24 11.73 -8.05
CA LEU M 154 32.42 12.89 -7.79
C LEU M 154 31.32 12.88 -8.80
N ILE M 155 30.07 13.05 -8.35
CA ILE M 155 28.95 13.22 -9.28
C ILE M 155 28.37 14.60 -9.05
N ILE M 156 28.32 15.37 -10.14
CA ILE M 156 27.86 16.74 -10.12
C ILE M 156 26.40 16.78 -10.57
N ASN M 157 25.54 17.33 -9.70
CA ASN M 157 24.11 17.54 -9.99
C ASN M 157 23.31 16.31 -10.38
N LYS M 158 23.53 15.19 -9.70
CA LYS M 158 22.60 14.09 -9.81
C LYS M 158 21.39 14.49 -8.96
N PRO M 159 20.18 14.43 -9.55
CA PRO M 159 19.00 14.84 -8.81
C PRO M 159 18.81 14.03 -7.54
N LYS M 160 18.38 14.71 -6.48
CA LYS M 160 18.08 14.06 -5.21
C LYS M 160 17.08 14.93 -4.43
N GLY M 161 15.93 14.35 -4.11
CA GLY M 161 14.91 15.02 -3.33
C GLY M 161 14.56 16.34 -3.97
N VAL M 162 14.51 17.40 -3.16
CA VAL M 162 14.18 18.74 -3.65
C VAL M 162 15.42 19.64 -3.74
N ALA M 163 16.62 19.05 -3.78
CA ALA M 163 17.84 19.84 -3.88
C ALA M 163 17.97 20.45 -5.26
N THR M 164 18.56 21.64 -5.36
CA THR M 164 18.78 22.28 -6.65
C THR M 164 20.17 21.93 -7.19
N TYR M 165 21.16 21.86 -6.29
CA TYR M 165 22.51 21.40 -6.62
C TYR M 165 22.89 20.24 -5.72
N THR M 166 23.65 19.29 -6.27
CA THR M 166 24.17 18.19 -5.49
C THR M 166 25.64 17.93 -5.80
N LEU M 167 26.39 17.51 -4.80
CA LEU M 167 27.72 16.97 -5.01
C LEU M 167 27.76 15.64 -4.27
N THR M 168 28.18 14.59 -4.97
CA THR M 168 28.22 13.24 -4.40
C THR M 168 29.62 12.66 -4.46
N PHE M 169 30.15 12.31 -3.29
CA PHE M 169 31.39 11.52 -3.22
C PHE M 169 31.00 10.07 -3.09
N ARG M 170 31.25 9.31 -4.16
CA ARG M 170 30.85 7.92 -4.20
C ARG M 170 32.09 7.06 -4.20
N PHE M 171 32.23 6.20 -3.19
CA PHE M 171 33.42 5.39 -3.00
C PHE M 171 33.16 4.00 -3.53
N LEU M 172 34.05 3.53 -4.40
CA LEU M 172 33.80 2.35 -5.22
C LEU M 172 35.01 1.42 -5.29
N ASN M 173 34.73 0.19 -5.73
CA ASN M 173 35.76 -0.77 -6.09
C ASN M 173 36.71 -1.08 -4.93
N PHE M 174 36.14 -1.35 -3.75
CA PHE M 174 36.88 -1.78 -2.57
C PHE M 174 37.54 -3.12 -2.77
N ASN M 175 37.00 -3.92 -3.67
CA ASN M 175 37.59 -5.21 -4.05
C ASN M 175 38.98 -5.13 -4.75
N ARG M 176 39.43 -3.93 -5.05
CA ARG M 176 40.83 -3.70 -5.42
C ARG M 176 41.81 -3.92 -4.27
N LEU M 177 41.33 -3.78 -3.04
CA LEU M 177 42.20 -3.84 -1.87
C LEU M 177 42.74 -5.25 -1.65
N SER M 178 44.03 -5.33 -1.35
CA SER M 178 44.67 -6.62 -1.05
C SER M 178 44.26 -7.17 0.33
N GLY M 179 43.77 -6.29 1.20
CA GLY M 179 43.31 -6.70 2.51
C GLY M 179 42.72 -5.54 3.29
N GLY M 180 42.48 -5.76 4.57
CA GLY M 180 41.93 -4.72 5.44
C GLY M 180 42.85 -3.52 5.48
N THR M 181 42.27 -2.34 5.28
CA THR M 181 43.05 -1.11 5.15
C THR M 181 42.40 0.03 5.93
N LEU M 182 43.24 0.80 6.61
CA LEU M 182 42.79 1.94 7.39
C LEU M 182 42.13 2.92 6.43
N PHE M 183 40.88 3.30 6.69
CA PHE M 183 40.13 4.11 5.73
C PHE M 183 40.49 5.59 5.91
N LYS M 184 41.70 5.91 5.47
CA LYS M 184 42.30 7.21 5.64
C LYS M 184 42.71 7.69 4.25
N THR M 185 41.80 8.40 3.57
CA THR M 185 41.98 8.66 2.12
C THR M 185 43.01 9.74 1.87
N ASP M 186 43.50 9.74 0.65
CA ASP M 186 44.33 10.81 0.14
C ASP M 186 43.53 12.10 0.03
N VAL M 187 44.24 13.21 -0.22
CA VAL M 187 43.61 14.47 -0.56
C VAL M 187 43.16 14.32 -2.00
N LEU M 188 41.87 14.43 -2.24
CA LEU M 188 41.32 14.35 -3.58
C LEU M 188 41.00 15.75 -4.09
N THR M 189 41.17 15.95 -5.41
CA THR M 189 40.88 17.21 -6.06
C THR M 189 40.02 17.03 -7.29
N PHE M 190 38.89 17.74 -7.34
CA PHE M 190 38.07 17.82 -8.55
C PHE M 190 37.84 19.27 -8.92
N THR M 191 37.18 19.47 -10.07
CA THR M 191 37.00 20.79 -10.66
C THR M 191 35.71 20.82 -11.45
N TYR M 192 34.93 21.89 -11.28
CA TYR M 192 33.72 22.11 -12.10
C TYR M 192 33.45 23.59 -12.32
N VAL M 193 32.65 23.92 -13.33
CA VAL M 193 32.34 25.33 -13.65
C VAL M 193 31.34 25.84 -12.62
N GLY M 194 31.63 26.99 -12.03
CA GLY M 194 30.79 27.55 -10.99
C GLY M 194 29.55 28.23 -11.53
N GLU M 195 28.56 28.39 -10.66
CA GLU M 195 27.29 29.04 -11.02
C GLU M 195 27.46 30.54 -11.14
N ASN M 196 26.66 31.16 -11.98
CA ASN M 196 26.68 32.62 -12.14
C ASN M 196 25.87 33.28 -11.04
N GLN M 197 26.36 34.42 -10.53
CA GLN M 197 25.62 35.18 -9.51
C GLN M 197 24.17 35.42 -9.99
N ALA N 16 44.52 40.40 -14.04
CA ALA N 16 43.07 40.03 -14.20
C ALA N 16 42.92 38.66 -14.83
N PRO N 17 41.90 37.88 -14.39
CA PRO N 17 41.62 36.55 -14.91
C PRO N 17 40.79 36.57 -16.18
N ILE N 18 40.70 35.44 -16.87
CA ILE N 18 40.00 35.37 -18.14
C ILE N 18 39.73 33.90 -18.50
N THR N 19 38.52 33.62 -18.99
CA THR N 19 38.13 32.27 -19.40
C THR N 19 37.68 32.25 -20.86
N LEU N 20 38.30 31.38 -21.65
CA LEU N 20 37.84 31.09 -23.01
C LEU N 20 37.16 29.73 -23.00
N TRP N 21 36.03 29.59 -23.71
CA TRP N 21 35.31 28.33 -23.70
C TRP N 21 34.37 28.10 -24.90
N THR N 22 33.84 26.88 -24.98
CA THR N 22 32.89 26.51 -26.02
C THR N 22 31.46 26.91 -25.66
N GLY N 23 31.24 27.29 -24.40
CA GLY N 23 29.89 27.52 -23.90
C GLY N 23 29.26 26.22 -23.43
N PRO N 24 28.12 26.33 -22.74
CA PRO N 24 27.40 25.14 -22.33
C PRO N 24 26.71 24.53 -23.55
N GLY N 25 26.31 23.27 -23.43
CA GLY N 25 25.64 22.58 -24.52
C GLY N 25 26.37 22.76 -25.82
N PRO N 26 27.61 22.25 -25.89
CA PRO N 26 28.48 22.53 -27.05
C PRO N 26 28.02 21.81 -28.30
N SER N 27 28.32 22.41 -29.45
CA SER N 27 28.03 21.82 -30.75
C SER N 27 29.00 20.70 -31.03
N ILE N 28 28.69 19.86 -32.01
CA ILE N 28 29.62 18.82 -32.45
C ILE N 28 30.76 19.59 -33.12
N ASN N 29 31.87 19.73 -32.41
CA ASN N 29 32.96 20.62 -32.79
C ASN N 29 34.33 19.94 -32.94
N GLY N 30 34.41 18.65 -32.65
CA GLY N 30 35.65 17.89 -32.90
C GLY N 30 35.60 17.10 -34.21
N PHE N 31 36.58 17.36 -35.08
CA PHE N 31 36.65 16.73 -36.40
C PHE N 31 37.66 15.60 -36.44
N ILE N 32 37.23 14.45 -36.92
CA ILE N 32 38.12 13.38 -37.30
C ILE N 32 37.78 13.08 -38.78
N ASN N 33 38.81 13.06 -39.62
CA ASN N 33 38.66 12.79 -41.06
C ASN N 33 37.65 13.71 -41.76
N ASP N 34 37.77 15.00 -41.45
CA ASP N 34 36.94 16.07 -42.03
C ASP N 34 35.43 15.98 -41.73
N THR N 35 35.08 15.24 -40.69
CA THR N 35 33.69 15.15 -40.25
C THR N 35 33.59 15.44 -38.76
N PRO N 36 32.63 16.27 -38.37
CA PRO N 36 32.43 16.54 -36.95
C PRO N 36 31.83 15.32 -36.28
N VAL N 37 32.53 14.72 -35.33
CA VAL N 37 32.01 13.51 -34.69
C VAL N 37 32.10 13.49 -33.16
N ILE N 38 32.85 14.42 -32.55
CA ILE N 38 32.90 14.55 -31.09
C ILE N 38 32.34 15.90 -30.64
N ARG N 39 31.52 15.85 -29.61
CA ARG N 39 30.94 17.03 -29.01
C ARG N 39 31.82 17.42 -27.82
N CYS N 40 32.64 18.47 -28.00
CA CYS N 40 33.65 18.83 -27.02
C CYS N 40 33.27 20.03 -26.19
N PHE N 41 33.14 19.82 -24.88
CA PHE N 41 33.04 20.94 -23.95
C PHE N 41 34.43 21.28 -23.44
N ILE N 42 34.89 22.48 -23.73
CA ILE N 42 36.24 22.86 -23.37
C ILE N 42 36.23 24.24 -22.75
N CYS N 43 36.87 24.33 -21.60
CA CYS N 43 36.88 25.56 -20.85
C CYS N 43 38.30 25.79 -20.35
N LEU N 44 38.89 26.91 -20.77
CA LEU N 44 40.24 27.30 -20.38
C LEU N 44 40.17 28.51 -19.45
N THR N 45 40.35 28.30 -18.15
CA THR N 45 40.26 29.39 -17.18
C THR N 45 41.63 29.77 -16.63
N ARG N 46 42.01 31.02 -16.89
CA ARG N 46 43.27 31.58 -16.38
C ARG N 46 42.95 32.39 -15.14
N ASP N 47 43.62 32.07 -14.04
CA ASP N 47 43.52 32.88 -12.85
C ASP N 47 44.84 33.67 -12.71
N SER N 48 45.49 33.69 -11.54
CA SER N 48 46.66 34.56 -11.36
C SER N 48 47.82 34.14 -12.26
N ASN N 49 48.10 32.85 -12.31
CA ASN N 49 49.27 32.34 -13.03
C ASN N 49 49.04 31.10 -13.86
N LEU N 50 48.26 30.15 -13.35
CA LEU N 50 48.02 28.88 -14.02
C LEU N 50 46.74 28.95 -14.85
N VAL N 51 46.68 28.12 -15.90
CA VAL N 51 45.47 27.90 -16.68
C VAL N 51 44.92 26.55 -16.29
N THR N 52 43.64 26.47 -15.96
CA THR N 52 43.02 25.16 -15.71
C THR N 52 42.17 24.79 -16.90
N VAL N 53 42.47 23.63 -17.46
CA VAL N 53 41.66 23.06 -18.53
C VAL N 53 40.61 22.22 -17.87
N ASN N 54 39.35 22.52 -18.14
CA ASN N 54 38.24 21.70 -17.67
C ASN N 54 37.48 21.29 -18.89
N ALA N 55 37.42 19.99 -19.16
CA ALA N 55 36.86 19.52 -20.45
C ALA N 55 36.13 18.20 -20.32
N SER N 56 35.16 18.01 -21.21
CA SER N 56 34.45 16.74 -21.29
C SER N 56 33.96 16.52 -22.71
N PHE N 57 33.75 15.26 -23.07
CA PHE N 57 33.51 14.91 -24.47
C PHE N 57 32.38 13.90 -24.62
N VAL N 58 31.57 14.08 -25.65
CA VAL N 58 30.52 13.12 -25.96
C VAL N 58 30.56 12.78 -27.43
N GLY N 59 30.70 11.51 -27.73
CA GLY N 59 30.75 11.05 -29.11
C GLY N 59 29.39 11.04 -29.78
N GLU N 60 29.38 11.29 -31.09
CA GLU N 60 28.14 11.26 -31.88
C GLU N 60 28.33 10.44 -33.14
N GLY N 61 27.20 10.05 -33.73
CA GLY N 61 27.21 9.25 -34.96
C GLY N 61 27.90 7.92 -34.75
N GLY N 62 28.88 7.62 -35.59
CA GLY N 62 29.68 6.42 -35.45
C GLY N 62 30.52 6.40 -34.19
N TYR N 63 30.76 7.56 -33.61
CA TYR N 63 31.50 7.66 -32.34
C TYR N 63 30.60 7.72 -31.09
N ARG N 64 29.31 7.46 -31.22
CA ARG N 64 28.46 7.45 -30.03
C ARG N 64 28.87 6.31 -29.10
N ILE N 65 29.08 5.14 -29.68
CA ILE N 65 29.58 3.97 -28.98
C ILE N 65 30.95 3.67 -29.54
N VAL N 66 31.93 3.49 -28.64
CA VAL N 66 33.27 3.07 -29.03
C VAL N 66 33.54 1.67 -28.48
N SER N 67 34.30 0.87 -29.23
CA SER N 67 34.61 -0.48 -28.82
C SER N 67 36.09 -0.57 -28.45
N PRO N 68 36.49 -1.67 -27.81
CA PRO N 68 37.90 -1.84 -27.43
C PRO N 68 38.91 -1.83 -28.61
N THR N 69 38.46 -2.13 -29.82
CA THR N 69 39.33 -2.10 -30.99
C THR N 69 39.39 -0.70 -31.63
N GLN N 70 38.73 0.29 -31.04
CA GLN N 70 38.79 1.67 -31.52
C GLN N 70 40.24 2.15 -31.58
N SER N 71 40.61 2.75 -32.71
CA SER N 71 41.96 3.26 -32.87
C SER N 71 42.08 4.62 -32.22
N GLN N 72 43.25 4.91 -31.64
CA GLN N 72 43.52 6.15 -30.91
C GLN N 72 43.43 7.35 -31.83
N PHE N 73 43.20 8.54 -31.25
CA PHE N 73 43.13 9.77 -32.04
C PHE N 73 43.39 11.03 -31.24
N SER N 74 43.82 12.08 -31.95
CA SER N 74 44.12 13.38 -31.37
C SER N 74 43.14 14.46 -31.85
N LEU N 75 42.65 15.27 -30.91
CA LEU N 75 41.90 16.47 -31.24
C LEU N 75 42.79 17.66 -30.91
N ILE N 76 43.34 18.30 -31.95
CA ILE N 76 44.27 19.43 -31.78
C ILE N 76 43.56 20.78 -31.90
N MET N 77 43.75 21.62 -30.88
CA MET N 77 43.37 23.02 -30.96
C MET N 77 44.61 23.83 -31.35
N GLU N 78 44.53 24.59 -32.43
CA GLU N 78 45.64 25.43 -32.90
C GLU N 78 45.33 26.88 -32.68
N PHE N 79 46.22 27.58 -31.95
CA PHE N 79 46.05 29.01 -31.66
C PHE N 79 47.20 29.81 -32.24
N ASP N 80 46.87 31.02 -32.70
CA ASP N 80 47.88 31.98 -33.18
C ASP N 80 48.61 32.66 -32.01
N GLN N 81 49.55 33.53 -32.32
CA GLN N 81 50.40 34.12 -31.32
C GLN N 81 49.66 35.09 -30.38
N PHE N 82 48.43 35.47 -30.72
CA PHE N 82 47.60 36.34 -29.86
C PHE N 82 46.49 35.59 -29.12
N GLY N 83 46.55 34.26 -29.07
CA GLY N 83 45.55 33.48 -28.35
C GLY N 83 44.22 33.25 -29.09
N GLN N 84 44.18 33.57 -30.38
CA GLN N 84 42.99 33.36 -31.17
C GLN N 84 43.01 31.94 -31.76
N LEU N 85 41.93 31.19 -31.56
CA LEU N 85 41.81 29.86 -32.11
C LEU N 85 41.78 29.94 -33.63
N MET N 86 42.60 29.13 -34.29
CA MET N 86 42.71 29.14 -35.74
C MET N 86 41.69 28.19 -36.38
N SER N 87 41.57 28.25 -37.69
CA SER N 87 40.59 27.45 -38.42
C SER N 87 41.08 26.06 -38.80
N THR N 88 42.35 25.76 -38.54
CA THR N 88 42.99 24.57 -39.09
C THR N 88 43.00 23.30 -38.20
N GLY N 89 42.76 23.43 -36.89
CA GLY N 89 42.81 22.28 -35.99
C GLY N 89 41.56 21.40 -36.07
N ASN N 90 41.57 20.30 -35.32
CA ASN N 90 40.41 19.41 -35.21
C ASN N 90 39.27 20.07 -34.49
N ILE N 91 39.63 20.96 -33.56
CA ILE N 91 38.67 21.86 -32.95
C ILE N 91 39.11 23.23 -33.39
N ASN N 92 38.20 24.00 -33.96
CA ASN N 92 38.61 25.24 -34.64
C ASN N 92 37.59 26.35 -34.64
N SER N 93 37.98 27.48 -35.22
CA SER N 93 37.16 28.70 -35.20
C SER N 93 35.87 28.62 -35.99
N THR N 94 35.64 27.55 -36.74
CA THR N 94 34.34 27.39 -37.41
C THR N 94 33.21 27.02 -36.45
N THR N 95 33.53 26.69 -35.20
CA THR N 95 32.50 26.41 -34.20
C THR N 95 32.55 27.42 -33.06
N THR N 96 31.45 27.52 -32.31
CA THR N 96 31.27 28.51 -31.25
C THR N 96 32.38 28.42 -30.21
N TRP N 97 33.14 29.50 -30.09
CA TRP N 97 34.28 29.57 -29.19
C TRP N 97 34.55 31.02 -28.83
N GLY N 98 34.83 31.30 -27.56
CA GLY N 98 35.07 32.68 -27.14
C GLY N 98 35.15 32.88 -25.64
N GLU N 99 35.02 34.13 -25.21
CA GLU N 99 35.20 34.46 -23.80
C GLU N 99 33.93 34.30 -23.01
N LYS N 100 34.05 33.79 -21.78
CA LYS N 100 32.93 33.75 -20.84
C LYS N 100 32.99 34.96 -19.92
N PRO N 101 32.02 35.88 -20.04
CA PRO N 101 31.98 36.96 -19.08
C PRO N 101 31.63 36.42 -17.69
N TRP N 102 32.25 37.00 -16.66
CA TRP N 102 31.84 36.74 -15.29
C TRP N 102 30.38 37.15 -15.16
N GLY N 103 29.53 36.26 -14.68
CA GLY N 103 28.12 36.61 -14.46
C GLY N 103 27.10 35.98 -15.39
N ASN N 104 27.51 35.43 -16.52
CA ASN N 104 26.58 34.71 -17.40
C ASN N 104 27.26 33.64 -18.24
N ASN N 105 26.46 32.92 -19.03
CA ASN N 105 26.92 31.77 -19.79
C ASN N 105 27.07 32.05 -21.28
N THR N 106 27.19 33.32 -21.67
CA THR N 106 27.37 33.64 -23.08
C THR N 106 28.78 33.26 -23.57
N VAL N 107 28.95 33.28 -24.88
CA VAL N 107 30.25 33.11 -25.49
C VAL N 107 30.50 34.36 -26.31
N GLN N 108 31.51 35.16 -25.91
CA GLN N 108 31.83 36.41 -26.59
C GLN N 108 32.98 36.18 -27.57
N PRO N 109 32.69 36.28 -28.88
CA PRO N 109 33.66 35.97 -29.94
C PRO N 109 34.66 37.07 -30.27
N ARG N 110 34.36 38.29 -29.84
CA ARG N 110 35.21 39.44 -30.15
C ARG N 110 36.57 39.33 -29.44
N PRO N 111 37.66 39.20 -30.19
CA PRO N 111 38.94 38.90 -29.54
C PRO N 111 39.47 40.05 -28.67
N SER N 112 40.28 39.69 -27.69
CA SER N 112 40.94 40.67 -26.84
C SER N 112 42.39 40.25 -26.60
N HIS N 113 43.22 41.24 -26.30
CA HIS N 113 44.62 40.99 -25.99
C HIS N 113 44.79 40.06 -24.77
N THR N 114 43.82 40.09 -23.87
CA THR N 114 43.83 39.23 -22.68
C THR N 114 43.76 37.74 -23.02
N TRP N 115 43.29 37.40 -24.21
CA TRP N 115 43.11 36.01 -24.60
C TRP N 115 44.42 35.26 -24.61
N LYS N 116 45.50 35.96 -24.89
CA LYS N 116 46.85 35.36 -24.82
C LYS N 116 47.17 34.73 -23.46
N LEU N 117 46.60 35.28 -22.39
CA LEU N 117 46.86 34.79 -21.06
C LEU N 117 46.35 33.35 -20.81
N CYS N 118 45.47 32.83 -21.67
CA CYS N 118 45.01 31.43 -21.58
C CYS N 118 45.96 30.45 -22.31
N MET N 119 46.94 30.97 -23.06
CA MET N 119 47.83 30.10 -23.83
C MET N 119 48.92 29.54 -22.94
N PRO N 120 49.46 28.37 -23.29
CA PRO N 120 50.60 27.79 -22.56
C PRO N 120 51.92 28.53 -22.77
N ASN N 121 52.43 29.13 -21.69
CA ASN N 121 53.69 29.90 -21.65
C ASN N 121 54.77 29.31 -22.55
N ARG N 122 55.13 30.03 -23.60
CA ARG N 122 55.97 29.45 -24.64
C ARG N 122 57.41 29.25 -24.22
N GLU N 123 57.84 29.96 -23.19
CA GLU N 123 59.19 29.76 -22.66
C GLU N 123 59.21 28.55 -21.73
N VAL N 124 58.19 28.41 -20.88
CA VAL N 124 58.07 27.22 -20.02
C VAL N 124 57.94 25.99 -20.88
N TYR N 125 57.03 26.03 -21.84
CA TYR N 125 56.77 24.89 -22.72
C TYR N 125 57.41 25.11 -24.09
N SER N 126 58.71 25.39 -24.09
CA SER N 126 59.46 25.55 -25.35
C SER N 126 59.71 24.20 -26.04
N THR N 127 59.56 23.10 -25.31
CA THR N 127 59.43 21.79 -25.93
C THR N 127 58.17 21.16 -25.35
N PRO N 128 57.54 20.23 -26.09
CA PRO N 128 56.20 19.82 -25.69
C PRO N 128 56.18 19.13 -24.32
N ALA N 129 55.13 19.39 -23.55
CA ALA N 129 54.87 18.72 -22.28
C ALA N 129 53.58 17.94 -22.39
N ALA N 130 53.37 16.97 -21.51
CA ALA N 130 52.18 16.13 -21.58
C ALA N 130 51.68 15.69 -20.20
N THR N 131 50.37 15.49 -20.09
CA THR N 131 49.80 14.82 -18.91
C THR N 131 48.78 13.78 -19.34
N ILE N 132 49.05 12.54 -18.96
CA ILE N 132 48.18 11.42 -19.29
C ILE N 132 47.34 11.04 -18.09
N SER N 133 46.05 11.40 -18.16
CA SER N 133 45.08 11.07 -17.12
C SER N 133 44.17 9.92 -17.51
N ARG N 134 43.74 9.17 -16.50
CA ARG N 134 42.59 8.26 -16.62
C ARG N 134 41.39 9.06 -17.09
N CYS N 135 40.53 8.41 -17.86
CA CYS N 135 39.36 9.03 -18.43
C CYS N 135 38.20 8.05 -18.44
N GLY N 136 37.34 8.14 -17.42
CA GLY N 136 36.16 7.29 -17.30
C GLY N 136 35.20 7.54 -18.44
N LEU N 137 34.54 6.47 -18.91
CA LEU N 137 33.49 6.58 -19.90
C LEU N 137 32.18 6.10 -19.29
N ASP N 138 31.10 6.83 -19.54
CA ASP N 138 29.75 6.49 -19.07
C ASP N 138 29.76 6.11 -17.57
N SER N 139 30.53 6.84 -16.78
CA SER N 139 30.86 6.43 -15.41
C SER N 139 29.66 6.26 -14.49
N ILE N 140 28.68 7.15 -14.59
CA ILE N 140 27.50 7.04 -13.70
C ILE N 140 26.75 5.77 -14.02
N ALA N 141 26.46 5.55 -15.31
CA ALA N 141 25.68 4.41 -15.76
C ALA N 141 26.34 3.08 -15.44
N VAL N 142 27.66 2.97 -15.66
CA VAL N 142 28.39 1.71 -15.43
C VAL N 142 28.88 1.61 -13.99
N ASP N 143 28.51 2.60 -13.18
CA ASP N 143 28.92 2.68 -11.78
C ASP N 143 30.44 2.54 -11.58
N GLY N 144 31.19 3.24 -12.42
CA GLY N 144 32.63 3.31 -12.28
C GLY N 144 33.35 1.98 -12.36
N ALA N 145 32.79 1.04 -13.12
CA ALA N 145 33.45 -0.27 -13.32
C ALA N 145 34.85 -0.04 -13.86
N PRO N 146 35.85 -0.75 -13.33
CA PRO N 146 37.28 -0.43 -13.61
C PRO N 146 37.67 -0.56 -15.10
N SER N 147 37.04 -1.49 -15.80
CA SER N 147 37.35 -1.73 -17.21
C SER N 147 36.45 -0.90 -18.16
N ARG N 148 36.01 0.27 -17.70
CA ARG N 148 35.27 1.21 -18.52
C ARG N 148 35.96 2.56 -18.58
N SER N 149 37.26 2.56 -18.32
CA SER N 149 38.07 3.75 -18.45
C SER N 149 39.04 3.61 -19.62
N ILE N 150 39.22 4.69 -20.35
CA ILE N 150 40.31 4.79 -21.29
C ILE N 150 41.29 5.83 -20.72
N ASP N 151 42.22 6.30 -21.52
CA ASP N 151 43.12 7.37 -21.14
C ASP N 151 42.97 8.55 -22.09
N CYS N 152 43.10 9.74 -21.52
CA CYS N 152 43.17 10.96 -22.27
C CYS N 152 44.44 11.67 -21.88
N MET N 153 45.23 12.02 -22.88
CA MET N 153 46.49 12.73 -22.66
C MET N 153 46.40 14.11 -23.28
N LEU N 154 46.66 15.12 -22.45
CA LEU N 154 46.81 16.50 -22.92
C LEU N 154 48.25 16.69 -23.35
N ILE N 155 48.46 17.19 -24.57
CA ILE N 155 49.81 17.55 -25.03
C ILE N 155 49.85 19.07 -25.21
N ILE N 156 50.78 19.70 -24.48
CA ILE N 156 50.95 21.15 -24.49
C ILE N 156 52.05 21.54 -25.50
N ASN N 157 51.70 22.37 -26.47
CA ASN N 157 52.64 22.93 -27.45
C ASN N 157 53.42 21.91 -28.29
N LYS N 158 52.75 20.86 -28.74
CA LYS N 158 53.33 20.05 -29.80
C LYS N 158 53.19 20.86 -31.07
N PRO N 159 54.28 21.03 -31.83
CA PRO N 159 54.18 21.84 -33.05
C PRO N 159 53.20 21.25 -34.05
N LYS N 160 52.44 22.13 -34.70
CA LYS N 160 51.51 21.75 -35.75
C LYS N 160 51.32 22.91 -36.69
N GLY N 161 51.63 22.70 -37.97
CA GLY N 161 51.42 23.72 -39.00
C GLY N 161 52.08 25.00 -38.56
N VAL N 162 51.38 26.12 -38.72
CA VAL N 162 51.94 27.44 -38.38
C VAL N 162 51.37 27.98 -37.05
N ALA N 163 50.85 27.08 -36.21
CA ALA N 163 50.28 27.46 -34.92
C ALA N 163 51.40 27.88 -34.00
N THR N 164 51.15 28.83 -33.12
CA THR N 164 52.13 29.28 -32.12
C THR N 164 51.94 28.50 -30.82
N TYR N 165 50.68 28.28 -30.43
CA TYR N 165 50.37 27.44 -29.29
C TYR N 165 49.42 26.35 -29.72
N THR N 166 49.56 25.17 -29.12
CA THR N 166 48.64 24.06 -29.38
C THR N 166 48.24 23.35 -28.08
N LEU N 167 47.00 22.87 -28.05
CA LEU N 167 46.54 21.96 -27.02
C LEU N 167 45.94 20.76 -27.72
N THR N 168 46.37 19.57 -27.33
CA THR N 168 45.96 18.33 -27.95
C THR N 168 45.30 17.42 -26.92
N PHE N 169 44.05 17.02 -27.16
CA PHE N 169 43.42 15.98 -26.38
C PHE N 169 43.54 14.68 -27.16
N ARG N 170 44.37 13.75 -26.65
CA ARG N 170 44.64 12.52 -27.36
C ARG N 170 44.05 11.37 -26.56
N PHE N 171 43.16 10.63 -27.19
CA PHE N 171 42.43 9.58 -26.52
C PHE N 171 43.08 8.24 -26.88
N LEU N 172 43.43 7.48 -25.85
CA LEU N 172 44.32 6.34 -26.01
C LEU N 172 43.85 5.11 -25.21
N ASN N 173 44.39 3.96 -25.58
CA ASN N 173 44.21 2.73 -24.83
C ASN N 173 42.76 2.30 -24.68
N PHE N 174 42.03 2.33 -25.79
CA PHE N 174 40.66 1.84 -25.83
C PHE N 174 40.57 0.34 -25.54
N ASN N 175 41.66 -0.38 -25.82
CA ASN N 175 41.72 -1.82 -25.53
C ASN N 175 41.62 -2.16 -24.04
N ARG N 176 41.64 -1.17 -23.17
CA ARG N 176 41.27 -1.34 -21.76
C ARG N 176 39.81 -1.69 -21.55
N LEU N 177 38.96 -1.29 -22.48
CA LEU N 177 37.51 -1.47 -22.30
C LEU N 177 37.14 -2.93 -22.42
N SER N 178 36.24 -3.37 -21.55
CA SER N 178 35.75 -4.76 -21.54
C SER N 178 34.77 -5.02 -22.69
N GLY N 179 34.22 -3.96 -23.26
CA GLY N 179 33.30 -4.07 -24.37
C GLY N 179 32.85 -2.71 -24.87
N GLY N 180 31.87 -2.71 -25.77
CA GLY N 180 31.35 -1.47 -26.35
C GLY N 180 30.82 -0.58 -25.26
N THR N 181 31.22 0.70 -25.29
CA THR N 181 30.88 1.64 -24.25
C THR N 181 30.47 2.97 -24.85
N LEU N 182 29.45 3.58 -24.24
CA LEU N 182 28.95 4.88 -24.66
C LEU N 182 30.09 5.87 -24.46
N PHE N 183 30.46 6.59 -25.51
CA PHE N 183 31.62 7.48 -25.45
C PHE N 183 31.23 8.82 -24.83
N LYS N 184 31.00 8.76 -23.53
CA LYS N 184 30.52 9.88 -22.75
C LYS N 184 31.52 10.08 -21.62
N THR N 185 32.52 10.94 -21.83
CA THR N 185 33.67 10.97 -20.92
C THR N 185 33.35 11.68 -19.64
N ASP N 186 34.16 11.41 -18.63
CA ASP N 186 34.17 12.18 -17.39
C ASP N 186 34.58 13.61 -17.65
N VAL N 187 34.44 14.45 -16.63
CA VAL N 187 35.00 15.79 -16.64
C VAL N 187 36.48 15.67 -16.34
N LEU N 188 37.32 16.09 -17.28
CA LEU N 188 38.77 16.03 -17.11
C LEU N 188 39.33 17.39 -16.70
N THR N 189 40.38 17.37 -15.90
CA THR N 189 41.04 18.60 -15.48
C THR N 189 42.55 18.53 -15.63
N PHE N 190 43.11 19.49 -16.37
CA PHE N 190 44.55 19.63 -16.45
C PHE N 190 44.97 21.04 -16.02
N THR N 191 46.28 21.26 -15.95
CA THR N 191 46.84 22.54 -15.50
C THR N 191 48.15 22.81 -16.23
N TYR N 192 48.34 24.06 -16.65
CA TYR N 192 49.65 24.52 -17.14
C TYR N 192 49.88 25.98 -16.83
N VAL N 193 51.13 26.40 -16.95
CA VAL N 193 51.51 27.78 -16.66
C VAL N 193 51.09 28.65 -17.85
N GLY N 194 50.40 29.73 -17.56
CA GLY N 194 49.87 30.58 -18.61
C GLY N 194 50.90 31.52 -19.17
N GLU N 195 50.62 32.04 -20.35
CA GLU N 195 51.53 32.94 -21.04
C GLU N 195 51.49 34.34 -20.42
N ASN N 196 52.60 35.07 -20.53
CA ASN N 196 52.68 36.43 -20.01
C ASN N 196 52.11 37.44 -21.01
N GLN N 197 51.39 38.44 -20.52
CA GLN N 197 50.80 39.45 -21.41
C GLN N 197 51.91 40.06 -22.28
N SER O 4 -36.93 -18.06 24.26
CA SER O 4 -35.87 -17.24 23.55
C SER O 4 -36.31 -15.79 23.39
N LEU O 5 -35.34 -14.87 23.30
CA LEU O 5 -35.64 -13.44 23.14
C LEU O 5 -36.35 -13.20 21.80
N SER O 6 -37.52 -12.59 21.82
CA SER O 6 -38.16 -12.25 20.55
C SER O 6 -39.10 -11.05 20.65
N ILE O 7 -39.51 -10.58 19.47
CA ILE O 7 -40.28 -9.34 19.31
C ILE O 7 -41.64 -9.66 18.70
N THR O 8 -42.70 -9.04 19.21
CA THR O 8 -44.05 -9.25 18.66
C THR O 8 -44.19 -8.46 17.36
N THR O 9 -44.75 -9.11 16.35
CA THR O 9 -44.85 -8.55 15.00
C THR O 9 -43.48 -8.15 14.43
N PRO O 10 -42.62 -9.14 14.11
CA PRO O 10 -41.28 -8.82 13.60
C PRO O 10 -41.26 -8.13 12.22
N GLU O 11 -42.41 -8.07 11.55
CA GLU O 11 -42.57 -7.32 10.29
C GLU O 11 -43.86 -6.49 10.39
N GLU O 12 -43.80 -5.24 9.97
CA GLU O 12 -44.93 -4.30 10.02
C GLU O 12 -44.86 -3.30 8.88
N MET O 13 -45.98 -2.62 8.65
CA MET O 13 -46.01 -1.42 7.83
C MET O 13 -46.97 -0.44 8.49
N ILE O 14 -46.52 0.79 8.74
CA ILE O 14 -47.37 1.83 9.32
C ILE O 14 -47.37 3.04 8.40
N GLU O 15 -48.56 3.42 7.94
CA GLU O 15 -48.74 4.62 7.13
C GLU O 15 -49.08 5.78 8.07
N LYS O 16 -48.49 6.96 7.83
CA LYS O 16 -48.79 8.16 8.62
C LYS O 16 -48.79 9.45 7.81
N ALA O 17 -49.38 10.50 8.35
CA ALA O 17 -49.43 11.79 7.64
C ALA O 17 -48.15 12.59 7.91
N LYS O 18 -47.75 13.40 6.92
CA LYS O 18 -46.66 14.37 7.07
C LYS O 18 -46.96 15.35 8.21
N GLY O 19 -45.95 15.67 9.01
CA GLY O 19 -46.12 16.53 10.17
C GLY O 19 -46.49 15.78 11.45
N GLU O 20 -47.28 14.71 11.32
CA GLU O 20 -47.68 13.90 12.46
C GLU O 20 -46.49 13.05 12.91
N THR O 21 -46.54 12.58 14.15
CA THR O 21 -45.45 11.78 14.71
C THR O 21 -45.80 10.27 14.62
N ALA O 22 -44.79 9.45 14.32
CA ALA O 22 -44.95 8.01 14.10
C ALA O 22 -44.44 7.19 15.28
N TYR O 23 -45.30 6.32 15.80
CA TYR O 23 -44.92 5.40 16.87
C TYR O 23 -44.45 4.10 16.23
N LEU O 24 -43.14 3.84 16.33
CA LEU O 24 -42.52 2.63 15.77
C LEU O 24 -42.32 1.55 16.85
N PRO O 25 -43.22 0.54 16.87
CA PRO O 25 -43.21 -0.42 17.98
C PRO O 25 -42.09 -1.44 17.88
N CYS O 26 -41.49 -1.73 19.02
CA CYS O 26 -40.54 -2.81 19.10
C CYS O 26 -40.60 -3.29 20.52
N LYS O 27 -41.49 -4.25 20.76
CA LYS O 27 -41.71 -4.76 22.12
C LYS O 27 -41.18 -6.18 22.21
N PHE O 28 -40.36 -6.44 23.22
CA PHE O 28 -39.62 -7.70 23.28
C PHE O 28 -39.83 -8.49 24.58
N THR O 29 -39.64 -9.80 24.46
CA THR O 29 -39.87 -10.75 25.53
C THR O 29 -38.55 -11.44 25.88
N LEU O 30 -38.12 -11.32 27.14
CA LEU O 30 -36.87 -11.93 27.59
C LEU O 30 -37.11 -13.29 28.20
N SER O 31 -36.11 -14.15 28.10
CA SER O 31 -36.07 -15.42 28.77
C SER O 31 -35.07 -15.32 29.92
N PRO O 32 -35.22 -16.16 30.97
CA PRO O 32 -34.26 -16.09 32.08
C PRO O 32 -32.80 -16.36 31.66
N GLU O 33 -32.59 -17.18 30.63
CA GLU O 33 -31.22 -17.44 30.14
C GLU O 33 -30.53 -16.16 29.62
N ASP O 34 -31.32 -15.17 29.18
CA ASP O 34 -30.82 -13.91 28.61
C ASP O 34 -30.19 -12.96 29.66
N GLN O 35 -29.02 -13.32 30.17
CA GLN O 35 -28.38 -12.59 31.29
C GLN O 35 -27.40 -11.48 30.88
N GLY O 36 -27.12 -11.35 29.59
CA GLY O 36 -26.16 -10.35 29.10
C GLY O 36 -26.71 -8.94 29.18
N PRO O 37 -25.88 -7.94 28.82
CA PRO O 37 -26.31 -6.54 28.84
C PRO O 37 -27.29 -6.21 27.72
N LEU O 38 -28.32 -5.41 28.05
CA LEU O 38 -29.30 -4.99 27.05
C LEU O 38 -28.65 -4.04 26.08
N ASP O 39 -28.68 -4.45 24.83
CA ASP O 39 -27.91 -3.84 23.76
C ASP O 39 -28.84 -3.62 22.55
N ILE O 40 -29.47 -2.44 22.47
CA ILE O 40 -30.49 -2.15 21.47
C ILE O 40 -29.96 -1.18 20.43
N GLU O 41 -30.44 -1.30 19.20
CA GLU O 41 -29.98 -0.47 18.07
C GLU O 41 -31.08 -0.33 17.02
N TRP O 42 -31.42 0.90 16.64
CA TRP O 42 -32.32 1.16 15.50
C TRP O 42 -31.53 1.63 14.28
N LEU O 43 -31.82 1.08 13.10
CA LEU O 43 -31.19 1.55 11.85
C LEU O 43 -32.25 1.87 10.82
N ILE O 44 -31.88 2.72 9.84
CA ILE O 44 -32.77 3.12 8.73
C ILE O 44 -32.19 2.78 7.34
N SER O 45 -33.03 2.17 6.49
CA SER O 45 -32.71 2.02 5.07
C SER O 45 -33.68 2.92 4.27
N PRO O 46 -33.24 4.16 3.93
CA PRO O 46 -34.10 5.10 3.21
C PRO O 46 -34.52 4.64 1.81
N ALA O 47 -35.66 5.16 1.35
CA ALA O 47 -36.05 5.06 -0.06
C ALA O 47 -35.08 5.90 -0.92
N ASP O 48 -34.60 7.01 -0.36
CA ASP O 48 -33.43 7.75 -0.92
C ASP O 48 -32.20 6.84 -0.86
N VAL O 52 -28.45 2.70 2.86
CA VAL O 52 -28.90 1.44 3.43
C VAL O 52 -28.22 1.08 4.76
N ASP O 53 -28.99 0.55 5.72
CA ASP O 53 -28.48 0.15 7.05
C ASP O 53 -27.66 1.23 7.77
N GLN O 54 -28.36 2.24 8.29
CA GLN O 54 -27.73 3.40 8.92
C GLN O 54 -28.28 3.60 10.33
N VAL O 55 -27.38 3.62 11.31
CA VAL O 55 -27.77 3.77 12.71
C VAL O 55 -28.48 5.09 12.93
N ILE O 56 -29.61 5.03 13.62
CA ILE O 56 -30.30 6.24 14.04
C ILE O 56 -30.15 6.43 15.57
N ILE O 57 -30.38 5.39 16.37
CA ILE O 57 -30.34 5.52 17.84
C ILE O 57 -29.84 4.22 18.54
N LEU O 58 -29.07 4.39 19.62
CA LEU O 58 -28.54 3.27 20.39
C LEU O 58 -28.99 3.27 21.85
N TYR O 59 -29.07 2.09 22.46
CA TYR O 59 -29.22 1.94 23.92
C TYR O 59 -28.21 0.92 24.44
N SER O 60 -27.24 1.35 25.24
CA SER O 60 -26.30 0.42 25.85
C SER O 60 -25.77 0.94 27.19
N GLY O 61 -25.56 0.02 28.14
CA GLY O 61 -25.12 0.36 29.50
C GLY O 61 -26.04 1.34 30.22
N ASP O 62 -27.33 1.25 29.94
CA ASP O 62 -28.34 2.19 30.46
C ASP O 62 -28.20 3.64 29.96
N LYS O 63 -27.50 3.85 28.85
CA LYS O 63 -27.40 5.20 28.26
C LYS O 63 -27.92 5.24 26.82
N ILE O 64 -28.54 6.36 26.42
CA ILE O 64 -29.03 6.56 25.05
C ILE O 64 -28.05 7.43 24.25
N TYR O 65 -27.76 7.01 23.01
CA TYR O 65 -26.91 7.75 22.07
C TYR O 65 -27.66 7.96 20.79
N ASP O 66 -27.91 9.21 20.40
CA ASP O 66 -28.97 9.50 19.42
C ASP O 66 -28.62 10.41 18.25
N ASP O 67 -27.36 10.73 18.04
CA ASP O 67 -27.05 11.75 17.04
C ASP O 67 -26.70 11.20 15.67
N TYR O 68 -26.74 9.87 15.50
CA TYR O 68 -26.00 9.21 14.43
C TYR O 68 -26.49 9.50 12.99
N TYR O 69 -27.79 9.76 12.83
CA TYR O 69 -28.38 10.04 11.49
C TYR O 69 -28.84 11.50 11.33
N PRO O 70 -28.02 12.34 10.67
CA PRO O 70 -28.27 13.78 10.49
C PRO O 70 -29.71 14.22 10.14
N ASP O 71 -30.34 13.61 9.14
CA ASP O 71 -31.71 14.00 8.73
C ASP O 71 -32.75 13.87 9.86
N LEU O 72 -32.51 12.94 10.78
CA LEU O 72 -33.40 12.69 11.91
C LEU O 72 -32.87 13.28 13.21
N LYS O 73 -31.95 14.23 13.11
CA LYS O 73 -31.36 14.87 14.29
C LYS O 73 -32.42 15.61 15.12
N GLY O 74 -32.58 15.19 16.38
CA GLY O 74 -33.54 15.83 17.28
C GLY O 74 -35.01 15.46 17.09
N ARG O 75 -35.26 14.52 16.18
CA ARG O 75 -36.64 14.10 15.85
C ARG O 75 -36.96 12.67 16.31
N VAL O 76 -35.97 11.98 16.89
CA VAL O 76 -36.11 10.57 17.27
C VAL O 76 -35.77 10.34 18.74
N HIS O 77 -36.72 9.78 19.48
CA HIS O 77 -36.49 9.40 20.87
C HIS O 77 -37.16 8.07 21.20
N PHE O 78 -36.61 7.35 22.19
CA PHE O 78 -37.29 6.18 22.79
C PHE O 78 -38.51 6.68 23.54
N THR O 79 -39.57 5.86 23.56
CA THR O 79 -40.86 6.29 24.07
C THR O 79 -41.15 5.83 25.49
N SER O 80 -40.51 4.75 25.91
CA SER O 80 -40.82 4.10 27.17
C SER O 80 -39.89 4.54 28.29
N ASN O 81 -40.49 5.01 29.39
CA ASN O 81 -39.70 5.30 30.58
C ASN O 81 -39.26 4.00 31.31
N ASP O 82 -39.76 2.85 30.88
CA ASP O 82 -39.28 1.56 31.41
C ASP O 82 -38.83 0.63 30.25
N LEU O 83 -37.74 1.02 29.64
CA LEU O 83 -37.24 0.38 28.42
C LEU O 83 -36.59 -0.97 28.69
N LYS O 84 -35.97 -1.10 29.87
CA LYS O 84 -35.28 -2.33 30.31
C LYS O 84 -36.17 -3.57 30.30
N SER O 85 -37.45 -3.40 30.62
CA SER O 85 -38.32 -4.57 30.80
C SER O 85 -39.10 -5.00 29.55
N GLY O 86 -38.83 -4.40 28.40
CA GLY O 86 -39.36 -4.93 27.13
C GLY O 86 -39.86 -3.99 26.06
N ASP O 87 -39.61 -2.69 26.19
CA ASP O 87 -40.14 -1.72 25.24
C ASP O 87 -39.03 -0.88 24.61
N ALA O 88 -38.64 -1.26 23.39
CA ALA O 88 -37.66 -0.48 22.62
C ALA O 88 -38.32 0.41 21.55
N SER O 89 -39.59 0.75 21.74
CA SER O 89 -40.33 1.52 20.73
C SER O 89 -39.80 2.94 20.71
N ILE O 90 -39.94 3.62 19.57
CA ILE O 90 -39.42 4.98 19.38
C ILE O 90 -40.43 5.94 18.72
N ASN O 91 -40.13 7.23 18.81
CA ASN O 91 -40.88 8.28 18.11
C ASN O 91 -40.05 8.88 16.98
N VAL O 92 -40.67 9.03 15.80
CA VAL O 92 -40.09 9.84 14.73
C VAL O 92 -41.00 11.06 14.55
N THR O 93 -40.73 12.15 15.28
CA THR O 93 -41.68 13.28 15.33
C THR O 93 -41.61 14.16 14.08
N ASN O 94 -42.69 14.90 13.83
CA ASN O 94 -42.74 15.85 12.72
C ASN O 94 -42.34 15.19 11.39
N LEU O 95 -42.93 14.01 11.11
CA LEU O 95 -42.64 13.23 9.90
C LEU O 95 -42.58 14.07 8.64
N GLN O 96 -41.68 13.71 7.72
CA GLN O 96 -41.65 14.31 6.39
C GLN O 96 -41.24 13.30 5.33
N LEU O 97 -41.46 13.65 4.07
CA LEU O 97 -41.38 12.69 2.96
C LEU O 97 -40.03 11.99 2.80
N SER O 98 -38.98 12.59 3.36
CA SER O 98 -37.65 11.98 3.34
C SER O 98 -37.50 10.80 4.30
N ASP O 99 -38.46 10.65 5.21
CA ASP O 99 -38.44 9.58 6.21
C ASP O 99 -38.90 8.22 5.69
N ILE O 100 -39.51 8.19 4.51
CA ILE O 100 -39.98 6.93 3.93
C ILE O 100 -38.82 5.92 3.79
N GLY O 101 -38.98 4.75 4.41
CA GLY O 101 -37.99 3.69 4.32
C GLY O 101 -38.16 2.59 5.36
N THR O 102 -37.29 1.59 5.28
CA THR O 102 -37.28 0.48 6.23
C THR O 102 -36.50 0.83 7.51
N TYR O 103 -37.18 0.79 8.64
CA TYR O 103 -36.55 0.96 9.94
C TYR O 103 -36.40 -0.41 10.57
N GLN O 104 -35.22 -0.69 11.11
CA GLN O 104 -34.93 -1.98 11.71
C GLN O 104 -34.69 -1.83 13.21
N CYS O 105 -35.21 -2.77 13.98
CA CYS O 105 -35.08 -2.76 15.45
C CYS O 105 -34.31 -3.99 15.91
N LYS O 106 -33.02 -3.83 16.21
CA LYS O 106 -32.21 -4.96 16.63
C LYS O 106 -32.05 -4.93 18.15
N VAL O 107 -32.51 -6.01 18.80
CA VAL O 107 -32.40 -6.17 20.25
C VAL O 107 -31.48 -7.32 20.55
N LYS O 108 -30.50 -7.07 21.42
CA LYS O 108 -29.60 -8.12 21.91
C LYS O 108 -29.68 -8.17 23.42
N LYS O 109 -29.78 -9.37 23.94
CA LYS O 109 -29.45 -9.63 25.35
C LYS O 109 -28.91 -11.05 25.40
N ALA O 110 -27.58 -11.16 25.34
CA ALA O 110 -26.96 -12.46 25.12
C ALA O 110 -27.52 -13.51 26.05
N PRO O 111 -27.77 -14.73 25.53
CA PRO O 111 -27.65 -15.15 24.14
C PRO O 111 -28.79 -14.75 23.20
N GLY O 112 -29.80 -14.08 23.71
CA GLY O 112 -30.93 -13.67 22.89
C GLY O 112 -30.60 -12.62 21.85
N VAL O 113 -31.05 -12.87 20.63
CA VAL O 113 -30.96 -11.90 19.51
C VAL O 113 -32.27 -11.91 18.76
N ALA O 114 -32.79 -10.73 18.47
CA ALA O 114 -33.97 -10.64 17.60
C ALA O 114 -33.94 -9.31 16.89
N ASN O 115 -34.66 -9.25 15.78
CA ASN O 115 -34.68 -8.06 14.95
C ASN O 115 -36.05 -7.89 14.33
N LYS O 116 -36.50 -6.65 14.20
CA LYS O 116 -37.81 -6.31 13.61
C LYS O 116 -37.65 -5.30 12.47
N LYS O 117 -38.47 -5.43 11.42
CA LYS O 117 -38.50 -4.46 10.31
C LYS O 117 -39.86 -3.71 10.19
N ILE O 118 -39.80 -2.38 10.20
CA ILE O 118 -40.98 -1.53 9.99
C ILE O 118 -40.80 -0.75 8.70
N HIS O 119 -41.69 -0.98 7.73
CA HIS O 119 -41.72 -0.23 6.47
C HIS O 119 -42.63 0.98 6.69
N LEU O 120 -42.03 2.17 6.80
CA LEU O 120 -42.78 3.39 7.07
C LEU O 120 -43.12 4.12 5.78
N VAL O 121 -44.39 4.47 5.60
CA VAL O 121 -44.85 5.25 4.46
C VAL O 121 -45.46 6.56 4.98
N VAL O 122 -45.08 7.67 4.34
CA VAL O 122 -45.55 9.03 4.68
C VAL O 122 -46.44 9.59 3.57
N LEU O 123 -47.72 9.74 3.87
CA LEU O 123 -48.69 10.23 2.89
C LEU O 123 -48.83 11.76 2.97
N VAL O 124 -49.35 12.36 1.91
CA VAL O 124 -49.49 13.81 1.82
C VAL O 124 -50.30 14.39 2.98
N ALA P 2 -37.00 -18.93 12.73
CA ALA P 2 -37.52 -19.49 11.45
C ALA P 2 -37.56 -21.03 11.51
N ARG P 3 -38.72 -21.59 11.85
CA ARG P 3 -38.87 -23.04 12.15
C ARG P 3 -38.82 -23.96 10.90
N SER P 4 -39.50 -23.54 9.82
CA SER P 4 -39.36 -24.16 8.48
C SER P 4 -39.94 -23.23 7.38
N LEU P 5 -39.72 -23.60 6.11
CA LEU P 5 -40.05 -22.72 4.98
C LEU P 5 -41.56 -22.45 4.84
N SER P 6 -41.95 -21.18 5.00
CA SER P 6 -43.34 -20.74 4.77
C SER P 6 -43.43 -19.30 4.27
N ILE P 7 -44.54 -18.98 3.61
CA ILE P 7 -44.80 -17.68 2.95
C ILE P 7 -45.79 -16.82 3.77
N THR P 8 -45.58 -15.49 3.76
CA THR P 8 -46.50 -14.55 4.42
C THR P 8 -47.76 -14.34 3.59
N THR P 9 -48.90 -14.63 4.22
CA THR P 9 -50.24 -14.57 3.60
C THR P 9 -50.36 -15.56 2.42
N PRO P 10 -50.86 -16.78 2.68
CA PRO P 10 -50.87 -17.78 1.62
C PRO P 10 -52.04 -17.67 0.62
N GLU P 11 -53.00 -16.78 0.88
CA GLU P 11 -54.10 -16.53 -0.07
C GLU P 11 -54.57 -15.08 -0.05
N GLU P 12 -54.86 -14.54 -1.24
CA GLU P 12 -55.12 -13.11 -1.38
C GLU P 12 -55.95 -12.75 -2.63
N MET P 13 -56.77 -11.71 -2.51
CA MET P 13 -57.47 -11.16 -3.68
C MET P 13 -57.06 -9.69 -3.87
N ILE P 14 -56.72 -9.32 -5.12
CA ILE P 14 -56.23 -7.99 -5.44
C ILE P 14 -56.95 -7.42 -6.66
N GLU P 15 -57.59 -6.27 -6.50
CA GLU P 15 -58.32 -5.61 -7.60
C GLU P 15 -57.52 -4.42 -8.10
N LYS P 16 -57.39 -4.30 -9.42
CA LYS P 16 -56.63 -3.21 -10.04
C LYS P 16 -57.26 -2.75 -11.36
N ALA P 17 -57.17 -1.45 -11.64
CA ALA P 17 -57.75 -0.86 -12.86
C ALA P 17 -56.90 -1.22 -14.09
N LYS P 18 -57.54 -1.27 -15.26
CA LYS P 18 -56.84 -1.59 -16.51
C LYS P 18 -55.82 -0.50 -16.81
N GLY P 19 -54.58 -0.91 -17.11
CA GLY P 19 -53.48 0.02 -17.34
C GLY P 19 -52.52 0.08 -16.16
N GLU P 20 -53.06 0.03 -14.94
CA GLU P 20 -52.24 -0.01 -13.72
C GLU P 20 -51.36 -1.25 -13.69
N THR P 21 -50.32 -1.18 -12.87
CA THR P 21 -49.42 -2.29 -12.66
C THR P 21 -49.75 -2.91 -11.29
N ALA P 22 -49.71 -4.23 -11.19
CA ALA P 22 -50.06 -4.92 -9.94
C ALA P 22 -48.80 -5.40 -9.27
N TYR P 23 -48.67 -5.18 -7.96
CA TYR P 23 -47.60 -5.75 -7.14
C TYR P 23 -48.12 -6.99 -6.44
N LEU P 24 -47.65 -8.17 -6.87
CA LEU P 24 -48.12 -9.45 -6.32
C LEU P 24 -47.13 -10.01 -5.27
N PRO P 25 -47.44 -9.85 -3.97
CA PRO P 25 -46.48 -10.15 -2.89
C PRO P 25 -46.27 -11.64 -2.60
N CYS P 26 -45.02 -12.04 -2.44
CA CYS P 26 -44.68 -13.42 -2.06
C CYS P 26 -43.39 -13.42 -1.24
N LYS P 27 -43.51 -13.05 0.03
CA LYS P 27 -42.36 -13.06 0.94
C LYS P 27 -42.30 -14.42 1.67
N PHE P 28 -41.09 -14.87 2.01
CA PHE P 28 -40.89 -16.16 2.68
C PHE P 28 -39.71 -16.15 3.64
N THR P 29 -39.85 -16.86 4.76
CA THR P 29 -38.75 -17.09 5.69
C THR P 29 -38.14 -18.41 5.36
N LEU P 30 -36.84 -18.52 5.57
CA LEU P 30 -36.14 -19.79 5.41
C LEU P 30 -35.86 -20.42 6.76
N SER P 31 -35.34 -21.64 6.72
CA SER P 31 -34.94 -22.39 7.91
C SER P 31 -33.50 -22.90 7.77
N PRO P 32 -32.82 -23.13 8.90
CA PRO P 32 -31.49 -23.74 8.86
C PRO P 32 -31.44 -25.09 8.12
N GLU P 33 -32.53 -25.86 8.19
CA GLU P 33 -32.62 -27.15 7.50
C GLU P 33 -32.64 -27.00 5.96
N ASP P 34 -33.00 -25.82 5.44
CA ASP P 34 -33.23 -25.62 4.00
C ASP P 34 -31.94 -25.29 3.21
N GLN P 35 -31.23 -26.33 2.78
CA GLN P 35 -29.90 -26.17 2.17
C GLN P 35 -29.85 -26.41 0.65
N GLY P 36 -30.93 -26.89 0.05
CA GLY P 36 -30.94 -27.04 -1.40
C GLY P 36 -30.82 -25.71 -2.12
N PRO P 37 -30.77 -25.74 -3.45
CA PRO P 37 -30.78 -24.50 -4.21
C PRO P 37 -32.16 -23.83 -4.18
N LEU P 38 -32.17 -22.50 -4.19
CA LEU P 38 -33.40 -21.71 -4.19
C LEU P 38 -34.05 -21.78 -5.58
N ASP P 39 -35.33 -22.14 -5.61
CA ASP P 39 -36.02 -22.55 -6.84
C ASP P 39 -37.47 -22.03 -6.83
N ILE P 40 -37.63 -20.79 -7.31
CA ILE P 40 -38.92 -20.09 -7.35
C ILE P 40 -39.56 -20.24 -8.73
N GLU P 41 -40.88 -20.41 -8.75
CA GLU P 41 -41.65 -20.14 -9.96
C GLU P 41 -43.03 -19.54 -9.65
N TRP P 42 -43.50 -18.73 -10.60
CA TRP P 42 -44.85 -18.15 -10.58
C TRP P 42 -45.68 -18.76 -11.69
N LEU P 43 -46.90 -19.12 -11.37
CA LEU P 43 -47.82 -19.66 -12.37
C LEU P 43 -49.10 -18.83 -12.47
N ILE P 44 -49.78 -18.98 -13.61
CA ILE P 44 -51.12 -18.43 -13.80
C ILE P 44 -52.12 -19.54 -14.18
N SER P 45 -53.27 -19.54 -13.53
CA SER P 45 -54.47 -20.19 -14.07
C SER P 45 -55.40 -19.08 -14.57
N PRO P 46 -55.45 -18.87 -15.89
CA PRO P 46 -56.22 -17.77 -16.43
C PRO P 46 -57.73 -18.05 -16.46
N ALA P 47 -58.52 -17.00 -16.28
CA ALA P 47 -59.98 -17.08 -16.36
C ALA P 47 -60.47 -17.10 -17.80
N ASP P 48 -59.61 -16.70 -18.74
CA ASP P 48 -59.87 -16.82 -20.19
C ASP P 48 -60.35 -18.21 -20.57
N ASN P 49 -59.40 -19.17 -20.60
CA ASN P 49 -59.64 -20.49 -21.16
C ASN P 49 -59.41 -21.62 -20.17
N GLN P 50 -59.72 -22.84 -20.62
CA GLN P 50 -59.66 -24.06 -19.82
C GLN P 50 -58.34 -24.25 -19.06
N LYS P 51 -57.22 -23.95 -19.70
CA LYS P 51 -55.92 -24.31 -19.15
C LYS P 51 -55.57 -23.66 -17.80
N VAL P 52 -54.58 -24.27 -17.14
CA VAL P 52 -54.34 -24.09 -15.72
C VAL P 52 -52.83 -24.27 -15.45
N ASP P 53 -52.34 -23.82 -14.29
CA ASP P 53 -50.97 -24.08 -13.88
C ASP P 53 -49.97 -23.75 -15.01
N GLN P 54 -49.86 -22.48 -15.38
CA GLN P 54 -49.00 -22.08 -16.50
C GLN P 54 -47.90 -21.13 -16.04
N VAL P 55 -46.66 -21.56 -16.25
CA VAL P 55 -45.48 -20.76 -15.91
C VAL P 55 -45.47 -19.41 -16.61
N ILE P 56 -45.09 -18.39 -15.87
CA ILE P 56 -44.94 -17.03 -16.41
C ILE P 56 -43.52 -16.49 -16.18
N ILE P 57 -42.96 -16.73 -14.99
CA ILE P 57 -41.55 -16.39 -14.69
C ILE P 57 -40.92 -17.45 -13.78
N LEU P 58 -39.59 -17.54 -13.80
CA LEU P 58 -38.83 -18.54 -13.01
C LEU P 58 -37.55 -17.97 -12.43
N TYR P 59 -37.19 -18.40 -11.22
CA TYR P 59 -35.85 -18.11 -10.66
C TYR P 59 -35.15 -19.42 -10.25
N SER P 60 -34.06 -19.74 -10.94
CA SER P 60 -33.26 -20.93 -10.65
C SER P 60 -31.80 -20.63 -11.00
N GLY P 61 -30.88 -21.28 -10.29
CA GLY P 61 -29.46 -21.05 -10.45
C GLY P 61 -29.03 -19.58 -10.50
N ASP P 62 -29.77 -18.73 -9.78
CA ASP P 62 -29.46 -17.31 -9.70
C ASP P 62 -29.68 -16.57 -11.02
N LYS P 63 -30.62 -17.05 -11.82
CA LYS P 63 -31.02 -16.36 -13.05
C LYS P 63 -32.53 -16.30 -13.16
N ILE P 64 -33.03 -15.27 -13.86
CA ILE P 64 -34.46 -15.13 -14.14
C ILE P 64 -34.78 -15.55 -15.59
N TYR P 65 -35.77 -16.44 -15.74
CA TYR P 65 -36.31 -16.82 -17.04
C TYR P 65 -37.76 -16.33 -17.08
N ASP P 66 -38.10 -15.55 -18.11
CA ASP P 66 -39.35 -14.79 -18.07
C ASP P 66 -40.18 -14.72 -19.36
N ASP P 67 -39.83 -15.51 -20.38
CA ASP P 67 -40.51 -15.37 -21.66
C ASP P 67 -41.44 -16.55 -22.00
N TYR P 68 -42.20 -17.04 -21.01
CA TYR P 68 -42.97 -18.28 -21.16
C TYR P 68 -44.42 -18.05 -21.61
N TYR P 69 -45.09 -17.11 -20.93
CA TYR P 69 -46.51 -16.88 -21.16
C TYR P 69 -46.67 -15.73 -22.17
N PRO P 70 -47.14 -16.05 -23.39
CA PRO P 70 -47.12 -15.07 -24.49
C PRO P 70 -47.95 -13.81 -24.25
N ASP P 71 -49.09 -13.95 -23.57
CA ASP P 71 -49.97 -12.81 -23.30
C ASP P 71 -49.34 -11.76 -22.36
N LEU P 72 -48.48 -12.20 -21.43
CA LEU P 72 -47.76 -11.29 -20.55
C LEU P 72 -46.29 -11.12 -20.95
N LYS P 73 -45.96 -11.46 -22.19
CA LYS P 73 -44.59 -11.25 -22.70
C LYS P 73 -44.19 -9.78 -22.56
N GLY P 74 -43.03 -9.55 -21.93
CA GLY P 74 -42.51 -8.20 -21.71
C GLY P 74 -43.15 -7.44 -20.56
N ARG P 75 -44.02 -8.10 -19.79
CA ARG P 75 -44.81 -7.42 -18.75
C ARG P 75 -44.78 -8.08 -17.36
N VAL P 76 -43.98 -9.13 -17.18
CA VAL P 76 -43.80 -9.76 -15.87
C VAL P 76 -42.36 -9.55 -15.43
N HIS P 77 -42.18 -9.12 -14.18
CA HIS P 77 -40.87 -8.76 -13.63
C HIS P 77 -40.83 -9.01 -12.13
N PHE P 78 -39.66 -9.42 -11.62
CA PHE P 78 -39.45 -9.50 -10.17
C PHE P 78 -39.22 -8.10 -9.61
N THR P 79 -39.80 -7.81 -8.45
CA THR P 79 -39.74 -6.46 -7.88
C THR P 79 -38.50 -6.26 -7.01
N SER P 80 -38.10 -7.29 -6.26
CA SER P 80 -36.98 -7.15 -5.32
C SER P 80 -35.63 -7.43 -5.99
N ASN P 81 -34.76 -6.42 -6.01
CA ASN P 81 -33.38 -6.64 -6.45
C ASN P 81 -32.52 -7.21 -5.32
N ASP P 82 -33.17 -7.88 -4.36
CA ASP P 82 -32.49 -8.76 -3.41
C ASP P 82 -33.46 -9.89 -3.08
N LEU P 83 -33.64 -10.75 -4.07
CA LEU P 83 -34.72 -11.73 -4.10
C LEU P 83 -34.44 -13.00 -3.31
N LYS P 84 -33.16 -13.35 -3.16
CA LYS P 84 -32.78 -14.57 -2.44
C LYS P 84 -32.75 -14.39 -0.92
N SER P 85 -33.07 -13.17 -0.46
CA SER P 85 -33.23 -12.89 0.95
C SER P 85 -34.69 -12.90 1.38
N GLY P 86 -35.57 -13.44 0.53
CA GLY P 86 -36.94 -13.75 0.94
C GLY P 86 -38.09 -12.96 0.33
N ASP P 87 -37.88 -12.27 -0.79
CA ASP P 87 -38.97 -11.53 -1.44
C ASP P 87 -39.11 -11.90 -2.91
N ALA P 88 -39.95 -12.90 -3.17
CA ALA P 88 -40.20 -13.37 -4.53
C ALA P 88 -41.29 -12.57 -5.26
N SER P 89 -41.72 -11.46 -4.68
CA SER P 89 -42.81 -10.67 -5.27
C SER P 89 -42.52 -10.19 -6.70
N ILE P 90 -43.54 -10.28 -7.55
CA ILE P 90 -43.47 -9.84 -8.93
C ILE P 90 -44.49 -8.72 -9.16
N ASN P 91 -44.31 -7.97 -10.24
CA ASN P 91 -45.36 -7.10 -10.72
C ASN P 91 -45.68 -7.34 -12.18
N VAL P 92 -46.95 -7.14 -12.51
CA VAL P 92 -47.47 -7.32 -13.86
C VAL P 92 -47.87 -5.94 -14.40
N THR P 93 -46.99 -5.33 -15.18
CA THR P 93 -47.21 -3.97 -15.67
C THR P 93 -48.25 -3.96 -16.78
N ASN P 94 -48.88 -2.80 -16.95
CA ASN P 94 -49.87 -2.55 -18.01
C ASN P 94 -50.97 -3.63 -18.09
N LEU P 95 -51.71 -3.79 -16.99
CA LEU P 95 -52.73 -4.84 -16.88
C LEU P 95 -53.72 -4.81 -18.05
N GLN P 96 -54.24 -6.00 -18.39
CA GLN P 96 -55.27 -6.16 -19.42
C GLN P 96 -56.28 -7.22 -18.99
N LEU P 97 -57.45 -7.24 -19.64
CA LEU P 97 -58.53 -8.15 -19.25
C LEU P 97 -58.09 -9.61 -19.21
N SER P 98 -57.17 -9.99 -20.10
CA SER P 98 -56.69 -11.37 -20.20
C SER P 98 -55.85 -11.85 -18.99
N ASP P 99 -55.38 -10.92 -18.16
CA ASP P 99 -54.60 -11.24 -16.96
C ASP P 99 -55.46 -11.70 -15.77
N ILE P 100 -56.78 -11.59 -15.90
CA ILE P 100 -57.70 -12.13 -14.89
C ILE P 100 -57.39 -13.62 -14.72
N GLY P 101 -57.14 -14.03 -13.48
CA GLY P 101 -56.85 -15.44 -13.19
C GLY P 101 -56.27 -15.60 -11.80
N THR P 102 -56.09 -16.85 -11.36
CA THR P 102 -55.37 -17.13 -10.12
C THR P 102 -53.88 -17.32 -10.40
N TYR P 103 -53.04 -16.54 -9.71
CA TYR P 103 -51.60 -16.63 -9.83
C TYR P 103 -51.05 -17.36 -8.61
N GLN P 104 -49.96 -18.11 -8.79
CA GLN P 104 -49.45 -18.99 -7.73
C GLN P 104 -47.93 -18.95 -7.57
N CYS P 105 -47.47 -18.77 -6.33
CA CYS P 105 -46.06 -18.56 -6.04
C CYS P 105 -45.46 -19.74 -5.29
N LYS P 106 -44.85 -20.68 -6.03
CA LYS P 106 -44.13 -21.83 -5.43
C LYS P 106 -42.72 -21.38 -5.06
N VAL P 107 -42.28 -21.71 -3.84
CA VAL P 107 -40.90 -21.42 -3.40
C VAL P 107 -40.28 -22.67 -2.79
N LYS P 108 -39.25 -23.19 -3.45
CA LYS P 108 -38.55 -24.40 -3.01
C LYS P 108 -37.13 -24.06 -2.58
N LYS P 109 -36.72 -24.63 -1.45
CA LYS P 109 -35.30 -24.70 -1.11
C LYS P 109 -35.13 -25.94 -0.24
N ALA P 110 -34.79 -27.06 -0.89
CA ALA P 110 -34.96 -28.40 -0.30
C ALA P 110 -34.39 -28.53 1.13
N PRO P 111 -35.12 -29.22 2.04
CA PRO P 111 -36.41 -29.89 1.89
C PRO P 111 -37.64 -28.99 2.06
N GLY P 112 -37.45 -27.68 2.01
CA GLY P 112 -38.52 -26.73 2.23
C GLY P 112 -39.34 -26.53 0.96
N VAL P 113 -40.65 -26.37 1.16
CA VAL P 113 -41.60 -26.05 0.10
C VAL P 113 -42.71 -25.23 0.71
N ALA P 114 -43.25 -24.31 -0.09
CA ALA P 114 -44.33 -23.44 0.33
C ALA P 114 -44.92 -22.81 -0.90
N ASN P 115 -46.21 -22.53 -0.88
CA ASN P 115 -46.79 -21.69 -1.92
C ASN P 115 -48.03 -20.91 -1.53
N LYS P 116 -48.31 -19.86 -2.29
CA LYS P 116 -49.49 -19.04 -2.07
C LYS P 116 -50.21 -18.78 -3.38
N LYS P 117 -51.46 -18.36 -3.27
CA LYS P 117 -52.27 -18.02 -4.42
C LYS P 117 -52.76 -16.59 -4.29
N ILE P 118 -52.73 -15.86 -5.40
CA ILE P 118 -53.32 -14.54 -5.47
C ILE P 118 -54.36 -14.54 -6.58
N HIS P 119 -55.59 -14.21 -6.22
CA HIS P 119 -56.67 -14.05 -7.21
C HIS P 119 -56.69 -12.61 -7.68
N LEU P 120 -56.54 -12.39 -8.99
CA LEU P 120 -56.42 -11.05 -9.55
C LEU P 120 -57.55 -10.71 -10.53
N VAL P 121 -58.25 -9.61 -10.25
CA VAL P 121 -59.30 -9.10 -11.12
C VAL P 121 -58.87 -7.74 -11.69
N VAL P 122 -58.76 -7.69 -13.02
CA VAL P 122 -58.55 -6.42 -13.75
C VAL P 122 -59.91 -5.80 -14.07
N LEU P 123 -59.98 -4.47 -14.15
CA LEU P 123 -61.27 -3.77 -14.34
C LEU P 123 -61.22 -2.63 -15.35
N VAL P 124 -62.35 -2.35 -16.01
CA VAL P 124 -62.49 -1.24 -16.98
C VAL P 124 -61.60 0.00 -16.70
N ALA Q 16 14.98 61.58 12.00
CA ALA Q 16 15.48 60.29 12.55
C ALA Q 16 14.47 59.68 13.52
N PRO Q 17 14.37 58.35 13.56
CA PRO Q 17 13.46 57.64 14.47
C PRO Q 17 14.06 57.40 15.83
N ILE Q 18 13.25 56.98 16.79
CA ILE Q 18 13.70 56.80 18.17
C ILE Q 18 12.69 55.98 18.97
N THR Q 19 13.18 55.07 19.80
CA THR Q 19 12.37 54.21 20.64
C THR Q 19 12.75 54.36 22.12
N LEU Q 20 11.75 54.67 22.96
CA LEU Q 20 11.90 54.60 24.40
C LEU Q 20 11.18 53.35 24.88
N TRP Q 21 11.77 52.64 25.83
CA TRP Q 21 11.13 51.42 26.35
C TRP Q 21 11.62 50.95 27.73
N THR Q 22 10.92 49.96 28.27
CA THR Q 22 11.23 49.35 29.56
C THR Q 22 12.33 48.30 29.44
N GLY Q 23 12.62 47.88 28.22
CA GLY Q 23 13.51 46.76 28.00
C GLY Q 23 12.72 45.46 28.00
N PRO Q 24 13.37 44.36 27.61
CA PRO Q 24 12.73 43.06 27.68
C PRO Q 24 12.73 42.60 29.11
N GLY Q 25 11.89 41.63 29.45
CA GLY Q 25 11.80 41.10 30.81
C GLY Q 25 11.68 42.21 31.84
N PRO Q 26 10.61 43.01 31.74
CA PRO Q 26 10.48 44.20 32.57
C PRO Q 26 10.31 43.88 34.05
N SER Q 27 10.75 44.80 34.89
CA SER Q 27 10.55 44.72 36.33
C SER Q 27 9.08 44.99 36.68
N ILE Q 28 8.70 44.67 37.91
CA ILE Q 28 7.37 45.06 38.40
C ILE Q 28 7.44 46.56 38.57
N ASN Q 29 6.91 47.26 37.59
CA ASN Q 29 7.09 48.70 37.46
C ASN Q 29 5.75 49.46 37.54
N GLY Q 30 4.65 48.73 37.72
CA GLY Q 30 3.33 49.32 37.75
C GLY Q 30 2.73 49.38 39.15
N PHE Q 31 2.74 50.57 39.76
CA PHE Q 31 2.21 50.78 41.13
C PHE Q 31 0.70 50.99 41.18
N ILE Q 32 0.04 50.33 42.13
CA ILE Q 32 -1.35 50.61 42.46
C ILE Q 32 -1.43 50.80 43.97
N ASN Q 33 -1.58 52.05 44.40
CA ASN Q 33 -1.52 52.40 45.83
C ASN Q 33 -0.18 51.98 46.46
N ASP Q 34 0.90 52.56 45.94
CA ASP Q 34 2.25 52.45 46.52
C ASP Q 34 2.82 51.02 46.64
N THR Q 35 2.32 50.11 45.82
CA THR Q 35 2.84 48.74 45.81
C THR Q 35 3.00 48.34 44.36
N PRO Q 36 4.22 47.98 43.96
CA PRO Q 36 4.41 47.43 42.60
C PRO Q 36 3.58 46.18 42.44
N VAL Q 37 2.62 46.19 41.51
CA VAL Q 37 1.75 45.04 41.33
C VAL Q 37 1.59 44.61 39.89
N ILE Q 38 1.92 45.49 38.94
CA ILE Q 38 1.89 45.12 37.52
C ILE Q 38 3.26 45.22 36.85
N ARG Q 39 3.57 44.19 36.09
CA ARG Q 39 4.79 44.10 35.33
C ARG Q 39 4.50 44.65 33.92
N CYS Q 40 4.90 45.88 33.64
CA CYS Q 40 4.53 46.55 32.37
C CYS Q 40 5.67 46.54 31.37
N PHE Q 41 5.44 45.90 30.23
CA PHE Q 41 6.33 46.05 29.09
C PHE Q 41 5.74 47.16 28.24
N ILE Q 42 6.51 48.24 28.06
CA ILE Q 42 6.03 49.40 27.31
C ILE Q 42 7.10 49.84 26.34
N CYS Q 43 6.70 50.03 25.09
CA CYS Q 43 7.61 50.40 24.04
C CYS Q 43 6.99 51.50 23.22
N LEU Q 44 7.63 52.67 23.20
CA LEU Q 44 7.16 53.81 22.42
C LEU Q 44 8.10 54.04 21.24
N THR Q 45 7.69 53.64 20.04
CA THR Q 45 8.56 53.77 18.86
C THR Q 45 8.04 54.88 17.94
N ARG Q 46 8.88 55.88 17.73
CA ARG Q 46 8.61 56.99 16.85
C ARG Q 46 9.33 56.76 15.53
N ASP Q 47 8.57 56.75 14.44
CA ASP Q 47 9.17 56.67 13.11
C ASP Q 47 9.11 58.04 12.45
N SER Q 48 8.62 58.18 11.24
CA SER Q 48 8.67 59.49 10.57
C SER Q 48 7.77 60.53 11.26
N ASN Q 49 6.55 60.13 11.60
CA ASN Q 49 5.56 61.05 12.16
C ASN Q 49 4.76 60.52 13.34
N LEU Q 50 4.36 59.26 13.28
CA LEU Q 50 3.53 58.69 14.33
C LEU Q 50 4.38 57.99 15.37
N VAL Q 51 3.83 57.86 16.57
CA VAL Q 51 4.40 57.04 17.62
C VAL Q 51 3.51 55.81 17.77
N THR Q 52 4.12 54.63 17.79
CA THR Q 52 3.40 53.39 18.02
C THR Q 52 3.67 52.95 19.43
N VAL Q 53 2.61 52.80 20.21
CA VAL Q 53 2.70 52.24 21.55
C VAL Q 53 2.46 50.75 21.42
N ASN Q 54 3.45 49.96 21.82
CA ASN Q 54 3.34 48.50 21.84
C ASN Q 54 3.57 48.11 23.28
N ALA Q 55 2.55 47.55 23.92
CA ALA Q 55 2.63 47.28 25.36
C ALA Q 55 1.94 45.99 25.75
N SER Q 56 2.40 45.41 26.86
CA SER Q 56 1.78 44.23 27.44
C SER Q 56 2.01 44.22 28.94
N PHE Q 57 1.13 43.55 29.66
CA PHE Q 57 1.13 43.62 31.12
C PHE Q 57 0.95 42.26 31.77
N VAL Q 58 1.68 42.05 32.87
CA VAL Q 58 1.53 40.81 33.66
C VAL Q 58 1.35 41.16 35.13
N GLY Q 59 0.25 40.74 35.72
CA GLY Q 59 -0.03 41.02 37.12
C GLY Q 59 0.77 40.12 38.06
N GLU Q 60 1.13 40.66 39.22
CA GLU Q 60 1.88 39.92 40.22
C GLU Q 60 1.26 40.08 41.59
N GLY Q 61 1.63 39.19 42.50
CA GLY Q 61 1.10 39.23 43.87
C GLY Q 61 -0.40 39.07 43.88
N GLY Q 62 -1.10 40.00 44.54
CA GLY Q 62 -2.56 40.03 44.59
C GLY Q 62 -3.20 40.27 43.23
N TYR Q 63 -2.43 40.84 42.29
CA TYR Q 63 -2.91 41.05 40.92
C TYR Q 63 -2.49 39.94 39.93
N ARG Q 64 -1.97 38.81 40.42
CA ARG Q 64 -1.64 37.70 39.51
C ARG Q 64 -2.90 37.15 38.87
N ILE Q 65 -3.93 36.95 39.69
CA ILE Q 65 -5.25 36.58 39.20
C ILE Q 65 -6.21 37.72 39.50
N VAL Q 66 -6.99 38.10 38.50
CA VAL Q 66 -8.04 39.10 38.65
C VAL Q 66 -9.38 38.42 38.49
N SER Q 67 -10.38 38.89 39.22
CA SER Q 67 -11.73 38.33 39.14
C SER Q 67 -12.69 39.35 38.50
N PRO Q 68 -13.91 38.93 38.14
CA PRO Q 68 -14.86 39.84 37.52
C PRO Q 68 -15.26 41.03 38.39
N THR Q 69 -15.10 40.93 39.71
CA THR Q 69 -15.40 42.03 40.61
C THR Q 69 -14.21 42.99 40.81
N GLN Q 70 -13.11 42.75 40.09
CA GLN Q 70 -11.94 43.65 40.15
C GLN Q 70 -12.35 45.06 39.74
N SER Q 71 -11.98 46.05 40.55
CA SER Q 71 -12.32 47.44 40.22
C SER Q 71 -11.31 48.00 39.23
N GLN Q 72 -11.78 48.88 38.36
CA GLN Q 72 -10.96 49.45 37.31
C GLN Q 72 -9.83 50.31 37.87
N PHE Q 73 -8.79 50.53 37.06
CA PHE Q 73 -7.66 51.36 37.47
C PHE Q 73 -6.83 51.93 36.31
N SER Q 74 -6.10 53.00 36.61
CA SER Q 74 -5.25 53.68 35.66
C SER Q 74 -3.78 53.55 36.03
N LEU Q 75 -2.95 53.25 35.04
CA LEU Q 75 -1.52 53.34 35.19
C LEU Q 75 -1.03 54.52 34.35
N ILE Q 76 -0.70 55.63 35.01
CA ILE Q 76 -0.35 56.87 34.33
C ILE Q 76 1.15 57.05 34.26
N MET Q 77 1.65 57.30 33.05
CA MET Q 77 3.03 57.72 32.84
C MET Q 77 3.04 59.23 32.72
N GLU Q 78 3.85 59.92 33.52
CA GLU Q 78 3.96 61.37 33.47
C GLU Q 78 5.33 61.75 32.92
N PHE Q 79 5.34 62.57 31.87
CA PHE Q 79 6.56 63.04 31.22
C PHE Q 79 6.66 64.55 31.33
N ASP Q 80 7.90 65.03 31.48
CA ASP Q 80 8.17 66.48 31.45
C ASP Q 80 8.23 67.00 29.99
N GLN Q 81 8.44 68.30 29.84
CA GLN Q 81 8.35 68.93 28.54
C GLN Q 81 9.44 68.48 27.55
N PHE Q 82 10.46 67.81 28.03
CA PHE Q 82 11.55 67.33 27.18
C PHE Q 82 11.49 65.83 26.95
N GLY Q 83 10.36 65.20 27.29
CA GLY Q 83 10.16 63.77 27.05
C GLY Q 83 10.80 62.83 28.06
N GLN Q 84 11.23 63.39 29.19
CA GLN Q 84 11.84 62.60 30.26
C GLN Q 84 10.75 62.11 31.21
N LEU Q 85 10.70 60.81 31.45
CA LEU Q 85 9.74 60.20 32.37
C LEU Q 85 9.96 60.71 33.79
N MET Q 86 8.90 61.20 34.41
CA MET Q 86 8.97 61.76 35.74
C MET Q 86 8.82 60.68 36.82
N SER Q 87 9.10 61.05 38.06
CA SER Q 87 9.03 60.14 39.20
C SER Q 87 7.61 59.93 39.79
N THR Q 88 6.65 60.74 39.36
CA THR Q 88 5.37 60.84 40.05
C THR Q 88 4.23 59.92 39.57
N GLY Q 89 4.33 59.37 38.37
CA GLY Q 89 3.24 58.54 37.84
C GLY Q 89 3.22 57.11 38.40
N ASN Q 90 2.20 56.36 38.03
CA ASN Q 90 2.12 54.95 38.43
C ASN Q 90 3.25 54.15 37.83
N ILE Q 91 3.69 54.54 36.64
CA ILE Q 91 4.89 54.03 36.01
C ILE Q 91 5.83 55.21 35.95
N ASN Q 92 7.04 55.05 36.47
CA ASN Q 92 7.91 56.20 36.69
C ASN Q 92 9.41 55.93 36.66
N SER Q 93 10.17 57.01 36.80
CA SER Q 93 11.62 56.98 36.66
C SER Q 93 12.36 56.12 37.67
N THR Q 94 11.68 55.67 38.72
CA THR Q 94 12.33 54.77 39.68
C THR Q 94 12.56 53.36 39.13
N THR Q 95 11.97 53.02 37.99
CA THR Q 95 12.28 51.73 37.35
C THR Q 95 12.97 51.90 35.98
N THR Q 96 13.54 50.80 35.49
CA THR Q 96 14.31 50.78 34.26
C THR Q 96 13.51 51.30 33.07
N TRP Q 97 13.98 52.41 32.50
CA TRP Q 97 13.30 53.07 31.38
C TRP Q 97 14.34 53.85 30.58
N GLY Q 98 14.24 53.83 29.25
CA GLY Q 98 15.18 54.59 28.40
C GLY Q 98 15.15 54.24 26.92
N GLU Q 99 16.21 54.62 26.22
CA GLU Q 99 16.26 54.49 24.77
C GLU Q 99 16.79 53.12 24.33
N LYS Q 100 16.15 52.53 23.31
CA LYS Q 100 16.62 51.28 22.72
C LYS Q 100 17.49 51.60 21.50
N PRO Q 101 18.80 51.32 21.60
CA PRO Q 101 19.57 51.50 20.39
C PRO Q 101 19.18 50.50 19.31
N TRP Q 102 19.19 50.93 18.06
CA TRP Q 102 19.04 50.00 16.95
C TRP Q 102 20.18 49.00 17.04
N GLY Q 103 19.85 47.71 17.02
CA GLY Q 103 20.90 46.70 17.02
C GLY Q 103 21.06 45.89 18.28
N ASN Q 104 20.50 46.34 19.40
CA ASN Q 104 20.54 45.55 20.63
C ASN Q 104 19.35 45.81 21.54
N ASN Q 105 19.29 45.09 22.65
CA ASN Q 105 18.18 45.18 23.58
C ASN Q 105 18.55 45.88 24.89
N THR Q 106 19.54 46.75 24.87
CA THR Q 106 19.89 47.50 26.08
C THR Q 106 18.85 48.60 26.33
N VAL Q 107 18.88 49.19 27.52
CA VAL Q 107 18.07 50.37 27.85
C VAL Q 107 19.03 51.49 28.21
N GLN Q 108 19.06 52.54 27.41
CA GLN Q 108 19.99 53.65 27.62
C GLN Q 108 19.30 54.78 28.36
N PRO Q 109 19.73 55.03 29.61
CA PRO Q 109 19.04 56.00 30.47
C PRO Q 109 19.40 57.46 30.21
N ARG Q 110 20.54 57.68 29.56
CA ARG Q 110 21.05 59.03 29.37
C ARG Q 110 20.11 59.79 28.43
N PRO Q 111 19.45 60.86 28.93
CA PRO Q 111 18.43 61.53 28.11
C PRO Q 111 18.99 62.25 26.90
N SER Q 112 18.15 62.39 25.87
CA SER Q 112 18.50 63.15 24.67
C SER Q 112 17.32 64.04 24.26
N HIS Q 113 17.64 65.09 23.52
CA HIS Q 113 16.63 65.97 22.98
C HIS Q 113 15.68 65.23 22.03
N THR Q 114 16.15 64.15 21.40
CA THR Q 114 15.30 63.34 20.51
C THR Q 114 14.16 62.63 21.23
N TRP Q 115 14.27 62.48 22.54
CA TRP Q 115 13.23 61.80 23.34
C TRP Q 115 11.87 62.47 23.25
N LYS Q 116 11.87 63.79 23.08
CA LYS Q 116 10.64 64.55 22.92
C LYS Q 116 9.79 64.02 21.76
N LEU Q 117 10.44 63.50 20.72
CA LEU Q 117 9.73 63.02 19.55
C LEU Q 117 8.78 61.83 19.84
N CYS Q 118 8.96 61.15 20.97
CA CYS Q 118 8.04 60.06 21.37
C CYS Q 118 6.80 60.56 22.09
N MET Q 119 6.75 61.85 22.42
CA MET Q 119 5.64 62.40 23.17
C MET Q 119 4.48 62.74 22.23
N PRO Q 120 3.24 62.67 22.75
CA PRO Q 120 2.06 63.07 21.97
C PRO Q 120 1.98 64.58 21.72
N ASN Q 121 2.08 64.92 20.43
CA ASN Q 121 2.00 66.28 19.89
C ASN Q 121 1.01 67.15 20.65
N ARG Q 122 1.51 68.14 21.36
CA ARG Q 122 0.69 68.85 22.34
C ARG Q 122 -0.31 69.81 21.67
N GLU Q 123 -0.05 70.18 20.42
CA GLU Q 123 -1.02 70.97 19.67
C GLU Q 123 -2.15 70.08 19.09
N VAL Q 124 -1.79 68.91 18.57
CA VAL Q 124 -2.79 67.95 18.11
C VAL Q 124 -3.66 67.49 19.27
N TYR Q 125 -3.02 67.16 20.40
CA TYR Q 125 -3.71 66.66 21.60
C TYR Q 125 -3.78 67.73 22.67
N SER Q 126 -4.25 68.91 22.30
CA SER Q 126 -4.41 70.01 23.25
C SER Q 126 -5.55 69.75 24.23
N THR Q 127 -6.45 68.84 23.90
CA THR Q 127 -7.39 68.31 24.89
C THR Q 127 -7.26 66.81 24.79
N PRO Q 128 -7.57 66.08 25.87
CA PRO Q 128 -7.24 64.66 25.88
C PRO Q 128 -7.97 63.84 24.80
N ALA Q 129 -7.25 62.87 24.24
CA ALA Q 129 -7.76 61.92 23.26
C ALA Q 129 -7.70 60.52 23.89
N ALA Q 130 -8.49 59.59 23.35
CA ALA Q 130 -8.55 58.25 23.91
C ALA Q 130 -8.76 57.17 22.85
N THR Q 131 -8.22 55.98 23.08
CA THR Q 131 -8.55 54.78 22.30
C THR Q 131 -8.86 53.63 23.25
N ILE Q 132 -10.08 53.09 23.15
CA ILE Q 132 -10.45 51.96 23.98
C ILE Q 132 -10.43 50.69 23.12
N SER Q 133 -9.43 49.85 23.38
CA SER Q 133 -9.31 48.57 22.68
C SER Q 133 -9.66 47.38 23.59
N ARG Q 134 -10.11 46.32 22.95
CA ARG Q 134 -10.21 45.00 23.57
C ARG Q 134 -8.85 44.63 24.12
N CYS Q 135 -8.83 43.85 25.18
CA CYS Q 135 -7.59 43.40 25.80
C CYS Q 135 -7.79 42.00 26.33
N GLY Q 136 -7.35 41.02 25.55
CA GLY Q 136 -7.46 39.60 25.94
C GLY Q 136 -6.55 39.29 27.10
N LEU Q 137 -7.02 38.39 27.98
CA LEU Q 137 -6.25 37.93 29.12
C LEU Q 137 -5.99 36.43 29.00
N ASP Q 138 -4.75 36.03 29.27
CA ASP Q 138 -4.28 34.64 29.18
C ASP Q 138 -4.79 33.95 27.89
N SER Q 139 -4.71 34.67 26.78
CA SER Q 139 -5.39 34.30 25.54
C SER Q 139 -4.97 32.94 24.97
N ILE Q 140 -3.67 32.62 25.05
CA ILE Q 140 -3.18 31.34 24.55
C ILE Q 140 -3.78 30.18 25.35
N ALA Q 141 -3.68 30.28 26.67
CA ALA Q 141 -4.15 29.23 27.58
C ALA Q 141 -5.66 29.00 27.50
N VAL Q 142 -6.44 30.08 27.46
CA VAL Q 142 -7.91 29.96 27.41
C VAL Q 142 -8.42 29.88 25.96
N ASP Q 143 -7.49 29.79 25.01
CA ASP Q 143 -7.78 29.69 23.58
C ASP Q 143 -8.75 30.77 23.09
N GLY Q 144 -8.50 31.99 23.54
CA GLY Q 144 -9.23 33.16 23.08
C GLY Q 144 -10.72 33.13 23.36
N ALA Q 145 -11.13 32.42 24.43
CA ALA Q 145 -12.55 32.38 24.85
C ALA Q 145 -13.08 33.80 24.96
N PRO Q 146 -14.28 34.05 24.41
CA PRO Q 146 -14.78 35.44 24.30
C PRO Q 146 -14.93 36.17 25.63
N SER Q 147 -15.29 35.43 26.67
CA SER Q 147 -15.52 36.02 28.00
C SER Q 147 -14.25 36.06 28.88
N ARG Q 148 -13.08 36.11 28.24
CA ARG Q 148 -11.80 36.23 28.93
C ARG Q 148 -11.06 37.48 28.48
N SER Q 149 -11.81 38.43 27.93
CA SER Q 149 -11.28 39.73 27.51
C SER Q 149 -11.81 40.84 28.41
N ILE Q 150 -10.93 41.76 28.78
CA ILE Q 150 -11.34 43.00 29.40
C ILE Q 150 -11.09 44.12 28.38
N ASP Q 151 -11.16 45.38 28.80
CA ASP Q 151 -10.81 46.51 27.95
C ASP Q 151 -9.64 47.28 28.51
N CYS Q 152 -8.79 47.78 27.62
CA CYS Q 152 -7.74 48.69 28.00
C CYS Q 152 -7.87 49.94 27.15
N MET Q 153 -7.92 51.08 27.82
CA MET Q 153 -8.07 52.37 27.16
C MET Q 153 -6.80 53.19 27.35
N LEU Q 154 -6.22 53.64 26.23
CA LEU Q 154 -5.11 54.60 26.27
C LEU Q 154 -5.74 55.96 26.34
N ILE Q 155 -5.29 56.78 27.28
CA ILE Q 155 -5.68 58.19 27.32
C ILE Q 155 -4.44 59.02 27.08
N ILE Q 156 -4.50 59.84 26.02
CA ILE Q 156 -3.38 60.69 25.61
C ILE Q 156 -3.56 62.10 26.17
N ASN Q 157 -2.57 62.58 26.92
CA ASN Q 157 -2.54 63.92 27.51
C ASN Q 157 -3.69 64.32 28.40
N LYS Q 158 -4.15 63.42 29.25
CA LYS Q 158 -5.04 63.85 30.30
C LYS Q 158 -4.17 64.57 31.33
N PRO Q 159 -4.57 65.76 31.78
CA PRO Q 159 -3.71 66.48 32.68
C PRO Q 159 -3.53 65.72 33.96
N LYS Q 160 -2.33 65.78 34.53
CA LYS Q 160 -2.03 65.18 35.83
C LYS Q 160 -0.83 65.92 36.44
N GLY Q 161 -1.06 66.50 37.63
CA GLY Q 161 0.01 67.21 38.34
C GLY Q 161 0.67 68.25 37.45
N VAL Q 162 2.00 68.24 37.44
CA VAL Q 162 2.78 69.21 36.67
C VAL Q 162 3.35 68.59 35.40
N ALA Q 163 2.81 67.45 34.98
CA ALA Q 163 3.31 66.79 33.79
C ALA Q 163 2.93 67.59 32.55
N THR Q 164 3.77 67.55 31.52
CA THR Q 164 3.46 68.20 30.24
C THR Q 164 2.77 67.21 29.32
N TYR Q 165 3.28 65.98 29.27
CA TYR Q 165 2.66 64.90 28.48
C TYR Q 165 2.28 63.75 29.41
N THR Q 166 1.16 63.10 29.11
CA THR Q 166 0.80 61.91 29.87
C THR Q 166 0.31 60.82 28.96
N LEU Q 167 0.61 59.57 29.33
CA LEU Q 167 0.02 58.38 28.70
C LEU Q 167 -0.59 57.54 29.82
N THR Q 168 -1.87 57.17 29.66
CA THR Q 168 -2.57 56.41 30.68
C THR Q 168 -3.07 55.11 30.09
N PHE Q 169 -2.65 53.99 30.69
CA PHE Q 169 -3.27 52.70 30.41
C PHE Q 169 -4.32 52.48 31.48
N ARG Q 170 -5.59 52.48 31.06
CA ARG Q 170 -6.71 52.34 31.99
C ARG Q 170 -7.42 51.03 31.70
N PHE Q 171 -7.45 50.16 32.71
CA PHE Q 171 -8.01 48.83 32.56
C PHE Q 171 -9.44 48.81 33.10
N LEU Q 172 -10.38 48.35 32.26
CA LEU Q 172 -11.80 48.54 32.52
C LEU Q 172 -12.61 47.29 32.21
N ASN Q 173 -13.83 47.28 32.74
CA ASN Q 173 -14.85 46.31 32.42
C ASN Q 173 -14.39 44.88 32.71
N PHE Q 174 -13.84 44.68 33.91
CA PHE Q 174 -13.48 43.34 34.38
C PHE Q 174 -14.69 42.44 34.53
N ASN Q 175 -15.85 43.03 34.76
CA ASN Q 175 -17.10 42.27 34.87
C ASN Q 175 -17.54 41.55 33.58
N ARG Q 176 -16.80 41.74 32.49
CA ARG Q 176 -16.93 40.86 31.31
C ARG Q 176 -16.41 39.46 31.54
N LEU Q 177 -15.50 39.31 32.49
CA LEU Q 177 -14.85 38.02 32.71
C LEU Q 177 -15.84 37.01 33.29
N SER Q 178 -15.79 35.78 32.76
CA SER Q 178 -16.65 34.70 33.23
C SER Q 178 -16.21 34.16 34.58
N GLY Q 179 -14.97 34.41 34.94
CA GLY Q 179 -14.43 34.00 36.24
C GLY Q 179 -13.00 34.50 36.44
N GLY Q 180 -12.36 34.00 37.49
CA GLY Q 180 -10.99 34.38 37.81
C GLY Q 180 -10.08 34.03 36.65
N THR Q 181 -9.24 35.00 36.27
CA THR Q 181 -8.39 34.89 35.10
C THR Q 181 -6.99 35.38 35.40
N LEU Q 182 -6.00 34.66 34.92
CA LEU Q 182 -4.62 35.07 35.05
C LEU Q 182 -4.44 36.40 34.31
N PHE Q 183 -3.92 37.42 35.01
CA PHE Q 183 -3.84 38.78 34.44
C PHE Q 183 -2.60 38.91 33.59
N LYS Q 184 -2.66 38.24 32.45
CA LYS Q 184 -1.56 38.15 31.52
C LYS Q 184 -2.10 38.68 30.20
N THR Q 185 -1.93 39.97 29.96
CA THR Q 185 -2.61 40.63 28.82
C THR Q 185 -1.98 40.29 27.47
N ASP Q 186 -2.77 40.50 26.43
CA ASP Q 186 -2.28 40.46 25.07
C ASP Q 186 -1.26 41.55 24.85
N VAL Q 187 -0.61 41.51 23.68
CA VAL Q 187 0.18 42.65 23.21
C VAL Q 187 -0.80 43.67 22.62
N LEU Q 188 -0.79 44.87 23.21
CA LEU Q 188 -1.68 45.94 22.77
C LEU Q 188 -0.92 46.90 21.88
N THR Q 189 -1.60 47.48 20.90
CA THR Q 189 -1.00 48.46 20.00
C THR Q 189 -1.87 49.68 19.86
N PHE Q 190 -1.31 50.85 20.17
CA PHE Q 190 -1.98 52.12 19.89
C PHE Q 190 -1.11 53.01 19.02
N THR Q 191 -1.64 54.15 18.59
CA THR Q 191 -0.97 55.06 17.68
C THR Q 191 -1.36 56.51 17.97
N TYR Q 192 -0.37 57.41 17.97
CA TYR Q 192 -0.66 58.84 18.04
C TYR Q 192 0.38 59.67 17.30
N VAL Q 193 0.03 60.92 17.00
CA VAL Q 193 0.91 61.82 16.29
C VAL Q 193 2.00 62.32 17.24
N GLY Q 194 3.25 62.19 16.84
CA GLY Q 194 4.37 62.54 17.71
C GLY Q 194 4.64 64.03 17.74
N GLU Q 195 5.33 64.47 18.78
CA GLU Q 195 5.65 65.87 18.99
C GLU Q 195 6.74 66.31 18.03
N ASN Q 196 6.75 67.58 17.66
CA ASN Q 196 7.80 68.13 16.79
C ASN Q 196 9.03 68.50 17.60
N GLN Q 197 10.21 68.27 17.03
CA GLN Q 197 11.45 68.65 17.68
C GLN Q 197 11.41 70.10 18.14
N ALA R 16 11.93 57.54 0.80
CA ALA R 16 11.55 58.64 1.74
C ALA R 16 10.10 58.54 2.19
N PRO R 17 9.81 58.89 3.47
CA PRO R 17 8.45 58.89 4.01
C PRO R 17 7.72 60.20 3.73
N ILE R 18 6.41 60.21 3.97
CA ILE R 18 5.60 61.37 3.66
C ILE R 18 4.26 61.25 4.37
N THR R 19 3.78 62.38 4.91
CA THR R 19 2.52 62.47 5.62
C THR R 19 1.60 63.50 4.96
N LEU R 20 0.39 63.08 4.59
CA LEU R 20 -0.68 64.00 4.22
C LEU R 20 -1.67 64.07 5.38
N TRP R 21 -2.20 65.26 5.66
CA TRP R 21 -3.15 65.44 6.76
C TRP R 21 -3.98 66.69 6.69
N THR R 22 -4.95 66.77 7.60
CA THR R 22 -5.86 67.89 7.76
C THR R 22 -5.26 69.01 8.60
N GLY R 23 -4.18 68.69 9.31
CA GLY R 23 -3.62 69.60 10.30
C GLY R 23 -4.28 69.43 11.65
N PRO R 24 -3.75 70.09 12.68
CA PRO R 24 -4.36 70.01 13.98
C PRO R 24 -5.57 70.93 13.97
N GLY R 25 -6.46 70.77 14.95
CA GLY R 25 -7.64 71.61 15.04
C GLY R 25 -8.39 71.72 13.73
N PRO R 26 -8.85 70.58 13.20
CA PRO R 26 -9.39 70.56 11.84
C PRO R 26 -10.71 71.29 11.73
N SER R 27 -10.98 71.82 10.53
CA SER R 27 -12.25 72.47 10.23
C SER R 27 -13.37 71.43 10.15
N ILE R 28 -14.61 71.90 10.15
CA ILE R 28 -15.73 71.03 9.85
C ILE R 28 -15.58 70.70 8.36
N ASN R 29 -14.89 69.59 8.08
CA ASN R 29 -14.39 69.29 6.74
C ASN R 29 -15.11 68.09 6.11
N GLY R 30 -16.08 67.54 6.85
CA GLY R 30 -16.77 66.31 6.44
C GLY R 30 -18.26 66.47 6.16
N PHE R 31 -18.63 66.31 4.90
CA PHE R 31 -19.98 66.64 4.42
C PHE R 31 -20.89 65.45 4.43
N ILE R 32 -22.09 65.63 5.00
CA ILE R 32 -23.15 64.64 4.91
C ILE R 32 -24.40 65.34 4.35
N ASN R 33 -25.06 64.69 3.39
CA ASN R 33 -26.13 65.31 2.60
C ASN R 33 -25.88 66.78 2.28
N ASP R 34 -24.73 67.07 1.69
CA ASP R 34 -24.36 68.43 1.26
C ASP R 34 -24.07 69.47 2.37
N THR R 35 -24.19 69.09 3.64
CA THR R 35 -23.91 70.01 4.74
C THR R 35 -22.70 69.55 5.55
N PRO R 36 -21.76 70.46 5.83
CA PRO R 36 -20.57 70.10 6.60
C PRO R 36 -20.93 69.93 8.05
N VAL R 37 -20.83 68.69 8.55
CA VAL R 37 -21.32 68.38 9.89
C VAL R 37 -20.30 67.66 10.77
N ILE R 38 -19.34 66.97 10.18
CA ILE R 38 -18.34 66.25 10.96
C ILE R 38 -16.99 66.92 10.83
N ARG R 39 -16.33 67.05 11.98
CA ARG R 39 -15.02 67.63 12.08
C ARG R 39 -14.01 66.47 12.07
N CYS R 40 -13.35 66.26 10.92
CA CYS R 40 -12.49 65.09 10.71
C CYS R 40 -11.03 65.42 10.85
N PHE R 41 -10.37 64.81 11.81
CA PHE R 41 -8.92 64.83 11.87
C PHE R 41 -8.41 63.58 11.17
N ILE R 42 -7.66 63.76 10.08
CA ILE R 42 -7.20 62.62 9.30
C ILE R 42 -5.76 62.81 8.99
N CYS R 43 -4.99 61.76 9.23
CA CYS R 43 -3.57 61.79 9.02
C CYS R 43 -3.16 60.50 8.34
N LEU R 44 -2.59 60.63 7.14
CA LEU R 44 -2.10 59.50 6.37
C LEU R 44 -0.56 59.52 6.34
N THR R 45 0.09 58.67 7.14
CA THR R 45 1.55 58.66 7.20
C THR R 45 2.11 57.43 6.51
N ARG R 46 2.92 57.66 5.48
CA ARG R 46 3.62 56.62 4.74
C ARG R 46 5.05 56.54 5.24
N ASP R 47 5.46 55.37 5.68
CA ASP R 47 6.85 55.12 6.05
C ASP R 47 7.49 54.27 4.95
N SER R 48 8.18 53.19 5.26
CA SER R 48 8.91 52.47 4.21
C SER R 48 7.98 51.85 3.19
N ASN R 49 6.93 51.19 3.67
CA ASN R 49 6.03 50.43 2.80
C ASN R 49 4.55 50.59 3.09
N LEU R 50 4.17 50.65 4.36
CA LEU R 50 2.75 50.74 4.74
C LEU R 50 2.33 52.19 4.97
N VAL R 51 1.04 52.46 4.80
CA VAL R 51 0.45 53.74 5.20
C VAL R 51 -0.34 53.49 6.47
N THR R 52 -0.14 54.33 7.49
CA THR R 52 -0.96 54.27 8.70
C THR R 52 -1.96 55.39 8.61
N VAL R 53 -3.22 55.03 8.69
CA VAL R 53 -4.30 56.00 8.82
C VAL R 53 -4.53 56.23 10.30
N ASN R 54 -4.34 57.47 10.75
CA ASN R 54 -4.66 57.84 12.15
C ASN R 54 -5.70 58.92 12.06
N ALA R 55 -6.88 58.67 12.60
CA ALA R 55 -7.99 59.61 12.42
C ALA R 55 -8.90 59.65 13.63
N SER R 56 -9.59 60.77 13.79
CA SER R 56 -10.61 60.94 14.83
C SER R 56 -11.64 61.94 14.36
N PHE R 57 -12.84 61.88 14.93
CA PHE R 57 -13.95 62.64 14.42
C PHE R 57 -14.75 63.28 15.54
N VAL R 58 -15.23 64.49 15.30
CA VAL R 58 -16.12 65.17 16.25
C VAL R 58 -17.32 65.74 15.51
N GLY R 59 -18.52 65.34 15.93
CA GLY R 59 -19.74 65.81 15.29
C GLY R 59 -20.09 67.21 15.70
N GLU R 60 -20.73 67.94 14.81
CA GLU R 60 -21.16 69.30 15.08
C GLU R 60 -22.60 69.51 14.62
N GLY R 61 -23.24 70.57 15.12
CA GLY R 61 -24.62 70.89 14.78
C GLY R 61 -25.55 69.77 15.20
N GLY R 62 -26.34 69.30 14.25
CA GLY R 62 -27.24 68.16 14.49
C GLY R 62 -26.53 66.85 14.78
N TYR R 63 -25.26 66.77 14.38
CA TYR R 63 -24.42 65.61 14.63
C TYR R 63 -23.56 65.74 15.89
N ARG R 64 -23.80 66.75 16.73
CA ARG R 64 -23.04 66.85 17.98
C ARG R 64 -23.37 65.67 18.90
N ILE R 65 -24.66 65.41 19.06
CA ILE R 65 -25.14 64.22 19.77
C ILE R 65 -25.78 63.30 18.76
N VAL R 66 -25.40 62.02 18.82
CA VAL R 66 -26.04 60.96 18.02
C VAL R 66 -26.78 60.01 18.94
N SER R 67 -27.91 59.49 18.46
CA SER R 67 -28.72 58.57 19.24
C SER R 67 -28.66 57.19 18.60
N PRO R 68 -29.15 56.15 19.31
CA PRO R 68 -29.15 54.80 18.78
C PRO R 68 -29.88 54.60 17.46
N THR R 69 -30.85 55.47 17.16
CA THR R 69 -31.57 55.36 15.90
C THR R 69 -30.88 56.09 14.74
N GLN R 70 -29.70 56.66 14.99
CA GLN R 70 -28.92 57.32 13.94
C GLN R 70 -28.65 56.36 12.80
N SER R 71 -28.93 56.78 11.58
CA SER R 71 -28.69 55.90 10.44
C SER R 71 -27.22 56.00 10.03
N GLN R 72 -26.68 54.88 9.54
CA GLN R 72 -25.28 54.76 9.17
C GLN R 72 -24.93 55.70 8.02
N PHE R 73 -23.65 56.00 7.89
CA PHE R 73 -23.17 56.85 6.79
C PHE R 73 -21.67 56.68 6.45
N SER R 74 -21.34 57.07 5.21
CA SER R 74 -19.98 56.99 4.69
C SER R 74 -19.40 58.38 4.43
N LEU R 75 -18.18 58.61 4.89
CA LEU R 75 -17.40 59.78 4.50
C LEU R 75 -16.31 59.33 3.51
N ILE R 76 -16.48 59.61 2.22
CA ILE R 76 -15.55 59.13 1.20
C ILE R 76 -14.54 60.23 0.85
N MET R 77 -13.26 59.88 0.89
CA MET R 77 -12.21 60.73 0.29
C MET R 77 -11.93 60.17 -1.10
N GLU R 78 -11.99 61.03 -2.11
CA GLU R 78 -11.66 60.65 -3.47
C GLU R 78 -10.35 61.31 -3.89
N PHE R 79 -9.40 60.49 -4.35
CA PHE R 79 -8.09 60.96 -4.83
C PHE R 79 -7.89 60.62 -6.30
N ASP R 80 -7.24 61.52 -7.02
CA ASP R 80 -6.85 61.26 -8.40
C ASP R 80 -5.62 60.32 -8.49
N GLN R 81 -5.19 60.03 -9.71
CA GLN R 81 -4.11 59.08 -9.94
C GLN R 81 -2.73 59.55 -9.44
N PHE R 82 -2.60 60.82 -9.08
CA PHE R 82 -1.36 61.34 -8.54
C PHE R 82 -1.43 61.63 -7.05
N GLY R 83 -2.45 61.09 -6.37
CA GLY R 83 -2.59 61.25 -4.91
C GLY R 83 -3.11 62.59 -4.43
N GLN R 84 -3.67 63.37 -5.34
CA GLN R 84 -4.25 64.65 -4.99
C GLN R 84 -5.74 64.48 -4.64
N LEU R 85 -6.13 65.00 -3.49
CA LEU R 85 -7.52 64.92 -3.03
C LEU R 85 -8.40 65.70 -3.97
N MET R 86 -9.48 65.08 -4.42
CA MET R 86 -10.41 65.69 -5.36
C MET R 86 -11.49 66.49 -4.64
N SER R 87 -12.24 67.26 -5.41
CA SER R 87 -13.29 68.13 -4.85
C SER R 87 -14.64 67.41 -4.62
N THR R 88 -14.77 66.16 -5.06
CA THR R 88 -16.08 65.51 -5.14
C THR R 88 -16.48 64.66 -3.93
N GLY R 89 -15.55 64.24 -3.08
CA GLY R 89 -15.89 63.36 -1.96
C GLY R 89 -16.56 64.08 -0.81
N ASN R 90 -16.98 63.33 0.21
CA ASN R 90 -17.55 63.91 1.44
C ASN R 90 -16.51 64.71 2.20
N ILE R 91 -15.27 64.29 2.09
CA ILE R 91 -14.11 65.03 2.56
C ILE R 91 -13.34 65.38 1.29
N ASN R 92 -13.07 66.65 1.08
CA ASN R 92 -12.58 67.08 -0.22
C ASN R 92 -11.67 68.29 -0.21
N SER R 93 -11.16 68.62 -1.39
CA SER R 93 -10.15 69.70 -1.56
C SER R 93 -10.64 71.11 -1.17
N THR R 94 -11.93 71.29 -0.92
CA THR R 94 -12.41 72.60 -0.47
C THR R 94 -12.05 72.90 0.97
N THR R 95 -11.55 71.93 1.73
CA THR R 95 -11.03 72.22 3.08
C THR R 95 -9.52 71.97 3.20
N THR R 96 -8.94 72.50 4.27
CA THR R 96 -7.50 72.42 4.50
C THR R 96 -7.02 70.99 4.50
N TRP R 97 -6.12 70.69 3.58
CA TRP R 97 -5.53 69.37 3.43
C TRP R 97 -4.20 69.49 2.73
N GLY R 98 -3.21 68.73 3.18
CA GLY R 98 -1.88 68.79 2.56
C GLY R 98 -0.77 68.04 3.29
N GLU R 99 0.47 68.35 2.97
CA GLU R 99 1.61 67.64 3.52
C GLU R 99 2.06 68.23 4.86
N LYS R 100 2.43 67.38 5.80
CA LYS R 100 3.02 67.82 7.06
C LYS R 100 4.52 67.74 6.95
N PRO R 101 5.19 68.89 6.98
CA PRO R 101 6.66 68.82 7.03
C PRO R 101 7.13 68.25 8.36
N TRP R 102 8.17 67.43 8.32
CA TRP R 102 8.83 66.99 9.55
C TRP R 102 9.30 68.24 10.26
N GLY R 103 8.93 68.38 11.52
CA GLY R 103 9.41 69.50 12.33
C GLY R 103 8.40 70.56 12.69
N ASN R 104 7.26 70.59 12.02
CA ASN R 104 6.20 71.53 12.42
C ASN R 104 4.82 71.00 12.11
N ASN R 105 3.81 71.79 12.47
CA ASN R 105 2.41 71.39 12.30
C ASN R 105 1.70 72.14 11.18
N THR R 106 2.45 72.67 10.21
CA THR R 106 1.82 73.35 9.08
C THR R 106 1.16 72.32 8.15
N VAL R 107 0.34 72.82 7.23
CA VAL R 107 -0.25 72.01 6.17
C VAL R 107 0.17 72.63 4.85
N GLN R 108 0.96 71.88 4.08
CA GLN R 108 1.49 72.37 2.82
C GLN R 108 0.64 71.88 1.64
N PRO R 109 -0.04 72.82 0.95
CA PRO R 109 -1.02 72.43 -0.07
C PRO R 109 -0.41 72.18 -1.46
N ARG R 110 0.82 72.64 -1.68
CA ARG R 110 1.46 72.50 -2.97
C ARG R 110 1.78 71.03 -3.27
N PRO R 111 1.10 70.45 -4.26
CA PRO R 111 1.23 69.00 -4.48
C PRO R 111 2.63 68.55 -4.96
N SER R 112 2.96 67.31 -4.65
CA SER R 112 4.22 66.72 -5.06
C SER R 112 3.96 65.32 -5.55
N HIS R 113 4.88 64.82 -6.37
CA HIS R 113 4.80 63.45 -6.88
C HIS R 113 4.85 62.41 -5.74
N THR R 114 5.51 62.75 -4.64
CA THR R 114 5.61 61.87 -3.48
C THR R 114 4.23 61.56 -2.84
N TRP R 115 3.24 62.42 -3.09
CA TRP R 115 1.89 62.27 -2.48
C TRP R 115 1.24 60.95 -2.88
N LYS R 116 1.55 60.48 -4.07
CA LYS R 116 1.06 59.19 -4.54
C LYS R 116 1.43 58.05 -3.56
N LEU R 117 2.54 58.17 -2.86
CA LEU R 117 2.98 57.13 -1.92
C LEU R 117 2.03 56.89 -0.74
N CYS R 118 1.15 57.85 -0.45
CA CYS R 118 0.13 57.67 0.61
C CYS R 118 -1.13 56.99 0.13
N MET R 119 -1.24 56.73 -1.17
CA MET R 119 -2.42 56.08 -1.71
C MET R 119 -2.33 54.56 -1.52
N PRO R 120 -3.48 53.88 -1.47
CA PRO R 120 -3.55 52.44 -1.38
C PRO R 120 -3.18 51.76 -2.69
N ASN R 121 -2.05 51.02 -2.65
CA ASN R 121 -1.51 50.26 -3.78
C ASN R 121 -2.59 49.64 -4.67
N ARG R 122 -2.71 50.12 -5.90
CA ARG R 122 -3.85 49.75 -6.75
C ARG R 122 -3.80 48.32 -7.26
N GLU R 123 -2.62 47.71 -7.26
CA GLU R 123 -2.49 46.29 -7.61
C GLU R 123 -2.82 45.39 -6.43
N VAL R 124 -2.37 45.75 -5.23
CA VAL R 124 -2.75 45.01 -4.01
C VAL R 124 -4.25 45.13 -3.76
N TYR R 125 -4.78 46.34 -3.86
CA TYR R 125 -6.21 46.58 -3.66
C TYR R 125 -6.92 46.81 -4.99
N SER R 126 -6.79 45.85 -5.90
CA SER R 126 -7.48 45.92 -7.18
C SER R 126 -8.97 45.61 -7.04
N THR R 127 -9.36 44.98 -5.94
CA THR R 127 -10.77 44.95 -5.54
C THR R 127 -10.82 45.47 -4.11
N PRO R 128 -11.96 46.05 -3.71
CA PRO R 128 -11.99 46.73 -2.41
C PRO R 128 -11.66 45.85 -1.19
N ALA R 129 -10.91 46.42 -0.27
CA ALA R 129 -10.59 45.78 1.00
C ALA R 129 -11.24 46.58 2.12
N ALA R 130 -11.40 45.98 3.29
CA ALA R 130 -12.09 46.67 4.38
C ALA R 130 -11.51 46.27 5.73
N THR R 131 -11.58 47.19 6.70
CA THR R 131 -11.34 46.85 8.10
C THR R 131 -12.40 47.49 8.97
N ILE R 132 -13.14 46.66 9.71
CA ILE R 132 -14.16 47.17 10.62
C ILE R 132 -13.63 47.13 12.04
N SER R 133 -13.38 48.30 12.61
CA SER R 133 -12.96 48.42 14.00
C SER R 133 -14.05 48.95 14.91
N ARG R 134 -13.93 48.57 16.17
CA ARG R 134 -14.63 49.22 17.25
C ARG R 134 -14.27 50.72 17.28
N CYS R 135 -15.22 51.54 17.69
CA CYS R 135 -15.05 52.97 17.68
C CYS R 135 -15.77 53.57 18.86
N GLY R 136 -15.04 53.76 19.95
CA GLY R 136 -15.60 54.33 21.15
C GLY R 136 -16.00 55.78 20.93
N LEU R 137 -17.10 56.17 21.58
CA LEU R 137 -17.57 57.56 21.59
C LEU R 137 -17.52 58.15 23.01
N ASP R 138 -17.05 59.39 23.09
CA ASP R 138 -16.93 60.11 24.36
C ASP R 138 -16.32 59.23 25.46
N SER R 139 -15.29 58.48 25.10
CA SER R 139 -14.79 57.41 25.95
C SER R 139 -14.27 57.84 27.32
N ILE R 140 -13.57 58.96 27.38
CA ILE R 140 -13.04 59.47 28.66
C ILE R 140 -14.22 59.79 29.59
N ALA R 141 -15.18 60.56 29.09
CA ALA R 141 -16.31 61.01 29.89
C ALA R 141 -17.20 59.86 30.37
N VAL R 142 -17.49 58.90 29.52
CA VAL R 142 -18.36 57.78 29.90
C VAL R 142 -17.55 56.63 30.52
N ASP R 143 -16.25 56.86 30.71
CA ASP R 143 -15.32 55.89 31.24
C ASP R 143 -15.38 54.54 30.53
N GLY R 144 -15.40 54.61 29.22
CA GLY R 144 -15.31 53.41 28.40
C GLY R 144 -16.43 52.41 28.59
N ALA R 145 -17.60 52.88 29.03
CA ALA R 145 -18.75 51.99 29.19
C ALA R 145 -19.01 51.21 27.89
N PRO R 146 -19.30 49.91 28.00
CA PRO R 146 -19.27 49.03 26.81
C PRO R 146 -20.31 49.41 25.75
N SER R 147 -21.46 49.92 26.19
CA SER R 147 -22.56 50.28 25.28
C SER R 147 -22.47 51.73 24.79
N ARG R 148 -21.25 52.26 24.70
CA ARG R 148 -21.02 53.60 24.20
C ARG R 148 -20.04 53.56 23.05
N SER R 149 -19.92 52.40 22.42
CA SER R 149 -19.10 52.20 21.23
C SER R 149 -19.97 51.93 20.02
N ILE R 150 -19.61 52.54 18.90
CA ILE R 150 -20.16 52.18 17.61
C ILE R 150 -19.05 51.46 16.82
N ASP R 151 -19.26 51.26 15.52
CA ASP R 151 -18.24 50.72 14.67
C ASP R 151 -17.88 51.70 13.57
N CYS R 152 -16.59 51.70 13.21
CA CYS R 152 -16.10 52.44 12.06
C CYS R 152 -15.36 51.50 11.15
N MET R 153 -15.76 51.48 9.88
CA MET R 153 -15.15 50.59 8.91
C MET R 153 -14.46 51.45 7.85
N LEU R 154 -13.17 51.18 7.65
CA LEU R 154 -12.42 51.79 6.58
C LEU R 154 -12.65 50.90 5.36
N ILE R 155 -13.02 51.50 4.22
CA ILE R 155 -13.05 50.79 2.95
C ILE R 155 -11.96 51.36 2.05
N ILE R 156 -11.09 50.48 1.58
CA ILE R 156 -9.97 50.84 0.71
C ILE R 156 -10.36 50.59 -0.75
N ASN R 157 -10.26 51.63 -1.58
CA ASN R 157 -10.52 51.53 -3.01
C ASN R 157 -11.88 50.97 -3.46
N LYS R 158 -12.96 51.35 -2.78
CA LYS R 158 -14.27 51.09 -3.38
C LYS R 158 -14.44 52.13 -4.48
N PRO R 159 -14.85 51.71 -5.68
CA PRO R 159 -14.97 52.67 -6.76
C PRO R 159 -15.98 53.74 -6.44
N LYS R 160 -15.67 54.96 -6.87
CA LYS R 160 -16.59 56.08 -6.73
C LYS R 160 -16.26 57.11 -7.82
N GLY R 161 -17.24 57.41 -8.67
CA GLY R 161 -17.07 58.43 -9.69
C GLY R 161 -15.88 58.14 -10.54
N VAL R 162 -15.06 59.16 -10.78
CA VAL R 162 -13.84 59.00 -11.58
C VAL R 162 -12.58 59.00 -10.71
N ALA R 163 -12.71 58.68 -9.42
CA ALA R 163 -11.55 58.64 -8.52
C ALA R 163 -10.72 57.41 -8.85
N THR R 164 -9.41 57.52 -8.68
CA THR R 164 -8.50 56.40 -8.90
C THR R 164 -8.27 55.68 -7.57
N TYR R 165 -8.16 56.43 -6.48
CA TYR R 165 -8.05 55.84 -5.15
C TYR R 165 -9.17 56.41 -4.28
N THR R 166 -9.69 55.58 -3.36
CA THR R 166 -10.66 56.07 -2.37
C THR R 166 -10.38 55.53 -0.99
N LEU R 167 -10.69 56.34 0.02
CA LEU R 167 -10.70 55.91 1.40
C LEU R 167 -12.04 56.31 1.98
N THR R 168 -12.76 55.35 2.56
CA THR R 168 -14.08 55.59 3.11
C THR R 168 -14.12 55.25 4.59
N PHE R 169 -14.48 56.23 5.41
CA PHE R 169 -14.80 55.97 6.80
C PHE R 169 -16.29 55.82 6.90
N ARG R 170 -16.74 54.61 7.19
CA ARG R 170 -18.16 54.31 7.25
C ARG R 170 -18.53 54.00 8.70
N PHE R 171 -19.43 54.80 9.26
CA PHE R 171 -19.83 54.68 10.64
C PHE R 171 -21.14 53.88 10.72
N LEU R 172 -21.11 52.83 11.56
CA LEU R 172 -22.13 51.79 11.57
C LEU R 172 -22.59 51.39 12.96
N ASN R 173 -23.74 50.73 13.01
CA ASN R 173 -24.19 50.06 14.21
C ASN R 173 -24.39 51.00 15.39
N PHE R 174 -25.03 52.14 15.13
CA PHE R 174 -25.37 53.11 16.17
C PHE R 174 -26.35 52.53 17.19
N ASN R 175 -27.13 51.55 16.76
CA ASN R 175 -28.06 50.83 17.65
C ASN R 175 -27.41 50.03 18.80
N ARG R 176 -26.08 49.93 18.80
CA ARG R 176 -25.35 49.46 19.99
C ARG R 176 -25.42 50.43 21.17
N LEU R 177 -25.64 51.71 20.89
CA LEU R 177 -25.60 52.74 21.91
C LEU R 177 -26.77 52.60 22.86
N SER R 178 -26.50 52.71 24.16
CA SER R 178 -27.53 52.63 25.19
C SER R 178 -28.39 53.89 25.25
N GLY R 179 -27.89 54.99 24.68
CA GLY R 179 -28.64 56.23 24.63
C GLY R 179 -27.91 57.30 23.87
N GLY R 180 -28.41 58.53 23.93
CA GLY R 180 -27.79 59.67 23.26
C GLY R 180 -26.36 59.83 23.73
N THR R 181 -25.44 59.95 22.79
CA THR R 181 -24.02 60.04 23.10
C THR R 181 -23.37 61.15 22.29
N LEU R 182 -22.47 61.89 22.94
CA LEU R 182 -21.69 62.93 22.30
C LEU R 182 -20.84 62.27 21.20
N PHE R 183 -20.94 62.75 19.96
CA PHE R 183 -20.26 62.08 18.86
C PHE R 183 -18.81 62.53 18.78
N LYS R 184 -18.03 62.04 19.73
CA LYS R 184 -16.65 62.44 19.90
C LYS R 184 -15.84 61.15 19.88
N THR R 185 -15.35 60.77 18.70
CA THR R 185 -14.77 59.43 18.50
C THR R 185 -13.41 59.29 19.13
N ASP R 186 -13.04 58.05 19.39
CA ASP R 186 -11.67 57.70 19.77
C ASP R 186 -10.74 57.98 18.61
N VAL R 187 -9.44 57.85 18.87
CA VAL R 187 -8.43 57.87 17.82
C VAL R 187 -8.45 56.50 17.18
N LEU R 188 -8.73 56.46 15.88
CA LEU R 188 -8.75 55.23 15.14
C LEU R 188 -7.46 55.03 14.37
N THR R 189 -7.02 53.78 14.25
CA THR R 189 -5.83 53.44 13.47
C THR R 189 -6.08 52.30 12.48
N PHE R 190 -5.81 52.54 11.21
CA PHE R 190 -5.84 51.47 10.21
C PHE R 190 -4.51 51.43 9.46
N THR R 191 -4.34 50.44 8.61
CA THR R 191 -3.07 50.18 7.92
C THR R 191 -3.33 49.59 6.55
N TYR R 192 -2.64 50.09 5.53
CA TYR R 192 -2.68 49.44 4.21
C TYR R 192 -1.36 49.59 3.45
N VAL R 193 -1.17 48.77 2.42
CA VAL R 193 0.07 48.81 1.65
C VAL R 193 0.05 50.02 0.71
N GLY R 194 1.11 50.80 0.76
CA GLY R 194 1.19 52.04 0.00
C GLY R 194 1.50 51.81 -1.47
N GLU R 195 1.12 52.78 -2.29
CA GLU R 195 1.35 52.71 -3.73
C GLU R 195 2.84 52.94 -4.06
N ASN R 196 3.29 52.35 -5.16
CA ASN R 196 4.67 52.53 -5.60
C ASN R 196 4.83 53.80 -6.43
N GLN R 197 5.96 54.49 -6.23
CA GLN R 197 6.24 55.73 -6.97
C GLN R 197 6.06 55.49 -8.47
N ALA S 16 18.22 50.44 8.36
CA ALA S 16 17.37 50.41 7.13
C ALA S 16 16.16 49.48 7.32
N PRO S 17 15.03 49.81 6.66
CA PRO S 17 13.80 49.05 6.75
C PRO S 17 13.75 47.93 5.72
N ILE S 18 12.80 47.01 5.87
CA ILE S 18 12.71 45.85 5.00
C ILE S 18 11.34 45.21 5.13
N THR S 19 10.78 44.78 4.00
CA THR S 19 9.47 44.14 3.97
C THR S 19 9.55 42.77 3.30
N LEU S 20 9.07 41.75 4.01
CA LEU S 20 8.85 40.42 3.43
C LEU S 20 7.36 40.20 3.19
N TRP S 21 7.00 39.64 2.06
CA TRP S 21 5.58 39.44 1.74
C TRP S 21 5.29 38.36 0.73
N THR S 22 4.00 38.05 0.60
CA THR S 22 3.50 37.04 -0.35
C THR S 22 3.31 37.64 -1.75
N GLY S 23 3.36 38.95 -1.86
CA GLY S 23 3.05 39.64 -3.10
C GLY S 23 1.56 39.91 -3.18
N PRO S 24 1.14 40.73 -4.18
CA PRO S 24 -0.27 40.95 -4.41
C PRO S 24 -0.85 39.72 -5.08
N GLY S 25 -2.17 39.59 -5.06
CA GLY S 25 -2.85 38.45 -5.67
C GLY S 25 -2.21 37.14 -5.25
N PRO S 26 -2.24 36.83 -3.95
CA PRO S 26 -1.50 35.67 -3.44
C PRO S 26 -2.09 34.35 -3.89
N SER S 27 -1.22 33.35 -3.98
CA SER S 27 -1.64 31.99 -4.30
C SER S 27 -2.35 31.38 -3.09
N ILE S 28 -3.05 30.27 -3.30
CA ILE S 28 -3.63 29.50 -2.21
C ILE S 28 -2.46 28.86 -1.45
N ASN S 29 -2.08 29.49 -0.35
CA ASN S 29 -0.80 29.20 0.29
C ASN S 29 -0.94 28.76 1.72
N GLY S 30 -2.17 28.65 2.22
CA GLY S 30 -2.42 28.27 3.61
C GLY S 30 -2.96 26.85 3.74
N PHE S 31 -2.18 25.98 4.36
CA PHE S 31 -2.59 24.58 4.57
C PHE S 31 -3.37 24.32 5.87
N ILE S 32 -4.50 23.64 5.72
CA ILE S 32 -5.22 23.02 6.81
C ILE S 32 -5.37 21.55 6.37
N ASN S 33 -4.69 20.65 7.08
CA ASN S 33 -4.80 19.22 6.83
C ASN S 33 -4.22 18.79 5.49
N ASP S 34 -2.99 19.22 5.21
CA ASP S 34 -2.24 18.81 3.99
C ASP S 34 -2.89 19.24 2.65
N THR S 35 -3.76 20.26 2.67
CA THR S 35 -4.38 20.73 1.45
C THR S 35 -4.48 22.24 1.45
N PRO S 36 -3.97 22.89 0.39
CA PRO S 36 -4.09 24.35 0.27
C PRO S 36 -5.55 24.77 0.20
N VAL S 37 -6.01 25.54 1.17
CA VAL S 37 -7.40 25.97 1.19
C VAL S 37 -7.61 27.46 1.51
N ILE S 38 -6.61 28.11 2.10
CA ILE S 38 -6.73 29.53 2.39
C ILE S 38 -5.73 30.30 1.57
N ARG S 39 -6.21 31.42 1.02
CA ARG S 39 -5.43 32.32 0.21
C ARG S 39 -4.98 33.46 1.11
N CYS S 40 -3.71 33.39 1.54
CA CYS S 40 -3.17 34.32 2.56
C CYS S 40 -2.34 35.43 1.95
N PHE S 41 -2.81 36.65 2.12
CA PHE S 41 -1.97 37.80 1.84
C PHE S 41 -1.29 38.21 3.13
N ILE S 42 0.04 38.16 3.16
CA ILE S 42 0.77 38.46 4.37
C ILE S 42 1.92 39.37 4.05
N CYS S 43 2.05 40.42 4.84
CA CYS S 43 3.09 41.40 4.60
C CYS S 43 3.69 41.79 5.94
N LEU S 44 4.99 41.55 6.07
CA LEU S 44 5.70 41.86 7.30
C LEU S 44 6.65 43.03 7.04
N THR S 45 6.27 44.23 7.50
CA THR S 45 7.09 45.43 7.26
C THR S 45 7.82 45.86 8.52
N ARG S 46 9.15 45.88 8.45
CA ARG S 46 10.02 46.34 9.53
C ARG S 46 10.49 47.75 9.23
N ASP S 47 10.19 48.67 10.12
CA ASP S 47 10.72 50.03 9.99
C ASP S 47 11.85 50.18 11.02
N SER S 48 11.90 51.26 11.79
CA SER S 48 13.06 51.50 12.66
C SER S 48 13.24 50.40 13.69
N ASN S 49 12.16 50.02 14.35
CA ASN S 49 12.19 49.09 15.48
C ASN S 49 11.07 48.04 15.53
N LEU S 50 9.86 48.41 15.16
CA LEU S 50 8.73 47.48 15.19
C LEU S 50 8.47 46.85 13.84
N VAL S 51 7.87 45.68 13.85
CA VAL S 51 7.39 45.05 12.62
C VAL S 51 5.88 45.19 12.61
N THR S 52 5.31 45.63 11.50
CA THR S 52 3.84 45.60 11.37
C THR S 52 3.46 44.42 10.50
N VAL S 53 2.58 43.60 11.04
CA VAL S 53 1.96 42.53 10.27
C VAL S 53 0.68 43.09 9.66
N ASN S 54 0.59 43.10 8.33
CA ASN S 54 -0.61 43.50 7.62
C ASN S 54 -1.03 42.30 6.79
N ALA S 55 -2.19 41.73 7.09
CA ALA S 55 -2.58 40.45 6.48
C ALA S 55 -4.06 40.37 6.23
N SER S 56 -4.42 39.58 5.24
CA SER S 56 -5.84 39.31 4.91
C SER S 56 -5.96 37.93 4.31
N PHE S 57 -7.14 37.33 4.43
CA PHE S 57 -7.30 35.93 4.08
C PHE S 57 -8.58 35.70 3.30
N VAL S 58 -8.51 34.82 2.29
CA VAL S 58 -9.69 34.46 1.51
C VAL S 58 -9.77 32.96 1.38
N GLY S 59 -10.86 32.38 1.83
CA GLY S 59 -11.05 30.93 1.78
C GLY S 59 -11.41 30.43 0.40
N GLU S 60 -10.96 29.22 0.09
CA GLU S 60 -11.27 28.58 -1.18
C GLU S 60 -11.71 27.12 -0.99
N GLY S 61 -12.37 26.59 -2.02
CA GLY S 61 -12.89 25.23 -2.01
C GLY S 61 -13.92 25.06 -0.92
N GLY S 62 -13.71 24.08 -0.05
CA GLY S 62 -14.58 23.87 1.10
C GLY S 62 -14.54 24.98 2.13
N TYR S 63 -13.47 25.77 2.11
CA TYR S 63 -13.34 26.92 2.99
C TYR S 63 -13.79 28.25 2.36
N ARG S 64 -14.45 28.21 1.21
CA ARG S 64 -14.97 29.46 0.63
C ARG S 64 -16.06 30.06 1.51
N ILE S 65 -16.98 29.21 1.95
CA ILE S 65 -17.96 29.60 2.95
C ILE S 65 -17.69 28.83 4.23
N VAL S 66 -17.66 29.55 5.35
CA VAL S 66 -17.56 28.92 6.67
C VAL S 66 -18.87 29.13 7.43
N SER S 67 -19.23 28.15 8.25
CA SER S 67 -20.49 28.21 9.03
C SER S 67 -20.13 28.37 10.51
N PRO S 68 -21.13 28.70 11.36
CA PRO S 68 -20.89 28.84 12.80
C PRO S 68 -20.32 27.60 13.52
N THR S 69 -20.52 26.41 12.95
CA THR S 69 -19.98 25.18 13.51
C THR S 69 -18.53 24.90 13.05
N GLN S 70 -17.95 25.77 12.24
CA GLN S 70 -16.57 25.63 11.81
C GLN S 70 -15.63 25.51 12.99
N SER S 71 -14.79 24.48 13.01
CA SER S 71 -13.86 24.32 14.11
C SER S 71 -12.64 25.22 13.90
N GLN S 72 -12.09 25.72 14.99
CA GLN S 72 -10.99 26.67 14.96
C GLN S 72 -9.71 26.04 14.36
N PHE S 73 -8.80 26.88 13.87
CA PHE S 73 -7.53 26.40 13.30
C PHE S 73 -6.41 27.43 13.32
N SER S 74 -5.17 26.92 13.24
CA SER S 74 -3.97 27.74 13.20
C SER S 74 -3.25 27.60 11.86
N LEU S 75 -2.83 28.74 11.31
CA LEU S 75 -1.89 28.77 10.18
C LEU S 75 -0.54 29.25 10.73
N ILE S 76 0.42 28.33 10.88
CA ILE S 76 1.73 28.65 11.45
C ILE S 76 2.77 28.90 10.34
N MET S 77 3.45 30.03 10.43
CA MET S 77 4.65 30.30 9.64
C MET S 77 5.85 29.97 10.48
N GLU S 78 6.73 29.10 9.99
CA GLU S 78 7.94 28.72 10.70
C GLU S 78 9.15 29.31 10.01
N PHE S 79 9.96 30.05 10.76
CA PHE S 79 11.20 30.67 10.24
C PHE S 79 12.43 30.13 10.93
N ASP S 80 13.52 30.00 10.17
CA ASP S 80 14.81 29.64 10.73
C ASP S 80 15.51 30.85 11.39
N GLN S 81 16.71 30.61 11.94
CA GLN S 81 17.38 31.64 12.73
C GLN S 81 17.81 32.87 11.93
N PHE S 82 17.81 32.76 10.59
CA PHE S 82 18.19 33.88 9.71
C PHE S 82 17.00 34.53 9.04
N GLY S 83 15.79 34.27 9.53
CA GLY S 83 14.58 34.88 8.98
C GLY S 83 14.08 34.28 7.67
N GLN S 84 14.59 33.12 7.29
CA GLN S 84 14.13 32.44 6.09
C GLN S 84 12.95 31.52 6.41
N LEU S 85 11.85 31.69 5.68
CA LEU S 85 10.66 30.88 5.87
C LEU S 85 10.98 29.44 5.57
N MET S 86 10.60 28.54 6.48
CA MET S 86 10.85 27.11 6.35
C MET S 86 9.72 26.38 5.60
N SER S 87 9.98 25.15 5.21
CA SER S 87 9.05 24.38 4.40
C SER S 87 7.96 23.69 5.22
N THR S 88 8.08 23.72 6.54
CA THR S 88 7.28 22.85 7.41
C THR S 88 5.98 23.43 7.96
N GLY S 89 5.79 24.75 7.94
CA GLY S 89 4.58 25.37 8.50
C GLY S 89 3.35 25.21 7.60
N ASN S 90 2.20 25.70 8.07
CA ASN S 90 0.97 25.74 7.25
C ASN S 90 1.12 26.72 6.07
N ILE S 91 1.88 27.78 6.30
CA ILE S 91 2.29 28.70 5.26
C ILE S 91 3.80 28.52 5.15
N ASN S 92 4.29 28.20 3.97
CA ASN S 92 5.68 27.77 3.87
C ASN S 92 6.39 28.08 2.54
N SER S 93 7.68 27.76 2.50
CA SER S 93 8.54 28.13 1.40
C SER S 93 8.16 27.54 0.06
N THR S 94 7.23 26.58 0.02
CA THR S 94 6.73 26.05 -1.25
C THR S 94 5.84 27.02 -2.03
N THR S 95 5.40 28.12 -1.42
CA THR S 95 4.67 29.16 -2.17
C THR S 95 5.43 30.47 -2.22
N THR S 96 4.99 31.36 -3.12
CA THR S 96 5.68 32.61 -3.39
C THR S 96 5.81 33.45 -2.13
N TRP S 97 7.05 33.74 -1.76
CA TRP S 97 7.36 34.50 -0.54
C TRP S 97 8.71 35.17 -0.70
N GLY S 98 8.83 36.42 -0.25
CA GLY S 98 10.12 37.11 -0.35
C GLY S 98 10.09 38.60 -0.07
N GLU S 99 11.14 39.29 -0.48
CA GLU S 99 11.28 40.71 -0.19
C GLU S 99 10.55 41.58 -1.23
N LYS S 100 9.90 42.64 -0.74
CA LYS S 100 9.32 43.65 -1.62
C LYS S 100 10.33 44.80 -1.77
N PRO S 101 10.82 45.02 -2.98
CA PRO S 101 11.64 46.21 -3.17
C PRO S 101 10.78 47.46 -3.06
N TRP S 102 11.34 48.52 -2.47
CA TRP S 102 10.74 49.83 -2.55
C TRP S 102 10.61 50.20 -4.01
N GLY S 103 9.42 50.57 -4.44
CA GLY S 103 9.23 51.02 -5.81
C GLY S 103 8.48 50.09 -6.75
N ASN S 104 8.32 48.83 -6.39
CA ASN S 104 7.51 47.91 -7.21
C ASN S 104 6.86 46.81 -6.38
N ASN S 105 6.06 45.99 -7.07
CA ASN S 105 5.30 44.94 -6.42
C ASN S 105 5.86 43.54 -6.68
N THR S 106 7.14 43.43 -6.99
CA THR S 106 7.76 42.10 -7.17
C THR S 106 7.94 41.37 -5.83
N VAL S 107 8.26 40.09 -5.91
CA VAL S 107 8.63 39.31 -4.75
C VAL S 107 10.02 38.73 -5.01
N GLN S 108 11.00 39.19 -4.23
CA GLN S 108 12.39 38.80 -4.42
C GLN S 108 12.75 37.66 -3.48
N PRO S 109 13.01 36.47 -4.04
CA PRO S 109 13.20 35.27 -3.23
C PRO S 109 14.60 35.10 -2.69
N ARG S 110 15.55 35.83 -3.25
CA ARG S 110 16.95 35.68 -2.84
C ARG S 110 17.14 36.21 -1.44
N PRO S 111 17.48 35.32 -0.49
CA PRO S 111 17.60 35.71 0.92
C PRO S 111 18.69 36.71 1.20
N SER S 112 18.48 37.51 2.25
CA SER S 112 19.47 38.45 2.72
C SER S 112 19.53 38.44 4.26
N HIS S 113 20.67 38.85 4.78
CA HIS S 113 20.87 38.96 6.23
C HIS S 113 19.85 39.94 6.86
N THR S 114 19.38 40.92 6.10
CA THR S 114 18.40 41.89 6.58
C THR S 114 17.05 41.25 6.90
N TRP S 115 16.77 40.07 6.34
CA TRP S 115 15.47 39.38 6.55
C TRP S 115 15.20 39.09 8.04
N LYS S 116 16.27 38.85 8.79
CA LYS S 116 16.20 38.60 10.20
C LYS S 116 15.47 39.74 10.93
N LEU S 117 15.58 40.96 10.42
CA LEU S 117 14.96 42.12 11.03
C LEU S 117 13.41 42.07 11.07
N CYS S 118 12.81 41.23 10.24
CA CYS S 118 11.37 41.04 10.27
C CYS S 118 10.90 40.04 11.35
N MET S 119 11.83 39.34 11.97
CA MET S 119 11.49 38.31 12.93
C MET S 119 11.18 38.92 14.31
N PRO S 120 10.33 38.25 15.11
CA PRO S 120 10.05 38.72 16.46
C PRO S 120 11.22 38.53 17.41
N ASN S 121 11.75 39.65 17.91
CA ASN S 121 12.86 39.72 18.85
C ASN S 121 12.85 38.60 19.90
N ARG S 122 13.80 37.68 19.81
CA ARG S 122 13.73 36.43 20.58
C ARG S 122 14.01 36.62 22.08
N GLU S 123 14.61 37.75 22.44
CA GLU S 123 14.77 38.08 23.84
C GLU S 123 13.46 38.72 24.39
N VAL S 124 12.87 39.63 23.63
CA VAL S 124 11.61 40.23 24.03
C VAL S 124 10.55 39.13 24.15
N TYR S 125 10.47 38.27 23.13
CA TYR S 125 9.47 37.21 23.06
C TYR S 125 10.10 35.86 23.40
N SER S 126 10.78 35.78 24.53
CA SER S 126 11.40 34.53 24.96
C SER S 126 10.36 33.52 25.46
N THR S 127 9.17 33.99 25.77
CA THR S 127 8.02 33.09 25.91
C THR S 127 6.91 33.68 25.04
N PRO S 128 5.98 32.84 24.60
CA PRO S 128 5.04 33.31 23.57
C PRO S 128 4.15 34.48 23.98
N ALA S 129 3.93 35.40 23.06
CA ALA S 129 3.02 36.54 23.25
C ALA S 129 1.89 36.42 22.24
N ALA S 130 0.78 37.09 22.51
CA ALA S 130 -0.41 36.94 21.66
C ALA S 130 -1.23 38.22 21.58
N THR S 131 -1.88 38.43 20.45
CA THR S 131 -2.89 39.48 20.31
C THR S 131 -4.13 38.93 19.62
N ILE S 132 -5.25 39.00 20.32
CA ILE S 132 -6.52 38.53 19.81
C ILE S 132 -7.35 39.69 19.31
N SER S 133 -7.44 39.84 18.00
CA SER S 133 -8.23 40.90 17.39
C SER S 133 -9.51 40.38 16.77
N ARG S 134 -10.54 41.25 16.78
CA ARG S 134 -11.74 41.07 15.98
C ARG S 134 -11.34 40.91 14.52
N CYS S 135 -12.11 40.11 13.78
CA CYS S 135 -11.84 39.82 12.40
C CYS S 135 -13.14 39.72 11.60
N GLY S 136 -13.52 40.83 10.98
CA GLY S 136 -14.73 40.88 10.18
C GLY S 136 -14.62 39.94 8.99
N LEU S 137 -15.75 39.35 8.60
CA LEU S 137 -15.83 38.52 7.41
C LEU S 137 -16.83 39.16 6.44
N ASP S 138 -16.44 39.19 5.15
CA ASP S 138 -17.26 39.75 4.07
C ASP S 138 -17.89 41.10 4.45
N SER S 139 -17.09 41.94 5.09
CA SER S 139 -17.60 43.13 5.78
C SER S 139 -18.31 44.18 4.89
N ILE S 140 -17.81 44.39 3.67
CA ILE S 140 -18.45 45.34 2.75
C ILE S 140 -19.84 44.82 2.38
N ALA S 141 -19.90 43.56 1.95
CA ALA S 141 -21.17 42.96 1.49
C ALA S 141 -22.25 42.88 2.57
N VAL S 142 -21.87 42.50 3.78
CA VAL S 142 -22.82 42.36 4.91
C VAL S 142 -22.97 43.66 5.68
N ASP S 143 -22.31 44.71 5.18
CA ASP S 143 -22.36 46.05 5.76
C ASP S 143 -21.99 46.07 7.26
N GLY S 144 -20.96 45.31 7.59
CA GLY S 144 -20.42 45.28 8.94
C GLY S 144 -21.39 44.83 10.00
N ALA S 145 -22.33 43.96 9.64
CA ALA S 145 -23.26 43.39 10.60
C ALA S 145 -22.45 42.77 11.74
N PRO S 146 -22.86 43.04 13.00
CA PRO S 146 -22.10 42.64 14.19
C PRO S 146 -21.84 41.14 14.32
N SER S 147 -22.82 40.33 13.92
CA SER S 147 -22.69 38.87 14.02
C SER S 147 -22.06 38.25 12.76
N ARG S 148 -21.20 39.00 12.08
CA ARG S 148 -20.45 38.52 10.93
C ARG S 148 -18.96 38.67 11.14
N SER S 149 -18.55 38.77 12.41
CA SER S 149 -17.15 38.82 12.78
C SER S 149 -16.74 37.58 13.55
N ILE S 150 -15.56 37.06 13.25
CA ILE S 150 -14.94 36.03 14.07
C ILE S 150 -13.76 36.69 14.78
N ASP S 151 -12.88 35.88 15.36
CA ASP S 151 -11.64 36.38 15.97
C ASP S 151 -10.44 35.77 15.27
N CYS S 152 -9.39 36.57 15.13
CA CYS S 152 -8.10 36.10 14.68
C CYS S 152 -7.06 36.50 15.70
N MET S 153 -6.28 35.53 16.17
CA MET S 153 -5.28 35.75 17.21
C MET S 153 -3.91 35.48 16.61
N LEU S 154 -3.01 36.46 16.70
CA LEU S 154 -1.63 36.28 16.30
C LEU S 154 -0.93 35.74 17.52
N ILE S 155 -0.16 34.67 17.34
CA ILE S 155 0.71 34.15 18.39
C ILE S 155 2.17 34.33 17.93
N ILE S 156 2.93 35.05 18.74
CA ILE S 156 4.32 35.33 18.45
C ILE S 156 5.19 34.29 19.16
N ASN S 157 6.04 33.60 18.42
CA ASN S 157 7.02 32.66 18.95
C ASN S 157 6.52 31.55 19.84
N LYS S 158 5.39 30.96 19.49
CA LYS S 158 5.02 29.69 20.12
C LYS S 158 5.91 28.62 19.49
N PRO S 159 6.59 27.79 20.33
CA PRO S 159 7.53 26.81 19.76
C PRO S 159 6.83 25.83 18.85
N LYS S 160 7.50 25.48 17.75
CA LYS S 160 6.99 24.51 16.82
C LYS S 160 8.18 23.85 16.11
N GLY S 161 8.31 22.53 16.26
CA GLY S 161 9.38 21.78 15.60
C GLY S 161 10.74 22.36 15.88
N VAL S 162 11.55 22.56 14.83
CA VAL S 162 12.89 23.14 14.98
C VAL S 162 12.96 24.61 14.55
N ALA S 163 11.80 25.28 14.46
CA ALA S 163 11.76 26.68 14.04
C ALA S 163 12.35 27.56 15.14
N THR S 164 13.01 28.64 14.76
CA THR S 164 13.55 29.59 15.72
C THR S 164 12.53 30.69 16.01
N TYR S 165 11.86 31.16 14.95
CA TYR S 165 10.78 32.15 15.10
C TYR S 165 9.50 31.58 14.50
N THR S 166 8.35 31.88 15.11
CA THR S 166 7.06 31.49 14.55
C THR S 166 6.04 32.62 14.61
N LEU S 167 5.18 32.67 13.60
CA LEU S 167 4.02 33.54 13.63
C LEU S 167 2.81 32.68 13.33
N THR S 168 1.79 32.74 14.18
CA THR S 168 0.61 31.91 14.04
C THR S 168 -0.63 32.79 13.91
N PHE S 169 -1.35 32.63 12.79
CA PHE S 169 -2.68 33.20 12.65
C PHE S 169 -3.68 32.12 13.06
N ARG S 170 -4.35 32.32 14.19
CA ARG S 170 -5.29 31.36 14.71
C ARG S 170 -6.68 31.93 14.65
N PHE S 171 -7.56 31.25 13.92
CA PHE S 171 -8.90 31.73 13.68
C PHE S 171 -9.87 31.03 14.62
N LEU S 172 -10.64 31.83 15.37
CA LEU S 172 -11.38 31.34 16.54
C LEU S 172 -12.80 31.86 16.58
N ASN S 173 -13.62 31.18 17.38
CA ASN S 173 -14.95 31.66 17.75
C ASN S 173 -15.85 31.88 16.54
N PHE S 174 -15.87 30.91 15.64
CA PHE S 174 -16.77 30.93 14.48
C PHE S 174 -18.24 30.88 14.92
N ASN S 175 -18.49 30.33 16.10
CA ASN S 175 -19.84 30.29 16.67
C ASN S 175 -20.46 31.67 16.96
N ARG S 176 -19.69 32.74 16.84
CA ARG S 176 -20.25 34.10 16.81
C ARG S 176 -21.11 34.37 15.57
N LEU S 177 -20.85 33.65 14.48
CA LEU S 177 -21.51 33.93 13.21
C LEU S 177 -23.00 33.57 13.27
N SER S 178 -23.83 34.46 12.74
CA SER S 178 -25.27 34.22 12.68
C SER S 178 -25.65 33.15 11.65
N GLY S 179 -24.75 32.87 10.70
CA GLY S 179 -24.98 31.83 9.71
C GLY S 179 -23.80 31.68 8.77
N GLY S 180 -24.00 30.96 7.69
CA GLY S 180 -22.94 30.76 6.70
C GLY S 180 -22.46 32.07 6.11
N THR S 181 -21.13 32.26 6.10
CA THR S 181 -20.53 33.53 5.71
C THR S 181 -19.34 33.29 4.79
N LEU S 182 -19.23 34.11 3.76
CA LEU S 182 -18.11 34.06 2.82
C LEU S 182 -16.82 34.35 3.60
N PHE S 183 -15.85 33.44 3.53
CA PHE S 183 -14.64 33.57 4.35
C PHE S 183 -13.67 34.51 3.67
N LYS S 184 -14.01 35.79 3.74
CA LYS S 184 -13.26 36.85 3.10
C LYS S 184 -12.95 37.88 4.19
N THR S 185 -11.79 37.73 4.83
CA THR S 185 -11.51 38.49 6.05
C THR S 185 -11.19 39.94 5.76
N ASP S 186 -11.35 40.78 6.78
CA ASP S 186 -10.85 42.14 6.75
C ASP S 186 -9.34 42.16 6.65
N VAL S 187 -8.77 43.35 6.44
CA VAL S 187 -7.33 43.56 6.57
C VAL S 187 -7.01 43.64 8.05
N LEU S 188 -6.16 42.74 8.53
CA LEU S 188 -5.77 42.70 9.93
C LEU S 188 -4.39 43.34 10.12
N THR S 189 -4.20 43.99 11.26
CA THR S 189 -2.92 44.62 11.57
C THR S 189 -2.47 44.29 12.99
N PHE S 190 -1.27 43.72 13.09
CA PHE S 190 -0.62 43.48 14.38
C PHE S 190 0.74 44.17 14.41
N THR S 191 1.38 44.15 15.59
CA THR S 191 2.67 44.80 15.81
C THR S 191 3.49 44.02 16.81
N TYR S 192 4.78 43.87 16.53
CA TYR S 192 5.72 43.34 17.51
C TYR S 192 7.12 43.92 17.35
N VAL S 193 7.96 43.79 18.37
CA VAL S 193 9.31 44.31 18.33
C VAL S 193 10.16 43.42 17.46
N GLY S 194 10.89 44.02 16.54
CA GLY S 194 11.72 43.27 15.60
C GLY S 194 13.04 42.80 16.18
N GLU S 195 13.60 41.78 15.56
CA GLU S 195 14.86 41.21 16.01
C GLU S 195 16.03 42.13 15.66
N ASN S 196 17.08 42.08 16.45
CA ASN S 196 18.28 42.89 16.16
C ASN S 196 19.20 42.19 15.18
N GLN S 197 19.80 42.96 14.28
CA GLN S 197 20.71 42.40 13.28
C GLN S 197 21.77 41.54 13.98
N SER T 4 -5.20 -65.48 -6.59
CA SER T 4 -6.31 -65.46 -7.61
C SER T 4 -5.80 -65.58 -9.04
N LEU T 5 -6.71 -65.90 -9.97
CA LEU T 5 -6.36 -66.19 -11.37
C LEU T 5 -5.55 -65.07 -12.02
N SER T 6 -4.34 -65.41 -12.49
CA SER T 6 -3.44 -64.46 -13.12
C SER T 6 -2.75 -65.03 -14.35
N ILE T 7 -2.15 -64.16 -15.15
CA ILE T 7 -1.47 -64.51 -16.41
C ILE T 7 -0.03 -64.06 -16.39
N THR T 8 0.89 -64.89 -16.86
CA THR T 8 2.33 -64.54 -16.91
C THR T 8 2.60 -63.52 -18.00
N THR T 9 3.31 -62.45 -17.63
CA THR T 9 3.61 -61.33 -18.53
C THR T 9 2.33 -60.71 -19.13
N PRO T 10 1.53 -60.02 -18.29
CA PRO T 10 0.33 -59.26 -18.71
C PRO T 10 0.47 -58.35 -19.95
N GLU T 11 1.67 -57.85 -20.27
CA GLU T 11 1.85 -57.12 -21.53
C GLU T 11 3.14 -57.51 -22.25
N GLU T 12 3.07 -57.55 -23.59
CA GLU T 12 4.18 -57.97 -24.44
C GLU T 12 4.15 -57.33 -25.82
N MET T 13 5.35 -57.17 -26.38
CA MET T 13 5.57 -56.79 -27.78
C MET T 13 6.14 -57.99 -28.51
N ILE T 14 5.53 -58.37 -29.63
CA ILE T 14 6.12 -59.36 -30.55
C ILE T 14 6.33 -58.78 -31.95
N GLU T 15 7.57 -58.78 -32.40
CA GLU T 15 7.91 -58.39 -33.77
C GLU T 15 8.25 -59.63 -34.57
N LYS T 16 7.69 -59.74 -35.78
CA LYS T 16 7.94 -60.89 -36.66
C LYS T 16 7.76 -60.57 -38.15
N ALA T 17 8.49 -61.28 -39.01
CA ALA T 17 8.49 -60.98 -40.44
C ALA T 17 7.29 -61.60 -41.16
N LYS T 18 6.86 -60.98 -42.26
CA LYS T 18 5.76 -61.50 -43.09
C LYS T 18 6.08 -62.90 -43.60
N GLY T 19 5.17 -63.85 -43.36
CA GLY T 19 5.38 -65.24 -43.75
C GLY T 19 5.66 -66.17 -42.58
N GLU T 20 6.41 -65.68 -41.60
CA GLU T 20 6.66 -66.46 -40.37
C GLU T 20 5.35 -66.67 -39.63
N THR T 21 5.39 -67.46 -38.57
CA THR T 21 4.23 -67.61 -37.70
C THR T 21 4.56 -67.04 -36.33
N ALA T 22 3.63 -66.25 -35.80
CA ALA T 22 3.79 -65.66 -34.48
C ALA T 22 3.28 -66.59 -33.37
N TYR T 23 4.09 -66.80 -32.34
CA TYR T 23 3.68 -67.53 -31.16
C TYR T 23 3.19 -66.51 -30.10
N LEU T 24 1.89 -66.47 -29.85
CA LEU T 24 1.31 -65.52 -28.90
C LEU T 24 1.00 -66.24 -27.60
N PRO T 25 1.87 -66.08 -26.59
CA PRO T 25 1.77 -66.89 -25.39
C PRO T 25 0.73 -66.37 -24.39
N CYS T 26 0.05 -67.32 -23.73
CA CYS T 26 -0.97 -67.01 -22.71
C CYS T 26 -0.98 -68.11 -21.66
N LYS T 27 -0.14 -67.94 -20.65
CA LYS T 27 0.02 -68.93 -19.60
C LYS T 27 -0.63 -68.43 -18.32
N PHE T 28 -1.46 -69.24 -17.68
CA PHE T 28 -2.17 -68.78 -16.50
C PHE T 28 -2.05 -69.71 -15.30
N THR T 29 -2.34 -69.17 -14.12
CA THR T 29 -2.42 -69.96 -12.91
C THR T 29 -3.76 -69.79 -12.25
N LEU T 30 -4.32 -70.90 -11.78
CA LEU T 30 -5.58 -70.91 -11.07
C LEU T 30 -5.33 -70.88 -9.57
N SER T 31 -6.39 -70.56 -8.83
CA SER T 31 -6.46 -70.75 -7.37
C SER T 31 -7.60 -71.74 -7.05
N PRO T 32 -7.53 -72.43 -5.90
CA PRO T 32 -8.53 -73.47 -5.65
C PRO T 32 -9.97 -72.96 -5.59
N GLU T 33 -10.13 -71.67 -5.29
CA GLU T 33 -11.43 -70.99 -5.35
C GLU T 33 -12.02 -70.91 -6.77
N ASP T 34 -11.18 -70.97 -7.81
CA ASP T 34 -11.61 -70.82 -9.21
C ASP T 34 -12.37 -72.06 -9.78
N GLN T 35 -13.61 -72.22 -9.35
CA GLN T 35 -14.39 -73.45 -9.59
C GLN T 35 -15.23 -73.43 -10.87
N GLY T 36 -15.25 -72.30 -11.57
CA GLY T 36 -16.15 -72.12 -12.70
C GLY T 36 -15.66 -72.87 -13.92
N PRO T 37 -16.45 -72.89 -14.99
CA PRO T 37 -15.97 -73.53 -16.20
C PRO T 37 -14.83 -72.72 -16.82
N LEU T 38 -13.78 -73.41 -17.27
CA LEU T 38 -12.68 -72.71 -17.91
C LEU T 38 -13.19 -72.13 -19.22
N ASP T 39 -12.95 -70.85 -19.42
CA ASP T 39 -13.71 -70.06 -20.38
C ASP T 39 -12.84 -68.95 -21.00
N ILE T 40 -12.21 -69.27 -22.13
CA ILE T 40 -11.15 -68.48 -22.76
C ILE T 40 -11.53 -67.92 -24.14
N GLU T 41 -11.19 -66.67 -24.41
CA GLU T 41 -11.24 -66.14 -25.79
C GLU T 41 -10.04 -65.29 -26.18
N TRP T 42 -9.71 -65.31 -27.48
CA TRP T 42 -8.73 -64.41 -28.05
C TRP T 42 -9.42 -63.39 -28.94
N LEU T 43 -9.05 -62.12 -28.81
CA LEU T 43 -9.57 -61.08 -29.69
C LEU T 43 -8.43 -60.31 -30.32
N ILE T 44 -8.76 -59.49 -31.31
CA ILE T 44 -7.79 -58.69 -32.06
C ILE T 44 -8.42 -57.32 -32.36
N SER T 45 -7.66 -56.26 -32.08
CA SER T 45 -7.98 -54.90 -32.53
C SER T 45 -7.07 -54.55 -33.71
N PRO T 46 -7.54 -54.75 -34.96
CA PRO T 46 -6.68 -54.52 -36.11
C PRO T 46 -6.33 -53.05 -36.34
N ALA T 47 -5.09 -52.77 -36.71
CA ALA T 47 -4.67 -51.41 -37.09
C ALA T 47 -5.44 -50.94 -38.32
N ASP T 48 -5.69 -51.89 -39.23
CA ASP T 48 -6.44 -51.68 -40.49
C ASP T 48 -7.61 -50.66 -40.44
N ASN T 49 -8.60 -50.96 -39.60
CA ASN T 49 -9.94 -50.37 -39.74
C ASN T 49 -10.58 -49.97 -38.40
N GLN T 50 -11.83 -49.54 -38.47
CA GLN T 50 -12.58 -49.10 -37.27
C GLN T 50 -12.65 -50.18 -36.17
N LYS T 51 -13.14 -51.37 -36.53
CA LYS T 51 -13.49 -52.37 -35.49
C LYS T 51 -12.34 -52.71 -34.53
N VAL T 52 -12.69 -52.83 -33.24
CA VAL T 52 -11.80 -53.26 -32.18
C VAL T 52 -12.44 -54.49 -31.55
N ASP T 53 -11.67 -55.22 -30.76
CA ASP T 53 -12.20 -56.32 -29.95
C ASP T 53 -13.07 -57.27 -30.77
N GLN T 54 -12.46 -57.95 -31.73
CA GLN T 54 -13.16 -58.91 -32.58
C GLN T 54 -12.64 -60.31 -32.29
N VAL T 55 -13.49 -61.19 -31.76
CA VAL T 55 -13.09 -62.59 -31.51
C VAL T 55 -12.43 -63.28 -32.70
N ILE T 56 -11.34 -64.00 -32.42
CA ILE T 56 -10.67 -64.80 -33.45
C ILE T 56 -10.75 -66.31 -33.16
N ILE T 57 -10.64 -66.66 -31.88
CA ILE T 57 -10.75 -68.05 -31.43
C ILE T 57 -11.28 -68.13 -30.01
N LEU T 58 -11.91 -69.26 -29.70
CA LEU T 58 -12.66 -69.47 -28.47
C LEU T 58 -12.35 -70.85 -27.88
N TYR T 59 -12.34 -70.97 -26.56
CA TYR T 59 -12.33 -72.28 -25.90
C TYR T 59 -13.31 -72.24 -24.75
N SER T 60 -14.40 -72.99 -24.88
CA SER T 60 -15.38 -73.16 -23.83
C SER T 60 -15.90 -74.59 -23.89
N GLY T 61 -16.30 -75.11 -22.73
CA GLY T 61 -16.87 -76.45 -22.65
C GLY T 61 -15.98 -77.50 -23.29
N ASP T 62 -14.67 -77.39 -23.02
CA ASP T 62 -13.67 -78.33 -23.55
C ASP T 62 -13.69 -78.48 -25.06
N LYS T 63 -13.89 -77.36 -25.77
CA LYS T 63 -14.08 -77.42 -27.21
C LYS T 63 -13.59 -76.12 -27.83
N ILE T 64 -12.89 -76.23 -28.95
CA ILE T 64 -12.29 -75.07 -29.63
C ILE T 64 -13.26 -74.59 -30.69
N TYR T 65 -13.56 -73.28 -30.68
CA TYR T 65 -14.37 -72.66 -31.74
C TYR T 65 -13.55 -71.57 -32.44
N ASP T 66 -13.40 -71.68 -33.76
CA ASP T 66 -12.50 -70.81 -34.50
C ASP T 66 -13.12 -70.20 -35.77
N ASP T 67 -12.31 -69.42 -36.48
CA ASP T 67 -12.74 -68.85 -37.75
C ASP T 67 -14.00 -67.98 -37.58
N TYR T 68 -13.87 -66.99 -36.72
CA TYR T 68 -14.84 -65.91 -36.56
C TYR T 68 -14.43 -64.70 -37.39
N TYR T 69 -13.12 -64.45 -37.42
CA TYR T 69 -12.53 -63.32 -38.11
C TYR T 69 -12.09 -63.78 -39.52
N PRO T 70 -12.79 -63.32 -40.56
CA PRO T 70 -12.56 -63.94 -41.86
C PRO T 70 -11.12 -63.90 -42.33
N ASP T 71 -10.40 -62.80 -42.08
CA ASP T 71 -9.03 -62.67 -42.59
C ASP T 71 -8.13 -63.76 -42.01
N LEU T 72 -8.41 -64.16 -40.78
CA LEU T 72 -7.59 -65.18 -40.08
C LEU T 72 -7.99 -66.63 -40.34
N LYS T 73 -9.08 -66.84 -41.06
CA LYS T 73 -9.60 -68.18 -41.40
C LYS T 73 -8.49 -69.21 -41.67
N GLY T 74 -8.44 -70.24 -40.83
CA GLY T 74 -7.53 -71.36 -41.04
C GLY T 74 -6.07 -71.11 -40.68
N ARG T 75 -5.76 -69.96 -40.10
CA ARG T 75 -4.39 -69.61 -39.75
C ARG T 75 -4.16 -69.42 -38.24
N VAL T 76 -5.20 -69.54 -37.42
CA VAL T 76 -5.08 -69.44 -35.97
C VAL T 76 -5.40 -70.75 -35.28
N HIS T 77 -4.48 -71.26 -34.46
CA HIS T 77 -4.79 -72.43 -33.63
C HIS T 77 -4.09 -72.38 -32.28
N PHE T 78 -4.68 -73.05 -31.28
CA PHE T 78 -4.08 -73.19 -29.96
C PHE T 78 -2.89 -74.14 -30.07
N THR T 79 -1.80 -73.84 -29.38
CA THR T 79 -0.60 -74.62 -29.57
C THR T 79 -0.49 -75.76 -28.57
N SER T 80 -1.41 -75.84 -27.59
CA SER T 80 -1.20 -76.73 -26.43
C SER T 80 -2.22 -77.83 -26.20
N ASN T 81 -1.77 -79.09 -26.31
CA ASN T 81 -2.63 -80.26 -26.01
C ASN T 81 -3.05 -80.37 -24.54
N ASP T 82 -2.44 -79.57 -23.67
CA ASP T 82 -2.80 -79.58 -22.25
C ASP T 82 -3.21 -78.17 -21.83
N LEU T 83 -4.15 -77.63 -22.57
CA LEU T 83 -4.58 -76.24 -22.42
C LEU T 83 -5.15 -75.92 -21.04
N LYS T 84 -6.07 -76.75 -20.55
CA LYS T 84 -6.67 -76.52 -19.24
C LYS T 84 -5.69 -76.51 -18.03
N SER T 85 -4.48 -77.03 -18.22
CA SER T 85 -3.43 -76.93 -17.20
C SER T 85 -2.78 -75.55 -17.13
N GLY T 86 -3.13 -74.65 -18.04
CA GLY T 86 -2.66 -73.28 -17.97
C GLY T 86 -1.99 -72.71 -19.19
N ASP T 87 -2.19 -73.31 -20.36
CA ASP T 87 -1.60 -72.78 -21.60
C ASP T 87 -2.63 -72.55 -22.70
N ALA T 88 -3.10 -71.31 -22.78
CA ALA T 88 -3.99 -70.87 -23.85
C ALA T 88 -3.25 -70.20 -25.02
N SER T 89 -1.96 -70.49 -25.20
CA SER T 89 -1.19 -69.82 -26.22
C SER T 89 -1.69 -70.16 -27.61
N ILE T 90 -1.60 -69.19 -28.54
CA ILE T 90 -1.98 -69.40 -29.95
C ILE T 90 -0.83 -69.20 -30.94
N ASN T 91 -0.95 -69.90 -32.08
CA ASN T 91 -0.10 -69.71 -33.25
C ASN T 91 -0.86 -68.89 -34.27
N VAL T 92 -0.14 -68.06 -35.03
CA VAL T 92 -0.74 -67.36 -36.16
C VAL T 92 0.15 -67.59 -37.38
N THR T 93 -0.10 -68.67 -38.13
CA THR T 93 0.77 -69.05 -39.25
C THR T 93 0.69 -68.10 -40.45
N ASN T 94 1.77 -68.05 -41.23
CA ASN T 94 1.79 -67.29 -42.48
C ASN T 94 1.31 -65.83 -42.36
N LEU T 95 1.95 -65.12 -41.43
CA LEU T 95 1.57 -63.74 -41.08
C LEU T 95 1.39 -62.84 -42.32
N GLN T 96 0.49 -61.86 -42.20
CA GLN T 96 0.17 -60.91 -43.26
C GLN T 96 0.23 -59.48 -42.71
N LEU T 97 0.25 -58.50 -43.62
CA LEU T 97 0.13 -57.08 -43.24
C LEU T 97 -1.14 -56.82 -42.43
N SER T 98 -2.23 -57.46 -42.83
CA SER T 98 -3.52 -57.24 -42.20
C SER T 98 -3.64 -57.84 -40.78
N ASP T 99 -2.64 -58.64 -40.38
CA ASP T 99 -2.60 -59.23 -39.02
C ASP T 99 -2.05 -58.28 -37.95
N ILE T 100 -1.59 -57.09 -38.34
CA ILE T 100 -1.01 -56.12 -37.40
C ILE T 100 -2.09 -55.52 -36.49
N GLY T 101 -1.89 -55.63 -35.18
CA GLY T 101 -2.83 -55.08 -34.22
C GLY T 101 -2.48 -55.52 -32.81
N THR T 102 -3.36 -55.21 -31.86
CA THR T 102 -3.20 -55.69 -30.48
C THR T 102 -4.09 -56.89 -30.26
N TYR T 103 -3.51 -57.97 -29.73
CA TYR T 103 -4.26 -59.21 -29.46
C TYR T 103 -4.54 -59.32 -27.98
N GLN T 104 -5.72 -59.82 -27.65
CA GLN T 104 -6.16 -59.92 -26.26
C GLN T 104 -6.53 -61.37 -25.91
N CYS T 105 -5.87 -61.92 -24.89
CA CYS T 105 -6.18 -63.26 -24.37
C CYS T 105 -6.96 -63.13 -23.08
N LYS T 106 -8.23 -63.54 -23.08
CA LYS T 106 -9.05 -63.41 -21.89
C LYS T 106 -9.34 -64.78 -21.32
N VAL T 107 -8.98 -64.97 -20.05
CA VAL T 107 -9.19 -66.22 -19.31
C VAL T 107 -10.15 -65.99 -18.13
N LYS T 108 -11.26 -66.71 -18.14
CA LYS T 108 -12.20 -66.70 -17.04
C LYS T 108 -12.25 -68.08 -16.43
N LYS T 109 -12.26 -68.12 -15.10
CA LYS T 109 -12.63 -69.32 -14.35
C LYS T 109 -13.23 -68.88 -13.00
N ALA T 110 -14.55 -68.70 -12.98
CA ALA T 110 -15.20 -67.91 -11.96
C ALA T 110 -14.80 -68.36 -10.56
N PRO T 111 -14.57 -67.40 -9.65
CA PRO T 111 -14.66 -65.96 -9.84
C PRO T 111 -13.46 -65.31 -10.54
N GLY T 112 -12.52 -66.10 -11.04
CA GLY T 112 -11.30 -65.57 -11.64
C GLY T 112 -11.46 -64.97 -13.03
N VAL T 113 -10.67 -63.93 -13.28
CA VAL T 113 -10.63 -63.26 -14.58
C VAL T 113 -9.25 -62.64 -14.68
N ALA T 114 -8.59 -62.83 -15.80
CA ALA T 114 -7.35 -62.11 -16.06
C ALA T 114 -7.18 -62.02 -17.56
N ASN T 115 -6.50 -60.97 -18.03
CA ASN T 115 -6.14 -60.94 -19.46
C ASN T 115 -4.80 -60.36 -19.81
N LYS T 116 -4.37 -60.70 -21.02
CA LYS T 116 -3.08 -60.29 -21.55
C LYS T 116 -3.28 -59.45 -22.80
N LYS T 117 -2.41 -58.45 -23.00
CA LYS T 117 -2.38 -57.70 -24.26
C LYS T 117 -1.06 -57.94 -24.99
N ILE T 118 -1.12 -58.24 -26.29
CA ILE T 118 0.07 -58.49 -27.10
C ILE T 118 0.06 -57.66 -28.39
N HIS T 119 1.00 -56.73 -28.49
CA HIS T 119 1.12 -55.91 -29.71
C HIS T 119 1.96 -56.66 -30.74
N LEU T 120 1.35 -57.03 -31.86
CA LEU T 120 2.00 -57.82 -32.93
C LEU T 120 2.42 -56.92 -34.09
N VAL T 121 3.70 -56.97 -34.46
CA VAL T 121 4.23 -56.09 -35.50
C VAL T 121 4.88 -56.90 -36.63
N VAL T 122 4.22 -56.92 -37.79
CA VAL T 122 4.72 -57.62 -38.97
C VAL T 122 5.46 -56.65 -39.89
N ALA U 2 78.47 45.82 -13.93
CA ALA U 2 77.56 45.26 -14.97
C ALA U 2 76.10 45.61 -14.69
N ARG U 3 75.23 45.31 -15.67
CA ARG U 3 73.85 45.78 -15.71
C ARG U 3 72.84 44.68 -15.39
N SER U 4 72.98 43.53 -16.05
CA SER U 4 72.30 42.27 -15.62
C SER U 4 73.30 41.11 -15.76
N LEU U 5 72.85 39.87 -15.57
CA LEU U 5 73.75 38.74 -15.76
C LEU U 5 73.93 38.46 -17.24
N SER U 6 75.15 38.55 -17.75
CA SER U 6 75.42 38.18 -19.14
C SER U 6 76.86 37.70 -19.35
N ILE U 7 77.03 36.86 -20.37
CA ILE U 7 78.29 36.22 -20.70
C ILE U 7 78.93 37.02 -21.81
N THR U 8 80.27 37.06 -21.81
CA THR U 8 81.02 37.78 -22.86
C THR U 8 81.38 36.84 -24.02
N THR U 9 81.40 37.43 -25.22
CA THR U 9 81.39 36.71 -26.52
C THR U 9 80.53 35.43 -26.47
N PRO U 10 79.18 35.60 -26.45
CA PRO U 10 78.20 34.51 -26.25
C PRO U 10 78.21 33.37 -27.29
N GLU U 11 78.95 33.50 -28.37
CA GLU U 11 79.14 32.39 -29.30
C GLU U 11 80.55 32.42 -29.90
N GLU U 12 81.16 31.24 -30.05
CA GLU U 12 82.50 31.10 -30.67
C GLU U 12 82.57 29.85 -31.52
N MET U 13 83.55 29.80 -32.42
CA MET U 13 83.74 28.65 -33.31
C MET U 13 85.16 28.12 -33.19
N ILE U 14 85.47 27.48 -32.06
CA ILE U 14 86.81 26.95 -31.76
C ILE U 14 87.16 25.71 -32.59
N GLU U 15 88.38 25.70 -33.14
CA GLU U 15 88.90 24.57 -33.95
C GLU U 15 90.22 24.07 -33.38
N LYS U 16 90.34 22.74 -33.20
CA LYS U 16 91.52 22.11 -32.57
C LYS U 16 91.82 20.75 -33.21
N ALA U 17 92.98 20.17 -32.89
CA ALA U 17 93.36 18.85 -33.39
C ALA U 17 93.28 17.80 -32.28
N LYS U 18 93.08 16.53 -32.68
CA LYS U 18 92.96 15.41 -31.73
C LYS U 18 94.19 15.29 -30.83
N GLY U 19 93.98 14.90 -29.57
CA GLY U 19 95.07 14.80 -28.61
C GLY U 19 95.24 16.06 -27.77
N GLU U 20 95.00 17.22 -28.36
CA GLU U 20 95.08 18.50 -27.65
C GLU U 20 94.03 18.65 -26.56
N THR U 21 94.19 19.70 -25.76
CA THR U 21 93.34 19.98 -24.63
C THR U 21 92.55 21.27 -24.89
N ALA U 22 91.28 21.14 -25.27
CA ALA U 22 90.46 22.27 -25.74
C ALA U 22 90.06 23.23 -24.61
N TYR U 23 90.20 24.53 -24.83
CA TYR U 23 89.83 25.53 -23.82
C TYR U 23 88.54 26.24 -24.17
N LEU U 24 87.48 25.96 -23.39
CA LEU U 24 86.16 26.51 -23.64
C LEU U 24 85.83 27.61 -22.62
N PRO U 25 85.88 28.88 -23.04
CA PRO U 25 85.70 29.96 -22.10
C PRO U 25 84.23 30.32 -21.88
N CYS U 26 83.95 30.85 -20.71
CA CYS U 26 82.60 31.23 -20.30
C CYS U 26 82.70 32.20 -19.13
N LYS U 27 83.04 33.43 -19.44
CA LYS U 27 83.19 34.50 -18.45
C LYS U 27 81.91 35.34 -18.37
N PHE U 28 81.40 35.53 -17.16
CA PHE U 28 80.14 36.24 -16.97
C PHE U 28 80.21 37.38 -15.96
N THR U 29 79.30 38.32 -16.08
CA THR U 29 79.19 39.41 -15.13
C THR U 29 77.82 39.43 -14.48
N LEU U 30 77.80 39.91 -13.24
CA LEU U 30 76.58 39.97 -12.44
C LEU U 30 76.20 41.41 -12.18
N SER U 31 74.93 41.61 -11.81
CA SER U 31 74.46 42.90 -11.36
C SER U 31 74.12 42.76 -9.89
N PRO U 32 73.92 43.89 -9.21
CA PRO U 32 73.73 43.84 -7.77
C PRO U 32 72.44 43.13 -7.33
N GLU U 33 71.45 43.10 -8.20
CA GLU U 33 70.17 42.46 -7.91
C GLU U 33 70.23 40.91 -8.03
N ASP U 34 71.30 40.38 -8.62
CA ASP U 34 71.45 38.94 -8.85
C ASP U 34 71.77 38.24 -7.53
N GLN U 35 70.73 38.00 -6.75
CA GLN U 35 70.85 37.61 -5.34
C GLN U 35 70.72 36.11 -5.12
N GLY U 36 70.31 35.38 -6.14
CA GLY U 36 70.12 33.95 -6.02
C GLY U 36 71.42 33.19 -5.87
N PRO U 37 71.33 31.89 -5.56
CA PRO U 37 72.53 31.07 -5.52
C PRO U 37 73.10 30.88 -6.91
N LEU U 38 74.43 30.93 -7.02
CA LEU U 38 75.11 30.72 -8.30
C LEU U 38 74.94 29.28 -8.75
N ASP U 39 74.52 29.11 -10.00
CA ASP U 39 73.97 27.86 -10.49
C ASP U 39 74.41 27.64 -11.97
N ILE U 40 75.55 26.97 -12.13
CA ILE U 40 76.14 26.77 -13.45
C ILE U 40 76.01 25.34 -13.92
N GLU U 41 75.78 25.17 -15.22
CA GLU U 41 75.99 23.88 -15.88
C GLU U 41 76.44 23.99 -17.34
N TRP U 42 77.26 23.03 -17.76
CA TRP U 42 77.67 22.87 -19.15
C TRP U 42 76.92 21.71 -19.78
N LEU U 43 76.36 21.95 -20.96
CA LEU U 43 75.68 20.90 -21.71
C LEU U 43 76.45 20.62 -23.01
N ILE U 44 76.28 19.42 -23.57
CA ILE U 44 76.91 19.03 -24.82
C ILE U 44 75.85 18.55 -25.82
N SER U 45 75.82 19.16 -27.00
CA SER U 45 75.00 18.67 -28.11
C SER U 45 75.92 18.06 -29.17
N PRO U 46 76.24 16.75 -29.04
CA PRO U 46 77.21 16.11 -29.93
C PRO U 46 76.72 16.00 -31.37
N ALA U 47 77.66 16.14 -32.32
CA ALA U 47 77.36 16.07 -33.74
C ALA U 47 76.95 14.65 -34.13
N ASP U 48 77.76 13.67 -33.72
CA ASP U 48 77.59 12.27 -34.12
C ASP U 48 76.37 11.57 -33.52
N ASN U 49 75.88 12.07 -32.38
CA ASN U 49 74.75 11.44 -31.68
C ASN U 49 73.38 11.97 -32.11
N GLN U 50 72.34 11.20 -31.77
CA GLN U 50 70.97 11.61 -32.01
C GLN U 50 70.52 12.66 -30.97
N LYS U 51 70.85 12.45 -29.70
CA LYS U 51 70.36 13.31 -28.60
C LYS U 51 71.06 14.69 -28.54
N VAL U 52 70.54 15.57 -27.69
CA VAL U 52 70.94 16.99 -27.65
C VAL U 52 70.70 17.61 -26.26
N ASP U 53 71.56 18.56 -25.88
CA ASP U 53 71.55 19.22 -24.55
C ASP U 53 71.89 18.28 -23.37
N GLN U 54 72.87 17.40 -23.53
CA GLN U 54 73.25 16.47 -22.45
C GLN U 54 74.31 17.08 -21.49
N VAL U 55 74.06 16.93 -20.20
CA VAL U 55 74.85 17.59 -19.17
C VAL U 55 76.24 16.97 -19.06
N ILE U 56 77.27 17.81 -18.96
CA ILE U 56 78.65 17.31 -18.82
C ILE U 56 79.29 17.74 -17.49
N ILE U 57 79.12 19.01 -17.08
CA ILE U 57 79.66 19.46 -15.79
C ILE U 57 78.74 20.47 -15.10
N LEU U 58 78.83 20.50 -13.78
CA LEU U 58 77.84 21.17 -12.96
C LEU U 58 78.47 21.87 -11.75
N TYR U 59 78.04 23.09 -11.45
CA TYR U 59 78.46 23.81 -10.24
C TYR U 59 77.24 24.37 -9.51
N SER U 60 77.04 23.88 -8.29
CA SER U 60 75.94 24.30 -7.44
C SER U 60 76.36 24.17 -6.00
N GLY U 61 75.86 25.07 -5.16
CA GLY U 61 76.17 25.07 -3.73
C GLY U 61 77.65 25.01 -3.44
N ASP U 62 78.42 25.76 -4.22
CA ASP U 62 79.88 25.78 -4.12
C ASP U 62 80.50 24.39 -4.18
N LYS U 63 80.05 23.58 -5.13
CA LYS U 63 80.58 22.23 -5.32
C LYS U 63 80.43 21.74 -6.77
N ILE U 64 81.50 21.09 -7.27
CA ILE U 64 81.54 20.55 -8.63
C ILE U 64 81.01 19.12 -8.66
N TYR U 65 80.09 18.84 -9.57
CA TYR U 65 79.64 17.48 -9.85
C TYR U 65 79.95 17.22 -11.33
N ASP U 66 80.71 16.15 -11.62
CA ASP U 66 81.30 16.00 -12.96
C ASP U 66 80.92 14.76 -13.79
N ASP U 67 80.79 13.61 -13.18
CA ASP U 67 80.64 12.40 -13.98
C ASP U 67 79.20 12.09 -14.40
N TYR U 68 78.70 12.91 -15.34
CA TYR U 68 77.36 12.77 -15.93
C TYR U 68 77.44 12.24 -17.36
N TYR U 69 78.41 12.74 -18.13
CA TYR U 69 78.62 12.32 -19.52
C TYR U 69 79.69 11.21 -19.58
N PRO U 70 79.32 10.01 -20.09
CA PRO U 70 80.26 8.89 -20.06
C PRO U 70 81.48 9.11 -20.94
N ASP U 71 81.28 9.60 -22.16
CA ASP U 71 82.39 9.81 -23.10
C ASP U 71 83.37 10.93 -22.73
N LEU U 72 83.13 11.61 -21.61
CA LEU U 72 84.09 12.58 -21.10
C LEU U 72 84.43 12.37 -19.62
N LYS U 73 84.16 11.16 -19.11
CA LYS U 73 84.52 10.86 -17.73
C LYS U 73 86.02 11.06 -17.55
N GLY U 74 86.38 11.85 -16.53
CA GLY U 74 87.77 12.15 -16.23
C GLY U 74 88.41 13.22 -17.09
N ARG U 75 87.77 13.61 -18.20
CA ARG U 75 88.41 14.47 -19.19
C ARG U 75 87.85 15.90 -19.25
N VAL U 76 87.08 16.31 -18.24
CA VAL U 76 86.62 17.70 -18.14
C VAL U 76 86.75 18.25 -16.73
N HIS U 77 87.38 19.42 -16.62
CA HIS U 77 87.39 20.17 -15.34
C HIS U 77 87.18 21.69 -15.54
N PHE U 78 86.76 22.37 -14.48
CA PHE U 78 86.68 23.83 -14.49
C PHE U 78 88.11 24.34 -14.42
N THR U 79 88.44 25.32 -15.26
CA THR U 79 89.81 25.83 -15.31
C THR U 79 90.14 26.78 -14.17
N SER U 80 89.15 27.53 -13.67
CA SER U 80 89.38 28.55 -12.64
C SER U 80 89.06 28.05 -11.24
N ASN U 81 89.94 28.32 -10.28
CA ASN U 81 89.65 28.00 -8.88
C ASN U 81 89.04 29.21 -8.15
N ASP U 82 88.44 30.12 -8.93
CA ASP U 82 87.52 31.12 -8.38
C ASP U 82 86.35 31.35 -9.33
N LEU U 83 85.59 30.27 -9.59
CA LEU U 83 84.43 30.33 -10.49
C LEU U 83 83.50 31.49 -10.20
N LYS U 84 83.09 31.58 -8.93
CA LYS U 84 82.03 32.51 -8.54
C LYS U 84 82.35 33.98 -8.85
N SER U 85 83.64 34.31 -8.88
CA SER U 85 84.07 35.63 -9.30
C SER U 85 83.77 35.91 -10.78
N GLY U 86 83.33 34.89 -11.53
CA GLY U 86 82.85 35.05 -12.90
C GLY U 86 83.52 34.19 -13.99
N ASP U 87 84.26 33.14 -13.62
CA ASP U 87 84.97 32.32 -14.62
C ASP U 87 84.48 30.89 -14.60
N ALA U 88 83.40 30.62 -15.34
CA ALA U 88 82.87 29.27 -15.50
C ALA U 88 83.63 28.40 -16.52
N SER U 89 84.74 28.91 -17.07
CA SER U 89 85.45 28.19 -18.13
C SER U 89 85.86 26.76 -17.74
N ILE U 90 85.93 25.90 -18.74
CA ILE U 90 86.41 24.52 -18.58
C ILE U 90 87.33 24.13 -19.72
N ASN U 91 88.16 23.14 -19.49
CA ASN U 91 88.89 22.54 -20.60
C ASN U 91 88.62 21.04 -20.71
N VAL U 92 88.58 20.58 -21.97
CA VAL U 92 88.42 19.19 -22.31
C VAL U 92 89.78 18.64 -22.73
N THR U 93 90.35 17.78 -21.90
CA THR U 93 91.68 17.23 -22.14
C THR U 93 91.59 16.09 -23.16
N ASN U 94 92.62 15.93 -23.98
CA ASN U 94 92.72 14.79 -24.91
C ASN U 94 91.55 14.69 -25.92
N LEU U 95 91.43 15.68 -26.80
CA LEU U 95 90.32 15.74 -27.74
C LEU U 95 90.20 14.48 -28.60
N GLN U 96 88.97 14.01 -28.81
CA GLN U 96 88.68 12.91 -29.72
C GLN U 96 87.72 13.40 -30.81
N LEU U 97 87.57 12.59 -31.86
CA LEU U 97 86.69 12.94 -32.97
C LEU U 97 85.22 12.88 -32.56
N SER U 98 84.91 12.06 -31.56
CA SER U 98 83.55 11.96 -31.03
C SER U 98 83.15 13.13 -30.12
N ASP U 99 84.08 14.06 -29.88
CA ASP U 99 83.79 15.27 -29.10
C ASP U 99 83.28 16.45 -29.95
N ILE U 100 83.12 16.27 -31.26
CA ILE U 100 82.57 17.33 -32.10
C ILE U 100 81.12 17.60 -31.70
N GLY U 101 80.75 18.88 -31.59
CA GLY U 101 79.37 19.28 -31.27
C GLY U 101 79.27 20.69 -30.71
N THR U 102 78.04 21.12 -30.44
CA THR U 102 77.78 22.43 -29.82
C THR U 102 77.78 22.31 -28.30
N TYR U 103 78.82 22.85 -27.66
CA TYR U 103 78.87 22.87 -26.20
C TYR U 103 78.15 24.12 -25.70
N GLN U 104 77.54 24.04 -24.51
CA GLN U 104 76.71 25.13 -24.00
C GLN U 104 76.92 25.40 -22.51
N CYS U 105 76.99 26.69 -22.15
CA CYS U 105 77.29 27.15 -20.79
C CYS U 105 76.16 28.05 -20.28
N LYS U 106 75.31 27.51 -19.40
CA LYS U 106 74.13 28.22 -18.89
C LYS U 106 74.42 28.73 -17.48
N VAL U 107 74.39 30.05 -17.28
CA VAL U 107 74.68 30.61 -15.95
C VAL U 107 73.42 31.21 -15.35
N LYS U 108 73.11 30.81 -14.13
CA LYS U 108 71.92 31.28 -13.38
C LYS U 108 72.30 31.92 -12.04
N LYS U 109 71.76 33.09 -11.76
CA LYS U 109 71.87 33.70 -10.43
C LYS U 109 70.71 34.66 -10.25
N ALA U 110 69.59 34.11 -9.75
CA ALA U 110 68.29 34.76 -9.89
C ALA U 110 68.33 36.23 -9.48
N PRO U 111 67.62 37.08 -10.23
CA PRO U 111 66.82 36.72 -11.38
C PRO U 111 67.60 36.60 -12.69
N GLY U 112 68.92 36.79 -12.63
CA GLY U 112 69.75 36.80 -13.82
C GLY U 112 69.96 35.43 -14.46
N VAL U 113 69.93 35.42 -15.79
CA VAL U 113 70.04 34.20 -16.56
C VAL U 113 70.70 34.52 -17.88
N ALA U 114 71.60 33.65 -18.32
CA ALA U 114 72.19 33.81 -19.64
C ALA U 114 72.91 32.55 -20.05
N ASN U 115 73.15 32.42 -21.35
CA ASN U 115 74.01 31.34 -21.83
C ASN U 115 74.81 31.63 -23.08
N LYS U 116 75.81 30.77 -23.29
CA LYS U 116 76.78 30.85 -24.38
C LYS U 116 76.84 29.49 -25.08
N LYS U 117 76.99 29.52 -26.39
CA LYS U 117 77.19 28.33 -27.20
C LYS U 117 78.64 28.33 -27.71
N ILE U 118 79.29 27.16 -27.75
CA ILE U 118 80.57 27.01 -28.45
C ILE U 118 80.50 25.83 -29.41
N HIS U 119 80.92 26.05 -30.65
CA HIS U 119 80.96 25.00 -31.66
C HIS U 119 82.39 24.45 -31.80
N LEU U 120 82.63 23.31 -31.14
CA LEU U 120 83.96 22.66 -31.14
C LEU U 120 84.12 21.71 -32.32
N VAL U 121 85.13 21.98 -33.15
CA VAL U 121 85.46 21.12 -34.29
C VAL U 121 86.81 20.47 -34.05
N VAL U 122 87.03 19.29 -34.66
CA VAL U 122 88.30 18.54 -34.55
C VAL U 122 88.78 18.02 -35.92
N ALA V 2 29.12 35.86 26.93
CA ALA V 2 30.59 35.83 26.70
C ALA V 2 30.98 36.48 25.36
N ARG V 3 32.28 36.63 25.13
CA ARG V 3 32.81 37.35 23.94
C ARG V 3 33.03 36.44 22.70
N SER V 4 33.36 35.17 22.94
CA SER V 4 33.31 34.13 21.89
C SER V 4 33.15 32.76 22.58
N LEU V 5 33.31 31.67 21.81
CA LEU V 5 33.21 30.34 22.39
C LEU V 5 34.49 29.97 23.13
N SER V 6 34.38 29.65 24.42
CA SER V 6 35.53 29.18 25.22
C SER V 6 35.14 28.32 26.44
N ILE V 7 36.04 27.43 26.84
CA ILE V 7 35.80 26.45 27.90
C ILE V 7 36.55 26.88 29.15
N THR V 8 35.86 26.93 30.29
CA THR V 8 36.54 27.25 31.55
C THR V 8 37.49 26.12 31.93
N THR V 9 38.68 26.48 32.41
CA THR V 9 39.73 25.52 32.76
C THR V 9 40.04 24.57 31.61
N PRO V 10 40.83 25.05 30.63
CA PRO V 10 41.12 24.19 29.48
C PRO V 10 42.23 23.13 29.72
N GLU V 11 42.86 23.12 30.89
CA GLU V 11 43.85 22.08 31.25
C GLU V 11 43.58 21.60 32.67
N GLU V 12 43.64 20.30 32.87
CA GLU V 12 43.25 19.70 34.15
C GLU V 12 43.87 18.32 34.27
N MET V 13 44.27 17.96 35.49
CA MET V 13 44.91 16.68 35.75
C MET V 13 44.10 16.03 36.88
N ILE V 14 43.16 15.16 36.51
CA ILE V 14 42.25 14.49 37.46
C ILE V 14 42.77 13.10 37.83
N GLU V 15 42.63 12.76 39.11
CA GLU V 15 43.19 11.53 39.69
C GLU V 15 42.08 10.79 40.43
N LYS V 16 41.87 9.52 40.08
CA LYS V 16 40.88 8.66 40.77
C LYS V 16 41.42 7.23 40.94
N ALA V 17 40.73 6.43 41.77
CA ALA V 17 41.09 5.01 42.00
C ALA V 17 40.21 4.09 41.15
N LYS V 18 40.73 2.93 40.74
CA LYS V 18 39.98 2.07 39.80
C LYS V 18 38.60 1.72 40.34
N GLY V 19 37.60 1.68 39.48
CA GLY V 19 36.21 1.37 39.90
C GLY V 19 35.36 2.60 40.19
N GLU V 20 35.99 3.68 40.64
CA GLU V 20 35.29 4.94 40.83
C GLU V 20 34.93 5.48 39.46
N THR V 21 34.06 6.47 39.42
CA THR V 21 33.74 7.13 38.16
C THR V 21 34.36 8.53 38.19
N ALA V 22 35.01 8.90 37.09
CA ALA V 22 35.68 10.21 36.99
C ALA V 22 34.77 11.21 36.31
N TYR V 23 34.52 12.34 36.96
CA TYR V 23 33.75 13.42 36.37
C TYR V 23 34.73 14.29 35.56
N LEU V 24 34.60 14.28 34.23
CA LEU V 24 35.43 15.09 33.35
C LEU V 24 34.65 16.32 32.87
N PRO V 25 34.87 17.49 33.49
CA PRO V 25 34.06 18.68 33.19
C PRO V 25 34.43 19.39 31.89
N CYS V 26 33.40 19.76 31.11
CA CYS V 26 33.58 20.57 29.91
C CYS V 26 32.49 21.63 29.82
N LYS V 27 32.68 22.70 30.56
CA LYS V 27 31.68 23.75 30.62
C LYS V 27 32.16 24.88 29.74
N PHE V 28 31.26 25.40 28.91
CA PHE V 28 31.63 26.40 27.91
C PHE V 28 30.62 27.53 27.82
N THR V 29 31.07 28.68 27.33
CA THR V 29 30.20 29.83 27.09
C THR V 29 30.11 30.11 25.61
N LEU V 30 28.90 30.43 25.15
CA LEU V 30 28.66 30.81 23.76
C LEU V 30 28.60 32.34 23.62
N SER V 31 28.34 32.80 22.40
CA SER V 31 28.21 34.22 22.10
C SER V 31 27.23 34.38 20.96
N PRO V 32 26.61 35.56 20.80
CA PRO V 32 25.48 35.70 19.88
C PRO V 32 25.86 35.48 18.42
N GLU V 33 27.14 35.66 18.10
CA GLU V 33 27.67 35.40 16.74
C GLU V 33 27.72 33.90 16.40
N ASP V 34 27.77 33.03 17.42
CA ASP V 34 27.89 31.58 17.20
C ASP V 34 26.58 30.93 16.75
N GLN V 35 26.18 31.23 15.52
CA GLN V 35 24.88 30.80 14.99
C GLN V 35 24.91 29.41 14.35
N GLY V 36 26.08 28.78 14.31
CA GLY V 36 26.20 27.44 13.74
C GLY V 36 25.51 26.38 14.59
N PRO V 37 25.50 25.13 14.10
CA PRO V 37 24.91 24.03 14.85
C PRO V 37 25.88 23.51 15.89
N LEU V 38 25.39 23.23 17.09
CA LEU V 38 26.24 22.79 18.19
C LEU V 38 26.78 21.39 17.93
N ASP V 39 28.10 21.25 17.96
CA ASP V 39 28.79 20.09 17.42
C ASP V 39 29.92 19.66 18.38
N ILE V 40 29.62 18.75 19.31
CA ILE V 40 30.54 18.38 20.39
C ILE V 40 31.17 16.98 20.21
N GLU V 41 32.39 16.83 20.72
CA GLU V 41 33.15 15.61 20.52
C GLU V 41 34.13 15.39 21.68
N TRP V 42 34.21 14.15 22.16
CA TRP V 42 35.23 13.73 23.12
C TRP V 42 36.16 12.66 22.53
N LEU V 43 37.46 12.86 22.71
CA LEU V 43 38.47 11.92 22.19
C LEU V 43 39.33 11.40 23.34
N ILE V 44 40.00 10.27 23.11
CA ILE V 44 40.98 9.73 24.06
C ILE V 44 42.29 9.47 23.32
N SER V 45 43.40 9.77 24.00
CA SER V 45 44.71 9.40 23.52
C SER V 45 45.31 8.56 24.63
N PRO V 46 45.12 7.24 24.59
CA PRO V 46 45.52 6.39 25.70
C PRO V 46 47.03 6.33 25.93
N ALA V 47 47.38 6.01 27.17
CA ALA V 47 48.77 5.94 27.63
C ALA V 47 49.35 4.57 27.35
N ASP V 48 48.50 3.56 27.33
CA ASP V 48 48.95 2.17 27.15
C ASP V 48 49.05 1.74 25.68
N ASN V 49 48.96 2.69 24.74
CA ASN V 49 49.40 2.44 23.37
C ASN V 49 49.55 3.72 22.52
N GLN V 50 49.95 3.51 21.27
CA GLN V 50 50.49 4.56 20.40
C GLN V 50 49.37 5.28 19.63
N LYS V 51 48.13 4.82 19.81
CA LYS V 51 46.97 5.50 19.27
C LYS V 51 46.77 6.90 19.89
N VAL V 52 46.30 7.80 19.03
CA VAL V 52 46.11 9.21 19.32
C VAL V 52 44.71 9.53 18.85
N ASP V 53 43.95 10.27 19.65
CA ASP V 53 42.69 10.89 19.21
C ASP V 53 41.59 9.93 18.72
N GLN V 54 41.17 8.99 19.56
CA GLN V 54 40.06 8.12 19.21
C GLN V 54 38.74 8.67 19.83
N VAL V 55 37.74 8.90 18.98
CA VAL V 55 36.43 9.34 19.43
C VAL V 55 35.88 8.36 20.44
N ILE V 56 35.28 8.88 21.50
CA ILE V 56 34.54 8.05 22.46
C ILE V 56 33.03 8.37 22.39
N ILE V 57 32.68 9.65 22.36
CA ILE V 57 31.27 10.09 22.32
C ILE V 57 31.14 11.41 21.55
N LEU V 58 29.99 11.64 20.94
CA LEU V 58 29.74 12.93 20.27
C LEU V 58 28.26 13.34 20.29
N TYR V 59 28.02 14.62 20.01
CA TYR V 59 26.68 15.20 20.04
C TYR V 59 26.50 16.10 18.82
N SER V 60 25.65 15.68 17.88
CA SER V 60 25.41 16.48 16.69
C SER V 60 23.93 16.41 16.27
N GLY V 61 23.38 17.54 15.84
CA GLY V 61 21.97 17.62 15.50
C GLY V 61 21.07 17.12 16.63
N ASP V 62 21.42 17.51 17.87
CA ASP V 62 20.69 17.13 19.10
C ASP V 62 20.54 15.62 19.38
N LYS V 63 21.50 14.82 18.92
CA LYS V 63 21.55 13.41 19.26
C LYS V 63 22.90 13.08 19.87
N ILE V 64 22.94 12.06 20.72
CA ILE V 64 24.18 11.52 21.23
C ILE V 64 24.49 10.27 20.41
N TYR V 65 25.76 10.09 20.06
CA TYR V 65 26.24 8.85 19.47
C TYR V 65 27.45 8.39 20.27
N ASP V 66 27.33 7.23 20.92
CA ASP V 66 28.37 6.75 21.82
C ASP V 66 28.94 5.40 21.39
N ASP V 67 29.92 4.93 22.14
CA ASP V 67 30.50 3.61 21.94
C ASP V 67 31.23 3.47 20.58
N TYR V 68 32.01 4.48 20.22
CA TYR V 68 32.97 4.38 19.12
C TYR V 68 34.29 3.76 19.60
N TYR V 69 34.53 3.78 20.91
CA TYR V 69 35.77 3.25 21.48
C TYR V 69 35.53 1.98 22.28
N PRO V 70 35.79 0.81 21.68
CA PRO V 70 35.46 -0.49 22.31
C PRO V 70 35.81 -0.60 23.79
N ASP V 71 37.03 -0.23 24.19
CA ASP V 71 37.41 -0.38 25.60
C ASP V 71 36.59 0.46 26.56
N LEU V 72 35.95 1.52 26.06
CA LEU V 72 35.13 2.41 26.91
C LEU V 72 33.64 2.19 26.73
N LYS V 73 33.26 1.21 25.90
CA LYS V 73 31.85 0.98 25.54
C LYS V 73 30.95 0.85 26.77
N GLY V 74 29.90 1.68 26.80
CA GLY V 74 28.89 1.63 27.83
C GLY V 74 29.24 2.32 29.14
N ARG V 75 30.41 2.94 29.22
CA ARG V 75 30.84 3.55 30.48
C ARG V 75 31.10 5.05 30.36
N VAL V 76 30.82 5.62 29.19
CA VAL V 76 30.96 7.05 28.97
C VAL V 76 29.58 7.61 28.71
N HIS V 77 29.17 8.61 29.47
CA HIS V 77 27.94 9.33 29.16
C HIS V 77 27.96 10.81 29.61
N PHE V 78 27.24 11.65 28.86
CA PHE V 78 27.08 13.06 29.19
C PHE V 78 26.29 13.16 30.48
N THR V 79 26.64 14.15 31.30
CA THR V 79 26.10 14.26 32.64
C THR V 79 25.00 15.31 32.75
N SER V 80 24.93 16.22 31.78
CA SER V 80 23.97 17.33 31.85
C SER V 80 22.68 17.03 31.11
N ASN V 81 21.56 17.31 31.76
CA ASN V 81 20.25 17.26 31.14
C ASN V 81 20.09 18.37 30.10
N ASP V 82 20.96 19.37 30.17
CA ASP V 82 20.90 20.52 29.28
C ASP V 82 22.29 20.87 28.72
N LEU V 83 22.82 19.95 27.92
CA LEU V 83 24.05 20.18 27.17
C LEU V 83 24.01 21.52 26.47
N LYS V 84 22.96 21.73 25.68
CA LYS V 84 22.94 22.85 24.75
C LYS V 84 22.99 24.22 25.44
N SER V 85 22.95 24.25 26.77
CA SER V 85 23.19 25.49 27.55
C SER V 85 24.67 25.79 27.82
N GLY V 86 25.54 24.78 27.71
CA GLY V 86 26.96 24.94 27.95
C GLY V 86 27.63 23.93 28.88
N ASP V 87 27.16 22.69 28.90
CA ASP V 87 27.75 21.67 29.79
C ASP V 87 28.03 20.33 29.06
N ALA V 88 29.12 20.30 28.31
CA ALA V 88 29.58 19.10 27.59
C ALA V 88 30.21 18.02 28.51
N SER V 89 30.14 18.22 29.82
CA SER V 89 30.78 17.32 30.76
C SER V 89 30.26 15.88 30.67
N ILE V 90 31.18 14.94 30.87
CA ILE V 90 30.88 13.51 30.83
C ILE V 90 31.40 12.77 32.07
N ASN V 91 30.82 11.60 32.32
CA ASN V 91 31.25 10.69 33.37
C ASN V 91 31.93 9.49 32.75
N VAL V 92 33.04 9.04 33.32
CA VAL V 92 33.66 7.75 32.95
C VAL V 92 33.54 6.79 34.15
N THR V 93 32.61 5.84 34.06
CA THR V 93 32.28 4.96 35.17
C THR V 93 33.22 3.75 35.28
N ASN V 94 33.28 3.12 36.46
CA ASN V 94 34.07 1.89 36.66
C ASN V 94 35.44 1.96 35.98
N LEU V 95 36.23 2.95 36.39
CA LEU V 95 37.50 3.21 35.77
C LEU V 95 38.40 1.96 35.76
N GLN V 96 39.11 1.76 34.65
CA GLN V 96 40.11 0.71 34.53
C GLN V 96 41.50 1.32 34.51
N LEU V 97 42.53 0.49 34.64
CA LEU V 97 43.90 0.93 34.36
C LEU V 97 44.04 1.36 32.89
N SER V 98 43.37 0.65 31.99
CA SER V 98 43.45 0.94 30.56
C SER V 98 42.86 2.29 30.17
N ASP V 99 42.04 2.86 31.05
CA ASP V 99 41.47 4.20 30.83
C ASP V 99 42.47 5.35 31.01
N ILE V 100 43.70 5.07 31.50
CA ILE V 100 44.71 6.13 31.67
C ILE V 100 45.07 6.71 30.30
N GLY V 101 45.13 8.04 30.22
CA GLY V 101 45.39 8.74 28.98
C GLY V 101 44.90 10.16 29.01
N THR V 102 44.97 10.83 27.87
CA THR V 102 44.54 12.24 27.76
C THR V 102 43.23 12.35 26.99
N TYR V 103 42.25 13.00 27.62
CA TYR V 103 40.89 13.08 27.12
C TYR V 103 40.63 14.48 26.64
N GLN V 104 40.20 14.64 25.39
CA GLN V 104 39.97 15.96 24.80
C GLN V 104 38.49 16.23 24.55
N CYS V 105 38.08 17.48 24.78
CA CYS V 105 36.71 17.92 24.58
C CYS V 105 36.62 19.02 23.52
N LYS V 106 36.34 18.65 22.28
CA LYS V 106 36.18 19.64 21.20
C LYS V 106 34.73 20.06 21.16
N VAL V 107 34.48 21.36 21.29
CA VAL V 107 33.14 21.95 21.25
C VAL V 107 33.12 23.00 20.16
N LYS V 108 32.28 22.78 19.15
CA LYS V 108 32.10 23.71 18.02
C LYS V 108 30.68 24.24 17.98
N LYS V 109 30.54 25.55 17.78
CA LYS V 109 29.29 26.16 17.33
C LYS V 109 29.68 27.34 16.43
N ALA V 110 29.75 27.09 15.13
CA ALA V 110 30.39 28.01 14.17
C ALA V 110 29.94 29.47 14.34
N PRO V 111 30.90 30.42 14.32
CA PRO V 111 32.34 30.28 14.15
C PRO V 111 33.11 29.93 15.43
N GLY V 112 32.39 29.62 16.50
CA GLY V 112 33.02 29.25 17.75
C GLY V 112 33.74 27.91 17.71
N VAL V 113 34.95 27.88 18.26
CA VAL V 113 35.69 26.65 18.44
C VAL V 113 36.50 26.74 19.70
N ALA V 114 36.45 25.69 20.52
CA ALA V 114 37.37 25.55 21.65
C ALA V 114 37.55 24.09 22.03
N ASN V 115 38.60 23.82 22.80
CA ASN V 115 38.80 22.51 23.40
C ASN V 115 39.65 22.47 24.66
N LYS V 116 39.49 21.39 25.40
CA LYS V 116 40.10 21.21 26.70
C LYS V 116 40.72 19.83 26.76
N LYS V 117 41.90 19.73 27.35
CA LYS V 117 42.55 18.45 27.61
C LYS V 117 42.46 18.10 29.09
N ILE V 118 42.21 16.84 29.41
CA ILE V 118 42.23 16.36 30.79
C ILE V 118 43.12 15.12 30.85
N HIS V 119 44.12 15.17 31.72
CA HIS V 119 45.04 14.05 31.89
C HIS V 119 44.54 13.18 33.03
N LEU V 120 43.93 12.04 32.70
CA LEU V 120 43.28 11.18 33.69
C LEU V 120 44.20 10.08 34.18
N VAL V 121 44.43 10.08 35.49
CA VAL V 121 45.23 9.07 36.16
C VAL V 121 44.31 8.19 36.99
N VAL V 122 44.49 6.88 36.85
CA VAL V 122 43.77 5.89 37.63
C VAL V 122 44.79 5.11 38.44
N LEU V 123 44.72 5.26 39.77
CA LEU V 123 45.56 4.49 40.69
C LEU V 123 44.83 3.23 41.14
N VAL V 124 45.53 2.35 41.84
CA VAL V 124 44.92 1.17 42.46
C VAL V 124 44.84 1.33 43.98
N SER W 4 18.70 40.58 -30.20
CA SER W 4 19.46 39.28 -30.05
C SER W 4 18.92 38.16 -30.97
N LEU W 5 19.75 37.15 -31.26
CA LEU W 5 19.35 36.05 -32.14
C LEU W 5 18.10 35.31 -31.67
N SER W 6 17.07 35.20 -32.51
CA SER W 6 15.94 34.35 -32.13
C SER W 6 15.25 33.67 -33.31
N ILE W 7 14.37 32.73 -32.98
CA ILE W 7 13.60 31.97 -33.95
C ILE W 7 12.14 32.36 -33.86
N THR W 8 11.45 32.33 -34.99
CA THR W 8 10.01 32.56 -35.05
C THR W 8 9.21 31.27 -34.72
N THR W 9 8.17 31.44 -33.91
CA THR W 9 7.33 30.34 -33.42
C THR W 9 8.16 29.23 -32.77
N PRO W 10 8.73 29.52 -31.58
CA PRO W 10 9.64 28.58 -30.88
C PRO W 10 9.07 27.18 -30.58
N GLU W 11 7.75 27.01 -30.65
CA GLU W 11 7.16 25.67 -30.63
C GLU W 11 6.09 25.52 -31.71
N GLU W 12 5.92 24.31 -32.22
CA GLU W 12 4.96 24.01 -33.27
C GLU W 12 4.58 22.55 -33.21
N MET W 13 3.39 22.22 -33.72
CA MET W 13 3.02 20.83 -33.93
C MET W 13 2.55 20.64 -35.35
N ILE W 14 3.17 19.72 -36.08
CA ILE W 14 2.78 19.42 -37.45
C ILE W 14 2.30 17.98 -37.56
N GLU W 15 1.14 17.79 -38.19
CA GLU W 15 0.63 16.46 -38.52
C GLU W 15 0.85 16.20 -39.99
N LYS W 16 1.09 14.94 -40.33
CA LYS W 16 1.33 14.55 -41.72
C LYS W 16 0.93 13.10 -41.97
N ALA W 17 0.61 12.78 -43.23
CA ALA W 17 0.28 11.42 -43.65
C ALA W 17 1.56 10.60 -43.89
N LYS W 18 1.46 9.28 -43.78
CA LYS W 18 2.58 8.41 -44.16
C LYS W 18 2.85 8.57 -45.65
N GLY W 19 4.12 8.77 -46.02
CA GLY W 19 4.51 8.94 -47.40
C GLY W 19 4.72 10.39 -47.79
N GLU W 20 4.02 11.30 -47.12
CA GLU W 20 4.18 12.75 -47.38
C GLU W 20 5.57 13.25 -47.00
N THR W 21 5.92 14.41 -47.53
CA THR W 21 7.15 15.10 -47.11
C THR W 21 6.81 16.25 -46.16
N ALA W 22 7.43 16.26 -44.99
CA ALA W 22 7.18 17.29 -43.96
C ALA W 22 8.19 18.44 -44.02
N TYR W 23 7.69 19.67 -43.99
CA TYR W 23 8.50 20.89 -43.99
C TYR W 23 8.59 21.46 -42.57
N LEU W 24 9.78 21.37 -41.99
CA LEU W 24 10.03 21.80 -40.62
C LEU W 24 10.68 23.16 -40.65
N PRO W 25 9.93 24.22 -40.31
CA PRO W 25 10.45 25.57 -40.37
C PRO W 25 11.34 25.96 -39.21
N CYS W 26 12.49 26.54 -39.50
CA CYS W 26 13.33 27.13 -38.48
C CYS W 26 13.95 28.39 -39.05
N LYS W 27 13.27 29.51 -38.79
CA LYS W 27 13.62 30.79 -39.37
C LYS W 27 13.98 31.79 -38.28
N PHE W 28 15.18 32.36 -38.41
CA PHE W 28 15.81 33.12 -37.34
C PHE W 28 16.31 34.45 -37.82
N THR W 29 16.45 35.39 -36.88
CA THR W 29 16.98 36.71 -37.16
C THR W 29 18.25 36.91 -36.37
N LEU W 30 19.27 37.46 -37.01
CA LEU W 30 20.52 37.77 -36.34
C LEU W 30 20.48 39.18 -35.83
N SER W 31 21.49 39.50 -35.02
CA SER W 31 21.68 40.83 -34.46
C SER W 31 23.16 41.16 -34.62
N PRO W 32 23.49 42.44 -34.89
CA PRO W 32 24.89 42.80 -35.18
C PRO W 32 25.89 42.34 -34.14
N GLU W 33 25.47 42.29 -32.88
CA GLU W 33 26.24 41.65 -31.81
C GLU W 33 26.75 40.24 -32.14
N ASP W 34 26.03 39.50 -33.00
CA ASP W 34 26.35 38.09 -33.29
C ASP W 34 27.45 37.89 -34.35
N GLN W 35 28.70 38.09 -33.94
CA GLN W 35 29.82 38.03 -34.87
C GLN W 35 30.47 36.65 -34.93
N GLY W 36 29.94 35.69 -34.15
CA GLY W 36 30.49 34.33 -34.14
C GLY W 36 30.21 33.58 -35.44
N PRO W 37 30.75 32.36 -35.58
CA PRO W 37 30.41 31.52 -36.72
C PRO W 37 28.99 30.93 -36.61
N LEU W 38 28.27 30.91 -37.72
CA LEU W 38 26.92 30.34 -37.76
C LEU W 38 27.04 28.83 -37.57
N ASP W 39 26.40 28.34 -36.51
CA ASP W 39 26.60 26.99 -36.03
C ASP W 39 25.22 26.36 -35.68
N ILE W 40 24.63 25.69 -36.66
CA ILE W 40 23.26 25.16 -36.57
C ILE W 40 23.25 23.64 -36.35
N GLU W 41 22.29 23.13 -35.57
CA GLU W 41 21.97 21.70 -35.64
C GLU W 41 20.50 21.37 -35.38
N TRP W 42 20.04 20.27 -35.98
CA TRP W 42 18.75 19.63 -35.69
C TRP W 42 18.93 18.31 -34.96
N LEU W 43 18.13 18.08 -33.92
CA LEU W 43 18.16 16.82 -33.19
C LEU W 43 16.76 16.27 -33.12
N ILE W 44 16.66 14.95 -33.01
CA ILE W 44 15.38 14.28 -32.87
C ILE W 44 15.31 13.60 -31.51
N SER W 45 14.22 13.85 -30.78
CA SER W 45 13.85 13.06 -29.61
C SER W 45 12.70 12.13 -30.03
N PRO W 46 13.01 10.89 -30.45
CA PRO W 46 11.94 9.98 -30.86
C PRO W 46 11.02 9.51 -29.72
N ALA W 47 9.76 9.27 -30.08
CA ALA W 47 8.76 8.71 -29.18
C ALA W 47 8.93 7.20 -29.05
N ASP W 48 9.33 6.53 -30.13
CA ASP W 48 9.45 5.05 -30.14
C ASP W 48 10.64 4.55 -29.28
N ASN W 49 11.81 5.16 -29.46
CA ASN W 49 13.01 4.80 -28.69
C ASN W 49 13.01 5.47 -27.32
N GLN W 50 13.82 4.92 -26.41
CA GLN W 50 14.15 5.60 -25.15
C GLN W 50 15.15 6.76 -25.33
N LYS W 51 15.87 6.78 -26.46
CA LYS W 51 16.91 7.79 -26.75
C LYS W 51 16.38 9.23 -26.79
N VAL W 52 17.30 10.20 -26.73
CA VAL W 52 16.93 11.63 -26.71
C VAL W 52 18.03 12.52 -27.32
N ASP W 53 17.63 13.61 -27.98
CA ASP W 53 18.55 14.60 -28.57
C ASP W 53 19.63 14.04 -29.51
N GLN W 54 19.20 13.26 -30.50
CA GLN W 54 20.12 12.65 -31.45
C GLN W 54 20.28 13.56 -32.65
N VAL W 55 21.52 13.95 -32.97
CA VAL W 55 21.75 14.81 -34.15
C VAL W 55 21.30 14.10 -35.39
N ILE W 56 20.68 14.85 -36.28
CA ILE W 56 20.26 14.31 -37.56
C ILE W 56 20.94 15.04 -38.74
N ILE W 57 21.14 16.35 -38.59
CA ILE W 57 21.80 17.16 -39.62
C ILE W 57 22.45 18.40 -39.01
N LEU W 58 23.57 18.82 -39.59
CA LEU W 58 24.42 19.86 -39.03
C LEU W 58 24.82 20.85 -40.14
N TYR W 59 24.94 22.13 -39.77
CA TYR W 59 25.59 23.15 -40.62
C TYR W 59 26.65 23.91 -39.83
N SER W 60 27.90 23.74 -40.27
CA SER W 60 29.05 24.41 -39.67
C SER W 60 30.02 24.67 -40.81
N GLY W 61 30.82 25.74 -40.66
CA GLY W 61 31.88 26.04 -41.61
C GLY W 61 31.44 26.08 -43.04
N ASP W 62 30.27 26.65 -43.27
CA ASP W 62 29.65 26.67 -44.60
C ASP W 62 29.36 25.30 -45.25
N LYS W 63 29.38 24.22 -44.47
CA LYS W 63 29.20 22.88 -45.01
C LYS W 63 28.08 22.14 -44.31
N ILE W 64 27.48 21.19 -45.01
CA ILE W 64 26.39 20.38 -44.47
C ILE W 64 26.84 18.93 -44.21
N TYR W 65 26.43 18.41 -43.05
CA TYR W 65 26.73 17.03 -42.66
C TYR W 65 25.45 16.31 -42.19
N ASP W 66 25.20 15.08 -42.68
CA ASP W 66 23.90 14.41 -42.47
C ASP W 66 23.92 12.87 -42.43
N ASP W 67 25.06 12.29 -42.10
CA ASP W 67 25.22 10.83 -42.03
C ASP W 67 24.99 10.33 -40.60
N TYR W 68 24.16 11.02 -39.81
CA TYR W 68 24.22 10.82 -38.35
C TYR W 68 23.19 9.83 -37.80
N TYR W 69 21.96 9.93 -38.31
CA TYR W 69 20.83 9.16 -37.78
C TYR W 69 20.38 8.12 -38.80
N PRO W 70 20.79 6.85 -38.62
CA PRO W 70 20.50 5.79 -39.58
C PRO W 70 19.09 5.81 -40.16
N ASP W 71 18.09 5.97 -39.31
CA ASP W 71 16.67 5.91 -39.71
C ASP W 71 16.24 7.02 -40.69
N LEU W 72 16.89 8.18 -40.61
CA LEU W 72 16.60 9.29 -41.52
C LEU W 72 17.59 9.36 -42.69
N LYS W 73 18.51 8.39 -42.77
CA LYS W 73 19.49 8.31 -43.85
C LYS W 73 18.85 8.63 -45.20
N GLY W 74 19.36 9.67 -45.86
CA GLY W 74 18.91 10.03 -47.20
C GLY W 74 17.56 10.72 -47.28
N ARG W 75 16.95 11.02 -46.13
CA ARG W 75 15.60 11.60 -46.11
C ARG W 75 15.51 12.97 -45.41
N VAL W 76 16.64 13.59 -45.06
CA VAL W 76 16.64 14.94 -44.47
C VAL W 76 17.52 15.89 -45.24
N HIS W 77 17.01 17.08 -45.52
CA HIS W 77 17.76 18.13 -46.22
C HIS W 77 17.34 19.49 -45.72
N PHE W 78 18.27 20.43 -45.67
CA PHE W 78 17.94 21.86 -45.52
C PHE W 78 17.24 22.34 -46.79
N THR W 79 16.15 23.07 -46.65
CA THR W 79 15.32 23.42 -47.79
C THR W 79 15.72 24.71 -48.51
N SER W 80 16.55 25.56 -47.90
CA SER W 80 16.87 26.87 -48.48
C SER W 80 18.30 26.99 -48.95
N ASN W 81 18.45 27.56 -50.15
CA ASN W 81 19.76 27.82 -50.71
C ASN W 81 20.33 29.15 -50.21
N ASP W 82 19.61 29.82 -49.30
CA ASP W 82 20.16 30.97 -48.56
C ASP W 82 20.08 30.75 -47.05
N LEU W 83 20.54 29.58 -46.63
CA LEU W 83 20.49 29.16 -45.25
C LEU W 83 21.14 30.16 -44.28
N LYS W 84 22.35 30.59 -44.62
CA LYS W 84 23.08 31.49 -43.73
C LYS W 84 22.44 32.88 -43.61
N SER W 85 21.49 33.21 -44.48
CA SER W 85 20.74 34.47 -44.34
C SER W 85 19.58 34.38 -43.33
N GLY W 86 19.29 33.20 -42.80
CA GLY W 86 18.30 33.07 -41.73
C GLY W 86 17.25 31.97 -41.89
N ASP W 87 17.43 31.04 -42.83
CA ASP W 87 16.44 30.01 -43.11
C ASP W 87 17.05 28.62 -42.89
N ALA W 88 16.98 28.14 -41.65
CA ALA W 88 17.52 26.81 -41.27
C ALA W 88 16.51 25.68 -41.43
N SER W 89 15.38 25.94 -42.08
CA SER W 89 14.35 24.92 -42.25
C SER W 89 14.85 23.68 -43.02
N ILE W 90 14.22 22.54 -42.75
CA ILE W 90 14.54 21.29 -43.41
C ILE W 90 13.31 20.52 -43.84
N ASN W 91 13.52 19.62 -44.79
CA ASN W 91 12.52 18.69 -45.28
C ASN W 91 12.82 17.29 -44.81
N VAL W 92 11.79 16.56 -44.37
CA VAL W 92 11.89 15.11 -44.15
C VAL W 92 10.92 14.36 -45.08
N THR W 93 11.46 13.73 -46.11
CA THR W 93 10.62 13.11 -47.14
C THR W 93 10.19 11.71 -46.72
N ASN W 94 9.13 11.23 -47.38
CA ASN W 94 8.71 9.84 -47.25
C ASN W 94 8.48 9.38 -45.80
N LEU W 95 7.74 10.19 -45.05
CA LEU W 95 7.46 9.95 -43.63
C LEU W 95 6.99 8.53 -43.27
N GLN W 96 7.54 8.00 -42.17
CA GLN W 96 7.13 6.72 -41.59
C GLN W 96 6.53 6.97 -40.22
N LEU W 97 6.06 5.91 -39.58
CA LEU W 97 5.56 6.00 -38.20
C LEU W 97 6.70 6.17 -37.17
N SER W 98 7.87 5.63 -37.48
CA SER W 98 9.05 5.75 -36.60
C SER W 98 9.73 7.13 -36.68
N ASP W 99 9.10 8.07 -37.37
CA ASP W 99 9.56 9.44 -37.40
C ASP W 99 8.91 10.28 -36.31
N ILE W 100 7.87 9.77 -35.68
CA ILE W 100 7.17 10.51 -34.64
C ILE W 100 8.12 10.88 -33.52
N GLY W 101 8.10 12.15 -33.12
CA GLY W 101 8.94 12.61 -32.02
C GLY W 101 9.07 14.11 -32.01
N THR W 102 9.92 14.62 -31.12
CA THR W 102 10.23 16.04 -31.06
C THR W 102 11.53 16.32 -31.82
N TYR W 103 11.40 17.07 -32.90
CA TYR W 103 12.54 17.57 -33.67
C TYR W 103 12.89 18.96 -33.16
N GLN W 104 14.18 19.25 -33.02
CA GLN W 104 14.62 20.46 -32.33
C GLN W 104 15.67 21.21 -33.12
N CYS W 105 15.43 22.49 -33.38
CA CYS W 105 16.35 23.34 -34.15
C CYS W 105 17.13 24.31 -33.27
N LYS W 106 18.43 24.08 -33.13
CA LYS W 106 19.34 24.94 -32.34
C LYS W 106 20.19 25.77 -33.27
N VAL W 107 20.18 27.09 -33.09
CA VAL W 107 20.95 28.04 -33.90
C VAL W 107 21.91 28.83 -33.03
N LYS W 108 23.21 28.70 -33.29
CA LYS W 108 24.23 29.52 -32.63
C LYS W 108 24.94 30.48 -33.60
N LYS W 109 25.19 31.68 -33.10
CA LYS W 109 26.14 32.60 -33.70
C LYS W 109 26.59 33.54 -32.57
N ALA W 110 27.76 33.27 -32.00
CA ALA W 110 28.11 33.84 -30.70
C ALA W 110 27.99 35.35 -30.69
N PRO W 111 27.46 35.91 -29.58
CA PRO W 111 26.90 35.29 -28.37
C PRO W 111 25.46 34.79 -28.45
N GLY W 112 24.82 34.90 -29.61
CA GLY W 112 23.44 34.49 -29.77
C GLY W 112 23.23 32.99 -29.73
N VAL W 113 22.23 32.53 -29.01
CA VAL W 113 21.82 31.14 -29.02
C VAL W 113 20.31 31.15 -29.03
N ALA W 114 19.71 30.35 -29.90
CA ALA W 114 18.24 30.17 -29.90
C ALA W 114 17.86 28.78 -30.37
N ASN W 115 16.79 28.21 -29.81
CA ASN W 115 16.25 26.97 -30.36
C ASN W 115 14.74 26.78 -30.33
N LYS W 116 14.26 25.92 -31.22
CA LYS W 116 12.83 25.72 -31.46
C LYS W 116 12.51 24.23 -31.36
N LYS W 117 11.32 23.89 -30.87
CA LYS W 117 10.83 22.50 -30.85
C LYS W 117 9.68 22.36 -31.80
N ILE W 118 9.69 21.29 -32.58
CA ILE W 118 8.58 20.98 -33.48
C ILE W 118 8.16 19.54 -33.19
N HIS W 119 6.97 19.37 -32.63
CA HIS W 119 6.42 18.03 -32.39
C HIS W 119 5.77 17.51 -33.69
N LEU W 120 6.26 16.38 -34.21
CA LEU W 120 5.78 15.84 -35.48
C LEU W 120 4.97 14.57 -35.27
N VAL W 121 3.75 14.55 -35.79
CA VAL W 121 2.87 13.40 -35.70
C VAL W 121 2.66 12.80 -37.11
N VAL W 122 2.52 11.48 -37.19
CA VAL W 122 2.27 10.77 -38.45
C VAL W 122 1.33 9.60 -38.24
N SER X 4 12.25 37.85 -18.76
CA SER X 4 11.64 37.40 -17.46
C SER X 4 10.50 36.42 -17.75
N LEU X 5 10.03 35.67 -16.75
CA LEU X 5 9.01 34.63 -16.95
C LEU X 5 7.92 35.08 -17.93
N SER X 6 7.68 34.27 -18.97
CA SER X 6 6.68 34.53 -20.02
C SER X 6 5.89 33.30 -20.38
N ILE X 7 4.65 33.49 -20.86
CA ILE X 7 3.84 32.39 -21.43
C ILE X 7 3.53 32.66 -22.90
N THR X 8 3.74 31.67 -23.76
CA THR X 8 3.56 31.82 -25.21
C THR X 8 2.08 31.89 -25.60
N THR X 9 1.76 32.88 -26.44
CA THR X 9 0.38 33.22 -26.82
C THR X 9 -0.50 33.46 -25.58
N PRO X 10 -0.42 34.66 -24.99
CA PRO X 10 -1.18 35.01 -23.78
C PRO X 10 -2.72 35.09 -23.91
N GLU X 11 -3.27 35.09 -25.12
CA GLU X 11 -4.72 35.04 -25.30
C GLU X 11 -5.09 34.23 -26.53
N GLU X 12 -6.14 33.42 -26.41
CA GLU X 12 -6.69 32.72 -27.58
C GLU X 12 -8.05 32.06 -27.35
N MET X 13 -8.79 31.91 -28.45
CA MET X 13 -10.11 31.31 -28.46
C MET X 13 -9.93 29.85 -28.86
N ILE X 14 -10.60 28.95 -28.15
CA ILE X 14 -10.66 27.55 -28.55
C ILE X 14 -12.12 27.10 -28.56
N GLU X 15 -12.53 26.44 -29.65
CA GLU X 15 -13.92 26.05 -29.86
C GLU X 15 -14.05 24.52 -29.98
N LYS X 16 -15.07 23.97 -29.33
CA LYS X 16 -15.34 22.52 -29.30
C LYS X 16 -16.78 22.22 -28.83
N ALA X 17 -17.49 21.36 -29.57
CA ALA X 17 -18.84 20.94 -29.16
C ALA X 17 -18.74 19.81 -28.13
N LYS X 18 -19.89 19.26 -27.73
CA LYS X 18 -19.97 18.32 -26.60
C LYS X 18 -19.00 17.13 -26.66
N GLY X 19 -18.62 16.64 -25.49
CA GLY X 19 -17.97 15.34 -25.36
C GLY X 19 -16.51 15.25 -25.73
N GLU X 20 -15.97 16.29 -26.34
CA GLU X 20 -14.57 16.27 -26.77
C GLU X 20 -13.64 16.43 -25.57
N THR X 21 -12.33 16.38 -25.82
CA THR X 21 -11.33 16.65 -24.79
C THR X 21 -10.54 17.89 -25.18
N ALA X 22 -10.83 19.00 -24.49
CA ALA X 22 -10.15 20.26 -24.77
C ALA X 22 -8.73 20.25 -24.23
N TYR X 23 -7.79 20.72 -25.04
CA TYR X 23 -6.40 20.88 -24.64
C TYR X 23 -6.07 22.37 -24.55
N LEU X 24 -5.82 22.83 -23.32
CA LEU X 24 -5.55 24.24 -23.05
C LEU X 24 -4.06 24.48 -22.75
N PRO X 25 -3.32 24.96 -23.76
CA PRO X 25 -1.87 25.13 -23.62
C PRO X 25 -1.45 26.33 -22.77
N CYS X 26 -0.58 26.09 -21.80
CA CYS X 26 0.02 27.15 -20.98
C CYS X 26 1.48 26.82 -20.76
N LYS X 27 2.30 27.12 -21.77
CA LYS X 27 3.74 26.77 -21.77
C LYS X 27 4.58 28.02 -21.55
N PHE X 28 5.57 27.93 -20.68
CA PHE X 28 6.26 29.11 -20.17
C PHE X 28 7.77 29.03 -20.21
N THR X 29 8.40 30.20 -20.34
CA THR X 29 9.85 30.33 -20.30
C THR X 29 10.29 31.06 -19.05
N LEU X 30 11.21 30.45 -18.31
CA LEU X 30 11.82 31.05 -17.12
C LEU X 30 13.07 31.81 -17.51
N SER X 31 13.68 32.47 -16.52
CA SER X 31 14.99 33.10 -16.65
C SER X 31 15.78 32.88 -15.35
N PRO X 32 17.11 33.10 -15.37
CA PRO X 32 17.91 32.78 -14.17
C PRO X 32 17.58 33.58 -12.91
N GLU X 33 16.96 34.75 -13.07
CA GLU X 33 16.43 35.54 -11.95
C GLU X 33 15.45 34.70 -11.07
N ASP X 34 14.71 33.78 -11.70
CA ASP X 34 13.49 33.21 -11.13
C ASP X 34 13.76 32.11 -10.13
N GLN X 35 14.13 32.48 -8.93
CA GLN X 35 14.65 31.53 -7.93
C GLN X 35 13.60 30.94 -6.98
N GLY X 36 12.37 31.49 -7.01
CA GLY X 36 11.30 31.08 -6.10
C GLY X 36 10.72 29.72 -6.46
N PRO X 37 9.81 29.20 -5.62
CA PRO X 37 9.19 27.91 -5.94
C PRO X 37 8.23 28.08 -7.11
N LEU X 38 8.17 27.09 -8.00
CA LEU X 38 7.18 27.10 -9.07
C LEU X 38 5.80 26.96 -8.45
N ASP X 39 4.94 27.92 -8.75
CA ASP X 39 3.65 28.08 -8.11
C ASP X 39 2.65 28.39 -9.20
N ILE X 40 1.87 27.39 -9.61
CA ILE X 40 0.92 27.50 -10.73
C ILE X 40 -0.53 27.43 -10.26
N GLU X 41 -1.40 28.12 -10.98
CA GLU X 41 -2.83 28.12 -10.70
C GLU X 41 -3.59 28.20 -12.04
N TRP X 42 -4.70 27.47 -12.13
CA TRP X 42 -5.66 27.64 -13.22
C TRP X 42 -6.97 28.08 -12.61
N LEU X 43 -7.59 29.14 -13.12
CA LEU X 43 -8.89 29.58 -12.64
C LEU X 43 -9.89 29.63 -13.80
N ILE X 44 -11.19 29.66 -13.45
CA ILE X 44 -12.28 29.71 -14.43
C ILE X 44 -13.24 30.86 -14.10
N SER X 45 -13.47 31.74 -15.07
CA SER X 45 -14.52 32.75 -14.94
C SER X 45 -15.69 32.36 -15.86
N PRO X 46 -16.64 31.54 -15.33
CA PRO X 46 -17.70 30.99 -16.19
C PRO X 46 -18.70 32.02 -16.72
N ALA X 47 -19.19 31.80 -17.95
CA ALA X 47 -20.23 32.66 -18.55
C ALA X 47 -21.59 32.34 -17.94
N ASP X 48 -21.65 31.24 -17.19
CA ASP X 48 -22.90 30.66 -16.71
C ASP X 48 -23.59 31.47 -15.63
N ASN X 49 -22.80 32.08 -14.73
CA ASN X 49 -23.36 32.63 -13.49
C ASN X 49 -22.58 33.82 -12.91
N GLN X 50 -23.14 34.36 -11.83
CA GLN X 50 -22.53 35.43 -11.05
C GLN X 50 -20.99 35.32 -10.98
N LYS X 51 -20.49 34.37 -10.17
CA LYS X 51 -19.06 34.38 -9.74
C LYS X 51 -18.01 34.30 -10.86
N VAL X 52 -16.78 34.68 -10.48
CA VAL X 52 -15.66 34.93 -11.40
C VAL X 52 -14.34 34.53 -10.72
N ASP X 53 -13.35 34.09 -11.51
CA ASP X 53 -12.02 33.71 -11.00
C ASP X 53 -12.11 32.61 -9.95
N GLN X 54 -12.44 31.39 -10.36
CA GLN X 54 -12.58 30.27 -9.43
C GLN X 54 -11.50 29.23 -9.68
N VAL X 55 -10.78 28.86 -8.62
CA VAL X 55 -9.71 27.86 -8.72
C VAL X 55 -10.25 26.51 -9.08
N ILE X 56 -9.59 25.86 -10.04
CA ILE X 56 -9.95 24.53 -10.47
C ILE X 56 -8.83 23.51 -10.23
N ILE X 57 -7.57 23.93 -10.30
CA ILE X 57 -6.43 23.03 -10.14
C ILE X 57 -5.18 23.86 -9.89
N LEU X 58 -4.26 23.36 -9.05
CA LEU X 58 -2.97 24.04 -8.85
C LEU X 58 -1.78 23.06 -8.71
N TYR X 59 -0.58 23.61 -8.93
CA TYR X 59 0.70 22.92 -8.77
C TYR X 59 1.58 23.74 -7.82
N SER X 60 1.98 23.12 -6.73
CA SER X 60 2.62 23.80 -5.63
C SER X 60 3.45 22.78 -4.86
N GLY X 61 4.69 23.15 -4.55
CA GLY X 61 5.61 22.20 -3.89
C GLY X 61 5.60 20.84 -4.56
N ASP X 62 5.82 20.84 -5.87
CA ASP X 62 5.94 19.62 -6.66
C ASP X 62 4.84 18.59 -6.41
N LYS X 63 3.59 19.02 -6.31
CA LYS X 63 2.46 18.15 -5.99
C LYS X 63 1.20 18.80 -6.56
N ILE X 64 0.31 18.01 -7.16
CA ILE X 64 -0.91 18.54 -7.77
C ILE X 64 -2.10 18.47 -6.81
N TYR X 65 -2.95 19.51 -6.79
CA TYR X 65 -4.20 19.51 -6.00
C TYR X 65 -5.37 19.91 -6.90
N ASP X 66 -6.38 19.04 -7.02
CA ASP X 66 -7.27 19.07 -8.19
C ASP X 66 -8.79 19.21 -8.00
N ASP X 67 -9.31 19.04 -6.79
CA ASP X 67 -10.75 19.07 -6.58
C ASP X 67 -11.19 20.38 -5.88
N TYR X 68 -11.30 21.46 -6.66
CA TYR X 68 -11.75 22.77 -6.14
C TYR X 68 -13.08 23.25 -6.74
N TYR X 69 -13.32 22.92 -8.00
CA TYR X 69 -14.54 23.32 -8.71
C TYR X 69 -15.42 22.07 -8.81
N PRO X 70 -16.52 22.02 -8.03
CA PRO X 70 -17.35 20.81 -8.07
C PRO X 70 -17.77 20.38 -9.46
N ASP X 71 -18.13 21.33 -10.33
CA ASP X 71 -18.64 21.01 -11.66
C ASP X 71 -17.57 20.38 -12.57
N LEU X 72 -16.29 20.63 -12.30
CA LEU X 72 -15.20 20.05 -13.11
C LEU X 72 -14.54 18.82 -12.45
N LYS X 73 -15.03 18.43 -11.29
CA LYS X 73 -14.46 17.31 -10.54
C LYS X 73 -14.21 16.14 -11.47
N GLY X 74 -12.98 15.61 -11.46
CA GLY X 74 -12.64 14.40 -12.21
C GLY X 74 -12.30 14.56 -13.68
N ARG X 75 -12.58 15.74 -14.25
CA ARG X 75 -12.37 16.00 -15.67
C ARG X 75 -11.32 17.10 -15.92
N VAL X 76 -10.43 17.30 -14.94
CA VAL X 76 -9.28 18.20 -15.09
C VAL X 76 -8.00 17.50 -14.64
N HIS X 77 -7.02 17.45 -15.55
CA HIS X 77 -5.75 16.80 -15.30
C HIS X 77 -4.68 17.64 -15.98
N PHE X 78 -3.47 17.63 -15.43
CA PHE X 78 -2.32 18.24 -16.12
C PHE X 78 -1.85 17.25 -17.18
N THR X 79 -1.43 17.76 -18.33
CA THR X 79 -1.08 16.91 -19.48
C THR X 79 0.39 16.49 -19.44
N SER X 80 1.29 17.44 -19.21
CA SER X 80 2.72 17.13 -19.19
C SER X 80 3.11 16.46 -17.88
N ASN X 81 3.79 15.33 -17.98
CA ASN X 81 4.50 14.77 -16.82
C ASN X 81 5.93 15.38 -16.72
N ASP X 82 6.08 16.64 -17.13
CA ASP X 82 7.27 17.43 -16.82
C ASP X 82 6.96 18.95 -16.88
N LEU X 83 6.14 19.39 -15.91
CA LEU X 83 5.69 20.78 -15.81
C LEU X 83 6.83 21.72 -15.50
N LYS X 84 7.68 21.29 -14.56
CA LYS X 84 8.85 22.04 -14.09
C LYS X 84 9.64 22.63 -15.27
N SER X 85 9.69 21.88 -16.37
CA SER X 85 10.40 22.31 -17.57
C SER X 85 9.72 23.43 -18.35
N GLY X 86 8.48 23.76 -18.01
CA GLY X 86 7.78 24.86 -18.66
C GLY X 86 6.49 24.49 -19.39
N ASP X 87 5.79 23.47 -18.92
CA ASP X 87 4.52 23.06 -19.54
C ASP X 87 3.40 22.81 -18.53
N ALA X 88 2.66 23.86 -18.21
CA ALA X 88 1.55 23.80 -17.27
C ALA X 88 0.22 23.48 -17.96
N SER X 89 0.25 23.18 -19.26
CA SER X 89 -0.98 22.90 -20.01
C SER X 89 -1.85 21.85 -19.33
N ILE X 90 -3.17 21.98 -19.48
CA ILE X 90 -4.12 21.04 -18.89
C ILE X 90 -5.12 20.50 -19.90
N ASN X 91 -5.73 19.37 -19.53
CA ASN X 91 -6.81 18.74 -20.30
C ASN X 91 -8.11 18.96 -19.55
N VAL X 92 -9.18 19.18 -20.30
CA VAL X 92 -10.52 19.20 -19.74
C VAL X 92 -11.38 18.25 -20.59
N THR X 93 -11.56 17.03 -20.08
CA THR X 93 -12.19 15.94 -20.85
C THR X 93 -13.71 15.91 -20.72
N ASN X 94 -14.35 15.32 -21.72
CA ASN X 94 -15.81 15.16 -21.78
C ASN X 94 -16.53 16.48 -21.52
N LEU X 95 -16.31 17.41 -22.45
CA LEU X 95 -16.82 18.76 -22.32
C LEU X 95 -18.34 18.79 -22.26
N GLN X 96 -18.87 19.65 -21.39
CA GLN X 96 -20.30 19.95 -21.34
C GLN X 96 -20.48 21.40 -21.79
N LEU X 97 -21.73 21.81 -21.99
CA LEU X 97 -22.02 23.21 -22.36
C LEU X 97 -21.86 24.16 -21.16
N SER X 98 -21.90 23.63 -19.94
CA SER X 98 -21.67 24.43 -18.73
C SER X 98 -20.22 24.83 -18.54
N ASP X 99 -19.31 24.24 -19.31
CA ASP X 99 -17.88 24.56 -19.22
C ASP X 99 -17.50 25.88 -19.91
N ILE X 100 -18.42 26.47 -20.65
CA ILE X 100 -18.17 27.70 -21.43
C ILE X 100 -17.72 28.89 -20.57
N GLY X 101 -16.54 29.43 -20.86
CA GLY X 101 -16.01 30.58 -20.11
C GLY X 101 -14.54 30.89 -20.34
N THR X 102 -13.98 31.74 -19.50
CA THR X 102 -12.58 32.14 -19.59
C THR X 102 -11.71 31.40 -18.59
N TYR X 103 -10.72 30.68 -19.11
CA TYR X 103 -9.82 29.89 -18.28
C TYR X 103 -8.48 30.59 -18.16
N GLN X 104 -8.10 30.96 -16.94
CA GLN X 104 -6.89 31.74 -16.71
C GLN X 104 -5.77 30.84 -16.20
N CYS X 105 -4.54 31.13 -16.60
CA CYS X 105 -3.37 30.37 -16.17
C CYS X 105 -2.32 31.30 -15.55
N LYS X 106 -2.23 31.31 -14.22
CA LYS X 106 -1.25 32.13 -13.49
C LYS X 106 -0.05 31.26 -13.11
N VAL X 107 1.15 31.67 -13.54
CA VAL X 107 2.40 30.99 -13.24
C VAL X 107 3.35 31.95 -12.54
N LYS X 108 3.69 31.63 -11.30
CA LYS X 108 4.67 32.41 -10.55
C LYS X 108 5.95 31.60 -10.34
N LYS X 109 7.08 32.29 -10.45
CA LYS X 109 8.32 31.80 -9.93
C LYS X 109 9.14 33.01 -9.49
N ALA X 110 9.04 33.37 -8.21
CA ALA X 110 9.62 34.62 -7.70
C ALA X 110 10.99 34.92 -8.28
N PRO X 111 11.18 36.14 -8.79
CA PRO X 111 10.25 37.25 -8.92
C PRO X 111 9.36 37.23 -10.15
N GLY X 112 9.57 36.29 -11.06
CA GLY X 112 8.73 36.19 -12.26
C GLY X 112 7.27 35.86 -11.96
N VAL X 113 6.36 36.45 -12.73
CA VAL X 113 4.92 36.16 -12.66
C VAL X 113 4.40 36.34 -14.07
N ALA X 114 3.43 35.54 -14.46
CA ALA X 114 2.85 35.66 -15.79
C ALA X 114 1.51 34.97 -15.84
N ASN X 115 0.56 35.53 -16.61
CA ASN X 115 -0.67 34.78 -16.84
C ASN X 115 -1.21 34.87 -18.25
N LYS X 116 -2.12 33.94 -18.55
CA LYS X 116 -2.67 33.76 -19.89
C LYS X 116 -4.14 33.44 -19.75
N LYS X 117 -4.94 33.93 -20.70
CA LYS X 117 -6.39 33.70 -20.69
C LYS X 117 -6.81 32.86 -21.88
N ILE X 118 -7.80 32.00 -21.72
CA ILE X 118 -8.36 31.23 -22.83
C ILE X 118 -9.88 31.21 -22.82
N HIS X 119 -10.51 31.73 -23.87
CA HIS X 119 -11.97 31.71 -24.00
C HIS X 119 -12.38 30.39 -24.65
N LEU X 120 -13.18 29.59 -23.96
CA LEU X 120 -13.64 28.32 -24.49
C LEU X 120 -15.12 28.39 -24.86
C1 GAL Y . -36.94 -76.54 -32.35
C2 GAL Y . -36.39 -75.20 -32.89
C3 GAL Y . -36.68 -75.16 -34.37
C4 GAL Y . -36.35 -76.43 -35.09
C5 GAL Y . -37.48 -77.36 -34.68
C6 GAL Y . -37.15 -78.84 -34.97
O1 GAL Y . -35.85 -77.42 -32.06
O2 GAL Y . -36.99 -74.10 -32.20
O3 GAL Y . -37.28 -73.99 -34.98
O4 GAL Y . -35.09 -76.94 -34.61
O5 GAL Y . -37.88 -77.14 -33.29
O6 GAL Y . -38.33 -79.50 -35.46
C1 SIA Y . -37.28 -71.67 -34.65
C2 SIA Y . -36.50 -72.82 -35.26
C3 SIA Y . -36.33 -72.64 -36.77
C4 SIA Y . -35.44 -71.43 -37.11
C5 SIA Y . -34.12 -71.51 -36.38
C6 SIA Y . -34.37 -71.73 -34.89
C7 SIA Y . -33.05 -71.87 -34.14
C8 SIA Y . -33.29 -72.25 -32.68
C9 SIA Y . -32.10 -71.80 -31.87
C10 SIA Y . -32.20 -70.07 -36.86
C11 SIA Y . -31.67 -68.68 -37.05
N5 SIA Y . -33.49 -70.21 -36.57
O1A SIA Y . -37.20 -71.48 -33.43
O1B SIA Y . -38.00 -70.95 -35.37
O4 SIA Y . -35.12 -71.37 -38.49
O6 SIA Y . -35.20 -72.89 -34.66
O7 SIA Y . -32.16 -72.80 -34.76
O8 SIA Y . -34.47 -71.63 -32.17
O9 SIA Y . -32.28 -72.26 -30.54
O10 SIA Y . -31.45 -71.02 -36.98
C1 GAL Z . -14.28 -8.04 -14.62
C2 GAL Z . -13.09 -8.94 -14.22
C3 GAL Z . -11.93 -8.50 -15.07
C4 GAL Z . -12.18 -8.68 -16.55
C5 GAL Z . -13.29 -7.65 -16.87
C6 GAL Z . -13.68 -7.62 -18.36
O1 GAL Z . -15.45 -8.57 -13.97
O2 GAL Z . -12.81 -8.75 -12.83
O3 GAL Z . -10.78 -7.88 -14.47
O4 GAL Z . -12.65 -10.02 -16.76
O5 GAL Z . -14.46 -7.91 -16.06
O6 GAL Z . -14.43 -6.44 -18.73
C1 SIA Z . -9.03 -8.16 -12.94
C2 SIA Z . -9.44 -8.39 -14.39
C3 SIA Z . -8.57 -7.54 -15.33
C4 SIA Z . -7.10 -7.99 -15.37
C5 SIA Z . -7.03 -9.46 -15.73
C6 SIA Z . -7.85 -10.19 -14.68
C7 SIA Z . -7.68 -11.70 -14.74
C8 SIA Z . -8.59 -12.40 -13.73
C9 SIA Z . -8.05 -13.80 -13.44
C10 SIA Z . -4.99 -10.82 -16.15
C11 SIA Z . -3.56 -11.01 -15.73
N5 SIA Z . -5.63 -9.83 -15.53
O1A SIA Z . -8.59 -7.02 -12.61
O1B SIA Z . -9.13 -9.10 -12.13
O4 SIA Z . -6.32 -7.19 -16.27
O6 SIA Z . -9.24 -9.79 -14.74
O7 SIA Z . -7.95 -12.18 -16.05
O8 SIA Z . -8.65 -11.62 -12.53
O9 SIA Z . -9.10 -14.66 -13.02
O10 SIA Z . -5.51 -11.53 -16.98
C1 GAL AA . -3.25 9.04 27.66
C2 GAL AA . -3.26 9.05 26.11
C3 GAL AA . -3.81 10.41 25.65
C4 GAL AA . -5.20 10.61 26.24
C5 GAL AA . -5.13 10.49 27.78
C6 GAL AA . -6.51 10.66 28.41
O1 GAL AA . -2.69 7.83 28.21
O2 GAL AA . -1.92 8.84 25.63
O3 GAL AA . -3.77 10.72 24.22
O4 GAL AA . -6.07 9.61 25.72
O5 GAL AA . -4.57 9.21 28.15
O6 GAL AA . -6.41 11.55 29.52
C1 SIA AA . -3.73 8.82 22.70
C2 SIA AA . -4.40 10.11 23.07
C3 SIA AA . -4.24 11.19 21.98
C4 SIA AA . -5.11 10.95 20.73
C5 SIA AA . -6.54 10.67 21.13
C6 SIA AA . -6.42 9.42 21.99
C7 SIA AA . -7.72 8.72 22.28
C8 SIA AA . -7.53 7.58 23.31
C9 SIA AA . -8.82 6.86 23.72
C10 SIA AA . -8.52 10.61 19.64
C11 SIA AA . -8.95 10.31 18.24
N5 SIA AA . -7.23 10.43 19.87
O1A SIA AA . -2.85 8.80 21.83
O1B SIA AA . -4.10 7.77 23.26
O4 SIA AA . -5.06 12.06 19.81
O6 SIA AA . -5.81 9.85 23.22
O7 SIA AA . -8.58 9.77 22.70
O8 SIA AA . -6.65 6.59 22.75
O9 SIA AA . -8.84 5.55 23.16
O10 SIA AA . -9.32 10.98 20.51
O2 GL0 BA . 25.02 -15.97 5.59
C1 GL0 BA . 26.97 -17.47 5.30
C2 GL0 BA . 26.15 -16.57 6.26
C3 GL0 BA . 27.15 -15.58 6.74
C4 GL0 BA . 28.46 -16.13 7.19
C5 GL0 BA . 29.14 -16.30 5.82
C6 GL0 BA . 30.43 -17.15 5.88
O1 GL0 BA . 27.26 -18.71 5.94
O4 GL0 BA . 28.37 -17.38 7.88
O5 GL0 BA . 28.20 -16.83 4.85
O6 GL0 BA . 31.22 -16.87 4.71
O3 GL0 BA . 27.41 -14.32 6.25
C1 SIA BA . 25.25 -13.29 6.59
C2 SIA BA . 26.68 -13.39 7.10
C3 SIA BA . 27.38 -12.03 7.07
C4 SIA BA . 26.84 -11.10 8.15
C5 SIA BA . 26.98 -11.75 9.54
C6 SIA BA . 26.11 -12.99 9.48
C7 SIA BA . 26.00 -13.71 10.81
C8 SIA BA . 25.27 -15.04 10.69
C9 SIA BA . 24.88 -15.54 12.07
C10 SIA BA . 26.87 -10.55 11.74
C11 SIA BA . 26.11 -9.53 12.52
N5 SIA BA . 26.41 -10.81 10.50
O1A SIA BA . 24.99 -12.57 5.61
O1B SIA BA . 24.37 -13.95 7.18
O4 SIA BA . 27.49 -9.84 8.06
O6 SIA BA . 26.62 -13.87 8.47
O7 SIA BA . 27.29 -13.97 11.35
O8 SIA BA . 24.11 -14.88 9.88
O9 SIA BA . 24.20 -16.79 11.95
O10 SIA BA . 27.84 -11.12 12.22
C1 GAL CA . -68.16 -44.21 -18.32
C2 GAL CA . -67.24 -44.88 -19.33
C3 GAL CA . -68.01 -45.39 -20.55
C4 GAL CA . -69.19 -46.22 -20.08
C5 GAL CA . -70.06 -45.32 -19.19
C6 GAL CA . -71.40 -45.95 -18.84
O1 GAL CA . -67.44 -43.87 -17.14
O2 GAL CA . -66.30 -43.89 -19.78
O3 GAL CA . -67.09 -46.01 -21.47
O4 GAL CA . -68.71 -47.30 -19.29
O5 GAL CA . -69.30 -45.06 -18.00
O6 GAL CA . -72.44 -45.30 -19.61
C1 SIA CA . -65.36 -47.33 -21.91
C2 SIA CA . -66.86 -47.39 -21.84
C3 SIA CA . -67.51 -47.72 -23.19
C4 SIA CA . -67.16 -49.13 -23.67
C5 SIA CA . -67.54 -50.17 -22.61
C6 SIA CA . -66.77 -49.76 -21.36
C7 SIA CA . -66.88 -50.77 -20.23
C8 SIA CA . -66.22 -50.31 -18.94
C9 SIA CA . -65.90 -51.53 -18.07
C10 SIA CA . -67.58 -52.70 -22.90
C11 SIA CA . -66.86 -53.88 -23.50
N5 SIA CA . -67.03 -51.47 -23.09
O1A SIA CA . -64.75 -47.40 -20.83
O1B SIA CA . -64.78 -47.17 -23.01
O4 SIA CA . -67.81 -49.40 -24.90
O6 SIA CA . -67.20 -48.45 -20.93
O7 SIA CA . -68.26 -51.01 -19.97
O8 SIA CA . -65.03 -49.59 -19.29
O9 SIA CA . -65.47 -51.19 -16.76
O10 SIA CA . -68.60 -52.87 -22.27
C1 GAL DA . -24.14 -31.65 -30.59
C2 GAL DA . -25.59 -32.15 -30.47
C3 GAL DA . -26.52 -31.17 -31.19
C4 GAL DA . -26.32 -29.70 -30.83
C5 GAL DA . -24.85 -29.40 -31.12
C6 GAL DA . -24.47 -27.94 -30.94
O1 GAL DA . -23.24 -32.38 -29.73
O2 GAL DA . -25.67 -33.45 -31.09
O3 GAL DA . -27.57 -31.59 -32.08
O4 GAL DA . -26.59 -29.51 -29.43
O5 GAL DA . -24.03 -30.23 -30.27
O6 GAL DA . -23.49 -27.59 -31.93
C1 SIA DA . -29.38 -33.04 -31.45
C2 SIA DA . -28.97 -31.60 -31.67
C3 SIA DA . -29.76 -31.00 -32.85
C4 SIA DA . -31.24 -30.82 -32.55
C5 SIA DA . -31.39 -29.96 -31.30
C6 SIA DA . -30.67 -30.73 -30.20
C7 SIA DA . -30.89 -30.15 -28.81
C8 SIA DA . -29.98 -30.79 -27.76
C9 SIA DA . -30.56 -30.55 -26.39
C10 SIA DA . -33.37 -28.90 -30.28
C11 SIA DA . -34.86 -29.04 -30.10
N5 SIA DA . -32.81 -29.88 -30.98
O1A SIA DA . -29.55 -33.51 -30.30
O1B SIA DA . -29.55 -33.74 -32.46
O4 SIA DA . -31.95 -30.29 -33.68
O6 SIA DA . -29.26 -30.79 -30.51
O7 SIA DA . -30.71 -28.73 -28.85
O8 SIA DA . -29.91 -32.21 -27.93
O9 SIA DA . -29.55 -30.84 -25.44
O10 SIA DA . -32.75 -27.95 -29.82
C1 GAL EA . 67.08 6.49 5.49
C2 GAL EA . 66.44 6.50 4.12
C3 GAL EA . 66.04 5.10 3.66
C4 GAL EA . 66.91 3.88 4.01
C5 GAL EA . 67.27 4.06 5.51
C6 GAL EA . 68.16 2.95 6.12
O1 GAL EA . 67.81 7.73 5.66
O2 GAL EA . 65.21 7.23 4.25
O3 GAL EA . 64.74 5.21 3.00
O4 GAL EA . 68.12 3.75 3.22
O5 GAL EA . 67.93 5.33 5.68
O6 GAL EA . 67.85 2.73 7.51
C1 SIA EA . 63.34 5.42 1.12
C2 SIA EA . 64.77 5.16 1.54
C3 SIA EA . 65.26 3.81 0.96
C4 SIA EA . 65.41 3.82 -0.58
C5 SIA EA . 66.30 4.97 -1.01
C6 SIA EA . 65.66 6.24 -0.47
C7 SIA EA . 66.35 7.48 -1.01
C8 SIA EA . 65.77 8.72 -0.38
C9 SIA EA . 66.30 9.97 -1.05
C10 SIA EA . 67.39 5.33 -3.21
C11 SIA EA . 67.22 5.33 -4.70
N5 SIA EA . 66.31 5.01 -2.46
O1A SIA EA . 62.86 6.56 1.24
O1B SIA EA . 62.66 4.48 0.66
O4 SIA EA . 65.95 2.60 -1.08
O6 SIA EA . 65.62 6.20 0.98
O7 SIA EA . 67.74 7.38 -0.74
O8 SIA EA . 64.35 8.70 -0.52
O9 SIA EA . 65.63 11.09 -0.49
O10 SIA EA . 68.46 5.67 -2.71
C1 GAL FA . 19.46 4.25 -2.52
C2 GAL FA . 20.82 3.62 -2.91
C3 GAL FA . 20.89 2.16 -2.49
C4 GAL FA . 19.71 1.56 -1.74
C5 GAL FA . 18.46 1.92 -2.55
C6 GAL FA . 17.22 1.21 -2.00
O1 GAL FA . 19.59 4.85 -1.20
O2 GAL FA . 20.99 3.70 -4.33
O3 GAL FA . 22.06 1.36 -2.68
O4 GAL FA . 19.56 2.11 -0.44
O5 GAL FA . 18.30 3.36 -2.54
O6 GAL FA . 16.53 0.51 -3.04
C1 SIA FA . 24.27 2.15 -3.03
C2 SIA FA . 23.33 1.54 -2.03
C3 SIA FA . 23.70 0.11 -1.67
C4 SIA FA . 24.94 0.02 -0.83
C5 SIA FA . 24.86 0.94 0.36
C6 SIA FA . 24.60 2.34 -0.14
C7 SIA FA . 24.57 3.33 1.03
C8 SIA FA . 24.25 4.71 0.50
C9 SIA FA . 24.69 5.77 1.48
C10 SIA FA . 26.44 0.75 2.23
C11 SIA FA . 27.89 0.74 2.60
N5 SIA FA . 26.19 0.90 0.94
O1A SIA FA . 24.24 3.40 -3.05
O1B SIA FA . 25.01 1.46 -3.78
O4 SIA FA . 25.11 -1.31 -0.34
O6 SIA FA . 23.36 2.39 -0.87
O7 SIA FA . 23.59 2.97 2.01
O8 SIA FA . 24.93 4.93 -0.74
O9 SIA FA . 24.44 7.00 0.83
O10 SIA FA . 25.58 0.65 3.08
O2 GL0 GA . 50.16 10.70 -36.02
C1 GL0 GA . 50.30 12.11 -37.94
C2 GL0 GA . 49.35 11.49 -36.89
C3 GL0 GA . 48.34 10.64 -37.59
C4 GL0 GA . 47.90 11.15 -38.93
C5 GL0 GA . 49.13 10.85 -39.78
C6 GL0 GA . 49.06 11.39 -41.22
O1 GL0 GA . 49.92 13.44 -38.30
O4 GL0 GA . 47.65 12.56 -38.96
O5 GL0 GA . 50.37 11.32 -39.14
O6 GL0 GA . 49.65 10.45 -42.15
O3 GL0 GA . 48.14 9.25 -37.27
C1 SIA GA . 47.22 9.06 -35.01
C2 SIA GA . 46.95 8.90 -36.49
C3 SIA GA . 46.57 7.43 -36.74
C4 SIA GA . 45.22 7.01 -36.14
C5 SIA GA . 44.13 7.97 -36.57
C6 SIA GA . 44.62 9.33 -36.08
C7 SIA GA . 43.59 10.42 -36.25
C8 SIA GA . 44.08 11.80 -35.81
C9 SIA GA . 42.85 12.66 -35.54
C10 SIA GA . 41.64 7.62 -36.42
C11 SIA GA . 40.56 7.09 -35.52
N5 SIA GA . 42.89 7.54 -35.92
O1A SIA GA . 46.77 10.06 -34.43
O1B SIA GA . 47.88 8.20 -34.40
O4 SIA GA . 44.85 5.70 -36.56
O6 SIA GA . 45.80 9.68 -36.83
O7 SIA GA . 43.23 10.45 -37.63
O8 SIA GA . 44.95 11.77 -34.65
O9 SIA GA . 43.11 14.01 -35.91
O10 SIA GA . 41.36 8.09 -37.52
C1 GAL HA . -8.95 60.06 41.46
C2 GAL HA . -9.00 58.71 40.70
C3 GAL HA . -9.45 57.60 41.65
C4 GAL HA . -8.73 57.56 42.98
C5 GAL HA . -9.11 58.92 43.57
C6 GAL HA . -8.81 59.04 45.06
O1 GAL HA . -8.18 61.05 40.74
O2 GAL HA . -9.94 58.84 39.64
O3 GAL HA . -10.45 56.60 41.34
O4 GAL HA . -7.30 57.47 42.82
O5 GAL HA . -8.42 59.92 42.80
O6 GAL HA . -9.99 59.53 45.71
C1 SIA HA . -10.27 54.98 39.63
C2 SIA HA . -10.10 55.21 41.11
C3 SIA HA . -11.07 54.30 41.87
C4 SIA HA . -10.75 52.82 41.65
C5 SIA HA . -9.32 52.55 42.13
C6 SIA HA . -8.44 53.42 41.26
C7 SIA HA . -6.95 53.19 41.44
C8 SIA HA . -6.10 54.20 40.65
C9 SIA HA . -4.68 53.67 40.47
C10 SIA HA . -8.21 50.34 42.46
C11 SIA HA . -8.14 48.93 41.92
N5 SIA HA . -9.06 51.15 41.84
O1A SIA HA . -9.26 55.02 38.90
O1B SIA HA . -11.41 54.76 39.20
O4 SIA HA . -11.70 52.00 42.32
O6 SIA HA . -8.77 54.81 41.49
O7 SIA HA . -6.65 53.28 42.83
O8 SIA HA . -6.63 54.45 39.35
O9 SIA HA . -4.03 54.45 39.48
O10 SIA HA . -7.52 50.68 43.39
C1 GAL IA . -25.92 54.88 -2.24
C2 GAL IA . -25.38 55.26 -0.86
C3 GAL IA . -26.58 55.63 0.04
C4 GAL IA . -27.47 56.70 -0.54
C5 GAL IA . -28.07 55.96 -1.73
C6 GAL IA . -29.27 56.69 -2.32
O1 GAL IA . -24.85 54.87 -3.21
O2 GAL IA . -24.62 54.18 -0.32
O3 GAL IA . -26.86 55.02 1.31
O4 GAL IA . -26.71 57.87 -0.94
O5 GAL IA . -27.00 55.75 -2.68
O6 GAL IA . -29.72 55.95 -3.47
C1 SIA IA . -25.86 54.84 3.28
C2 SIA IA . -26.87 55.69 2.59
C3 SIA IA . -28.24 55.66 3.30
C4 SIA IA . -28.17 56.28 4.70
C5 SIA IA . -27.68 57.73 4.60
C6 SIA IA . -26.32 57.66 3.88
C7 SIA IA . -25.57 58.99 3.83
C8 SIA IA . -24.36 58.84 2.93
C9 SIA IA . -23.61 60.15 2.82
C10 SIA IA . -27.53 59.40 6.41
C11 SIA IA . -27.25 59.63 7.86
N5 SIA IA . -27.45 58.15 5.98
O1A SIA IA . -24.67 55.03 2.98
O1B SIA IA . -26.22 53.95 4.07
O4 SIA IA . -29.41 56.25 5.41
O6 SIA IA . -26.49 57.07 2.57
O7 SIA IA . -26.39 60.06 3.39
O8 SIA IA . -23.50 57.81 3.48
O9 SIA IA . -22.22 59.88 2.70
O10 SIA IA . -27.80 60.34 5.67
C1 GAL JA . -2.32 20.15 18.43
C2 GAL JA . -3.12 21.06 17.48
C3 GAL JA . -4.38 20.31 17.10
C4 GAL JA . -4.17 18.95 16.46
C5 GAL JA . -3.45 18.17 17.57
C6 GAL JA . -3.28 16.68 17.25
O1 GAL JA . -1.05 20.73 18.77
O2 GAL JA . -3.39 22.30 18.15
O3 GAL JA . -5.73 20.88 17.35
O4 GAL JA . -3.33 19.04 15.29
O5 GAL JA . -2.19 18.85 17.82
O6 GAL JA . -3.21 15.91 18.47
C1 SIA JA . -6.59 22.94 16.88
C2 SIA JA . -6.54 21.53 16.36
C3 SIA JA . -7.91 20.87 16.36
C4 SIA JA . -8.87 21.47 15.33
C5 SIA JA . -8.22 21.52 13.96
C6 SIA JA . -6.90 22.24 14.09
C7 SIA JA . -6.19 22.42 12.74
C8 SIA JA . -4.77 22.92 12.93
C9 SIA JA . -4.12 23.26 11.59
C10 SIA JA . -9.40 21.93 11.82
C11 SIA JA . -10.32 22.83 11.05
N5 SIA JA . -9.11 22.28 13.08
O1A SIA JA . -5.55 23.61 16.79
O1B SIA JA . -7.64 23.38 17.39
O4 SIA JA . -10.04 20.67 15.31
O6 SIA JA . -6.05 21.52 15.02
O7 SIA JA . -6.16 21.18 12.00
O8 SIA JA . -4.82 24.09 13.75
O9 SIA JA . -2.83 23.86 11.81
O10 SIA JA . -8.94 20.94 11.29
#